data_7M0I
#
_entry.id   7M0I
#
_cell.length_a   114.530
_cell.length_b   128.100
_cell.length_c   431.320
_cell.angle_alpha   90.000
_cell.angle_beta   90.000
_cell.angle_gamma   90.000
#
_symmetry.space_group_name_H-M   'P 21 2 21'
#
loop_
_entity.id
_entity.type
_entity.pdbx_description
1 polymer 'Fusion glycoprotein F2'
2 polymer 'Fusion glycoprotein F1'
3 non-polymer 2-acetamido-2-deoxy-beta-D-glucopyranose
4 water water
#
loop_
_entity_poly.entity_id
_entity_poly.type
_entity_poly.pdbx_seq_one_letter_code
_entity_poly.pdbx_strand_id
1 'polypeptide(L)'
;LKESYLEESCSTITEGYLSVLRTGWYTNVFTLEVGDVENLTCTDGPSLIKTELDLTKSALRELKTVSADQLAREEQIENP
RQSKKRKRR
;
G,I,K,A,C,E
2 'polypeptide(L)'
;VATAAAVTAGIAIAKTIRLESEVNAIKGALKTTNEAVSTLGNGVRVLATAVRELKEFVSKNLTSAINKNKCDIADLKMAV
SFSQFNRRFLNVVRQFSDNAGITPAISLDLMTDAELARAVSYMPTSAGQIKLMLENRAMVRRKGFGILIGVYGSSVIYMV
QLPIFGVIDTPCWIIKAAPSCSEKDGNYACLLREDQGWYCKNAGSTVYYPNEKDCETRGDHVFCDTAAGINVAEQSRECN
INISTTNYPCKVSTGRHPISMVALSPLGALVACYKGVSCSIGSNRVGIIKQLPKGCSYITNQDADTVTIDNTVYQLSKVE
GEQHVIKGRPVSSSFDPIRFPEDQFNVALDQVFESIENSQALVDQSNKILNSAEKGNTSGRENLYFQGGGGGSGYIPEAP
RDQAYVRKDGEWVLLSTFLGGTEGRHHHHHH
;
H,J,L,B,D,F
#
loop_
_chem_comp.id
_chem_comp.type
_chem_comp.name
_chem_comp.formula
NAG D-saccharide, beta linking 2-acetamido-2-deoxy-beta-D-glucopyranose 'C8 H15 N O6'
#
# COMPACT_ATOMS: atom_id res chain seq x y z
N LEU A 1 -58.02 -8.09 -26.33
CA LEU A 1 -57.72 -6.65 -26.33
C LEU A 1 -58.50 -6.00 -27.44
N LYS A 2 -58.73 -4.69 -27.40
CA LYS A 2 -59.51 -4.12 -28.49
C LYS A 2 -58.93 -2.83 -28.99
N GLU A 3 -58.56 -2.82 -30.29
CA GLU A 3 -57.94 -1.66 -30.95
C GLU A 3 -58.84 -1.15 -32.05
N SER A 4 -59.35 0.05 -31.87
CA SER A 4 -60.32 0.66 -32.76
C SER A 4 -59.72 1.82 -33.55
N TYR A 5 -60.04 1.87 -34.84
CA TYR A 5 -59.54 2.88 -35.77
C TYR A 5 -60.43 4.12 -35.91
N LEU A 6 -59.82 5.27 -35.68
CA LEU A 6 -60.47 6.58 -35.70
C LEU A 6 -60.14 7.29 -37.03
N GLU A 7 -61.09 7.21 -37.97
CA GLU A 7 -60.86 7.65 -39.34
C GLU A 7 -60.70 9.16 -39.42
N GLU A 8 -61.13 9.88 -38.39
CA GLU A 8 -61.14 11.33 -38.42
C GLU A 8 -59.74 11.86 -38.22
N SER A 9 -58.90 11.13 -37.48
CA SER A 9 -57.56 11.53 -37.12
C SER A 9 -56.49 10.63 -37.69
N CYS A 10 -56.86 9.72 -38.59
CA CYS A 10 -55.91 8.78 -39.15
C CYS A 10 -55.14 8.14 -38.00
N SER A 11 -55.85 7.81 -36.90
CA SER A 11 -55.18 7.28 -35.71
C SER A 11 -55.91 6.05 -35.14
N THR A 12 -55.27 5.38 -34.20
CA THR A 12 -55.82 4.17 -33.56
C THR A 12 -55.72 4.30 -32.04
N ILE A 13 -56.78 3.92 -31.35
CA ILE A 13 -56.74 3.76 -29.90
C ILE A 13 -56.85 2.28 -29.58
N THR A 14 -55.98 1.84 -28.67
CA THR A 14 -55.91 0.46 -28.22
C THR A 14 -56.15 0.33 -26.73
N GLU A 15 -57.29 -0.23 -26.35
CA GLU A 15 -57.64 -0.29 -24.94
C GLU A 15 -57.71 -1.74 -24.49
N GLY A 16 -57.80 -1.88 -23.16
CA GLY A 16 -57.89 -3.13 -22.45
C GLY A 16 -56.68 -3.46 -21.62
N TYR A 17 -55.67 -2.58 -21.62
CA TYR A 17 -54.46 -2.73 -20.83
C TYR A 17 -54.74 -2.38 -19.37
N LEU A 18 -53.87 -2.83 -18.49
CA LEU A 18 -54.05 -2.56 -17.07
C LEU A 18 -52.80 -1.90 -16.51
N SER A 19 -52.99 -0.90 -15.65
CA SER A 19 -51.86 -0.08 -15.26
C SER A 19 -51.07 -0.76 -14.15
N VAL A 20 -49.75 -0.58 -14.18
CA VAL A 20 -48.87 -0.92 -13.05
C VAL A 20 -47.81 0.15 -12.85
N LEU A 21 -48.02 0.99 -11.83
CA LEU A 21 -47.26 2.20 -11.58
C LEU A 21 -46.47 2.15 -10.28
N ARG A 22 -45.20 2.54 -10.34
CA ARG A 22 -44.34 2.51 -9.16
C ARG A 22 -44.64 3.71 -8.27
N THR A 23 -44.85 3.45 -6.97
CA THR A 23 -45.16 4.50 -6.00
C THR A 23 -44.09 4.69 -4.92
N GLY A 24 -43.12 3.80 -4.79
CA GLY A 24 -42.11 4.05 -3.78
C GLY A 24 -40.99 3.04 -3.92
N TRP A 25 -40.04 3.07 -2.99
CA TRP A 25 -38.97 2.09 -2.96
C TRP A 25 -38.94 1.36 -1.62
N TYR A 26 -38.75 0.05 -1.65
CA TYR A 26 -38.56 -0.79 -0.46
C TYR A 26 -37.18 -1.40 -0.60
N THR A 27 -36.33 -1.30 0.44
CA THR A 27 -34.94 -1.70 0.33
C THR A 27 -34.48 -2.71 1.37
N ASN A 28 -33.75 -3.73 0.95
CA ASN A 28 -33.08 -4.64 1.87
C ASN A 28 -31.56 -4.50 1.82
N VAL A 29 -30.92 -4.73 2.95
CA VAL A 29 -29.46 -4.73 3.04
C VAL A 29 -28.95 -6.13 3.33
N PHE A 30 -27.95 -6.56 2.59
CA PHE A 30 -27.35 -7.87 2.76
C PHE A 30 -25.90 -7.78 3.22
N THR A 31 -25.50 -8.75 4.04
CA THR A 31 -24.11 -8.92 4.40
C THR A 31 -23.71 -10.36 4.06
N LEU A 32 -22.83 -10.51 3.09
CA LEU A 32 -22.37 -11.82 2.66
C LEU A 32 -20.96 -12.09 3.19
N GLU A 33 -20.76 -13.25 3.79
CA GLU A 33 -19.46 -13.63 4.32
C GLU A 33 -18.93 -14.86 3.59
N VAL A 34 -17.61 -14.92 3.48
CA VAL A 34 -16.93 -16.06 2.91
C VAL A 34 -16.85 -17.14 3.99
N GLY A 35 -17.09 -18.40 3.63
CA GLY A 35 -16.98 -19.45 4.63
C GLY A 35 -15.54 -19.65 5.09
N ASP A 36 -15.38 -20.23 6.28
CA ASP A 36 -14.04 -20.46 6.75
C ASP A 36 -13.45 -21.58 5.91
N VAL A 37 -12.15 -21.51 5.58
CA VAL A 37 -11.48 -22.63 4.90
C VAL A 37 -10.20 -22.99 5.64
N GLU A 38 -10.03 -24.30 5.95
CA GLU A 38 -8.87 -24.76 6.71
C GLU A 38 -7.59 -24.61 5.89
N ASN A 39 -6.48 -24.29 6.58
CA ASN A 39 -5.22 -24.18 5.83
C ASN A 39 -4.61 -25.55 5.52
N LEU A 40 -4.20 -25.73 4.28
CA LEU A 40 -3.62 -27.01 3.85
C LEU A 40 -2.11 -26.87 3.90
N THR A 41 -1.46 -27.53 4.86
CA THR A 41 0.00 -27.36 5.10
C THR A 41 0.87 -28.37 4.33
N CYS A 42 0.28 -29.33 3.61
CA CYS A 42 1.08 -30.32 2.84
C CYS A 42 1.60 -29.74 1.52
N THR A 43 1.25 -28.49 1.37
CA THR A 43 1.58 -27.53 0.30
C THR A 43 2.64 -27.96 -0.70
N ASP A 44 3.85 -28.31 -0.25
CA ASP A 44 5.07 -28.40 -1.09
C ASP A 44 5.33 -27.00 -1.63
N GLY A 45 4.74 -26.65 -2.77
CA GLY A 45 4.87 -25.28 -3.26
C GLY A 45 3.59 -24.55 -2.95
N PRO A 46 3.13 -23.62 -3.79
CA PRO A 46 1.88 -22.95 -3.54
C PRO A 46 0.69 -23.91 -3.55
N SER A 47 -0.33 -23.63 -2.75
CA SER A 47 -1.53 -24.49 -2.74
C SER A 47 -2.51 -23.99 -3.79
N LEU A 48 -3.45 -24.82 -4.22
CA LEU A 48 -4.36 -24.29 -5.24
C LEU A 48 -5.40 -23.48 -4.52
N ILE A 49 -5.76 -23.89 -3.32
CA ILE A 49 -6.82 -23.15 -2.64
C ILE A 49 -6.28 -21.89 -2.04
N LYS A 50 -5.01 -21.86 -1.65
CA LYS A 50 -4.51 -20.56 -1.23
C LYS A 50 -4.53 -19.64 -2.42
N THR A 51 -4.26 -20.15 -3.62
CA THR A 51 -4.30 -19.25 -4.77
C THR A 51 -5.73 -18.85 -5.12
N GLU A 52 -6.71 -19.68 -4.78
CA GLU A 52 -8.07 -19.27 -5.10
C GLU A 52 -8.50 -18.24 -4.09
N LEU A 53 -7.99 -18.35 -2.88
CA LEU A 53 -8.29 -17.37 -1.85
C LEU A 53 -7.54 -16.08 -2.10
N ASP A 54 -6.25 -16.15 -2.45
CA ASP A 54 -5.51 -14.91 -2.71
C ASP A 54 -6.06 -14.21 -3.94
N LEU A 55 -6.77 -14.96 -4.76
CA LEU A 55 -7.42 -14.39 -5.92
C LEU A 55 -8.70 -13.69 -5.50
N THR A 56 -9.51 -14.34 -4.65
CA THR A 56 -10.76 -13.72 -4.26
C THR A 56 -10.50 -12.58 -3.29
N LYS A 57 -9.38 -12.64 -2.57
CA LYS A 57 -8.97 -11.53 -1.72
C LYS A 57 -8.58 -10.33 -2.57
N SER A 58 -7.93 -10.58 -3.73
CA SER A 58 -7.58 -9.43 -4.56
C SER A 58 -8.80 -8.88 -5.27
N ALA A 59 -9.73 -9.77 -5.64
CA ALA A 59 -10.97 -9.32 -6.26
C ALA A 59 -11.78 -8.45 -5.32
N LEU A 60 -11.77 -8.78 -4.03
CA LEU A 60 -12.55 -7.99 -3.08
C LEU A 60 -11.84 -6.68 -2.79
N ARG A 61 -10.50 -6.71 -2.76
CA ARG A 61 -9.72 -5.51 -2.55
C ARG A 61 -9.99 -4.53 -3.67
N GLU A 62 -10.17 -5.05 -4.87
CA GLU A 62 -10.42 -4.20 -6.02
C GLU A 62 -11.86 -3.69 -5.98
N LEU A 63 -12.80 -4.57 -5.63
CA LEU A 63 -14.21 -4.22 -5.53
C LEU A 63 -14.48 -3.15 -4.46
N LYS A 64 -13.62 -3.06 -3.43
CA LYS A 64 -13.86 -2.04 -2.40
C LYS A 64 -13.73 -0.63 -2.97
N THR A 65 -13.03 -0.47 -4.10
CA THR A 65 -12.95 0.86 -4.67
C THR A 65 -14.27 1.34 -5.24
N VAL A 66 -15.25 0.44 -5.44
CA VAL A 66 -16.50 0.85 -6.07
C VAL A 66 -17.67 0.78 -5.10
N SER A 67 -17.37 0.62 -3.82
CA SER A 67 -18.35 0.57 -2.76
C SER A 67 -19.01 1.93 -2.67
N ALA A 68 -20.25 1.96 -2.19
CA ALA A 68 -21.01 3.21 -2.20
C ALA A 68 -20.37 4.22 -1.26
N ASP A 69 -19.99 3.79 -0.06
CA ASP A 69 -19.33 4.70 0.88
C ASP A 69 -18.10 5.35 0.24
N GLN A 70 -17.93 6.65 0.51
CA GLN A 70 -16.84 7.40 -0.10
C GLN A 70 -16.72 8.74 0.59
N LEU B 19 33.72 -102.09 4.89
CA LEU B 19 32.67 -101.10 5.07
C LEU B 19 33.28 -99.76 5.45
N GLU B 20 34.61 -99.72 5.57
CA GLU B 20 35.32 -98.46 5.76
C GLU B 20 35.06 -97.49 4.60
N SER B 21 35.14 -97.99 3.37
CA SER B 21 34.82 -97.23 2.17
C SER B 21 33.37 -96.79 2.12
N GLU B 22 32.47 -97.50 2.81
CA GLU B 22 31.08 -97.05 2.80
C GLU B 22 30.97 -95.80 3.65
N VAL B 23 31.66 -95.77 4.79
CA VAL B 23 31.62 -94.58 5.62
C VAL B 23 32.42 -93.46 4.91
N ASN B 24 33.36 -93.82 4.02
CA ASN B 24 34.00 -92.81 3.16
C ASN B 24 33.00 -92.21 2.16
N ALA B 25 32.15 -93.06 1.56
CA ALA B 25 31.05 -92.58 0.72
C ALA B 25 30.10 -91.66 1.50
N ILE B 26 29.75 -92.04 2.74
CA ILE B 26 28.90 -91.20 3.59
C ILE B 26 29.58 -89.86 3.85
N LYS B 27 30.90 -89.86 4.07
CA LYS B 27 31.67 -88.63 4.22
C LYS B 27 31.50 -87.73 2.99
N GLY B 28 31.78 -88.26 1.80
CA GLY B 28 31.65 -87.45 0.58
C GLY B 28 30.22 -86.98 0.33
N ALA B 29 29.24 -87.84 0.64
CA ALA B 29 27.84 -87.48 0.48
C ALA B 29 27.47 -86.31 1.39
N LEU B 30 27.83 -86.37 2.67
CA LEU B 30 27.53 -85.25 3.56
C LEU B 30 28.30 -83.99 3.12
N LYS B 31 29.53 -84.16 2.63
CA LYS B 31 30.31 -83.00 2.17
C LYS B 31 29.59 -82.25 1.05
N THR B 32 29.02 -83.01 0.09
CA THR B 32 28.19 -82.35 -0.94
C THR B 32 26.88 -81.83 -0.37
N THR B 33 26.28 -82.56 0.58
CA THR B 33 25.01 -82.14 1.19
C THR B 33 25.11 -80.76 1.81
N ASN B 34 26.08 -80.55 2.71
CA ASN B 34 26.12 -79.23 3.30
C ASN B 34 26.51 -78.12 2.34
N GLU B 35 27.11 -78.42 1.19
CA GLU B 35 27.25 -77.33 0.25
C GLU B 35 25.89 -77.07 -0.41
N ALA B 36 25.06 -78.10 -0.60
CA ALA B 36 23.73 -77.86 -1.15
C ALA B 36 22.86 -77.06 -0.19
N VAL B 37 22.96 -77.34 1.10
CA VAL B 37 22.21 -76.52 2.06
C VAL B 37 22.76 -75.08 2.02
N SER B 38 24.10 -74.93 1.98
CA SER B 38 24.70 -73.59 1.89
C SER B 38 24.32 -72.87 0.59
N THR B 39 24.16 -73.60 -0.53
CA THR B 39 23.81 -72.95 -1.79
C THR B 39 22.38 -72.43 -1.62
N LEU B 40 21.49 -73.31 -1.13
CA LEU B 40 20.12 -72.88 -0.86
C LEU B 40 20.12 -71.70 0.13
N GLY B 41 21.04 -71.69 1.09
CA GLY B 41 21.09 -70.57 2.01
C GLY B 41 21.42 -69.24 1.36
N ASN B 42 22.43 -69.21 0.49
CA ASN B 42 22.71 -67.95 -0.21
C ASN B 42 21.58 -67.60 -1.18
N GLY B 43 20.76 -68.58 -1.54
CA GLY B 43 19.57 -68.33 -2.35
C GLY B 43 18.47 -67.70 -1.50
N VAL B 44 18.21 -68.26 -0.32
CA VAL B 44 17.22 -67.67 0.58
C VAL B 44 17.67 -66.26 0.95
N ARG B 45 18.98 -66.09 1.14
CA ARG B 45 19.57 -64.79 1.44
C ARG B 45 19.25 -63.79 0.33
N VAL B 46 19.48 -64.17 -0.93
CA VAL B 46 19.14 -63.27 -2.04
C VAL B 46 17.63 -63.01 -2.06
N LEU B 47 16.82 -63.99 -1.65
CA LEU B 47 15.37 -63.77 -1.60
C LEU B 47 15.08 -62.69 -0.58
N ALA B 48 15.81 -62.73 0.53
CA ALA B 48 15.67 -61.74 1.58
C ALA B 48 16.11 -60.37 1.05
N THR B 49 17.21 -60.33 0.28
CA THR B 49 17.64 -59.06 -0.30
C THR B 49 16.57 -58.49 -1.24
N ALA B 50 15.87 -59.36 -1.96
CA ALA B 50 14.76 -58.92 -2.80
C ALA B 50 13.57 -58.42 -1.98
N VAL B 51 13.17 -59.17 -0.95
CA VAL B 51 12.07 -58.77 -0.10
C VAL B 51 12.38 -57.49 0.69
N ARG B 52 13.65 -57.29 1.09
CA ARG B 52 14.03 -56.05 1.74
C ARG B 52 13.91 -54.85 0.81
N GLU B 53 14.43 -54.98 -0.42
CA GLU B 53 14.30 -53.82 -1.28
C GLU B 53 12.86 -53.61 -1.72
N LEU B 54 12.07 -54.69 -1.83
CA LEU B 54 10.69 -54.51 -2.23
C LEU B 54 9.88 -53.84 -1.12
N LYS B 55 10.10 -54.24 0.14
CA LYS B 55 9.38 -53.54 1.22
C LYS B 55 9.83 -52.09 1.32
N GLU B 56 11.15 -51.83 1.17
CA GLU B 56 11.60 -50.44 1.29
C GLU B 56 11.10 -49.58 0.13
N PHE B 57 10.88 -50.18 -1.05
CA PHE B 57 10.28 -49.45 -2.17
C PHE B 57 8.80 -49.17 -1.95
N VAL B 58 8.06 -50.18 -1.45
CA VAL B 58 6.63 -50.00 -1.19
C VAL B 58 6.40 -49.03 -0.04
N SER B 59 7.05 -49.27 1.10
CA SER B 59 6.88 -48.45 2.30
C SER B 59 7.34 -47.00 2.09
N LYS B 60 8.49 -46.80 1.45
CA LYS B 60 9.07 -45.46 1.33
C LYS B 60 8.68 -44.86 -0.03
N ASN B 61 9.23 -45.33 -1.15
CA ASN B 61 9.02 -44.61 -2.41
C ASN B 61 7.56 -44.59 -2.84
N LEU B 62 6.77 -45.60 -2.48
CA LEU B 62 5.43 -45.72 -3.02
C LEU B 62 4.39 -45.01 -2.15
N THR B 63 4.41 -45.23 -0.82
CA THR B 63 3.47 -44.51 0.04
C THR B 63 3.73 -43.01 -0.01
N SER B 64 4.98 -42.60 -0.22
CA SER B 64 5.25 -41.17 -0.38
C SER B 64 4.49 -40.61 -1.57
N ALA B 65 4.61 -41.26 -2.74
CA ALA B 65 3.91 -40.81 -3.95
C ALA B 65 2.40 -40.85 -3.77
N ILE B 66 1.92 -41.81 -2.98
CA ILE B 66 0.50 -41.91 -2.72
C ILE B 66 0.06 -40.76 -1.83
N ASN B 67 0.77 -40.51 -0.72
CA ASN B 67 0.45 -39.41 0.17
C ASN B 67 0.56 -38.06 -0.50
N LYS B 68 1.45 -37.96 -1.49
CA LYS B 68 1.55 -36.74 -2.25
C LYS B 68 0.28 -36.54 -3.05
N ASN B 69 -0.15 -37.60 -3.76
CA ASN B 69 -1.39 -37.50 -4.50
C ASN B 69 -2.58 -37.28 -3.58
N LYS B 70 -2.50 -37.77 -2.35
CA LYS B 70 -3.59 -37.57 -1.41
C LYS B 70 -3.64 -36.09 -1.04
N CYS B 71 -2.48 -35.45 -1.04
CA CYS B 71 -2.40 -34.03 -0.72
C CYS B 71 -2.94 -33.19 -1.86
N ASP B 72 -2.54 -33.51 -3.09
CA ASP B 72 -3.08 -32.84 -4.27
C ASP B 72 -4.57 -33.05 -4.36
N ILE B 73 -5.03 -34.28 -4.09
CA ILE B 73 -6.45 -34.64 -4.08
C ILE B 73 -7.19 -33.68 -3.16
N ALA B 74 -6.66 -33.51 -1.94
CA ALA B 74 -7.29 -32.63 -0.96
C ALA B 74 -7.22 -31.17 -1.35
N ASP B 75 -6.14 -30.76 -2.02
CA ASP B 75 -6.05 -29.40 -2.50
C ASP B 75 -7.15 -29.11 -3.50
N LEU B 76 -7.25 -29.96 -4.52
CA LEU B 76 -8.20 -29.75 -5.60
C LEU B 76 -9.62 -29.88 -5.09
N LYS B 77 -9.86 -30.85 -4.19
CA LYS B 77 -11.16 -30.96 -3.56
C LYS B 77 -11.52 -29.70 -2.80
N MET B 78 -10.53 -29.09 -2.14
CA MET B 78 -10.79 -27.86 -1.40
C MET B 78 -11.14 -26.73 -2.35
N ALA B 79 -10.40 -26.59 -3.44
CA ALA B 79 -10.70 -25.51 -4.39
C ALA B 79 -12.12 -25.62 -4.95
N VAL B 80 -12.49 -26.78 -5.48
CA VAL B 80 -13.84 -26.88 -6.02
C VAL B 80 -14.88 -26.76 -4.91
N SER B 81 -14.66 -27.43 -3.77
CA SER B 81 -15.64 -27.29 -2.69
C SER B 81 -15.79 -25.82 -2.30
N PHE B 82 -14.69 -25.07 -2.35
CA PHE B 82 -14.76 -23.65 -1.99
C PHE B 82 -15.67 -22.93 -2.95
N SER B 83 -15.49 -23.20 -4.25
CA SER B 83 -16.33 -22.56 -5.24
C SER B 83 -17.78 -22.98 -5.07
N GLN B 84 -18.02 -24.17 -4.53
CA GLN B 84 -19.39 -24.64 -4.33
C GLN B 84 -20.03 -24.01 -3.09
N PHE B 85 -19.37 -24.11 -1.94
CA PHE B 85 -19.96 -23.64 -0.69
C PHE B 85 -20.13 -22.14 -0.67
N ASN B 86 -19.47 -21.44 -1.60
CA ASN B 86 -19.51 -19.98 -1.69
C ASN B 86 -19.93 -19.52 -3.09
N ARG B 87 -20.79 -20.26 -3.80
CA ARG B 87 -21.21 -19.81 -5.14
C ARG B 87 -21.82 -18.41 -5.08
N ARG B 88 -22.82 -18.22 -4.20
CA ARG B 88 -23.53 -16.94 -4.16
C ARG B 88 -22.56 -15.80 -3.91
N PHE B 89 -21.75 -15.92 -2.87
CA PHE B 89 -20.80 -14.85 -2.57
C PHE B 89 -19.94 -14.51 -3.81
N LEU B 90 -19.42 -15.54 -4.48
CA LEU B 90 -18.50 -15.28 -5.58
C LEU B 90 -19.21 -14.68 -6.77
N ASN B 91 -20.45 -15.13 -7.01
CA ASN B 91 -21.27 -14.59 -8.09
C ASN B 91 -21.66 -13.14 -7.80
N VAL B 92 -21.99 -12.82 -6.56
CA VAL B 92 -22.34 -11.43 -6.28
C VAL B 92 -21.13 -10.54 -6.56
N VAL B 93 -19.93 -10.99 -6.17
CA VAL B 93 -18.75 -10.18 -6.47
C VAL B 93 -18.56 -10.05 -7.98
N ARG B 94 -18.84 -11.11 -8.71
CA ARG B 94 -18.70 -11.08 -10.15
C ARG B 94 -19.62 -10.02 -10.73
N GLN B 95 -20.86 -10.00 -10.28
CA GLN B 95 -21.81 -9.07 -10.88
C GLN B 95 -21.42 -7.61 -10.60
N PHE B 96 -21.11 -7.30 -9.33
CA PHE B 96 -20.69 -5.93 -9.02
C PHE B 96 -19.38 -5.52 -9.67
N SER B 97 -18.53 -6.48 -10.06
CA SER B 97 -17.30 -6.04 -10.72
C SER B 97 -17.58 -5.76 -12.18
N ASP B 98 -18.46 -6.56 -12.76
CA ASP B 98 -18.73 -6.45 -14.18
C ASP B 98 -19.49 -5.17 -14.46
N ASN B 99 -20.25 -4.66 -13.48
CA ASN B 99 -21.00 -3.43 -13.69
C ASN B 99 -20.51 -2.26 -12.82
N ALA B 100 -19.40 -2.45 -12.11
CA ALA B 100 -18.77 -1.39 -11.30
C ALA B 100 -19.69 -0.78 -10.25
N GLY B 101 -20.22 -1.62 -9.35
CA GLY B 101 -20.87 -1.15 -8.15
C GLY B 101 -22.38 -1.13 -8.15
N ILE B 102 -23.02 -1.25 -9.31
CA ILE B 102 -24.46 -1.09 -9.41
C ILE B 102 -24.94 -2.25 -10.27
N THR B 103 -26.19 -2.63 -10.13
CA THR B 103 -26.59 -3.72 -10.99
C THR B 103 -27.82 -3.32 -11.78
N PRO B 104 -27.77 -3.48 -13.10
CA PRO B 104 -28.94 -3.22 -13.95
C PRO B 104 -30.18 -3.91 -13.45
N ALA B 105 -30.02 -5.03 -12.77
CA ALA B 105 -31.18 -5.77 -12.33
C ALA B 105 -30.95 -6.30 -10.93
N ILE B 106 -32.05 -6.74 -10.31
CA ILE B 106 -31.99 -7.45 -9.04
C ILE B 106 -31.81 -8.92 -9.39
N SER B 107 -30.56 -9.31 -9.53
CA SER B 107 -30.18 -10.62 -9.96
C SER B 107 -30.65 -11.69 -8.99
N LEU B 108 -30.64 -12.93 -9.47
CA LEU B 108 -31.06 -14.05 -8.65
C LEU B 108 -30.10 -14.22 -7.48
N ASP B 109 -28.84 -13.87 -7.67
CA ASP B 109 -27.85 -14.02 -6.61
C ASP B 109 -27.97 -12.90 -5.59
N LEU B 110 -28.33 -11.70 -6.05
CA LEU B 110 -28.42 -10.61 -5.10
C LEU B 110 -29.54 -10.89 -4.12
N MET B 111 -30.64 -11.51 -4.59
CA MET B 111 -31.77 -11.82 -3.72
C MET B 111 -32.63 -12.94 -4.29
N THR B 112 -32.73 -14.05 -3.55
CA THR B 112 -33.39 -15.31 -3.90
C THR B 112 -34.90 -15.14 -3.95
N ASP B 113 -35.58 -16.14 -4.52
CA ASP B 113 -37.03 -15.97 -4.70
C ASP B 113 -37.73 -15.83 -3.38
N ALA B 114 -37.31 -16.62 -2.39
CA ALA B 114 -37.89 -16.53 -1.05
C ALA B 114 -37.71 -15.12 -0.52
N GLU B 115 -36.48 -14.61 -0.65
CA GLU B 115 -36.18 -13.30 -0.13
C GLU B 115 -37.00 -12.26 -0.85
N LEU B 116 -37.14 -12.40 -2.16
CA LEU B 116 -37.92 -11.41 -2.88
C LEU B 116 -39.38 -11.45 -2.43
N ALA B 117 -39.94 -12.65 -2.30
CA ALA B 117 -41.32 -12.79 -1.89
C ALA B 117 -41.58 -12.30 -0.47
N ARG B 118 -40.62 -12.46 0.45
CA ARG B 118 -40.88 -11.97 1.81
C ARG B 118 -40.85 -10.46 1.82
N ALA B 119 -39.97 -9.86 1.03
CA ALA B 119 -39.94 -8.41 1.01
C ALA B 119 -41.24 -7.89 0.37
N VAL B 120 -41.65 -8.47 -0.75
CA VAL B 120 -42.85 -7.96 -1.39
C VAL B 120 -44.04 -8.10 -0.48
N SER B 121 -44.11 -9.19 0.29
CA SER B 121 -45.26 -9.33 1.18
C SER B 121 -45.23 -8.31 2.31
N TYR B 122 -44.05 -7.85 2.68
CA TYR B 122 -43.98 -6.85 3.74
C TYR B 122 -44.22 -5.44 3.26
N MET B 123 -44.56 -5.26 2.03
CA MET B 123 -44.51 -3.94 1.44
C MET B 123 -45.68 -3.07 1.90
N PRO B 124 -45.53 -1.76 1.97
CA PRO B 124 -46.67 -0.92 2.41
C PRO B 124 -47.73 -0.62 1.35
N THR B 125 -48.45 -1.68 0.92
CA THR B 125 -49.58 -1.52 0.00
C THR B 125 -50.56 -2.67 0.24
N SER B 126 -51.62 -2.65 -0.56
CA SER B 126 -52.78 -3.52 -0.47
C SER B 126 -52.48 -4.93 -0.94
N ALA B 127 -53.36 -5.84 -0.53
CA ALA B 127 -53.18 -7.26 -0.79
C ALA B 127 -53.11 -7.55 -2.29
N GLY B 128 -53.93 -6.86 -3.10
CA GLY B 128 -53.94 -7.17 -4.53
C GLY B 128 -52.67 -6.73 -5.23
N GLN B 129 -52.04 -5.67 -4.74
CA GLN B 129 -50.80 -5.20 -5.30
C GLN B 129 -49.66 -6.10 -4.85
N ILE B 130 -49.74 -6.60 -3.62
CA ILE B 130 -48.75 -7.59 -3.21
C ILE B 130 -48.87 -8.79 -4.13
N LYS B 131 -50.11 -9.21 -4.41
CA LYS B 131 -50.36 -10.35 -5.30
C LYS B 131 -49.75 -10.09 -6.68
N LEU B 132 -50.02 -8.90 -7.23
CA LEU B 132 -49.55 -8.62 -8.57
C LEU B 132 -48.05 -8.59 -8.67
N MET B 133 -47.36 -8.00 -7.70
CA MET B 133 -45.89 -7.99 -7.80
C MET B 133 -45.36 -9.40 -7.69
N LEU B 134 -45.95 -10.15 -6.78
CA LEU B 134 -45.59 -11.54 -6.57
C LEU B 134 -45.78 -12.37 -7.84
N GLU B 135 -46.81 -12.04 -8.64
CA GLU B 135 -47.09 -12.73 -9.90
C GLU B 135 -46.13 -12.30 -11.01
N ASN B 136 -45.63 -11.08 -10.94
CA ASN B 136 -44.71 -10.47 -11.91
C ASN B 136 -43.31 -10.26 -11.37
N ARG B 137 -42.83 -11.19 -10.56
CA ARG B 137 -41.57 -11.00 -9.85
C ARG B 137 -40.41 -10.70 -10.78
N ALA B 138 -40.50 -11.11 -12.04
CA ALA B 138 -39.48 -10.71 -12.99
C ALA B 138 -39.39 -9.20 -13.10
N MET B 139 -40.54 -8.55 -13.33
CA MET B 139 -40.52 -7.11 -13.48
C MET B 139 -40.00 -6.43 -12.23
N VAL B 140 -40.41 -6.91 -11.06
CA VAL B 140 -39.89 -6.33 -9.83
C VAL B 140 -38.39 -6.39 -9.85
N ARG B 141 -37.83 -7.51 -10.29
CA ARG B 141 -36.38 -7.62 -10.30
C ARG B 141 -35.74 -6.66 -11.30
N ARG B 142 -36.32 -6.53 -12.47
CA ARG B 142 -35.67 -5.72 -13.50
C ARG B 142 -35.88 -4.24 -13.30
N LYS B 143 -37.05 -3.85 -12.81
CA LYS B 143 -37.29 -2.44 -12.60
C LYS B 143 -36.57 -1.94 -11.35
N GLY B 144 -36.05 -2.89 -10.54
CA GLY B 144 -35.23 -2.56 -9.38
C GLY B 144 -33.76 -2.66 -9.73
N PHE B 145 -32.91 -2.59 -8.71
CA PHE B 145 -31.47 -2.74 -8.94
C PHE B 145 -30.68 -2.90 -7.64
N GLY B 146 -29.39 -3.11 -7.76
CA GLY B 146 -28.54 -3.32 -6.61
C GLY B 146 -27.38 -2.36 -6.58
N ILE B 147 -27.02 -1.93 -5.38
CA ILE B 147 -25.96 -0.97 -5.15
C ILE B 147 -24.98 -1.58 -4.19
N LEU B 148 -23.72 -1.65 -4.58
CA LEU B 148 -22.70 -2.12 -3.67
C LEU B 148 -22.42 -1.02 -2.65
N ILE B 149 -22.76 -1.31 -1.39
CA ILE B 149 -22.56 -0.37 -0.30
C ILE B 149 -21.12 -0.42 0.16
N GLY B 150 -20.61 -1.63 0.42
CA GLY B 150 -19.23 -1.70 0.84
C GLY B 150 -18.64 -3.09 1.06
N VAL B 151 -17.32 -3.17 0.93
CA VAL B 151 -16.58 -4.36 1.31
C VAL B 151 -15.85 -4.01 2.60
N TYR B 152 -15.49 -5.05 3.36
CA TYR B 152 -14.75 -4.90 4.62
C TYR B 152 -14.19 -6.29 4.93
N GLY B 153 -12.87 -6.41 4.85
CA GLY B 153 -12.23 -7.69 5.03
C GLY B 153 -12.66 -8.70 4.00
N SER B 154 -13.48 -9.64 4.47
CA SER B 154 -14.04 -10.73 3.69
C SER B 154 -15.55 -10.61 3.53
N SER B 155 -16.15 -9.51 3.95
CA SER B 155 -17.59 -9.35 3.85
C SER B 155 -17.95 -8.39 2.72
N VAL B 156 -19.02 -8.71 1.98
CA VAL B 156 -19.56 -7.82 0.94
C VAL B 156 -20.86 -7.19 1.46
N ILE B 157 -20.96 -5.88 1.50
CA ILE B 157 -22.20 -5.27 1.95
C ILE B 157 -22.85 -4.49 0.80
N TYR B 158 -24.07 -4.84 0.48
CA TYR B 158 -24.77 -4.20 -0.63
C TYR B 158 -26.25 -4.04 -0.32
N MET B 159 -26.91 -3.17 -1.06
CA MET B 159 -28.35 -2.90 -0.87
C MET B 159 -29.10 -3.27 -2.12
N VAL B 160 -30.29 -3.80 -1.99
CA VAL B 160 -31.15 -4.12 -3.13
C VAL B 160 -32.33 -3.15 -3.08
N GLN B 161 -32.68 -2.55 -4.20
CA GLN B 161 -33.80 -1.60 -4.26
C GLN B 161 -34.94 -2.21 -5.06
N LEU B 162 -36.03 -2.48 -4.39
CA LEU B 162 -37.20 -3.09 -5.04
C LEU B 162 -38.16 -2.00 -5.39
N PRO B 163 -39.07 -1.99 -6.54
CA PRO B 163 -40.18 -1.09 -6.88
C PRO B 163 -41.38 -1.30 -5.97
N ILE B 164 -42.08 -0.26 -5.60
CA ILE B 164 -43.36 -0.46 -4.92
C ILE B 164 -44.44 -0.10 -5.93
N PHE B 165 -45.14 -1.13 -6.43
CA PHE B 165 -46.22 -0.97 -7.42
C PHE B 165 -47.52 -0.72 -6.70
N GLY B 166 -47.79 0.55 -6.41
CA GLY B 166 -48.97 0.92 -5.67
C GLY B 166 -50.24 1.13 -6.46
N VAL B 167 -50.19 1.52 -7.71
CA VAL B 167 -51.41 1.66 -8.50
C VAL B 167 -51.48 0.51 -9.49
N ILE B 168 -52.52 -0.31 -9.41
CA ILE B 168 -52.66 -1.45 -10.33
C ILE B 168 -54.09 -1.57 -10.86
N ASP B 169 -54.16 -2.21 -12.02
CA ASP B 169 -55.38 -2.59 -12.70
C ASP B 169 -56.24 -1.37 -12.99
N THR B 170 -55.64 -0.27 -13.30
CA THR B 170 -56.62 0.73 -13.71
C THR B 170 -56.56 0.90 -15.21
N PRO B 171 -57.69 1.23 -15.85
CA PRO B 171 -57.73 1.26 -17.32
C PRO B 171 -56.61 2.08 -17.95
N CYS B 172 -56.06 1.52 -19.03
CA CYS B 172 -54.92 2.09 -19.71
C CYS B 172 -55.04 1.79 -21.22
N TRP B 173 -54.52 2.69 -22.08
CA TRP B 173 -54.61 2.56 -23.53
C TRP B 173 -53.46 3.30 -24.21
N ILE B 174 -53.23 3.00 -25.50
CA ILE B 174 -52.15 3.61 -26.28
C ILE B 174 -52.66 4.17 -27.61
N ILE B 175 -52.20 5.36 -27.96
CA ILE B 175 -52.70 6.10 -29.12
C ILE B 175 -51.62 6.17 -30.18
N LYS B 176 -51.86 5.56 -31.35
CA LYS B 176 -50.99 5.69 -32.51
C LYS B 176 -51.66 6.48 -33.63
N ALA B 177 -50.84 7.22 -34.39
CA ALA B 177 -51.36 8.06 -35.46
C ALA B 177 -50.39 8.22 -36.62
N ALA B 178 -50.95 8.49 -37.79
CA ALA B 178 -50.22 8.80 -39.00
C ALA B 178 -50.74 10.10 -39.59
N PRO B 179 -49.99 10.71 -40.50
CA PRO B 179 -50.43 11.95 -41.17
C PRO B 179 -51.67 11.78 -42.03
N SER B 180 -52.67 12.63 -41.77
CA SER B 180 -53.93 12.70 -42.57
C SER B 180 -53.81 13.85 -43.56
N CYS B 181 -53.41 13.59 -44.80
CA CYS B 181 -53.23 14.64 -45.83
C CYS B 181 -54.41 14.75 -46.79
N SER B 182 -54.82 15.98 -47.09
CA SER B 182 -55.92 16.28 -48.02
C SER B 182 -55.36 17.01 -49.22
N GLU B 183 -56.01 16.91 -50.36
CA GLU B 183 -55.52 17.58 -51.59
C GLU B 183 -56.68 18.33 -52.22
N LYS B 184 -56.40 19.56 -52.67
CA LYS B 184 -57.36 20.47 -53.35
C LYS B 184 -56.58 21.27 -54.42
N ASP B 185 -56.80 20.90 -55.69
CA ASP B 185 -56.15 21.44 -56.91
C ASP B 185 -54.69 21.04 -56.92
N GLY B 186 -54.34 19.90 -56.33
CA GLY B 186 -52.95 19.43 -56.35
C GLY B 186 -52.10 20.08 -55.27
N ASN B 187 -52.75 20.72 -54.29
CA ASN B 187 -52.06 21.37 -53.15
C ASN B 187 -52.39 20.62 -51.86
N TYR B 188 -51.58 20.76 -50.81
CA TYR B 188 -51.83 19.88 -49.66
C TYR B 188 -51.91 20.58 -48.31
N ALA B 189 -52.84 20.09 -47.50
CA ALA B 189 -53.12 20.47 -46.11
C ALA B 189 -53.16 19.16 -45.33
N CYS B 190 -52.25 18.98 -44.38
CA CYS B 190 -52.15 17.73 -43.61
C CYS B 190 -52.21 17.98 -42.12
N LEU B 191 -53.09 17.27 -41.43
CA LEU B 191 -53.19 17.35 -39.96
C LEU B 191 -52.70 16.03 -39.35
N LEU B 192 -51.91 16.11 -38.30
CA LEU B 192 -51.33 14.95 -37.64
C LEU B 192 -51.41 15.08 -36.12
N ARG B 193 -52.06 14.11 -35.48
CA ARG B 193 -52.15 14.10 -34.02
C ARG B 193 -50.77 14.00 -33.41
N GLU B 194 -50.60 14.70 -32.28
CA GLU B 194 -49.40 14.68 -31.47
C GLU B 194 -49.64 14.06 -30.10
N ASP B 195 -50.78 13.38 -29.93
CA ASP B 195 -51.17 12.70 -28.72
C ASP B 195 -50.44 11.37 -28.52
N GLN B 196 -49.75 10.90 -29.54
CA GLN B 196 -49.34 9.50 -29.65
C GLN B 196 -48.49 9.06 -28.47
N GLY B 197 -48.76 7.88 -27.95
CA GLY B 197 -48.02 7.39 -26.82
C GLY B 197 -48.90 6.60 -25.91
N TRP B 198 -48.44 6.46 -24.67
CA TRP B 198 -49.17 5.70 -23.66
C TRP B 198 -50.01 6.62 -22.78
N TYR B 199 -51.24 6.23 -22.50
CA TYR B 199 -52.06 6.92 -21.54
C TYR B 199 -52.58 5.92 -20.52
N CYS B 200 -52.38 6.23 -19.25
CA CYS B 200 -52.91 5.42 -18.17
C CYS B 200 -53.74 6.32 -17.27
N LYS B 201 -54.82 5.78 -16.73
CA LYS B 201 -55.72 6.56 -15.90
C LYS B 201 -55.24 6.43 -14.48
N ASN B 202 -54.99 7.58 -13.82
CA ASN B 202 -54.71 7.63 -12.39
C ASN B 202 -55.89 8.30 -11.68
N ALA B 203 -55.89 8.20 -10.36
CA ALA B 203 -56.98 8.81 -9.61
C ALA B 203 -56.88 10.32 -9.75
N GLY B 204 -57.92 10.93 -10.32
CA GLY B 204 -57.92 12.37 -10.36
C GLY B 204 -57.10 12.94 -11.49
N SER B 205 -56.49 12.10 -12.33
CA SER B 205 -55.66 12.61 -13.42
C SER B 205 -55.42 11.52 -14.45
N THR B 206 -54.83 11.90 -15.58
CA THR B 206 -54.36 10.89 -16.53
C THR B 206 -52.87 11.05 -16.79
N VAL B 207 -52.13 9.96 -16.73
CA VAL B 207 -50.70 10.03 -16.95
C VAL B 207 -50.44 9.67 -18.41
N TYR B 208 -49.61 10.46 -19.05
CA TYR B 208 -49.32 10.38 -20.46
C TYR B 208 -47.82 10.10 -20.59
N TYR B 209 -47.47 9.05 -21.31
CA TYR B 209 -46.07 8.74 -21.55
C TYR B 209 -45.81 8.95 -23.03
N PRO B 210 -45.09 10.01 -23.40
CA PRO B 210 -45.01 10.40 -24.81
C PRO B 210 -44.29 9.43 -25.71
N ASN B 211 -43.26 8.70 -25.25
CA ASN B 211 -42.60 7.74 -26.13
C ASN B 211 -42.97 6.32 -25.80
N GLU B 212 -43.02 5.51 -26.88
CA GLU B 212 -43.48 4.15 -26.82
C GLU B 212 -42.59 3.24 -26.00
N LYS B 213 -41.29 3.51 -25.96
CA LYS B 213 -40.35 2.72 -25.17
C LYS B 213 -40.54 2.91 -23.66
N ASP B 214 -41.27 3.93 -23.24
CA ASP B 214 -41.42 4.24 -21.82
C ASP B 214 -42.30 3.26 -21.07
N CYS B 215 -43.04 2.39 -21.73
CA CYS B 215 -43.89 1.48 -21.00
C CYS B 215 -43.69 0.08 -21.55
N GLU B 216 -43.61 -0.90 -20.67
CA GLU B 216 -43.31 -2.26 -21.07
C GLU B 216 -44.55 -3.11 -20.87
N THR B 217 -44.87 -3.93 -21.85
CA THR B 217 -46.10 -4.73 -21.85
C THR B 217 -45.76 -6.16 -21.42
N ARG B 218 -46.40 -6.63 -20.35
CA ARG B 218 -46.26 -8.03 -19.93
C ARG B 218 -47.67 -8.55 -19.67
N GLY B 219 -48.23 -9.22 -20.68
CA GLY B 219 -49.64 -9.62 -20.69
C GLY B 219 -50.52 -8.39 -20.88
N ASP B 220 -51.65 -8.31 -20.17
CA ASP B 220 -52.46 -7.11 -20.36
C ASP B 220 -51.97 -5.91 -19.60
N HIS B 221 -51.01 -6.10 -18.68
CA HIS B 221 -50.46 -5.06 -17.79
C HIS B 221 -49.33 -4.23 -18.41
N VAL B 222 -49.29 -2.94 -18.06
CA VAL B 222 -48.30 -2.01 -18.61
C VAL B 222 -47.42 -1.41 -17.50
N PHE B 223 -46.15 -1.73 -17.52
CA PHE B 223 -45.20 -1.28 -16.51
C PHE B 223 -44.55 -0.01 -17.02
N CYS B 224 -44.96 1.13 -16.51
CA CYS B 224 -44.54 2.40 -17.08
C CYS B 224 -43.48 3.08 -16.25
N ASP B 225 -42.45 3.57 -16.93
CA ASP B 225 -41.36 4.22 -16.26
C ASP B 225 -41.93 5.51 -15.71
N THR B 226 -41.80 5.65 -14.40
CA THR B 226 -42.39 6.74 -13.64
C THR B 226 -41.85 8.11 -14.06
N ALA B 227 -40.55 8.22 -14.27
CA ALA B 227 -40.00 9.54 -14.58
C ALA B 227 -40.64 10.12 -15.83
N ALA B 228 -40.94 9.27 -16.81
CA ALA B 228 -41.49 9.69 -18.10
C ALA B 228 -42.91 10.25 -18.00
N GLY B 229 -43.67 9.87 -16.98
CA GLY B 229 -45.08 10.26 -16.93
C GLY B 229 -45.25 11.78 -16.89
N ILE B 230 -46.23 12.26 -17.68
CA ILE B 230 -46.67 13.66 -17.68
C ILE B 230 -48.15 13.66 -17.34
N ASN B 231 -48.54 14.41 -16.32
CA ASN B 231 -49.95 14.47 -15.95
C ASN B 231 -50.74 15.42 -16.86
N VAL B 232 -51.80 14.89 -17.46
CA VAL B 232 -52.71 15.64 -18.32
C VAL B 232 -54.13 15.54 -17.78
N ALA B 233 -54.92 16.54 -18.16
CA ALA B 233 -56.32 16.60 -17.75
C ALA B 233 -57.11 15.42 -18.34
N GLU B 234 -58.13 14.94 -17.62
CA GLU B 234 -58.89 13.80 -18.12
C GLU B 234 -59.54 14.05 -19.46
N GLN B 235 -59.92 15.30 -19.74
CA GLN B 235 -60.62 15.62 -20.98
C GLN B 235 -59.82 15.27 -22.20
N SER B 236 -58.56 14.92 -22.05
CA SER B 236 -57.78 14.59 -23.22
C SER B 236 -58.35 13.32 -23.88
N ARG B 237 -59.08 12.49 -23.10
CA ARG B 237 -59.87 11.41 -23.69
C ARG B 237 -60.82 11.94 -24.74
N GLU B 238 -61.24 13.20 -24.61
CA GLU B 238 -62.15 13.79 -25.61
C GLU B 238 -61.51 13.92 -26.99
N CYS B 239 -60.18 13.89 -27.09
CA CYS B 239 -59.58 13.94 -28.40
C CYS B 239 -59.80 12.68 -29.18
N ASN B 240 -60.23 11.62 -28.50
CA ASN B 240 -60.44 10.38 -29.19
C ASN B 240 -61.88 10.26 -29.63
N ILE B 241 -62.70 11.32 -29.49
CA ILE B 241 -64.06 11.34 -30.04
C ILE B 241 -64.20 12.39 -31.15
N ASN B 242 -63.96 13.66 -30.83
CA ASN B 242 -63.96 14.76 -31.79
C ASN B 242 -62.61 15.37 -31.51
N ILE B 243 -61.72 15.38 -32.49
CA ILE B 243 -60.36 15.97 -32.25
C ILE B 243 -60.43 17.48 -32.10
N SER B 244 -61.38 18.10 -32.75
CA SER B 244 -61.54 19.55 -32.65
C SER B 244 -62.59 19.94 -31.60
N THR B 245 -62.69 19.15 -30.54
CA THR B 245 -63.58 19.43 -29.44
C THR B 245 -63.00 20.63 -28.71
N THR B 246 -63.86 21.54 -28.29
CA THR B 246 -63.42 22.77 -27.67
C THR B 246 -63.17 22.61 -26.18
N ASN B 247 -63.55 21.47 -25.59
CA ASN B 247 -63.31 21.30 -24.16
C ASN B 247 -61.82 21.11 -23.88
N TYR B 248 -61.05 20.53 -24.80
CA TYR B 248 -59.60 20.41 -24.61
C TYR B 248 -58.81 20.90 -25.82
N PRO B 249 -57.71 21.67 -25.60
CA PRO B 249 -56.84 22.10 -26.72
C PRO B 249 -55.93 21.05 -27.34
N CYS B 250 -56.47 20.13 -28.14
CA CYS B 250 -55.69 19.02 -28.70
C CYS B 250 -54.48 19.39 -29.52
N LYS B 251 -53.35 18.82 -29.11
CA LYS B 251 -52.05 19.03 -29.71
C LYS B 251 -52.05 18.28 -31.02
N VAL B 252 -52.17 19.04 -32.11
CA VAL B 252 -52.27 18.51 -33.47
C VAL B 252 -51.50 19.46 -34.35
N SER B 253 -50.66 18.91 -35.20
CA SER B 253 -49.81 19.74 -36.03
C SER B 253 -50.38 19.80 -37.45
N THR B 254 -50.17 20.94 -38.11
CA THR B 254 -50.63 21.09 -39.47
C THR B 254 -49.40 21.17 -40.36
N GLY B 255 -49.53 20.65 -41.55
CA GLY B 255 -48.44 20.65 -42.49
C GLY B 255 -48.97 20.94 -43.88
N ARG B 256 -48.08 21.33 -44.76
CA ARG B 256 -48.43 21.67 -46.12
C ARG B 256 -47.89 20.66 -47.13
N HIS B 257 -47.14 19.65 -46.66
CA HIS B 257 -46.49 18.69 -47.55
C HIS B 257 -46.92 17.27 -47.19
N PRO B 258 -47.00 16.40 -48.19
CA PRO B 258 -47.46 15.03 -47.94
C PRO B 258 -46.40 14.19 -47.26
N ILE B 259 -46.85 13.36 -46.32
CA ILE B 259 -45.94 12.47 -45.62
C ILE B 259 -46.58 11.11 -45.69
N SER B 260 -45.99 10.21 -46.43
CA SER B 260 -46.50 8.85 -46.57
C SER B 260 -45.70 8.01 -45.60
N MET B 261 -46.39 7.24 -44.77
CA MET B 261 -45.65 6.53 -43.74
C MET B 261 -46.50 5.38 -43.24
N VAL B 262 -45.84 4.54 -42.44
CA VAL B 262 -46.47 3.40 -41.78
C VAL B 262 -46.29 3.51 -40.29
N ALA B 263 -47.38 3.45 -39.57
CA ALA B 263 -47.35 3.51 -38.11
C ALA B 263 -47.87 2.19 -37.55
N LEU B 264 -47.05 1.48 -36.80
CA LEU B 264 -47.47 0.20 -36.28
C LEU B 264 -48.23 0.33 -34.98
N SER B 265 -49.36 -0.37 -34.87
CA SER B 265 -50.23 -0.52 -33.74
C SER B 265 -50.00 -1.88 -33.11
N PRO B 266 -50.45 -2.04 -31.87
CA PRO B 266 -50.39 -3.36 -31.24
C PRO B 266 -50.99 -4.41 -32.11
N LEU B 267 -52.20 -4.12 -32.56
CA LEU B 267 -53.01 -5.07 -33.30
C LEU B 267 -53.00 -4.77 -34.78
N GLY B 268 -52.27 -3.74 -35.24
CA GLY B 268 -52.29 -3.46 -36.67
C GLY B 268 -51.32 -2.41 -37.16
N ALA B 269 -51.76 -1.63 -38.15
CA ALA B 269 -50.92 -0.59 -38.71
C ALA B 269 -51.76 0.42 -39.48
N LEU B 270 -51.38 1.69 -39.40
CA LEU B 270 -51.94 2.78 -40.19
C LEU B 270 -51.01 3.12 -41.34
N VAL B 271 -51.55 3.20 -42.57
CA VAL B 271 -50.74 3.58 -43.73
C VAL B 271 -51.27 4.89 -44.29
N ALA B 272 -50.36 5.81 -44.61
CA ALA B 272 -50.68 7.09 -45.23
C ALA B 272 -49.97 7.16 -46.57
N CYS B 273 -50.73 7.04 -47.66
CA CYS B 273 -50.23 7.10 -49.04
C CYS B 273 -50.64 8.36 -49.74
N TYR B 274 -49.66 9.16 -50.12
CA TYR B 274 -49.91 10.42 -50.79
C TYR B 274 -48.90 10.63 -51.90
N LYS B 275 -49.32 11.38 -52.90
CA LYS B 275 -48.45 11.86 -54.01
C LYS B 275 -47.85 10.59 -54.62
N GLY B 276 -46.58 10.58 -54.96
CA GLY B 276 -45.98 9.45 -55.66
C GLY B 276 -45.38 8.27 -54.93
N VAL B 277 -46.14 7.44 -54.24
CA VAL B 277 -45.61 6.20 -53.67
C VAL B 277 -46.66 5.12 -53.85
N SER B 278 -46.21 3.87 -54.05
CA SER B 278 -47.05 2.69 -54.25
C SER B 278 -47.04 1.85 -53.00
N CYS B 279 -48.02 2.10 -52.17
CA CYS B 279 -48.17 1.41 -50.91
C CYS B 279 -48.98 0.17 -51.19
N SER B 280 -48.48 -0.96 -50.72
CA SER B 280 -49.09 -2.26 -50.94
C SER B 280 -49.05 -3.11 -49.70
N ILE B 281 -49.90 -4.11 -49.70
CA ILE B 281 -49.96 -5.08 -48.62
C ILE B 281 -49.40 -6.37 -49.19
N GLY B 282 -48.50 -6.98 -48.43
CA GLY B 282 -47.81 -8.19 -48.82
C GLY B 282 -47.82 -9.33 -47.81
N SER B 283 -47.25 -10.45 -48.28
CA SER B 283 -47.13 -11.62 -47.44
C SER B 283 -45.65 -11.92 -47.34
N ASN B 284 -45.30 -12.80 -46.39
CA ASN B 284 -43.91 -13.22 -46.25
C ASN B 284 -43.43 -14.22 -47.31
N ARG B 285 -44.24 -15.20 -47.71
CA ARG B 285 -43.71 -16.18 -48.67
C ARG B 285 -43.94 -15.63 -50.07
N VAL B 286 -45.20 -15.32 -50.40
CA VAL B 286 -45.49 -14.83 -51.74
C VAL B 286 -45.33 -13.32 -51.61
N GLY B 287 -45.12 -12.61 -52.72
CA GLY B 287 -44.83 -11.20 -52.49
C GLY B 287 -46.00 -10.28 -52.26
N ILE B 288 -45.95 -9.17 -52.98
CA ILE B 288 -47.03 -8.18 -52.98
C ILE B 288 -48.31 -8.89 -53.37
N ILE B 289 -49.38 -8.58 -52.66
CA ILE B 289 -50.67 -9.20 -52.91
C ILE B 289 -51.74 -8.20 -53.29
N LYS B 290 -51.62 -6.95 -52.86
CA LYS B 290 -52.70 -6.03 -53.22
C LYS B 290 -52.23 -4.64 -52.92
N GLN B 291 -52.49 -3.74 -53.86
CA GLN B 291 -52.21 -2.33 -53.65
C GLN B 291 -53.30 -1.61 -52.88
N LEU B 292 -52.87 -0.75 -51.94
CA LEU B 292 -53.71 0.02 -51.05
C LEU B 292 -54.19 1.28 -51.74
N PRO B 293 -55.35 1.80 -51.37
CA PRO B 293 -55.75 3.13 -51.83
C PRO B 293 -54.73 4.21 -51.46
N LYS B 294 -54.66 5.25 -52.27
CA LYS B 294 -54.14 6.51 -51.77
C LYS B 294 -55.07 7.01 -50.66
N GLY B 295 -54.47 7.51 -49.60
CA GLY B 295 -55.22 7.97 -48.47
C GLY B 295 -54.74 7.25 -47.23
N CYS B 296 -55.56 7.36 -46.18
CA CYS B 296 -55.27 6.74 -44.90
C CYS B 296 -56.01 5.40 -44.81
N SER B 297 -55.25 4.31 -44.64
CA SER B 297 -55.77 2.95 -44.51
C SER B 297 -55.39 2.39 -43.15
N TYR B 298 -56.25 1.57 -42.55
CA TYR B 298 -55.94 0.85 -41.31
C TYR B 298 -56.03 -0.65 -41.56
N ILE B 299 -54.96 -1.39 -41.23
CA ILE B 299 -55.02 -2.84 -41.45
C ILE B 299 -54.68 -3.63 -40.21
N THR B 300 -55.26 -4.81 -40.12
CA THR B 300 -55.11 -5.67 -38.95
C THR B 300 -54.00 -6.68 -39.20
N ASN B 301 -53.44 -7.20 -38.12
CA ASN B 301 -52.46 -8.28 -38.18
C ASN B 301 -53.00 -9.53 -38.91
N GLN B 302 -54.30 -9.70 -39.04
CA GLN B 302 -54.84 -10.89 -39.69
C GLN B 302 -55.20 -10.61 -41.13
N ASP B 303 -55.01 -9.38 -41.59
CA ASP B 303 -55.29 -9.00 -42.97
C ASP B 303 -54.12 -9.18 -43.92
N ALA B 304 -52.92 -8.97 -43.44
CA ALA B 304 -51.69 -9.08 -44.21
C ALA B 304 -50.59 -9.32 -43.22
N ASP B 305 -49.36 -9.44 -43.69
CA ASP B 305 -48.36 -9.63 -42.67
C ASP B 305 -47.30 -8.57 -42.82
N THR B 306 -47.40 -7.76 -43.88
CA THR B 306 -46.41 -6.77 -44.28
C THR B 306 -47.14 -5.61 -44.95
N VAL B 307 -46.75 -4.41 -44.59
CA VAL B 307 -47.12 -3.21 -45.32
C VAL B 307 -45.85 -2.62 -45.92
N THR B 308 -45.88 -2.39 -47.23
CA THR B 308 -44.80 -1.88 -48.05
C THR B 308 -45.04 -0.49 -48.62
N ILE B 309 -44.06 0.39 -48.48
CA ILE B 309 -44.11 1.71 -49.11
C ILE B 309 -42.95 1.75 -50.11
N ASP B 310 -43.27 1.73 -51.40
CA ASP B 310 -42.25 1.59 -52.43
C ASP B 310 -41.53 0.28 -52.16
N ASN B 311 -40.25 0.35 -51.76
CA ASN B 311 -39.50 -0.86 -51.41
C ASN B 311 -39.21 -1.03 -49.91
N THR B 312 -39.73 -0.18 -49.02
CA THR B 312 -39.44 -0.42 -47.62
C THR B 312 -40.62 -1.27 -47.13
N VAL B 313 -40.32 -2.50 -46.68
CA VAL B 313 -41.32 -3.47 -46.22
C VAL B 313 -41.28 -3.56 -44.72
N TYR B 314 -42.42 -3.31 -44.08
CA TYR B 314 -42.66 -3.28 -42.64
C TYR B 314 -43.37 -4.55 -42.22
N GLN B 315 -42.92 -5.16 -41.14
CA GLN B 315 -43.56 -6.39 -40.65
C GLN B 315 -44.63 -5.99 -39.66
N LEU B 316 -45.81 -6.59 -39.78
CA LEU B 316 -46.85 -6.13 -38.88
C LEU B 316 -46.72 -6.85 -37.56
N SER B 317 -46.21 -8.06 -37.59
CA SER B 317 -46.06 -8.80 -36.36
C SER B 317 -44.63 -9.33 -36.34
N LYS B 318 -44.21 -9.90 -35.20
CA LYS B 318 -42.90 -10.52 -35.19
C LYS B 318 -42.96 -11.78 -36.05
N VAL B 319 -41.93 -12.00 -36.86
CA VAL B 319 -41.86 -13.16 -37.74
C VAL B 319 -41.15 -14.31 -37.03
N GLU B 320 -41.90 -15.35 -36.80
CA GLU B 320 -41.50 -16.51 -36.02
C GLU B 320 -40.60 -17.44 -36.84
N GLY B 321 -39.41 -17.76 -36.30
CA GLY B 321 -38.42 -18.52 -37.05
C GLY B 321 -38.19 -19.98 -36.68
N GLU B 322 -36.95 -20.47 -36.87
CA GLU B 322 -36.51 -21.85 -36.62
C GLU B 322 -36.67 -22.28 -35.17
N GLN B 323 -36.37 -23.55 -34.84
CA GLN B 323 -36.61 -24.08 -33.48
C GLN B 323 -35.55 -25.11 -33.09
N HIS B 324 -34.67 -24.75 -32.16
CA HIS B 324 -33.54 -25.62 -31.85
C HIS B 324 -33.73 -26.43 -30.56
N VAL B 325 -33.05 -27.57 -30.52
CA VAL B 325 -32.94 -28.42 -29.33
C VAL B 325 -31.51 -28.89 -29.25
N ILE B 326 -30.87 -28.65 -28.12
CA ILE B 326 -29.44 -28.90 -27.94
C ILE B 326 -29.25 -29.67 -26.66
N LYS B 327 -28.44 -30.70 -26.70
CA LYS B 327 -28.18 -31.44 -25.47
C LYS B 327 -26.70 -31.65 -25.23
N GLY B 328 -26.31 -31.50 -23.98
CA GLY B 328 -24.94 -31.67 -23.63
C GLY B 328 -24.49 -33.12 -23.75
N ARG B 329 -23.19 -33.26 -23.84
CA ARG B 329 -22.58 -34.56 -23.85
C ARG B 329 -22.79 -35.25 -22.52
N PRO B 330 -22.94 -36.57 -22.53
CA PRO B 330 -23.13 -37.31 -21.27
C PRO B 330 -21.83 -37.30 -20.47
N VAL B 331 -21.95 -37.21 -19.15
CA VAL B 331 -20.80 -37.26 -18.25
C VAL B 331 -20.73 -38.66 -17.67
N SER B 332 -19.56 -39.28 -17.75
CA SER B 332 -19.42 -40.66 -17.31
C SER B 332 -18.37 -40.82 -16.22
N SER B 333 -18.44 -41.94 -15.52
CA SER B 333 -17.47 -42.23 -14.49
C SER B 333 -16.31 -43.07 -14.98
N SER B 334 -15.13 -42.78 -14.45
CA SER B 334 -13.92 -43.49 -14.79
C SER B 334 -13.38 -44.25 -13.58
N PHE B 335 -14.27 -44.62 -12.66
CA PHE B 335 -13.84 -45.26 -11.42
C PHE B 335 -13.51 -46.69 -11.80
N ASP B 336 -12.25 -47.10 -11.63
CA ASP B 336 -11.87 -48.46 -12.00
C ASP B 336 -11.00 -49.04 -10.90
N PRO B 337 -11.61 -49.66 -9.91
CA PRO B 337 -10.90 -50.06 -8.71
C PRO B 337 -9.89 -51.18 -8.95
N ILE B 338 -9.43 -51.82 -7.86
CA ILE B 338 -8.30 -52.76 -7.89
C ILE B 338 -8.43 -53.72 -6.72
N ARG B 339 -8.41 -55.02 -7.02
CA ARG B 339 -8.36 -56.10 -6.04
C ARG B 339 -6.95 -56.71 -6.06
N PHE B 340 -6.78 -57.86 -5.42
CA PHE B 340 -5.57 -58.64 -5.49
C PHE B 340 -6.03 -60.10 -5.51
N PRO B 341 -5.54 -60.93 -6.48
CA PRO B 341 -6.01 -62.32 -6.51
C PRO B 341 -5.40 -63.04 -5.32
N GLU B 342 -6.05 -62.87 -4.17
CA GLU B 342 -5.44 -63.22 -2.89
C GLU B 342 -5.41 -64.72 -2.64
N ASP B 343 -6.36 -65.46 -3.20
CA ASP B 343 -6.44 -66.89 -2.96
C ASP B 343 -5.16 -67.57 -3.43
N GLN B 344 -4.75 -67.30 -4.69
CA GLN B 344 -3.59 -67.94 -5.32
C GLN B 344 -2.30 -67.67 -4.53
N PHE B 345 -2.17 -66.46 -3.97
CA PHE B 345 -1.02 -66.11 -3.12
C PHE B 345 -1.11 -66.81 -1.75
N ASN B 346 -2.27 -66.68 -1.12
CA ASN B 346 -2.49 -67.16 0.23
C ASN B 346 -2.28 -68.67 0.34
N VAL B 347 -2.56 -69.40 -0.76
CA VAL B 347 -2.32 -70.83 -0.74
C VAL B 347 -0.82 -71.11 -0.72
N ALA B 348 -0.05 -70.33 -1.49
CA ALA B 348 1.39 -70.58 -1.52
C ALA B 348 2.05 -70.27 -0.19
N LEU B 349 1.60 -69.22 0.52
CA LEU B 349 2.29 -68.99 1.79
C LEU B 349 1.90 -70.02 2.88
N ASP B 350 0.62 -70.38 3.00
CA ASP B 350 0.29 -71.44 3.94
C ASP B 350 1.01 -72.75 3.59
N GLN B 351 1.13 -73.04 2.28
CA GLN B 351 1.87 -74.21 1.82
C GLN B 351 3.31 -74.20 2.32
N VAL B 352 3.98 -73.05 2.22
CA VAL B 352 5.37 -72.95 2.68
C VAL B 352 5.44 -73.18 4.19
N PHE B 353 4.55 -72.55 4.98
CA PHE B 353 4.66 -72.75 6.43
C PHE B 353 4.46 -74.22 6.84
N GLU B 354 3.68 -74.98 6.08
CA GLU B 354 3.54 -76.38 6.48
C GLU B 354 4.78 -77.16 6.05
N SER B 355 5.33 -76.86 4.88
CA SER B 355 6.56 -77.54 4.48
C SER B 355 7.69 -77.19 5.47
N ILE B 356 7.63 -75.99 6.07
CA ILE B 356 8.61 -75.61 7.10
C ILE B 356 8.50 -76.53 8.30
N GLU B 357 7.26 -76.75 8.78
CA GLU B 357 7.16 -77.58 9.98
C GLU B 357 7.42 -79.07 9.69
N ASN B 358 7.04 -79.59 8.51
CA ASN B 358 7.39 -80.97 8.17
C ASN B 358 8.89 -81.15 7.99
N SER B 359 9.57 -80.24 7.29
CA SER B 359 11.00 -80.42 7.17
C SER B 359 11.63 -80.40 8.55
N GLN B 360 11.24 -79.46 9.41
CA GLN B 360 11.82 -79.43 10.75
C GLN B 360 11.54 -80.72 11.53
N ALA B 361 10.34 -81.29 11.37
CA ALA B 361 9.98 -82.51 12.09
C ALA B 361 10.82 -83.66 11.55
N LEU B 362 11.15 -83.57 10.26
CA LEU B 362 11.92 -84.61 9.60
C LEU B 362 13.34 -84.52 10.14
N VAL B 363 13.79 -83.30 10.46
CA VAL B 363 15.11 -83.10 11.05
C VAL B 363 15.15 -83.50 12.53
N ASP B 364 13.97 -83.62 13.15
CA ASP B 364 13.93 -84.15 14.52
C ASP B 364 13.95 -85.68 14.51
N GLN B 365 13.27 -86.31 13.55
CA GLN B 365 13.41 -87.76 13.39
C GLN B 365 14.85 -88.14 13.01
N SER B 366 15.47 -87.34 12.12
CA SER B 366 16.84 -87.62 11.69
C SER B 366 17.79 -87.61 12.87
N ASN B 367 17.66 -86.59 13.72
CA ASN B 367 18.52 -86.56 14.89
C ASN B 367 18.09 -87.59 15.93
N LYS B 368 16.85 -88.08 15.82
CA LYS B 368 16.24 -89.04 16.75
C LYS B 368 16.83 -90.44 16.62
N ILE B 369 16.90 -90.99 15.40
CA ILE B 369 17.46 -92.35 15.24
C ILE B 369 18.83 -92.45 15.92
N LEU B 370 19.62 -91.38 15.87
CA LEU B 370 20.95 -91.32 16.51
C LEU B 370 20.85 -91.29 18.03
N LEU C 1 -29.23 18.97 1.92
CA LEU C 1 -29.16 20.15 1.06
C LEU C 1 -30.17 21.19 1.49
N LYS C 2 -30.57 22.09 0.59
CA LYS C 2 -31.54 23.10 0.97
C LYS C 2 -32.62 23.12 -0.09
N GLU C 3 -33.86 22.84 0.31
CA GLU C 3 -34.98 22.83 -0.64
C GLU C 3 -36.01 23.90 -0.28
N SER C 4 -36.19 24.86 -1.18
CA SER C 4 -37.02 26.01 -0.96
C SER C 4 -38.31 25.92 -1.77
N TYR C 5 -39.45 26.21 -1.11
CA TYR C 5 -40.76 26.18 -1.74
C TYR C 5 -41.18 27.55 -2.23
N LEU C 6 -41.48 27.62 -3.52
CA LEU C 6 -41.86 28.85 -4.21
C LEU C 6 -43.38 28.85 -4.43
N GLU C 7 -44.10 29.53 -3.53
CA GLU C 7 -45.55 29.43 -3.54
C GLU C 7 -46.15 30.15 -4.73
N GLU C 8 -45.35 30.99 -5.38
CA GLU C 8 -45.88 31.76 -6.47
C GLU C 8 -46.06 30.88 -7.70
N SER C 9 -45.22 29.85 -7.88
CA SER C 9 -45.30 28.99 -9.05
C SER C 9 -45.60 27.57 -8.64
N CYS C 10 -45.93 27.36 -7.39
CA CYS C 10 -46.15 26.01 -6.91
C CYS C 10 -44.96 25.13 -7.29
N SER C 11 -43.75 25.64 -7.05
CA SER C 11 -42.53 24.94 -7.47
C SER C 11 -41.54 24.83 -6.32
N THR C 12 -40.53 24.01 -6.51
CA THR C 12 -39.46 23.80 -5.51
C THR C 12 -38.10 23.91 -6.18
N ILE C 13 -37.18 24.65 -5.58
CA ILE C 13 -35.78 24.59 -5.99
C ILE C 13 -35.01 23.93 -4.87
N THR C 14 -34.16 22.99 -5.24
CA THR C 14 -33.34 22.27 -4.28
C THR C 14 -31.90 22.55 -4.68
N GLU C 15 -31.18 23.29 -3.85
CA GLU C 15 -29.83 23.71 -4.21
C GLU C 15 -28.86 23.01 -3.29
N GLY C 16 -27.58 23.14 -3.66
CA GLY C 16 -26.51 22.55 -2.89
C GLY C 16 -25.84 21.40 -3.60
N TYR C 17 -26.28 21.10 -4.80
CA TYR C 17 -25.64 20.04 -5.55
C TYR C 17 -24.32 20.54 -6.12
N LEU C 18 -23.42 19.58 -6.40
CA LEU C 18 -22.17 19.93 -7.01
C LEU C 18 -22.05 19.13 -8.31
N SER C 19 -21.49 19.79 -9.32
CA SER C 19 -21.45 19.35 -10.71
C SER C 19 -20.30 18.41 -11.04
N VAL C 20 -20.58 17.45 -11.92
CA VAL C 20 -19.57 16.66 -12.61
C VAL C 20 -19.99 16.52 -14.07
N LEU C 21 -19.39 17.28 -14.97
CA LEU C 21 -19.81 17.34 -16.36
C LEU C 21 -18.72 16.79 -17.24
N ARG C 22 -19.08 15.90 -18.15
CA ARG C 22 -18.11 15.33 -19.06
C ARG C 22 -17.77 16.36 -20.11
N THR C 23 -16.47 16.59 -20.30
CA THR C 23 -16.01 17.56 -21.28
C THR C 23 -15.21 16.94 -22.42
N GLY C 24 -14.82 15.66 -22.32
CA GLY C 24 -14.12 14.96 -23.40
C GLY C 24 -13.99 13.48 -23.08
N TRP C 25 -13.27 12.75 -23.97
CA TRP C 25 -12.99 11.33 -23.78
C TRP C 25 -11.51 10.99 -23.80
N TYR C 26 -11.08 10.17 -22.85
CA TYR C 26 -9.71 9.66 -22.72
C TYR C 26 -9.73 8.15 -22.86
N THR C 27 -8.89 7.59 -23.73
CA THR C 27 -8.97 6.14 -24.01
C THR C 27 -7.66 5.39 -23.82
N ASN C 28 -7.75 4.23 -23.18
CA ASN C 28 -6.64 3.28 -23.11
C ASN C 28 -6.96 2.03 -23.90
N VAL C 29 -5.93 1.42 -24.49
CA VAL C 29 -6.07 0.15 -25.21
C VAL C 29 -5.38 -0.95 -24.41
N PHE C 30 -6.05 -2.08 -24.23
CA PHE C 30 -5.47 -3.20 -23.51
C PHE C 30 -5.30 -4.37 -24.48
N THR C 31 -4.24 -5.16 -24.30
CA THR C 31 -4.08 -6.41 -25.04
C THR C 31 -3.80 -7.56 -24.06
N LEU C 32 -4.77 -8.48 -23.89
CA LEU C 32 -4.60 -9.64 -23.01
C LEU C 32 -4.33 -10.94 -23.77
N GLU C 33 -3.30 -11.67 -23.32
CA GLU C 33 -2.88 -12.93 -23.93
C GLU C 33 -3.06 -14.10 -22.97
N VAL C 34 -3.31 -15.24 -23.55
CA VAL C 34 -3.39 -16.44 -22.76
C VAL C 34 -1.98 -16.93 -22.43
N GLY C 35 -1.79 -17.40 -21.21
CA GLY C 35 -0.49 -17.94 -20.85
C GLY C 35 -0.20 -19.22 -21.59
N ASP C 36 1.09 -19.55 -21.71
CA ASP C 36 1.46 -20.78 -22.40
C ASP C 36 1.06 -21.97 -21.54
N VAL C 37 0.66 -23.07 -22.19
CA VAL C 37 0.29 -24.32 -21.52
C VAL C 37 1.02 -25.52 -22.12
N GLU C 38 1.64 -26.33 -21.24
CA GLU C 38 2.40 -27.49 -21.70
C GLU C 38 1.47 -28.54 -22.30
N ASN C 39 1.96 -29.29 -23.30
CA ASN C 39 1.16 -30.38 -23.86
C ASN C 39 1.15 -31.52 -22.85
N LEU C 40 -0.03 -31.90 -22.37
CA LEU C 40 -0.13 -33.01 -21.44
C LEU C 40 -0.43 -34.31 -22.20
N THR C 41 0.61 -35.05 -22.53
CA THR C 41 0.47 -36.22 -23.39
C THR C 41 0.35 -37.53 -22.61
N CYS C 42 0.20 -37.49 -21.29
CA CYS C 42 0.06 -38.73 -20.51
C CYS C 42 -1.36 -39.24 -20.29
N THR C 43 -2.39 -38.47 -20.61
CA THR C 43 -3.72 -39.04 -20.48
C THR C 43 -4.08 -39.81 -21.73
N ASP C 44 -5.01 -40.75 -21.58
CA ASP C 44 -5.57 -41.46 -22.72
C ASP C 44 -6.61 -40.55 -23.38
N GLY C 45 -6.32 -40.09 -24.59
CA GLY C 45 -7.30 -39.37 -25.36
C GLY C 45 -7.55 -37.96 -24.84
N PRO C 46 -8.81 -37.78 -24.42
CA PRO C 46 -9.32 -36.52 -23.88
C PRO C 46 -8.69 -36.04 -22.57
N SER C 47 -7.72 -35.14 -22.65
CA SER C 47 -7.20 -34.59 -21.40
C SER C 47 -8.09 -33.40 -21.05
N LEU C 48 -8.19 -33.11 -19.76
CA LEU C 48 -9.04 -32.00 -19.33
C LEU C 48 -8.47 -30.65 -19.66
N ILE C 49 -7.14 -30.51 -19.67
CA ILE C 49 -6.60 -29.20 -20.00
C ILE C 49 -6.67 -28.97 -21.50
N LYS C 50 -6.55 -30.03 -22.30
CA LYS C 50 -6.65 -29.85 -23.74
C LYS C 50 -8.05 -29.39 -24.06
N THR C 51 -9.05 -29.91 -23.33
CA THR C 51 -10.41 -29.50 -23.59
C THR C 51 -10.71 -28.12 -23.04
N GLU C 52 -9.96 -27.66 -22.05
CA GLU C 52 -10.24 -26.30 -21.62
C GLU C 52 -9.66 -25.35 -22.66
N LEU C 53 -8.53 -25.70 -23.29
CA LEU C 53 -8.04 -24.82 -24.34
C LEU C 53 -8.97 -24.87 -25.53
N ASP C 54 -9.41 -26.05 -25.93
CA ASP C 54 -10.30 -26.05 -27.09
C ASP C 54 -11.64 -25.36 -26.79
N LEU C 55 -11.98 -25.21 -25.52
CA LEU C 55 -13.19 -24.46 -25.20
C LEU C 55 -12.92 -22.98 -25.32
N THR C 56 -11.80 -22.53 -24.75
CA THR C 56 -11.51 -21.10 -24.81
C THR C 56 -11.04 -20.69 -26.20
N LYS C 57 -10.50 -21.63 -26.97
CA LYS C 57 -10.14 -21.34 -28.34
C LYS C 57 -11.41 -21.14 -29.16
N SER C 58 -12.45 -21.94 -28.87
CA SER C 58 -13.66 -21.68 -29.65
C SER C 58 -14.39 -20.45 -29.12
N ALA C 59 -14.30 -20.18 -27.82
CA ALA C 59 -14.93 -18.97 -27.28
C ALA C 59 -14.31 -17.73 -27.90
N LEU C 60 -13.00 -17.76 -28.16
CA LEU C 60 -12.29 -16.63 -28.77
C LEU C 60 -12.57 -16.57 -30.26
N ARG C 61 -12.69 -17.73 -30.88
CA ARG C 61 -13.01 -17.81 -32.30
C ARG C 61 -14.38 -17.22 -32.53
N GLU C 62 -15.30 -17.45 -31.61
CA GLU C 62 -16.63 -16.84 -31.70
C GLU C 62 -16.60 -15.38 -31.30
N LEU C 63 -15.87 -15.06 -30.23
CA LEU C 63 -15.78 -13.67 -29.78
C LEU C 63 -15.22 -12.77 -30.87
N LYS C 64 -14.50 -13.35 -31.84
CA LYS C 64 -13.96 -12.53 -32.91
C LYS C 64 -15.07 -11.98 -33.78
N THR C 65 -16.12 -12.75 -33.99
CA THR C 65 -17.09 -12.28 -34.96
C THR C 65 -17.66 -10.91 -34.64
N VAL C 66 -17.46 -10.42 -33.42
CA VAL C 66 -18.01 -9.15 -32.96
C VAL C 66 -16.89 -8.14 -32.68
N SER C 67 -15.68 -8.41 -33.17
CA SER C 67 -14.58 -7.46 -33.01
C SER C 67 -14.82 -6.21 -33.85
N ALA C 68 -14.30 -5.08 -33.38
CA ALA C 68 -14.58 -3.82 -34.05
C ALA C 68 -13.90 -3.72 -35.41
N ASP C 69 -12.69 -4.30 -35.51
CA ASP C 69 -11.88 -4.28 -36.72
C ASP C 69 -12.63 -4.74 -37.96
N GLN C 70 -13.58 -5.65 -37.78
CA GLN C 70 -14.38 -6.26 -38.84
C GLN C 70 -15.45 -5.32 -39.45
N GLU D 20 29.48 -101.05 13.73
CA GLU D 20 28.77 -100.50 12.58
C GLU D 20 27.25 -100.56 12.77
N SER D 21 26.77 -101.02 13.94
CA SER D 21 25.32 -100.94 14.21
C SER D 21 24.85 -99.51 14.03
N GLU D 22 25.80 -98.58 14.19
CA GLU D 22 25.71 -97.13 14.05
C GLU D 22 25.70 -96.66 12.57
N VAL D 23 26.50 -97.25 11.69
CA VAL D 23 26.60 -96.78 10.30
C VAL D 23 25.34 -97.03 9.45
N ASN D 24 24.63 -98.13 9.67
CA ASN D 24 23.33 -98.32 9.02
C ASN D 24 22.36 -97.17 9.36
N ALA D 25 22.15 -96.95 10.66
CA ALA D 25 21.40 -95.82 11.18
C ALA D 25 21.89 -94.48 10.65
N ILE D 26 23.20 -94.27 10.62
CA ILE D 26 23.75 -93.00 10.14
C ILE D 26 23.41 -92.77 8.66
N LYS D 27 23.44 -93.84 7.85
CA LYS D 27 22.99 -93.70 6.46
C LYS D 27 21.52 -93.27 6.39
N GLY D 28 20.62 -94.05 7.04
CA GLY D 28 19.21 -93.64 7.15
C GLY D 28 19.05 -92.17 7.52
N ALA D 29 19.84 -91.72 8.50
CA ALA D 29 19.73 -90.37 9.05
C ALA D 29 20.15 -89.30 8.05
N LEU D 30 21.28 -89.48 7.35
CA LEU D 30 21.64 -88.46 6.37
C LEU D 30 20.60 -88.41 5.26
N LYS D 31 20.04 -89.57 4.87
CA LYS D 31 18.99 -89.53 3.85
C LYS D 31 17.75 -88.76 4.34
N THR D 32 17.31 -88.99 5.59
CA THR D 32 16.27 -88.16 6.18
C THR D 32 16.63 -86.68 6.10
N THR D 33 17.90 -86.35 6.34
CA THR D 33 18.32 -84.95 6.25
C THR D 33 18.21 -84.41 4.83
N ASN D 34 18.66 -85.18 3.85
CA ASN D 34 18.55 -84.74 2.47
C ASN D 34 17.09 -84.62 2.02
N GLU D 35 16.18 -85.36 2.71
CA GLU D 35 14.76 -85.18 2.44
C GLU D 35 14.26 -83.91 3.10
N ALA D 36 14.82 -83.56 4.25
CA ALA D 36 14.40 -82.34 4.94
C ALA D 36 14.83 -81.13 4.11
N VAL D 37 16.06 -81.14 3.58
CA VAL D 37 16.50 -80.03 2.71
C VAL D 37 15.66 -80.00 1.43
N SER D 38 15.38 -81.16 0.80
CA SER D 38 14.57 -81.13 -0.42
C SER D 38 13.15 -80.59 -0.17
N THR D 39 12.53 -80.93 0.98
CA THR D 39 11.18 -80.46 1.28
C THR D 39 11.18 -78.96 1.64
N LEU D 40 12.08 -78.56 2.53
CA LEU D 40 12.23 -77.15 2.85
C LEU D 40 12.57 -76.36 1.58
N GLY D 41 13.33 -76.96 0.67
CA GLY D 41 13.64 -76.30 -0.60
C GLY D 41 12.38 -76.07 -1.41
N ASN D 42 11.50 -77.09 -1.51
CA ASN D 42 10.26 -76.92 -2.27
C ASN D 42 9.35 -75.88 -1.63
N GLY D 43 9.56 -75.63 -0.34
CA GLY D 43 8.83 -74.58 0.34
C GLY D 43 9.43 -73.24 -0.05
N VAL D 44 10.77 -73.13 -0.01
CA VAL D 44 11.41 -71.87 -0.37
C VAL D 44 11.09 -71.49 -1.81
N ARG D 45 11.08 -72.47 -2.71
CA ARG D 45 10.69 -72.20 -4.10
C ARG D 45 9.26 -71.66 -4.20
N VAL D 46 8.29 -72.29 -3.50
CA VAL D 46 6.92 -71.77 -3.50
C VAL D 46 6.83 -70.37 -2.87
N LEU D 47 7.64 -70.10 -1.85
CA LEU D 47 7.64 -68.77 -1.24
C LEU D 47 8.16 -67.74 -2.23
N ALA D 48 9.15 -68.14 -3.03
CA ALA D 48 9.67 -67.27 -4.07
C ALA D 48 8.60 -66.99 -5.11
N THR D 49 7.83 -68.02 -5.51
CA THR D 49 6.75 -67.79 -6.48
C THR D 49 5.71 -66.81 -5.95
N ALA D 50 5.42 -66.87 -4.63
CA ALA D 50 4.48 -65.92 -4.05
C ALA D 50 5.04 -64.50 -4.06
N VAL D 51 6.30 -64.33 -3.63
CA VAL D 51 6.91 -63.00 -3.70
C VAL D 51 6.99 -62.54 -5.15
N ARG D 52 7.16 -63.46 -6.11
CA ARG D 52 7.19 -63.07 -7.51
C ARG D 52 5.84 -62.48 -7.90
N GLU D 53 4.74 -63.13 -7.49
CA GLU D 53 3.45 -62.61 -7.91
C GLU D 53 3.15 -61.28 -7.21
N LEU D 54 3.66 -61.09 -5.98
CA LEU D 54 3.53 -59.81 -5.26
C LEU D 54 4.41 -58.72 -5.88
N LYS D 55 5.63 -59.07 -6.22
CA LYS D 55 6.57 -58.17 -6.86
C LYS D 55 6.10 -57.69 -8.23
N GLU D 56 5.47 -58.55 -9.02
CA GLU D 56 5.01 -58.06 -10.30
C GLU D 56 3.57 -57.53 -10.28
N PHE D 57 2.81 -57.79 -9.20
CA PHE D 57 1.62 -56.98 -8.94
C PHE D 57 1.98 -55.54 -8.60
N VAL D 58 2.99 -55.35 -7.73
CA VAL D 58 3.41 -54.01 -7.35
C VAL D 58 4.09 -53.28 -8.52
N SER D 59 5.05 -53.94 -9.19
CA SER D 59 5.77 -53.31 -10.30
C SER D 59 4.80 -52.92 -11.42
N LYS D 60 3.91 -53.83 -11.77
CA LYS D 60 3.05 -53.64 -12.93
C LYS D 60 1.70 -53.09 -12.48
N ASN D 61 0.86 -53.87 -11.80
CA ASN D 61 -0.50 -53.42 -11.53
C ASN D 61 -0.59 -52.25 -10.54
N LEU D 62 0.31 -52.14 -9.56
CA LEU D 62 0.09 -51.11 -8.55
C LEU D 62 0.71 -49.75 -8.90
N THR D 63 2.00 -49.73 -9.26
CA THR D 63 2.62 -48.48 -9.69
C THR D 63 1.98 -47.93 -10.96
N SER D 64 1.47 -48.79 -11.85
CA SER D 64 0.75 -48.29 -13.00
C SER D 64 -0.50 -47.54 -12.58
N ALA D 65 -1.22 -48.07 -11.59
CA ALA D 65 -2.46 -47.39 -11.20
C ALA D 65 -2.16 -46.08 -10.48
N ILE D 66 -1.07 -46.04 -9.72
CA ILE D 66 -0.75 -44.78 -9.06
C ILE D 66 -0.29 -43.76 -10.10
N ASN D 67 0.59 -44.15 -11.03
CA ASN D 67 0.94 -43.21 -12.10
C ASN D 67 -0.28 -42.79 -12.93
N LYS D 68 -1.27 -43.65 -13.06
CA LYS D 68 -2.47 -43.17 -13.76
C LYS D 68 -3.13 -42.07 -12.93
N ASN D 69 -3.25 -42.30 -11.63
CA ASN D 69 -3.80 -41.28 -10.75
C ASN D 69 -2.92 -40.03 -10.70
N LYS D 70 -1.61 -40.21 -10.87
CA LYS D 70 -0.64 -39.12 -10.86
C LYS D 70 -0.87 -38.28 -12.10
N CYS D 71 -1.26 -38.95 -13.19
CA CYS D 71 -1.51 -38.32 -14.47
C CYS D 71 -2.84 -37.57 -14.45
N ASP D 72 -3.90 -38.22 -13.95
CA ASP D 72 -5.19 -37.52 -13.83
C ASP D 72 -5.07 -36.32 -12.90
N ILE D 73 -4.39 -36.50 -11.77
CA ILE D 73 -4.12 -35.41 -10.82
C ILE D 73 -3.39 -34.26 -11.50
N ALA D 74 -2.35 -34.57 -12.27
CA ALA D 74 -1.59 -33.51 -12.91
C ALA D 74 -2.45 -32.82 -13.94
N ASP D 75 -3.37 -33.57 -14.54
CA ASP D 75 -4.32 -32.98 -15.47
C ASP D 75 -5.16 -31.94 -14.76
N LEU D 76 -5.77 -32.33 -13.65
CA LEU D 76 -6.68 -31.41 -12.96
C LEU D 76 -5.91 -30.21 -12.38
N LYS D 77 -4.71 -30.42 -11.85
CA LYS D 77 -3.92 -29.29 -11.40
C LYS D 77 -3.68 -28.32 -12.55
N MET D 78 -3.44 -28.85 -13.76
CA MET D 78 -3.18 -27.96 -14.87
C MET D 78 -4.43 -27.17 -15.23
N ALA D 79 -5.59 -27.85 -15.25
CA ALA D 79 -6.87 -27.22 -15.56
C ALA D 79 -7.19 -26.08 -14.59
N VAL D 80 -7.07 -26.37 -13.30
CA VAL D 80 -7.37 -25.36 -12.30
C VAL D 80 -6.41 -24.19 -12.42
N SER D 81 -5.12 -24.48 -12.61
CA SER D 81 -4.15 -23.40 -12.79
C SER D 81 -4.46 -22.58 -14.02
N PHE D 82 -4.89 -23.22 -15.10
CA PHE D 82 -5.20 -22.46 -16.31
C PHE D 82 -6.27 -21.44 -15.98
N SER D 83 -7.32 -21.90 -15.26
CA SER D 83 -8.41 -21.03 -14.85
C SER D 83 -7.96 -19.94 -13.88
N GLN D 84 -6.93 -20.21 -13.07
CA GLN D 84 -6.46 -19.21 -12.11
C GLN D 84 -5.54 -18.18 -12.75
N PHE D 85 -4.48 -18.65 -13.43
CA PHE D 85 -3.45 -17.77 -13.99
C PHE D 85 -3.94 -16.91 -15.14
N ASN D 86 -5.13 -17.21 -15.69
CA ASN D 86 -5.68 -16.48 -16.82
C ASN D 86 -7.07 -15.95 -16.47
N ARG D 87 -7.32 -15.66 -15.18
CA ARG D 87 -8.64 -15.19 -14.78
C ARG D 87 -9.04 -13.92 -15.53
N ARG D 88 -8.19 -12.89 -15.48
CA ARG D 88 -8.60 -11.60 -16.05
C ARG D 88 -9.00 -11.79 -17.50
N PHE D 89 -8.16 -12.49 -18.27
CA PHE D 89 -8.46 -12.82 -19.66
C PHE D 89 -9.82 -13.51 -19.80
N LEU D 90 -10.07 -14.52 -18.97
CA LEU D 90 -11.28 -15.30 -19.15
C LEU D 90 -12.51 -14.48 -18.81
N ASN D 91 -12.37 -13.59 -17.86
CA ASN D 91 -13.49 -12.71 -17.54
C ASN D 91 -13.72 -11.75 -18.70
N VAL D 92 -12.67 -11.22 -19.30
CA VAL D 92 -12.87 -10.27 -20.38
C VAL D 92 -13.60 -10.95 -21.54
N VAL D 93 -13.26 -12.22 -21.79
CA VAL D 93 -14.01 -12.95 -22.81
C VAL D 93 -15.45 -13.13 -22.40
N ARG D 94 -15.69 -13.38 -21.11
CA ARG D 94 -17.07 -13.57 -20.69
C ARG D 94 -17.85 -12.28 -20.92
N GLN D 95 -17.30 -11.16 -20.46
CA GLN D 95 -18.03 -9.91 -20.50
C GLN D 95 -18.30 -9.47 -21.94
N PHE D 96 -17.27 -9.52 -22.79
CA PHE D 96 -17.50 -9.18 -24.20
C PHE D 96 -18.39 -10.17 -24.93
N SER D 97 -18.54 -11.37 -24.41
CA SER D 97 -19.44 -12.29 -25.08
C SER D 97 -20.86 -12.02 -24.61
N ASP D 98 -20.99 -11.65 -23.35
CA ASP D 98 -22.31 -11.46 -22.81
C ASP D 98 -22.93 -10.19 -23.38
N ASN D 99 -22.13 -9.20 -23.76
CA ASN D 99 -22.70 -7.97 -24.28
C ASN D 99 -22.37 -7.79 -25.74
N ALA D 100 -21.77 -8.80 -26.36
CA ALA D 100 -21.48 -8.81 -27.79
C ALA D 100 -20.68 -7.57 -28.21
N GLY D 101 -19.54 -7.37 -27.54
CA GLY D 101 -18.54 -6.40 -27.96
C GLY D 101 -18.49 -5.07 -27.23
N ILE D 102 -19.50 -4.71 -26.43
CA ILE D 102 -19.54 -3.40 -25.79
C ILE D 102 -19.97 -3.55 -24.33
N THR D 103 -19.05 -3.25 -23.39
CA THR D 103 -19.42 -3.30 -21.98
C THR D 103 -20.15 -2.03 -21.56
N PRO D 104 -21.36 -2.18 -20.96
CA PRO D 104 -22.11 -1.03 -20.42
C PRO D 104 -21.31 -0.20 -19.47
N ALA D 105 -20.34 -0.82 -18.78
CA ALA D 105 -19.50 -0.13 -17.82
C ALA D 105 -18.07 -0.62 -17.96
N ILE D 106 -17.17 0.09 -17.28
CA ILE D 106 -15.76 -0.29 -17.20
C ILE D 106 -15.52 -1.24 -16.02
N SER D 107 -15.63 -2.55 -16.28
CA SER D 107 -15.47 -3.50 -15.20
C SER D 107 -14.08 -3.48 -14.59
N LEU D 108 -14.01 -4.12 -13.42
CA LEU D 108 -12.75 -4.25 -12.72
C LEU D 108 -11.78 -5.11 -13.52
N ASP D 109 -12.34 -6.02 -14.33
CA ASP D 109 -11.49 -6.89 -15.10
C ASP D 109 -11.00 -6.16 -16.36
N LEU D 110 -11.79 -5.28 -16.94
CA LEU D 110 -11.32 -4.61 -18.14
C LEU D 110 -10.18 -3.65 -17.81
N MET D 111 -10.23 -3.01 -16.64
CA MET D 111 -9.16 -2.08 -16.26
C MET D 111 -9.10 -1.97 -14.74
N THR D 112 -7.99 -2.39 -14.14
CA THR D 112 -7.89 -2.45 -12.68
C THR D 112 -7.79 -1.05 -12.06
N ASP D 113 -7.98 -0.99 -10.75
CA ASP D 113 -8.01 0.30 -10.08
C ASP D 113 -6.67 1.01 -10.23
N ALA D 114 -5.57 0.26 -10.15
CA ALA D 114 -4.26 0.87 -10.34
C ALA D 114 -4.21 1.51 -11.73
N GLU D 115 -4.65 0.76 -12.76
CA GLU D 115 -4.64 1.25 -14.14
C GLU D 115 -5.61 2.42 -14.30
N LEU D 116 -6.74 2.34 -13.63
CA LEU D 116 -7.72 3.41 -13.78
C LEU D 116 -7.13 4.70 -13.25
N ALA D 117 -6.55 4.67 -12.05
CA ALA D 117 -5.98 5.86 -11.44
C ALA D 117 -4.79 6.39 -12.22
N ARG D 118 -4.01 5.51 -12.86
CA ARG D 118 -2.87 6.04 -13.60
C ARG D 118 -3.34 6.75 -14.86
N ALA D 119 -4.39 6.23 -15.50
CA ALA D 119 -4.93 6.86 -16.72
C ALA D 119 -5.54 8.22 -16.36
N VAL D 120 -6.32 8.26 -15.28
CA VAL D 120 -6.92 9.52 -14.86
C VAL D 120 -5.75 10.45 -14.53
N SER D 121 -4.69 9.90 -13.98
CA SER D 121 -3.54 10.71 -13.65
C SER D 121 -2.81 11.23 -14.87
N TYR D 122 -3.24 10.86 -16.08
CA TYR D 122 -2.67 11.49 -17.28
C TYR D 122 -3.70 12.27 -18.10
N MET D 123 -4.84 12.56 -17.53
CA MET D 123 -5.84 13.29 -18.29
C MET D 123 -5.42 14.74 -18.46
N PRO D 124 -5.89 15.41 -19.53
CA PRO D 124 -5.56 16.84 -19.76
C PRO D 124 -6.38 17.80 -18.90
N THR D 125 -6.10 17.80 -17.60
CA THR D 125 -6.75 18.74 -16.70
C THR D 125 -5.83 19.15 -15.56
N SER D 126 -6.35 19.99 -14.69
CA SER D 126 -5.53 20.49 -13.61
C SER D 126 -5.38 19.41 -12.56
N ALA D 127 -4.37 19.57 -11.70
CA ALA D 127 -4.13 18.56 -10.70
C ALA D 127 -5.37 18.44 -9.84
N GLY D 128 -6.03 19.58 -9.56
CA GLY D 128 -7.18 19.54 -8.68
C GLY D 128 -8.37 18.84 -9.31
N GLN D 129 -8.49 18.89 -10.63
CA GLN D 129 -9.61 18.17 -11.24
C GLN D 129 -9.29 16.71 -11.25
N ILE D 130 -8.02 16.40 -11.44
CA ILE D 130 -7.58 15.01 -11.35
C ILE D 130 -7.90 14.50 -9.96
N LYS D 131 -7.63 15.30 -8.93
CA LYS D 131 -7.95 14.86 -7.59
C LYS D 131 -9.45 14.56 -7.50
N LEU D 132 -10.27 15.48 -8.02
CA LEU D 132 -11.72 15.34 -7.91
C LEU D 132 -12.23 14.12 -8.66
N MET D 133 -11.68 13.86 -9.85
CA MET D 133 -12.06 12.71 -10.66
C MET D 133 -11.68 11.42 -9.96
N LEU D 134 -10.50 11.46 -9.38
CA LEU D 134 -9.92 10.36 -8.64
C LEU D 134 -10.86 9.97 -7.53
N GLU D 135 -11.61 10.96 -7.01
CA GLU D 135 -12.57 10.75 -5.91
C GLU D 135 -13.85 10.06 -6.40
N ASN D 136 -14.26 10.24 -7.65
CA ASN D 136 -15.46 9.59 -8.13
C ASN D 136 -15.21 8.52 -9.19
N ARG D 137 -14.11 7.81 -9.04
CA ARG D 137 -13.72 6.87 -10.07
C ARG D 137 -14.79 5.79 -10.33
N ALA D 138 -15.67 5.48 -9.36
CA ALA D 138 -16.79 4.56 -9.64
C ALA D 138 -17.66 5.10 -10.77
N MET D 139 -18.06 6.37 -10.66
CA MET D 139 -18.85 6.99 -11.73
C MET D 139 -18.04 7.04 -13.01
N VAL D 140 -16.75 7.34 -12.89
CA VAL D 140 -15.91 7.34 -14.08
C VAL D 140 -16.08 5.99 -14.78
N ARG D 141 -16.10 4.91 -13.99
CA ARG D 141 -16.27 3.60 -14.59
C ARG D 141 -17.65 3.43 -15.23
N ARG D 142 -18.72 3.89 -14.57
CA ARG D 142 -20.04 3.59 -15.14
C ARG D 142 -20.37 4.45 -16.35
N LYS D 143 -19.97 5.71 -16.35
CA LYS D 143 -20.16 6.57 -17.50
C LYS D 143 -19.20 6.28 -18.64
N GLY D 144 -18.15 5.47 -18.41
CA GLY D 144 -17.25 5.05 -19.46
C GLY D 144 -17.66 3.69 -20.00
N PHE D 145 -16.84 3.10 -20.87
CA PHE D 145 -17.21 1.77 -21.37
C PHE D 145 -16.07 1.06 -22.07
N GLY D 146 -16.32 -0.18 -22.49
CA GLY D 146 -15.28 -1.00 -23.12
C GLY D 146 -15.71 -1.54 -24.47
N ILE D 147 -14.76 -1.60 -25.39
CA ILE D 147 -15.00 -2.03 -26.77
C ILE D 147 -14.07 -3.16 -27.11
N LEU D 148 -14.62 -4.31 -27.54
CA LEU D 148 -13.78 -5.38 -28.04
C LEU D 148 -13.32 -4.99 -29.46
N ILE D 149 -12.04 -4.71 -29.65
CA ILE D 149 -11.49 -4.32 -30.96
C ILE D 149 -11.16 -5.56 -31.82
N GLY D 150 -10.50 -6.57 -31.26
CA GLY D 150 -10.24 -7.76 -32.07
C GLY D 150 -9.62 -8.93 -31.34
N VAL D 151 -9.89 -10.15 -31.83
CA VAL D 151 -9.25 -11.37 -31.37
C VAL D 151 -8.25 -11.90 -32.39
N TYR D 152 -6.95 -11.81 -32.14
CA TYR D 152 -5.97 -12.33 -33.10
C TYR D 152 -5.20 -13.50 -32.48
N GLY D 153 -5.42 -14.70 -33.00
CA GLY D 153 -4.78 -15.82 -32.34
C GLY D 153 -5.24 -16.06 -30.93
N SER D 154 -4.41 -15.76 -29.95
CA SER D 154 -4.80 -15.98 -28.56
C SER D 154 -4.93 -14.68 -27.79
N SER D 155 -4.89 -13.53 -28.48
CA SER D 155 -4.98 -12.23 -27.83
C SER D 155 -6.35 -11.60 -28.05
N VAL D 156 -6.83 -10.92 -27.01
CA VAL D 156 -8.03 -10.09 -27.09
C VAL D 156 -7.55 -8.62 -27.02
N ILE D 157 -7.88 -7.81 -27.99
CA ILE D 157 -7.51 -6.39 -27.96
C ILE D 157 -8.76 -5.56 -27.78
N TYR D 158 -8.80 -4.72 -26.76
CA TYR D 158 -9.96 -3.87 -26.51
C TYR D 158 -9.53 -2.51 -26.01
N MET D 159 -10.45 -1.57 -26.11
CA MET D 159 -10.17 -0.24 -25.62
C MET D 159 -11.24 0.18 -24.62
N VAL D 160 -10.84 0.76 -23.53
CA VAL D 160 -11.77 1.37 -22.60
C VAL D 160 -11.82 2.88 -22.85
N GLN D 161 -12.99 3.48 -22.74
CA GLN D 161 -13.23 4.90 -23.00
C GLN D 161 -13.66 5.57 -21.70
N LEU D 162 -12.80 6.49 -21.18
CA LEU D 162 -12.97 7.11 -19.89
C LEU D 162 -13.45 8.55 -20.04
N PRO D 163 -14.39 8.98 -19.25
CA PRO D 163 -14.81 10.39 -19.28
C PRO D 163 -13.73 11.33 -18.76
N ILE D 164 -13.63 12.50 -19.39
CA ILE D 164 -12.79 13.56 -18.82
C ILE D 164 -13.74 14.61 -18.25
N PHE D 165 -13.79 14.69 -16.92
CA PHE D 165 -14.61 15.62 -16.15
C PHE D 165 -13.84 16.93 -15.92
N GLY D 166 -13.96 17.85 -16.88
CA GLY D 166 -13.21 19.09 -16.73
C GLY D 166 -13.90 20.11 -15.85
N VAL D 167 -15.22 20.05 -15.75
CA VAL D 167 -15.99 20.91 -14.86
C VAL D 167 -16.52 20.13 -13.67
N ILE D 168 -16.12 20.52 -12.47
CA ILE D 168 -16.59 19.89 -11.23
C ILE D 168 -16.88 20.96 -10.18
N ASP D 169 -17.74 20.63 -9.24
CA ASP D 169 -18.01 21.48 -8.09
C ASP D 169 -18.55 22.87 -8.47
N THR D 170 -19.40 22.95 -9.50
CA THR D 170 -20.06 24.23 -9.75
C THR D 170 -21.52 24.18 -9.28
N PRO D 171 -22.14 25.32 -8.94
CA PRO D 171 -23.52 25.29 -8.39
C PRO D 171 -24.47 24.51 -9.27
N CYS D 172 -25.32 23.71 -8.64
CA CYS D 172 -26.24 22.87 -9.39
C CYS D 172 -27.53 22.85 -8.58
N TRP D 173 -28.67 22.72 -9.25
CA TRP D 173 -29.97 22.67 -8.58
C TRP D 173 -30.98 21.95 -9.45
N ILE D 174 -32.10 21.54 -8.84
CA ILE D 174 -33.19 20.86 -9.54
C ILE D 174 -34.53 21.50 -9.23
N ILE D 175 -35.37 21.61 -10.25
CA ILE D 175 -36.66 22.29 -10.18
C ILE D 175 -37.80 21.29 -10.38
N LYS D 176 -38.73 21.28 -9.43
CA LYS D 176 -39.98 20.54 -9.46
C LYS D 176 -41.14 21.50 -9.33
N ALA D 177 -42.27 21.14 -9.97
CA ALA D 177 -43.46 21.99 -9.94
C ALA D 177 -44.71 21.14 -10.07
N ALA D 178 -45.82 21.67 -9.56
CA ALA D 178 -47.16 21.11 -9.71
C ALA D 178 -48.09 22.17 -10.28
N PRO D 179 -49.24 21.77 -10.84
CA PRO D 179 -50.19 22.76 -11.41
C PRO D 179 -50.74 23.79 -10.42
N SER D 180 -50.60 25.09 -10.74
CA SER D 180 -51.15 26.16 -9.86
C SER D 180 -52.48 26.64 -10.41
N CYS D 181 -53.56 26.04 -9.91
CA CYS D 181 -54.88 26.38 -10.41
C CYS D 181 -55.61 27.37 -9.51
N SER D 182 -56.17 28.42 -10.13
CA SER D 182 -57.01 29.44 -9.49
C SER D 182 -58.38 29.33 -10.14
N GLU D 183 -59.44 29.54 -9.35
CA GLU D 183 -60.77 29.40 -9.90
C GLU D 183 -61.59 30.64 -9.59
N LYS D 184 -62.25 31.17 -10.62
CA LYS D 184 -63.22 32.26 -10.49
C LYS D 184 -64.46 31.92 -11.32
N ASP D 185 -65.52 31.60 -10.60
CA ASP D 185 -66.88 31.39 -11.15
C ASP D 185 -66.93 30.18 -12.07
N GLY D 186 -66.74 28.98 -11.55
CA GLY D 186 -66.85 27.69 -12.29
C GLY D 186 -65.71 27.33 -13.22
N ASN D 187 -64.98 28.31 -13.75
CA ASN D 187 -63.88 28.09 -14.71
C ASN D 187 -62.56 28.03 -13.96
N TYR D 188 -61.60 27.36 -14.57
CA TYR D 188 -60.28 27.16 -14.00
C TYR D 188 -59.19 27.76 -14.89
N ALA D 189 -58.27 28.51 -14.26
CA ALA D 189 -57.06 29.04 -14.89
C ALA D 189 -55.85 28.42 -14.17
N CYS D 190 -55.08 27.58 -14.91
CA CYS D 190 -53.98 26.79 -14.37
C CYS D 190 -52.63 27.13 -15.02
N LEU D 191 -51.70 27.69 -14.24
CA LEU D 191 -50.36 27.87 -14.77
C LEU D 191 -49.53 26.70 -14.28
N LEU D 192 -48.61 26.24 -15.11
CA LEU D 192 -47.73 25.16 -14.72
C LEU D 192 -46.35 25.43 -15.30
N ARG D 193 -45.35 25.54 -14.42
CA ARG D 193 -44.00 25.71 -14.92
C ARG D 193 -43.62 24.53 -15.79
N GLU D 194 -42.90 24.81 -16.89
CA GLU D 194 -42.37 23.77 -17.75
C GLU D 194 -40.85 23.79 -17.70
N ASP D 195 -40.28 24.46 -16.69
CA ASP D 195 -38.86 24.54 -16.40
C ASP D 195 -38.32 23.27 -15.74
N GLN D 196 -39.20 22.35 -15.34
CA GLN D 196 -38.85 21.29 -14.40
C GLN D 196 -37.69 20.48 -14.92
N GLY D 197 -36.73 20.18 -14.01
CA GLY D 197 -35.55 19.41 -14.38
C GLY D 197 -34.29 19.87 -13.64
N TRP D 198 -33.12 19.48 -14.18
CA TRP D 198 -31.83 19.78 -13.60
C TRP D 198 -31.19 21.02 -14.24
N TYR D 199 -30.60 21.87 -13.41
CA TYR D 199 -29.81 23.00 -13.87
C TYR D 199 -28.43 22.90 -13.23
N CYS D 200 -27.38 22.98 -14.05
CA CYS D 200 -26.01 22.96 -13.56
C CYS D 200 -25.33 24.23 -14.11
N LYS D 201 -24.48 24.88 -13.33
CA LYS D 201 -23.94 26.13 -13.86
C LYS D 201 -22.66 25.85 -14.67
N ASN D 202 -22.33 26.77 -15.58
CA ASN D 202 -21.20 26.52 -16.47
C ASN D 202 -20.55 27.86 -16.80
N ALA D 203 -19.40 27.80 -17.48
CA ALA D 203 -18.76 29.04 -17.89
C ALA D 203 -19.61 29.71 -18.96
N GLY D 204 -20.12 30.92 -18.67
CA GLY D 204 -20.83 31.72 -19.66
C GLY D 204 -22.27 31.31 -19.91
N SER D 205 -22.72 30.22 -19.32
CA SER D 205 -24.08 29.73 -19.50
C SER D 205 -24.37 28.70 -18.42
N THR D 206 -25.62 28.25 -18.38
CA THR D 206 -26.05 27.21 -17.48
C THR D 206 -26.61 26.07 -18.33
N VAL D 207 -26.27 24.83 -17.99
CA VAL D 207 -26.74 23.70 -18.76
C VAL D 207 -28.00 23.17 -18.08
N TYR D 208 -29.01 22.88 -18.90
CA TYR D 208 -30.32 22.45 -18.47
C TYR D 208 -30.58 21.05 -18.99
N TYR D 209 -30.89 20.15 -18.08
CA TYR D 209 -31.20 18.78 -18.40
C TYR D 209 -32.68 18.56 -18.12
N PRO D 210 -33.48 18.43 -19.17
CA PRO D 210 -34.94 18.52 -19.00
C PRO D 210 -35.56 17.39 -18.22
N ASN D 211 -35.02 16.17 -18.29
CA ASN D 211 -35.63 15.10 -17.52
C ASN D 211 -34.79 14.78 -16.31
N GLU D 212 -35.47 14.41 -15.22
CA GLU D 212 -34.78 14.14 -13.98
C GLU D 212 -33.94 12.90 -14.16
N LYS D 213 -34.37 12.03 -15.06
CA LYS D 213 -33.59 10.83 -15.29
C LYS D 213 -32.26 11.18 -15.97
N ASP D 214 -32.12 12.40 -16.53
CA ASP D 214 -30.89 12.73 -17.27
C ASP D 214 -29.68 12.98 -16.37
N CYS D 215 -29.86 13.10 -15.06
CA CYS D 215 -28.73 13.31 -14.17
C CYS D 215 -28.84 12.37 -12.95
N GLU D 216 -27.72 11.77 -12.56
CA GLU D 216 -27.71 10.83 -11.43
C GLU D 216 -27.00 11.43 -10.20
N THR D 217 -27.55 11.24 -9.03
CA THR D 217 -27.01 11.82 -7.81
C THR D 217 -26.22 10.77 -7.04
N ARG D 218 -24.97 11.08 -6.71
CA ARG D 218 -24.13 10.26 -5.82
C ARG D 218 -23.58 11.25 -4.79
N GLY D 219 -24.28 11.25 -3.63
CA GLY D 219 -24.02 12.21 -2.58
C GLY D 219 -24.47 13.56 -3.08
N ASP D 220 -23.71 14.57 -2.76
CA ASP D 220 -24.09 15.89 -3.18
C ASP D 220 -23.78 16.08 -4.66
N HIS D 221 -23.03 15.14 -5.28
CA HIS D 221 -22.61 15.31 -6.67
C HIS D 221 -23.66 14.82 -7.66
N VAL D 222 -23.78 15.55 -8.78
CA VAL D 222 -24.77 15.25 -9.81
C VAL D 222 -24.06 14.98 -11.15
N PHE D 223 -24.17 13.76 -11.64
CA PHE D 223 -23.51 13.27 -12.86
C PHE D 223 -24.40 13.35 -14.09
N CYS D 224 -24.11 14.32 -14.96
CA CYS D 224 -25.00 14.66 -16.07
C CYS D 224 -24.50 14.18 -17.43
N ASP D 225 -25.44 13.59 -18.18
CA ASP D 225 -25.18 13.06 -19.52
C ASP D 225 -25.06 14.27 -20.43
N THR D 226 -23.92 14.45 -21.09
CA THR D 226 -23.73 15.68 -21.87
C THR D 226 -24.78 15.81 -22.96
N ALA D 227 -25.18 14.68 -23.55
CA ALA D 227 -26.12 14.72 -24.66
C ALA D 227 -27.44 15.37 -24.29
N ALA D 228 -27.95 15.12 -23.08
CA ALA D 228 -29.23 15.74 -22.70
C ALA D 228 -29.13 17.26 -22.54
N GLY D 229 -27.93 17.76 -22.24
CA GLY D 229 -27.79 19.17 -21.93
C GLY D 229 -28.12 20.11 -23.08
N ILE D 230 -28.86 21.17 -22.74
CA ILE D 230 -29.17 22.30 -23.62
C ILE D 230 -28.70 23.56 -22.89
N ASN D 231 -27.89 24.37 -23.55
CA ASN D 231 -27.40 25.57 -22.87
C ASN D 231 -28.46 26.64 -22.82
N VAL D 232 -28.69 27.15 -21.62
CA VAL D 232 -29.69 28.18 -21.41
C VAL D 232 -29.03 29.40 -20.78
N ALA D 233 -29.69 30.54 -20.99
CA ALA D 233 -29.22 31.81 -20.48
C ALA D 233 -29.22 31.79 -18.95
N GLU D 234 -28.24 32.47 -18.34
CA GLU D 234 -28.15 32.46 -16.88
C GLU D 234 -29.36 33.13 -16.25
N GLN D 235 -29.93 34.10 -16.97
CA GLN D 235 -31.08 34.83 -16.49
C GLN D 235 -32.28 33.95 -16.24
N SER D 236 -32.24 32.70 -16.68
CA SER D 236 -33.41 31.86 -16.47
C SER D 236 -33.61 31.63 -14.99
N ARG D 237 -32.53 31.77 -14.21
CA ARG D 237 -32.64 31.65 -12.76
C ARG D 237 -33.47 32.75 -12.12
N GLU D 238 -33.80 33.81 -12.89
CA GLU D 238 -34.70 34.81 -12.32
C GLU D 238 -36.09 34.21 -12.09
N CYS D 239 -36.41 33.10 -12.75
CA CYS D 239 -37.70 32.47 -12.47
C CYS D 239 -37.75 31.85 -11.10
N ASN D 240 -36.61 31.72 -10.44
CA ASN D 240 -36.67 31.17 -9.10
C ASN D 240 -36.74 32.29 -8.05
N ILE D 241 -36.95 33.56 -8.50
CA ILE D 241 -37.25 34.65 -7.58
C ILE D 241 -38.66 35.19 -7.84
N ASN D 242 -38.91 35.71 -9.03
CA ASN D 242 -40.19 36.23 -9.50
C ASN D 242 -40.57 35.63 -10.85
N ILE D 243 -41.68 34.87 -10.90
CA ILE D 243 -42.13 34.25 -12.17
C ILE D 243 -42.53 35.32 -13.17
N SER D 244 -43.05 36.44 -12.70
CA SER D 244 -43.53 37.50 -13.57
C SER D 244 -42.39 38.43 -13.99
N THR D 245 -41.18 37.88 -14.15
CA THR D 245 -40.03 38.63 -14.62
C THR D 245 -40.14 38.90 -16.11
N THR D 246 -39.78 40.12 -16.50
CA THR D 246 -39.79 40.52 -17.90
C THR D 246 -38.47 40.23 -18.60
N ASN D 247 -37.42 39.94 -17.83
CA ASN D 247 -36.09 39.68 -18.35
C ASN D 247 -35.98 38.34 -19.08
N TYR D 248 -36.72 37.32 -18.66
CA TYR D 248 -36.65 36.04 -19.36
C TYR D 248 -38.00 35.44 -19.74
N PRO D 249 -38.09 34.81 -20.89
CA PRO D 249 -39.33 34.11 -21.25
C PRO D 249 -39.58 32.82 -20.49
N CYS D 250 -40.00 32.82 -19.23
CA CYS D 250 -40.19 31.57 -18.48
C CYS D 250 -41.20 30.65 -19.13
N LYS D 251 -40.75 29.42 -19.37
CA LYS D 251 -41.55 28.42 -20.06
C LYS D 251 -42.59 27.94 -19.05
N VAL D 252 -43.83 28.40 -19.24
CA VAL D 252 -44.94 28.09 -18.36
C VAL D 252 -46.15 27.90 -19.26
N SER D 253 -46.88 26.81 -19.05
CA SER D 253 -48.04 26.43 -19.86
C SER D 253 -49.33 26.71 -19.13
N THR D 254 -50.38 27.07 -19.88
CA THR D 254 -51.66 27.37 -19.24
C THR D 254 -52.71 26.35 -19.64
N GLY D 255 -53.60 26.08 -18.70
CA GLY D 255 -54.67 25.13 -18.91
C GLY D 255 -55.93 25.66 -18.27
N ARG D 256 -57.05 25.05 -18.67
CA ARG D 256 -58.37 25.39 -18.17
C ARG D 256 -58.95 24.30 -17.29
N HIS D 257 -58.22 23.19 -17.08
CA HIS D 257 -58.79 22.11 -16.27
C HIS D 257 -57.90 21.76 -15.10
N PRO D 258 -58.49 21.42 -13.97
CA PRO D 258 -57.72 21.10 -12.76
C PRO D 258 -57.12 19.71 -12.88
N ILE D 259 -55.88 19.60 -12.43
CA ILE D 259 -55.13 18.35 -12.46
C ILE D 259 -54.57 18.13 -11.08
N SER D 260 -55.03 17.08 -10.42
CA SER D 260 -54.55 16.77 -9.09
C SER D 260 -53.43 15.75 -9.16
N MET D 261 -52.31 16.06 -8.52
CA MET D 261 -51.16 15.20 -8.72
C MET D 261 -50.17 15.39 -7.58
N VAL D 262 -49.17 14.48 -7.54
CA VAL D 262 -48.07 14.50 -6.57
C VAL D 262 -46.73 14.57 -7.29
N ALA D 263 -45.91 15.56 -6.91
CA ALA D 263 -44.56 15.72 -7.44
C ALA D 263 -43.53 15.57 -6.34
N LEU D 264 -42.61 14.62 -6.47
CA LEU D 264 -41.61 14.39 -5.42
C LEU D 264 -40.36 15.25 -5.59
N SER D 265 -39.92 15.82 -4.50
CA SER D 265 -38.66 16.54 -4.40
C SER D 265 -37.65 15.67 -3.68
N PRO D 266 -36.38 16.03 -3.75
CA PRO D 266 -35.40 15.33 -2.93
C PRO D 266 -35.78 15.24 -1.46
N LEU D 267 -36.09 16.39 -0.88
CA LEU D 267 -36.39 16.55 0.52
C LEU D 267 -37.88 16.68 0.83
N GLY D 268 -38.74 16.62 -0.17
CA GLY D 268 -40.15 16.75 0.12
C GLY D 268 -40.99 16.38 -1.06
N ALA D 269 -42.15 17.06 -1.23
CA ALA D 269 -43.13 16.83 -2.29
C ALA D 269 -44.11 18.00 -2.46
N LEU D 270 -44.51 18.25 -3.70
CA LEU D 270 -45.56 19.20 -4.03
C LEU D 270 -46.83 18.43 -4.29
N VAL D 271 -47.91 18.86 -3.67
CA VAL D 271 -49.23 18.28 -3.90
C VAL D 271 -50.13 19.34 -4.49
N ALA D 272 -50.88 18.99 -5.53
CA ALA D 272 -51.89 19.88 -6.08
C ALA D 272 -53.22 19.13 -5.96
N CYS D 273 -54.04 19.56 -5.01
CA CYS D 273 -55.34 18.93 -4.72
C CYS D 273 -56.47 19.84 -5.19
N TYR D 274 -57.23 19.37 -6.18
CA TYR D 274 -58.33 20.14 -6.75
C TYR D 274 -59.56 19.30 -7.00
N LYS D 275 -60.73 19.93 -6.94
CA LYS D 275 -62.01 19.28 -7.34
C LYS D 275 -62.22 17.99 -6.52
N GLY D 276 -62.65 16.92 -7.17
CA GLY D 276 -63.01 15.69 -6.49
C GLY D 276 -61.83 14.79 -6.19
N VAL D 277 -60.95 15.21 -5.28
CA VAL D 277 -59.90 14.30 -4.82
C VAL D 277 -59.72 14.46 -3.31
N SER D 278 -59.32 13.35 -2.67
CA SER D 278 -59.07 13.28 -1.24
C SER D 278 -57.57 13.20 -0.93
N CYS D 279 -56.91 14.34 -0.81
CA CYS D 279 -55.47 14.33 -0.53
C CYS D 279 -55.17 14.36 0.98
N SER D 280 -54.36 13.40 1.46
CA SER D 280 -53.99 13.39 2.89
C SER D 280 -52.52 13.05 3.03
N ILE D 281 -51.92 13.40 4.16
CA ILE D 281 -50.56 12.95 4.45
C ILE D 281 -50.68 11.94 5.59
N GLY D 282 -49.96 10.82 5.41
CA GLY D 282 -50.01 9.71 6.34
C GLY D 282 -48.65 9.17 6.77
N SER D 283 -48.74 8.12 7.59
CA SER D 283 -47.57 7.38 8.04
C SER D 283 -47.75 5.95 7.55
N ASN D 284 -46.66 5.21 7.52
CA ASN D 284 -46.75 3.82 7.12
C ASN D 284 -47.26 2.91 8.22
N ARG D 285 -46.97 3.17 9.50
CA ARG D 285 -47.46 2.23 10.51
C ARG D 285 -48.93 2.52 10.84
N VAL D 286 -49.23 3.71 11.35
CA VAL D 286 -50.59 4.11 11.66
C VAL D 286 -51.08 4.77 10.39
N GLY D 287 -52.28 5.34 10.40
CA GLY D 287 -52.82 5.72 9.11
C GLY D 287 -52.72 7.20 8.80
N ILE D 288 -53.81 7.75 8.27
CA ILE D 288 -53.86 9.16 7.92
C ILE D 288 -53.66 10.07 9.12
N ILE D 289 -52.87 11.13 8.91
CA ILE D 289 -52.52 12.04 10.00
C ILE D 289 -52.98 13.45 9.72
N LYS D 290 -53.19 13.83 8.47
CA LYS D 290 -53.65 15.19 8.25
C LYS D 290 -54.15 15.30 6.82
N GLN D 291 -55.32 15.91 6.64
CA GLN D 291 -55.84 16.23 5.32
C GLN D 291 -55.31 17.55 4.81
N LEU D 292 -54.94 17.55 3.58
CA LEU D 292 -54.36 18.65 2.86
C LEU D 292 -55.47 19.52 2.28
N PRO D 293 -55.35 20.84 2.19
CA PRO D 293 -56.44 21.63 1.61
C PRO D 293 -56.35 21.60 0.10
N LYS D 294 -57.38 22.15 -0.54
CA LYS D 294 -57.37 22.21 -2.00
C LYS D 294 -56.35 23.26 -2.43
N GLY D 295 -55.51 22.95 -3.40
CA GLY D 295 -54.50 23.91 -3.71
C GLY D 295 -53.14 23.26 -3.63
N CYS D 296 -52.11 24.11 -3.56
CA CYS D 296 -50.72 23.68 -3.50
C CYS D 296 -50.21 23.56 -2.08
N SER D 297 -49.77 22.35 -1.72
CA SER D 297 -49.19 22.11 -0.41
C SER D 297 -47.74 21.70 -0.67
N TYR D 298 -46.83 22.12 0.19
CA TYR D 298 -45.45 21.67 0.09
C TYR D 298 -45.16 20.86 1.35
N ILE D 299 -44.71 19.63 1.20
CA ILE D 299 -44.43 18.86 2.41
C ILE D 299 -43.02 18.33 2.42
N THR D 300 -42.47 18.18 3.62
CA THR D 300 -41.08 17.79 3.81
C THR D 300 -40.98 16.30 4.01
N ASN D 301 -39.81 15.76 3.75
CA ASN D 301 -39.59 14.36 4.06
C ASN D 301 -39.79 14.06 5.54
N GLN D 302 -39.74 15.07 6.40
CA GLN D 302 -39.88 14.86 7.84
C GLN D 302 -41.27 15.21 8.40
N ASP D 303 -42.20 15.62 7.54
CA ASP D 303 -43.59 15.89 7.90
C ASP D 303 -44.47 14.66 7.80
N ALA D 304 -44.18 13.77 6.87
CA ALA D 304 -44.97 12.57 6.67
C ALA D 304 -44.12 11.52 5.97
N ASP D 305 -44.73 10.39 5.67
CA ASP D 305 -44.04 9.34 4.95
C ASP D 305 -44.77 9.05 3.69
N THR D 306 -45.95 9.64 3.53
CA THR D 306 -46.82 9.24 2.45
C THR D 306 -47.70 10.44 2.10
N VAL D 307 -47.91 10.65 0.82
CA VAL D 307 -48.95 11.54 0.35
C VAL D 307 -49.93 10.70 -0.45
N THR D 308 -51.22 10.81 -0.14
CA THR D 308 -52.28 10.06 -0.80
C THR D 308 -53.23 10.92 -1.63
N ILE D 309 -53.47 10.49 -2.87
CA ILE D 309 -54.46 11.06 -3.79
C ILE D 309 -55.54 10.05 -4.09
N ASP D 310 -56.73 10.26 -3.54
CA ASP D 310 -57.78 9.26 -3.56
C ASP D 310 -57.29 7.96 -2.92
N ASN D 311 -57.13 6.89 -3.70
CA ASN D 311 -56.61 5.68 -3.09
C ASN D 311 -55.18 5.35 -3.49
N THR D 312 -54.50 6.23 -4.22
CA THR D 312 -53.11 5.98 -4.59
C THR D 312 -52.19 6.64 -3.56
N VAL D 313 -51.37 5.84 -2.90
CA VAL D 313 -50.47 6.31 -1.85
C VAL D 313 -49.03 6.38 -2.38
N TYR D 314 -48.39 7.55 -2.28
CA TYR D 314 -47.03 7.84 -2.72
C TYR D 314 -46.07 7.86 -1.51
N GLN D 315 -44.90 7.23 -1.66
CA GLN D 315 -43.90 7.20 -0.60
C GLN D 315 -42.98 8.39 -0.73
N LEU D 316 -42.75 9.04 0.40
CA LEU D 316 -41.92 10.21 0.36
C LEU D 316 -40.45 9.85 0.48
N SER D 317 -40.15 8.76 1.17
CA SER D 317 -38.77 8.35 1.36
C SER D 317 -38.67 6.89 0.98
N LYS D 318 -37.45 6.38 0.92
CA LYS D 318 -37.27 4.94 0.71
C LYS D 318 -37.68 4.25 2.00
N VAL D 319 -38.43 3.16 1.88
CA VAL D 319 -38.87 2.41 3.04
C VAL D 319 -37.87 1.31 3.33
N GLU D 320 -37.25 1.39 4.49
CA GLU D 320 -36.18 0.48 4.87
C GLU D 320 -36.74 -0.86 5.30
N GLY D 321 -36.24 -1.92 4.68
CA GLY D 321 -36.75 -3.25 4.95
C GLY D 321 -35.81 -4.08 5.79
N GLU D 322 -35.82 -5.40 5.58
CA GLU D 322 -34.95 -6.30 6.34
C GLU D 322 -33.48 -6.05 6.18
N GLN D 323 -32.73 -6.87 6.90
CA GLN D 323 -31.29 -6.78 6.97
C GLN D 323 -30.81 -8.21 7.11
N HIS D 324 -30.24 -8.77 6.04
CA HIS D 324 -29.89 -10.18 6.05
C HIS D 324 -28.39 -10.34 6.27
N VAL D 325 -28.00 -11.48 6.84
CA VAL D 325 -26.59 -11.83 6.93
C VAL D 325 -26.43 -13.33 6.70
N ILE D 326 -25.60 -13.69 5.74
CA ILE D 326 -25.39 -15.05 5.26
C ILE D 326 -23.90 -15.38 5.22
N LYS D 327 -23.55 -16.56 5.72
CA LYS D 327 -22.17 -17.03 5.75
C LYS D 327 -22.14 -18.38 5.09
N GLY D 328 -21.12 -18.62 4.28
CA GLY D 328 -21.01 -19.89 3.60
C GLY D 328 -20.65 -21.05 4.51
N ARG D 329 -20.92 -22.24 3.99
CA ARG D 329 -20.52 -23.49 4.64
C ARG D 329 -18.99 -23.58 4.70
N PRO D 330 -18.43 -24.11 5.79
CA PRO D 330 -16.97 -24.25 5.89
C PRO D 330 -16.37 -25.34 4.98
N VAL D 331 -15.18 -25.06 4.45
CA VAL D 331 -14.41 -25.98 3.64
C VAL D 331 -13.32 -26.58 4.52
N SER D 332 -13.19 -27.90 4.49
CA SER D 332 -12.25 -28.62 5.34
C SER D 332 -11.27 -29.37 4.45
N SER D 333 -10.15 -29.77 5.03
CA SER D 333 -9.16 -30.52 4.31
C SER D 333 -9.44 -32.00 4.52
N SER D 334 -9.17 -32.81 3.49
CA SER D 334 -9.44 -34.24 3.61
C SER D 334 -8.18 -35.08 3.58
N PHE D 335 -7.04 -34.50 3.94
CA PHE D 335 -5.76 -35.17 3.84
C PHE D 335 -5.57 -36.12 5.00
N ASP D 336 -5.48 -37.44 4.76
CA ASP D 336 -5.27 -38.36 5.87
C ASP D 336 -4.23 -39.35 5.37
N PRO D 337 -2.95 -39.03 5.52
CA PRO D 337 -1.89 -39.84 4.92
C PRO D 337 -1.78 -41.24 5.54
N ILE D 338 -0.95 -42.05 4.88
CA ILE D 338 -0.69 -43.42 5.29
C ILE D 338 0.80 -43.58 5.52
N ARG D 339 1.17 -44.52 6.38
CA ARG D 339 2.58 -44.88 6.64
C ARG D 339 2.65 -46.39 6.74
N PHE D 340 3.79 -46.91 7.18
CA PHE D 340 3.96 -48.36 7.34
C PHE D 340 4.58 -48.72 8.69
N PRO D 341 3.99 -49.69 9.43
CA PRO D 341 4.56 -50.10 10.73
C PRO D 341 5.84 -50.89 10.51
N GLU D 342 6.93 -50.14 10.36
CA GLU D 342 8.20 -50.68 9.88
C GLU D 342 9.02 -51.42 10.92
N ASP D 343 8.92 -51.04 12.19
CA ASP D 343 9.80 -51.60 13.22
C ASP D 343 9.66 -53.13 13.40
N GLN D 344 8.42 -53.59 13.62
CA GLN D 344 8.15 -55.02 13.83
C GLN D 344 8.60 -55.89 12.67
N PHE D 345 8.41 -55.40 11.45
CA PHE D 345 8.79 -56.11 10.24
C PHE D 345 10.29 -56.15 10.01
N ASN D 346 10.88 -54.96 10.06
CA ASN D 346 12.27 -54.80 9.73
C ASN D 346 13.18 -55.54 10.72
N VAL D 347 12.74 -55.66 11.98
CA VAL D 347 13.51 -56.46 12.92
C VAL D 347 13.43 -57.96 12.58
N ALA D 348 12.27 -58.46 12.10
CA ALA D 348 12.19 -59.88 11.76
C ALA D 348 13.06 -60.26 10.56
N LEU D 349 13.21 -59.35 9.62
CA LEU D 349 14.00 -59.62 8.39
C LEU D 349 15.49 -59.53 8.73
N ASP D 350 15.86 -58.61 9.60
CA ASP D 350 17.22 -58.59 10.11
C ASP D 350 17.53 -59.93 10.80
N GLN D 351 16.56 -60.43 11.56
CA GLN D 351 16.73 -61.73 12.21
C GLN D 351 16.99 -62.81 11.16
N VAL D 352 16.24 -62.76 10.05
CA VAL D 352 16.39 -63.79 9.02
C VAL D 352 17.81 -63.76 8.47
N PHE D 353 18.35 -62.55 8.17
CA PHE D 353 19.69 -62.53 7.61
C PHE D 353 20.69 -63.12 8.60
N GLU D 354 20.38 -63.04 9.89
CA GLU D 354 21.29 -63.70 10.80
C GLU D 354 21.02 -65.21 10.84
N SER D 355 19.76 -65.65 10.78
CA SER D 355 19.51 -67.09 10.74
C SER D 355 20.12 -67.74 9.51
N ILE D 356 20.26 -66.98 8.42
CA ILE D 356 21.00 -67.44 7.23
C ILE D 356 22.49 -67.56 7.54
N GLU D 357 23.07 -66.51 8.13
CA GLU D 357 24.50 -66.46 8.38
C GLU D 357 24.96 -67.41 9.50
N ASN D 358 24.11 -67.62 10.52
CA ASN D 358 24.40 -68.59 11.58
C ASN D 358 24.40 -70.01 11.06
N SER D 359 23.37 -70.38 10.28
CA SER D 359 23.33 -71.72 9.73
C SER D 359 24.46 -71.97 8.73
N GLN D 360 24.77 -71.03 7.84
CA GLN D 360 25.88 -71.27 6.91
C GLN D 360 27.19 -71.42 7.67
N ALA D 361 27.38 -70.63 8.74
CA ALA D 361 28.64 -70.76 9.47
C ALA D 361 28.65 -72.10 10.18
N LEU D 362 27.47 -72.59 10.54
CA LEU D 362 27.39 -73.87 11.21
C LEU D 362 27.68 -75.00 10.22
N VAL D 363 27.30 -74.85 8.94
CA VAL D 363 27.65 -75.94 8.04
C VAL D 363 29.10 -75.91 7.60
N ASP D 364 29.77 -74.78 7.81
CA ASP D 364 31.21 -74.76 7.47
C ASP D 364 31.89 -75.46 8.63
N GLN D 365 31.34 -75.29 9.83
CA GLN D 365 31.85 -75.95 11.05
C GLN D 365 31.72 -77.43 10.77
N SER D 366 30.48 -77.88 10.61
CA SER D 366 30.16 -79.29 10.35
C SER D 366 31.03 -79.80 9.21
N ASN D 367 30.94 -79.19 8.03
CA ASN D 367 31.76 -79.69 6.91
C ASN D 367 33.26 -79.61 7.24
N LYS D 368 33.77 -78.60 7.96
CA LYS D 368 35.25 -78.60 8.19
C LYS D 368 35.63 -79.36 9.46
N ILE D 369 34.65 -79.99 10.11
CA ILE D 369 34.92 -80.91 11.27
C ILE D 369 35.48 -82.16 10.62
N LEU D 370 35.02 -82.51 9.42
CA LEU D 370 35.58 -83.68 8.72
C LEU D 370 37.06 -83.39 8.48
N ASN D 371 37.90 -83.97 9.34
CA ASN D 371 39.35 -83.83 9.21
C ASN D 371 40.07 -85.18 8.97
N LEU E 1 -16.70 11.14 -45.55
CA LEU E 1 -17.80 12.03 -45.17
C LEU E 1 -17.60 13.48 -45.65
N LYS E 2 -18.66 14.27 -45.66
CA LYS E 2 -18.56 15.66 -46.08
C LYS E 2 -19.30 16.55 -45.10
N GLU E 3 -18.57 17.44 -44.43
CA GLU E 3 -19.20 18.30 -43.42
C GLU E 3 -19.09 19.77 -43.81
N SER E 4 -20.25 20.38 -43.99
CA SER E 4 -20.42 21.72 -44.50
C SER E 4 -20.85 22.68 -43.40
N TYR E 5 -20.21 23.85 -43.32
CA TYR E 5 -20.59 24.85 -42.33
C TYR E 5 -21.59 25.81 -42.96
N LEU E 6 -22.75 25.95 -42.38
CA LEU E 6 -23.82 26.79 -42.91
C LEU E 6 -23.81 28.07 -42.09
N GLU E 7 -23.13 29.11 -42.63
CA GLU E 7 -22.84 30.32 -41.86
C GLU E 7 -24.09 31.16 -41.67
N GLU E 8 -25.12 30.88 -42.43
CA GLU E 8 -26.32 31.67 -42.37
C GLU E 8 -27.09 31.31 -41.11
N SER E 9 -26.97 30.06 -40.67
CA SER E 9 -27.70 29.56 -39.51
C SER E 9 -26.80 29.12 -38.38
N CYS E 10 -25.48 29.38 -38.45
CA CYS E 10 -24.57 28.94 -37.40
C CYS E 10 -24.81 27.44 -37.18
N SER E 11 -24.91 26.68 -38.29
CA SER E 11 -25.19 25.25 -38.13
C SER E 11 -24.30 24.42 -39.04
N THR E 12 -24.28 23.10 -38.82
CA THR E 12 -23.45 22.22 -39.65
C THR E 12 -24.20 21.00 -40.15
N ILE E 13 -24.03 20.67 -41.42
CA ILE E 13 -24.47 19.41 -41.99
C ILE E 13 -23.32 18.48 -42.34
N THR E 14 -23.46 17.22 -41.94
CA THR E 14 -22.46 16.19 -42.21
C THR E 14 -23.12 15.05 -42.99
N GLU E 15 -22.73 14.88 -44.25
CA GLU E 15 -23.39 13.94 -45.15
C GLU E 15 -22.42 12.82 -45.49
N GLY E 16 -22.96 11.81 -46.15
CA GLY E 16 -22.20 10.67 -46.60
C GLY E 16 -22.52 9.40 -45.83
N TYR E 17 -23.42 9.49 -44.87
CA TYR E 17 -23.88 8.34 -44.11
C TYR E 17 -24.86 7.48 -44.92
N LEU E 18 -24.95 6.21 -44.54
CA LEU E 18 -25.86 5.25 -45.12
C LEU E 18 -26.71 4.70 -44.01
N SER E 19 -27.99 4.49 -44.29
CA SER E 19 -29.00 4.16 -43.29
C SER E 19 -29.00 2.66 -43.01
N VAL E 20 -29.26 2.27 -41.78
CA VAL E 20 -29.56 0.88 -41.49
C VAL E 20 -30.74 0.98 -40.53
N LEU E 21 -31.94 0.71 -41.03
CA LEU E 21 -33.14 0.91 -40.24
C LEU E 21 -33.84 -0.41 -39.95
N ARG E 22 -34.22 -0.61 -38.70
CA ARG E 22 -34.94 -1.84 -38.33
C ARG E 22 -36.40 -1.77 -38.75
N THR E 23 -36.84 -2.81 -39.47
CA THR E 23 -38.18 -2.93 -40.00
C THR E 23 -38.99 -4.06 -39.41
N GLY E 24 -38.39 -4.96 -38.66
CA GLY E 24 -39.17 -6.02 -38.05
C GLY E 24 -38.36 -6.79 -37.04
N TRP E 25 -38.99 -7.83 -36.51
CA TRP E 25 -38.35 -8.74 -35.57
C TRP E 25 -38.43 -10.17 -36.07
N TYR E 26 -37.32 -10.88 -35.99
CA TYR E 26 -37.25 -12.29 -36.35
C TYR E 26 -36.86 -13.04 -35.07
N THR E 27 -37.58 -14.09 -34.70
CA THR E 27 -37.34 -14.74 -33.42
C THR E 27 -37.05 -16.23 -33.64
N ASN E 28 -35.99 -16.73 -33.01
CA ASN E 28 -35.65 -18.16 -32.93
C ASN E 28 -35.85 -18.66 -31.51
N VAL E 29 -36.29 -19.91 -31.35
CA VAL E 29 -36.47 -20.50 -30.02
C VAL E 29 -35.48 -21.62 -29.79
N PHE E 30 -34.83 -21.57 -28.62
CA PHE E 30 -33.81 -22.52 -28.17
C PHE E 30 -34.29 -23.31 -26.98
N THR E 31 -33.90 -24.58 -26.94
CA THR E 31 -34.11 -25.47 -25.81
C THR E 31 -32.77 -26.10 -25.44
N LEU E 32 -32.21 -25.75 -24.31
CA LEU E 32 -30.91 -26.29 -23.92
C LEU E 32 -31.11 -27.36 -22.87
N GLU E 33 -30.53 -28.56 -23.05
CA GLU E 33 -30.70 -29.55 -21.98
C GLU E 33 -29.37 -29.86 -21.34
N VAL E 34 -29.41 -30.18 -20.05
CA VAL E 34 -28.21 -30.64 -19.36
C VAL E 34 -27.89 -32.06 -19.77
N GLY E 35 -26.61 -32.36 -19.91
CA GLY E 35 -26.26 -33.72 -20.23
C GLY E 35 -26.57 -34.67 -19.09
N ASP E 36 -26.67 -35.95 -19.46
CA ASP E 36 -26.87 -37.00 -18.46
C ASP E 36 -25.60 -37.10 -17.64
N VAL E 37 -25.75 -37.39 -16.34
CA VAL E 37 -24.60 -37.59 -15.47
C VAL E 37 -24.76 -38.90 -14.73
N GLU E 38 -23.71 -39.73 -14.78
CA GLU E 38 -23.72 -41.03 -14.14
C GLU E 38 -23.76 -40.83 -12.64
N ASN E 39 -24.36 -41.77 -11.92
CA ASN E 39 -24.34 -41.66 -10.46
C ASN E 39 -22.99 -42.10 -9.96
N LEU E 40 -22.31 -41.24 -9.23
CA LEU E 40 -21.00 -41.55 -8.67
C LEU E 40 -21.22 -42.17 -7.30
N THR E 41 -21.28 -43.48 -7.25
CA THR E 41 -21.64 -44.19 -6.04
C THR E 41 -20.42 -44.63 -5.25
N CYS E 42 -19.23 -44.15 -5.60
CA CYS E 42 -18.03 -44.56 -4.87
C CYS E 42 -17.64 -43.68 -3.69
N THR E 43 -18.15 -42.45 -3.58
CA THR E 43 -17.61 -41.59 -2.54
C THR E 43 -18.11 -42.00 -1.17
N ASP E 44 -17.42 -41.55 -0.13
CA ASP E 44 -18.02 -41.48 1.20
C ASP E 44 -18.69 -40.12 1.38
N GLY E 45 -20.01 -40.15 1.52
CA GLY E 45 -20.87 -39.05 1.88
C GLY E 45 -21.12 -38.14 0.68
N PRO E 46 -20.84 -36.85 0.86
CA PRO E 46 -21.12 -35.88 -0.21
C PRO E 46 -20.19 -36.05 -1.42
N SER E 47 -20.76 -36.26 -2.60
CA SER E 47 -19.86 -36.31 -3.75
C SER E 47 -19.79 -34.90 -4.35
N LEU E 48 -18.70 -34.60 -5.05
CA LEU E 48 -18.58 -33.27 -5.64
C LEU E 48 -19.51 -33.08 -6.82
N ILE E 49 -19.77 -34.14 -7.56
CA ILE E 49 -20.65 -33.97 -8.69
C ILE E 49 -22.09 -34.01 -8.26
N LYS E 50 -22.44 -34.80 -7.23
CA LYS E 50 -23.82 -34.81 -6.78
C LYS E 50 -24.24 -33.45 -6.27
N THR E 51 -23.32 -32.77 -5.54
CA THR E 51 -23.65 -31.44 -5.04
C THR E 51 -23.56 -30.40 -6.14
N GLU E 52 -22.79 -30.66 -7.20
CA GLU E 52 -22.79 -29.69 -8.30
C GLU E 52 -24.09 -29.81 -9.06
N LEU E 53 -24.64 -31.02 -9.09
CA LEU E 53 -25.90 -31.18 -9.80
C LEU E 53 -27.01 -30.54 -8.99
N ASP E 54 -27.09 -30.82 -7.68
CA ASP E 54 -28.18 -30.15 -6.96
C ASP E 54 -27.97 -28.63 -6.82
N LEU E 55 -26.77 -28.15 -7.13
CA LEU E 55 -26.52 -26.71 -7.20
C LEU E 55 -27.10 -26.14 -8.49
N THR E 56 -26.91 -26.87 -9.60
CA THR E 56 -27.49 -26.45 -10.87
C THR E 56 -29.02 -26.66 -10.85
N LYS E 57 -29.48 -27.65 -10.06
CA LYS E 57 -30.90 -27.88 -9.87
C LYS E 57 -31.53 -26.71 -9.14
N SER E 58 -30.82 -26.16 -8.16
CA SER E 58 -31.39 -25.04 -7.41
C SER E 58 -31.35 -23.79 -8.26
N ALA E 59 -30.29 -23.63 -9.04
CA ALA E 59 -30.20 -22.48 -9.91
C ALA E 59 -31.35 -22.47 -10.91
N LEU E 60 -31.78 -23.66 -11.34
CA LEU E 60 -32.87 -23.74 -12.29
C LEU E 60 -34.21 -23.48 -11.62
N ARG E 61 -34.36 -23.92 -10.37
CA ARG E 61 -35.61 -23.67 -9.64
C ARG E 61 -35.80 -22.18 -9.46
N GLU E 62 -34.69 -21.46 -9.22
CA GLU E 62 -34.78 -20.01 -9.04
C GLU E 62 -34.98 -19.33 -10.39
N LEU E 63 -34.29 -19.83 -11.44
CA LEU E 63 -34.47 -19.26 -12.77
C LEU E 63 -35.92 -19.41 -13.24
N LYS E 64 -36.57 -20.51 -12.87
CA LYS E 64 -37.95 -20.67 -13.28
C LYS E 64 -38.78 -19.49 -12.82
N THR E 65 -38.42 -18.90 -11.67
CA THR E 65 -39.30 -17.87 -11.14
C THR E 65 -39.34 -16.62 -12.04
N VAL E 66 -38.42 -16.48 -12.99
CA VAL E 66 -38.38 -15.28 -13.82
C VAL E 66 -38.68 -15.60 -15.28
N SER E 67 -39.22 -16.79 -15.50
CA SER E 67 -39.60 -17.21 -16.85
C SER E 67 -40.70 -16.31 -17.46
N ALA E 68 -40.72 -16.26 -18.79
CA ALA E 68 -41.63 -15.39 -19.54
C ALA E 68 -43.07 -15.85 -19.41
N ASP E 69 -43.31 -17.16 -19.52
CA ASP E 69 -44.66 -17.67 -19.37
C ASP E 69 -44.88 -17.98 -17.91
N GLN E 70 -46.09 -17.67 -17.46
CA GLN E 70 -46.50 -17.79 -16.07
C GLN E 70 -46.54 -19.25 -15.64
N LEU F 19 39.61 -97.32 14.72
CA LEU F 19 39.68 -96.19 13.76
C LEU F 19 38.27 -95.75 13.43
N GLU F 20 37.26 -96.26 14.12
CA GLU F 20 35.89 -95.84 13.78
C GLU F 20 35.40 -94.77 14.74
N SER F 21 36.35 -93.99 15.27
CA SER F 21 35.95 -92.79 16.04
C SER F 21 35.50 -91.81 14.97
N GLU F 22 36.25 -91.81 13.85
CA GLU F 22 35.97 -91.10 12.57
C GLU F 22 34.47 -91.00 12.40
N VAL F 23 33.78 -92.15 12.33
CA VAL F 23 32.30 -92.21 12.23
C VAL F 23 31.66 -91.26 13.24
N ASN F 24 32.04 -91.35 14.50
CA ASN F 24 31.44 -90.44 15.52
C ASN F 24 31.68 -88.98 15.10
N ALA F 25 32.91 -88.62 14.71
CA ALA F 25 33.15 -87.25 14.25
C ALA F 25 32.18 -86.85 13.14
N ILE F 26 31.95 -87.77 12.18
CA ILE F 26 30.97 -87.50 11.11
C ILE F 26 29.58 -87.35 11.73
N LYS F 27 29.26 -88.17 12.74
CA LYS F 27 27.97 -88.03 13.45
C LYS F 27 27.78 -86.65 14.06
N GLY F 28 28.71 -86.22 14.91
CA GLY F 28 28.62 -84.87 15.44
C GLY F 28 28.46 -83.85 14.34
N ALA F 29 29.19 -84.05 13.24
CA ALA F 29 29.12 -83.12 12.12
C ALA F 29 27.71 -83.08 11.50
N LEU F 30 27.12 -84.26 11.24
CA LEU F 30 25.77 -84.27 10.66
C LEU F 30 24.72 -83.68 11.59
N LYS F 31 24.83 -83.94 12.89
CA LYS F 31 23.88 -83.34 13.81
C LYS F 31 24.00 -81.81 13.81
N THR F 32 25.24 -81.29 13.81
CA THR F 32 25.45 -79.84 13.71
C THR F 32 24.85 -79.30 12.41
N THR F 33 25.06 -80.03 11.31
CA THR F 33 24.37 -79.76 10.06
C THR F 33 22.85 -79.68 10.19
N ASN F 34 22.21 -80.69 10.80
CA ASN F 34 20.75 -80.62 10.89
C ASN F 34 20.29 -79.51 11.82
N GLU F 35 21.19 -79.01 12.67
CA GLU F 35 20.87 -77.82 13.45
C GLU F 35 20.93 -76.59 12.55
N ALA F 36 21.87 -76.61 11.60
CA ALA F 36 21.97 -75.52 10.63
C ALA F 36 20.79 -75.52 9.65
N VAL F 37 20.34 -76.70 9.21
CA VAL F 37 19.18 -76.73 8.33
C VAL F 37 17.96 -76.19 9.07
N SER F 38 17.79 -76.58 10.35
CA SER F 38 16.68 -76.04 11.13
C SER F 38 16.79 -74.53 11.29
N THR F 39 18.01 -74.04 11.42
CA THR F 39 18.19 -72.62 11.64
C THR F 39 17.80 -71.84 10.39
N LEU F 40 18.32 -72.25 9.24
CA LEU F 40 17.90 -71.60 8.02
C LEU F 40 16.39 -71.78 7.81
N GLY F 41 15.84 -72.92 8.23
CA GLY F 41 14.40 -73.14 8.11
C GLY F 41 13.56 -72.18 8.92
N ASN F 42 13.93 -71.98 10.21
CA ASN F 42 13.22 -71.02 11.07
C ASN F 42 13.45 -69.59 10.58
N GLY F 43 14.50 -69.41 9.77
CA GLY F 43 14.74 -68.14 9.11
C GLY F 43 13.75 -67.95 7.97
N VAL F 44 13.59 -69.00 7.17
CA VAL F 44 12.65 -68.95 6.05
C VAL F 44 11.27 -68.70 6.59
N ARG F 45 10.94 -69.34 7.72
CA ARG F 45 9.64 -69.14 8.36
C ARG F 45 9.41 -67.69 8.77
N VAL F 46 10.41 -67.07 9.44
CA VAL F 46 10.26 -65.67 9.82
C VAL F 46 10.14 -64.77 8.58
N LEU F 47 10.87 -65.09 7.51
CA LEU F 47 10.71 -64.31 6.28
C LEU F 47 9.34 -64.50 5.66
N ALA F 48 8.78 -65.71 5.73
CA ALA F 48 7.46 -65.96 5.18
C ALA F 48 6.38 -65.18 5.93
N THR F 49 6.43 -65.16 7.27
CA THR F 49 5.44 -64.36 8.00
C THR F 49 5.62 -62.85 7.72
N ALA F 50 6.87 -62.41 7.52
CA ALA F 50 7.11 -61.01 7.19
C ALA F 50 6.51 -60.69 5.83
N VAL F 51 6.76 -61.56 4.85
CA VAL F 51 6.19 -61.39 3.52
C VAL F 51 4.67 -61.45 3.59
N ARG F 52 4.10 -62.24 4.50
CA ARG F 52 2.64 -62.24 4.61
C ARG F 52 2.12 -60.87 5.04
N GLU F 53 2.77 -60.24 6.03
CA GLU F 53 2.23 -58.92 6.39
C GLU F 53 2.48 -57.91 5.27
N LEU F 54 3.56 -58.05 4.51
CA LEU F 54 3.77 -57.10 3.41
C LEU F 54 2.70 -57.28 2.32
N LYS F 55 2.35 -58.53 2.02
CA LYS F 55 1.27 -58.78 1.07
C LYS F 55 -0.07 -58.27 1.58
N GLU F 56 -0.31 -58.31 2.88
CA GLU F 56 -1.60 -57.80 3.30
C GLU F 56 -1.59 -56.30 3.66
N PHE F 57 -0.43 -55.69 3.83
CA PHE F 57 -0.35 -54.23 3.83
C PHE F 57 -0.60 -53.64 2.46
N VAL F 58 0.04 -54.21 1.42
CA VAL F 58 -0.18 -53.69 0.08
C VAL F 58 -1.60 -54.01 -0.36
N SER F 59 -2.02 -55.25 -0.15
CA SER F 59 -3.35 -55.67 -0.60
C SER F 59 -4.45 -54.85 0.09
N LYS F 60 -4.35 -54.62 1.40
CA LYS F 60 -5.44 -53.93 2.06
C LYS F 60 -5.18 -52.42 2.22
N ASN F 61 -4.26 -52.02 3.10
CA ASN F 61 -4.13 -50.60 3.45
C ASN F 61 -3.69 -49.75 2.26
N LEU F 62 -2.99 -50.34 1.31
CA LEU F 62 -2.42 -49.60 0.18
C LEU F 62 -3.40 -49.53 -0.98
N THR F 63 -3.98 -50.67 -1.37
CA THR F 63 -4.98 -50.68 -2.45
C THR F 63 -6.20 -49.84 -2.09
N SER F 64 -6.67 -49.94 -0.85
CA SER F 64 -7.86 -49.17 -0.51
C SER F 64 -7.56 -47.68 -0.55
N ALA F 65 -6.36 -47.28 -0.14
CA ALA F 65 -5.99 -45.86 -0.21
C ALA F 65 -5.90 -45.39 -1.66
N ILE F 66 -5.44 -46.28 -2.54
CA ILE F 66 -5.34 -45.92 -3.96
C ILE F 66 -6.73 -45.79 -4.56
N ASN F 67 -7.59 -46.79 -4.34
CA ASN F 67 -8.97 -46.70 -4.81
C ASN F 67 -9.75 -45.55 -4.20
N LYS F 68 -9.41 -45.12 -2.98
CA LYS F 68 -10.06 -43.92 -2.48
C LYS F 68 -9.66 -42.74 -3.36
N ASN F 69 -8.35 -42.60 -3.58
CA ASN F 69 -7.88 -41.50 -4.44
C ASN F 69 -8.38 -41.66 -5.87
N LYS F 70 -8.59 -42.89 -6.33
CA LYS F 70 -9.08 -43.12 -7.68
C LYS F 70 -10.52 -42.61 -7.76
N CYS F 71 -11.21 -42.70 -6.63
CA CYS F 71 -12.61 -42.30 -6.49
C CYS F 71 -12.77 -40.80 -6.44
N ASP F 72 -11.99 -40.15 -5.59
CA ASP F 72 -12.00 -38.70 -5.54
C ASP F 72 -11.57 -38.10 -6.87
N ILE F 73 -10.52 -38.67 -7.49
CA ILE F 73 -10.07 -38.24 -8.80
C ILE F 73 -11.24 -38.26 -9.78
N ALA F 74 -11.96 -39.37 -9.80
CA ALA F 74 -13.06 -39.52 -10.74
C ALA F 74 -14.19 -38.56 -10.42
N ASP F 75 -14.41 -38.27 -9.12
CA ASP F 75 -15.40 -37.28 -8.71
C ASP F 75 -15.01 -35.93 -9.30
N LEU F 76 -13.77 -35.52 -9.09
CA LEU F 76 -13.36 -34.22 -9.55
C LEU F 76 -13.38 -34.18 -11.07
N LYS F 77 -12.98 -35.28 -11.71
CA LYS F 77 -13.02 -35.35 -13.17
C LYS F 77 -14.44 -35.17 -13.67
N MET F 78 -15.41 -35.76 -12.96
CA MET F 78 -16.79 -35.64 -13.38
C MET F 78 -17.27 -34.20 -13.22
N ALA F 79 -16.93 -33.56 -12.10
CA ALA F 79 -17.31 -32.17 -11.85
C ALA F 79 -16.78 -31.24 -12.93
N VAL F 80 -15.48 -31.32 -13.20
CA VAL F 80 -14.91 -30.45 -14.22
C VAL F 80 -15.45 -30.81 -15.61
N SER F 81 -15.58 -32.11 -15.92
CA SER F 81 -16.18 -32.46 -17.19
C SER F 81 -17.59 -31.94 -17.28
N PHE F 82 -18.33 -31.95 -16.18
CA PHE F 82 -19.70 -31.48 -16.20
C PHE F 82 -19.71 -30.02 -16.61
N SER F 83 -18.82 -29.23 -16.00
CA SER F 83 -18.73 -27.81 -16.36
C SER F 83 -18.30 -27.64 -17.81
N GLN F 84 -17.55 -28.59 -18.35
CA GLN F 84 -17.12 -28.45 -19.75
C GLN F 84 -18.24 -28.81 -20.71
N PHE F 85 -18.82 -30.00 -20.57
CA PHE F 85 -19.83 -30.49 -21.50
C PHE F 85 -21.11 -29.68 -21.44
N ASN F 86 -21.28 -28.84 -20.45
CA ASN F 86 -22.51 -28.08 -20.35
C ASN F 86 -22.22 -26.59 -20.26
N ARG F 87 -21.13 -26.15 -20.88
CA ARG F 87 -20.81 -24.73 -20.82
C ARG F 87 -21.96 -23.90 -21.34
N ARG F 88 -22.46 -24.20 -22.54
CA ARG F 88 -23.47 -23.34 -23.15
C ARG F 88 -24.66 -23.24 -22.21
N PHE F 89 -25.13 -24.38 -21.73
CA PHE F 89 -26.25 -24.41 -20.81
C PHE F 89 -25.95 -23.58 -19.56
N LEU F 90 -24.77 -23.80 -18.95
CA LEU F 90 -24.55 -23.13 -17.68
C LEU F 90 -24.39 -21.62 -17.83
N ASN F 91 -23.79 -21.20 -18.95
CA ASN F 91 -23.61 -19.79 -19.26
C ASN F 91 -24.93 -19.10 -19.56
N VAL F 92 -25.80 -19.76 -20.30
CA VAL F 92 -27.09 -19.16 -20.58
C VAL F 92 -27.88 -18.99 -19.30
N VAL F 93 -27.83 -19.99 -18.42
CA VAL F 93 -28.52 -19.87 -17.13
C VAL F 93 -27.95 -18.73 -16.31
N ARG F 94 -26.63 -18.57 -16.36
CA ARG F 94 -25.98 -17.53 -15.59
C ARG F 94 -26.49 -16.18 -16.05
N GLN F 95 -26.52 -15.95 -17.36
CA GLN F 95 -26.89 -14.62 -17.84
C GLN F 95 -28.33 -14.29 -17.47
N PHE F 96 -29.23 -15.27 -17.67
CA PHE F 96 -30.62 -15.01 -17.30
C PHE F 96 -30.79 -14.84 -15.78
N SER F 97 -29.81 -15.31 -14.98
CA SER F 97 -29.92 -15.11 -13.54
C SER F 97 -29.42 -13.73 -13.21
N ASP F 98 -28.40 -13.25 -13.91
CA ASP F 98 -27.87 -11.94 -13.54
C ASP F 98 -28.87 -10.85 -13.91
N ASN F 99 -29.71 -11.07 -14.92
CA ASN F 99 -30.67 -10.06 -15.32
C ASN F 99 -32.13 -10.42 -15.16
N ALA F 100 -32.44 -11.53 -14.51
CA ALA F 100 -33.84 -11.88 -14.27
C ALA F 100 -34.70 -11.94 -15.55
N GLY F 101 -34.29 -12.82 -16.47
CA GLY F 101 -35.08 -13.23 -17.61
C GLY F 101 -34.83 -12.58 -18.96
N ILE F 102 -34.12 -11.44 -19.03
CA ILE F 102 -33.94 -10.68 -20.26
C ILE F 102 -32.47 -10.33 -20.42
N THR F 103 -32.01 -10.15 -21.67
CA THR F 103 -30.62 -9.84 -21.95
C THR F 103 -30.45 -8.60 -22.82
N PRO F 104 -29.58 -7.66 -22.42
CA PRO F 104 -29.32 -6.45 -23.24
C PRO F 104 -28.96 -6.70 -24.72
N ALA F 105 -28.33 -7.82 -25.01
CA ALA F 105 -27.90 -8.14 -26.37
C ALA F 105 -28.05 -9.64 -26.55
N ILE F 106 -27.90 -10.12 -27.80
CA ILE F 106 -27.89 -11.57 -28.07
C ILE F 106 -26.47 -12.10 -27.92
N SER F 107 -26.14 -12.54 -26.71
CA SER F 107 -24.79 -12.98 -26.41
C SER F 107 -24.39 -14.19 -27.26
N LEU F 108 -23.09 -14.46 -27.25
CA LEU F 108 -22.56 -15.60 -27.97
C LEU F 108 -23.04 -16.91 -27.41
N ASP F 109 -23.33 -16.94 -26.12
CA ASP F 109 -23.79 -18.19 -25.56
C ASP F 109 -25.25 -18.43 -25.89
N LEU F 110 -26.04 -17.36 -26.04
CA LEU F 110 -27.47 -17.52 -26.34
C LEU F 110 -27.67 -18.07 -27.73
N MET F 111 -26.84 -17.62 -28.68
CA MET F 111 -26.95 -18.01 -30.07
C MET F 111 -25.59 -17.87 -30.73
N THR F 112 -25.06 -18.99 -31.21
CA THR F 112 -23.71 -19.05 -31.74
C THR F 112 -23.63 -18.31 -33.08
N ASP F 113 -22.38 -18.04 -33.51
CA ASP F 113 -22.26 -17.26 -34.73
C ASP F 113 -22.82 -18.00 -35.90
N ALA F 114 -22.60 -19.30 -35.93
CA ALA F 114 -23.15 -20.12 -37.00
C ALA F 114 -24.67 -19.97 -37.05
N GLU F 115 -25.30 -20.06 -35.88
CA GLU F 115 -26.74 -19.96 -35.78
C GLU F 115 -27.19 -18.58 -36.20
N LEU F 116 -26.44 -17.56 -35.82
CA LEU F 116 -26.84 -16.21 -36.16
C LEU F 116 -26.88 -16.08 -37.67
N ALA F 117 -25.83 -16.56 -38.34
CA ALA F 117 -25.79 -16.45 -39.77
C ALA F 117 -26.91 -17.29 -40.41
N ARG F 118 -27.26 -18.46 -39.83
CA ARG F 118 -28.29 -19.25 -40.48
C ARG F 118 -29.65 -18.58 -40.38
N ALA F 119 -29.93 -17.95 -39.24
CA ALA F 119 -31.21 -17.27 -39.08
C ALA F 119 -31.24 -16.04 -39.96
N VAL F 120 -30.17 -15.25 -39.95
CA VAL F 120 -30.21 -14.06 -40.76
C VAL F 120 -30.33 -14.41 -42.24
N SER F 121 -29.72 -15.50 -42.69
CA SER F 121 -29.90 -15.84 -44.10
C SER F 121 -31.33 -16.25 -44.42
N TYR F 122 -32.13 -16.60 -43.41
CA TYR F 122 -33.53 -16.91 -43.56
C TYR F 122 -34.46 -15.71 -43.42
N MET F 123 -33.93 -14.53 -43.10
CA MET F 123 -34.81 -13.42 -42.81
C MET F 123 -35.61 -13.04 -44.04
N PRO F 124 -36.81 -12.55 -43.87
CA PRO F 124 -37.67 -12.14 -45.00
C PRO F 124 -37.35 -10.79 -45.62
N THR F 125 -36.19 -10.69 -46.27
CA THR F 125 -35.77 -9.49 -47.00
C THR F 125 -34.86 -9.85 -48.18
N SER F 126 -34.41 -8.79 -48.86
CA SER F 126 -33.66 -8.90 -50.09
C SER F 126 -32.22 -9.34 -49.80
N ALA F 127 -31.55 -9.79 -50.85
CA ALA F 127 -30.22 -10.39 -50.71
C ALA F 127 -29.20 -9.41 -50.11
N GLY F 128 -29.26 -8.14 -50.49
CA GLY F 128 -28.28 -7.18 -50.00
C GLY F 128 -28.47 -6.78 -48.54
N GLN F 129 -29.70 -6.82 -48.05
CA GLN F 129 -29.93 -6.44 -46.67
C GLN F 129 -29.54 -7.59 -45.78
N ILE F 130 -29.80 -8.79 -46.27
CA ILE F 130 -29.36 -9.96 -45.56
C ILE F 130 -27.85 -9.89 -45.43
N LYS F 131 -27.19 -9.51 -46.53
CA LYS F 131 -25.73 -9.36 -46.52
C LYS F 131 -25.26 -8.36 -45.49
N LEU F 132 -25.89 -7.18 -45.43
CA LEU F 132 -25.43 -6.14 -44.51
C LEU F 132 -25.57 -6.54 -43.06
N MET F 133 -26.66 -7.23 -42.72
CA MET F 133 -26.81 -7.73 -41.36
C MET F 133 -25.73 -8.73 -41.08
N LEU F 134 -25.47 -9.58 -42.09
CA LEU F 134 -24.43 -10.60 -42.02
C LEU F 134 -23.06 -9.95 -41.74
N GLU F 135 -22.85 -8.74 -42.25
CA GLU F 135 -21.59 -8.03 -42.07
C GLU F 135 -21.45 -7.37 -40.71
N ASN F 136 -22.56 -6.98 -40.08
CA ASN F 136 -22.59 -6.31 -38.78
C ASN F 136 -23.19 -7.17 -37.68
N ARG F 137 -22.86 -8.47 -37.62
CA ARG F 137 -23.55 -9.32 -36.66
C ARG F 137 -23.40 -8.82 -35.24
N ALA F 138 -22.38 -8.01 -34.97
CA ALA F 138 -22.29 -7.36 -33.67
C ALA F 138 -23.52 -6.51 -33.42
N MET F 139 -23.87 -5.68 -34.39
CA MET F 139 -25.05 -4.84 -34.26
C MET F 139 -26.32 -5.69 -34.17
N VAL F 140 -26.43 -6.73 -34.98
CA VAL F 140 -27.60 -7.60 -34.86
C VAL F 140 -27.74 -8.11 -33.45
N ARG F 141 -26.62 -8.51 -32.85
CA ARG F 141 -26.68 -9.01 -31.49
C ARG F 141 -27.07 -7.94 -30.50
N ARG F 142 -26.50 -6.73 -30.64
CA ARG F 142 -26.79 -5.73 -29.61
C ARG F 142 -28.18 -5.11 -29.74
N LYS F 143 -28.63 -4.91 -30.98
CA LYS F 143 -29.94 -4.35 -31.20
C LYS F 143 -31.03 -5.39 -31.00
N GLY F 144 -30.66 -6.67 -30.86
CA GLY F 144 -31.61 -7.71 -30.50
C GLY F 144 -31.53 -8.00 -29.02
N PHE F 145 -32.23 -9.07 -28.60
CA PHE F 145 -32.15 -9.49 -27.19
C PHE F 145 -32.73 -10.87 -26.98
N GLY F 146 -32.59 -11.38 -25.76
CA GLY F 146 -33.04 -12.71 -25.44
C GLY F 146 -33.95 -12.72 -24.23
N ILE F 147 -34.99 -13.56 -24.29
CA ILE F 147 -36.01 -13.64 -23.27
C ILE F 147 -36.14 -15.06 -22.75
N LEU F 148 -36.03 -15.23 -21.45
CA LEU F 148 -36.26 -16.53 -20.82
C LEU F 148 -37.72 -16.89 -20.86
N ILE F 149 -38.10 -17.95 -21.58
CA ILE F 149 -39.49 -18.40 -21.69
C ILE F 149 -39.93 -19.25 -20.48
N GLY F 150 -39.15 -20.26 -20.10
CA GLY F 150 -39.51 -21.13 -18.96
C GLY F 150 -38.41 -22.14 -18.69
N VAL F 151 -38.38 -22.63 -17.43
CA VAL F 151 -37.56 -23.77 -17.00
C VAL F 151 -38.40 -25.01 -16.81
N TYR F 152 -38.24 -25.99 -17.66
CA TYR F 152 -39.02 -27.21 -17.49
C TYR F 152 -38.12 -28.38 -17.13
N GLY F 153 -38.21 -28.81 -15.88
CA GLY F 153 -37.36 -29.85 -15.38
C GLY F 153 -35.91 -29.49 -15.42
N SER F 154 -35.17 -30.13 -16.33
CA SER F 154 -33.76 -29.86 -16.47
C SER F 154 -33.44 -29.16 -17.79
N SER F 155 -34.47 -28.72 -18.52
CA SER F 155 -34.34 -28.00 -19.80
C SER F 155 -34.63 -26.53 -19.50
N VAL F 156 -33.89 -25.62 -20.08
CA VAL F 156 -34.19 -24.20 -20.02
C VAL F 156 -34.65 -23.77 -21.40
N ILE F 157 -35.83 -23.17 -21.54
CA ILE F 157 -36.30 -22.75 -22.87
C ILE F 157 -36.37 -21.22 -22.99
N TYR F 158 -35.71 -20.68 -24.04
CA TYR F 158 -35.67 -19.23 -24.27
C TYR F 158 -35.79 -18.83 -25.73
N MET F 159 -36.10 -17.54 -25.93
CA MET F 159 -36.29 -16.98 -27.25
C MET F 159 -35.38 -15.81 -27.53
N VAL F 160 -34.71 -15.82 -28.71
CA VAL F 160 -33.93 -14.69 -29.20
C VAL F 160 -34.70 -13.92 -30.26
N GLN F 161 -34.60 -12.60 -30.18
CA GLN F 161 -35.29 -11.65 -31.05
C GLN F 161 -34.22 -10.86 -31.78
N LEU F 162 -34.16 -11.02 -33.10
CA LEU F 162 -33.12 -10.43 -33.91
C LEU F 162 -33.70 -9.25 -34.68
N PRO F 163 -32.99 -8.15 -34.80
CA PRO F 163 -33.48 -7.03 -35.62
C PRO F 163 -33.54 -7.40 -37.08
N ILE F 164 -34.58 -6.95 -37.77
CA ILE F 164 -34.61 -7.10 -39.22
C ILE F 164 -34.34 -5.72 -39.81
N PHE F 165 -33.13 -5.55 -40.36
CA PHE F 165 -32.71 -4.31 -40.99
C PHE F 165 -33.15 -4.34 -42.44
N GLY F 166 -34.39 -3.97 -42.69
CA GLY F 166 -34.91 -4.07 -44.04
C GLY F 166 -34.67 -2.93 -45.01
N VAL F 167 -34.49 -1.74 -44.44
CA VAL F 167 -34.19 -0.51 -45.16
C VAL F 167 -32.72 -0.20 -44.92
N ILE F 168 -31.92 -0.19 -45.99
CA ILE F 168 -30.47 0.04 -45.88
C ILE F 168 -30.00 0.99 -46.99
N ASP F 169 -28.85 1.61 -46.76
CA ASP F 169 -28.18 2.42 -47.78
C ASP F 169 -28.97 3.62 -48.25
N THR F 170 -29.70 4.28 -47.34
CA THR F 170 -30.21 5.49 -47.96
C THR F 170 -29.43 6.69 -47.42
N PRO F 171 -29.31 7.79 -48.18
CA PRO F 171 -28.47 8.92 -47.73
C PRO F 171 -28.85 9.38 -46.34
N CYS F 172 -27.85 9.68 -45.50
CA CYS F 172 -28.18 10.04 -44.12
C CYS F 172 -27.23 11.14 -43.67
N TRP F 173 -27.72 12.03 -42.80
CA TRP F 173 -26.89 13.11 -42.31
C TRP F 173 -27.33 13.62 -40.94
N ILE F 174 -26.42 14.36 -40.27
CA ILE F 174 -26.73 14.89 -38.95
C ILE F 174 -26.41 16.39 -38.89
N ILE F 175 -27.41 17.20 -38.54
CA ILE F 175 -27.28 18.65 -38.36
C ILE F 175 -27.11 18.97 -36.87
N LYS F 176 -26.00 19.64 -36.55
CA LYS F 176 -25.66 20.26 -35.28
C LYS F 176 -25.75 21.78 -35.45
N ALA F 177 -26.07 22.50 -34.37
CA ALA F 177 -26.20 23.96 -34.43
C ALA F 177 -25.85 24.62 -33.10
N ALA F 178 -25.49 25.91 -33.20
CA ALA F 178 -25.25 26.77 -32.05
C ALA F 178 -26.03 28.06 -32.14
N PRO F 179 -26.15 28.79 -31.01
CA PRO F 179 -26.82 30.10 -30.96
C PRO F 179 -26.16 31.20 -31.79
N SER F 180 -26.93 31.82 -32.67
CA SER F 180 -26.48 32.97 -33.47
C SER F 180 -27.04 34.30 -32.94
N CYS F 181 -26.25 35.01 -32.11
CA CYS F 181 -26.71 36.25 -31.48
C CYS F 181 -26.22 37.46 -32.26
N SER F 182 -27.10 38.45 -32.44
CA SER F 182 -26.75 39.72 -33.07
C SER F 182 -26.95 40.85 -32.07
N GLU F 183 -26.11 41.88 -32.15
CA GLU F 183 -26.14 42.95 -31.15
C GLU F 183 -26.26 44.32 -31.82
N LYS F 184 -27.16 45.16 -31.29
CA LYS F 184 -27.21 46.58 -31.65
C LYS F 184 -27.34 47.39 -30.36
N ASP F 185 -26.18 47.84 -29.86
CA ASP F 185 -26.04 48.75 -28.72
C ASP F 185 -26.62 48.12 -27.45
N GLY F 186 -25.92 47.08 -26.98
CA GLY F 186 -26.26 46.34 -25.79
C GLY F 186 -27.56 45.55 -25.84
N ASN F 187 -28.16 45.37 -27.03
CA ASN F 187 -29.38 44.59 -27.17
C ASN F 187 -29.12 43.35 -28.03
N TYR F 188 -29.70 42.22 -27.63
CA TYR F 188 -29.41 40.94 -28.25
C TYR F 188 -30.64 40.32 -28.91
N ALA F 189 -30.48 39.86 -30.15
CA ALA F 189 -31.43 39.03 -30.91
C ALA F 189 -30.77 37.70 -31.24
N CYS F 190 -31.23 36.58 -30.69
CA CYS F 190 -30.50 35.31 -30.84
C CYS F 190 -31.37 34.27 -31.55
N LEU F 191 -30.93 33.81 -32.72
CA LEU F 191 -31.63 32.77 -33.52
C LEU F 191 -30.96 31.42 -33.24
N LEU F 192 -31.76 30.38 -33.03
CA LEU F 192 -31.22 29.04 -32.80
C LEU F 192 -32.00 27.98 -33.56
N ARG F 193 -31.36 27.25 -34.45
CA ARG F 193 -32.08 26.16 -35.11
C ARG F 193 -32.57 25.15 -34.08
N GLU F 194 -33.78 24.61 -34.29
CA GLU F 194 -34.34 23.54 -33.45
C GLU F 194 -34.50 22.27 -34.27
N ASP F 195 -33.87 22.25 -35.45
CA ASP F 195 -33.78 21.19 -36.44
C ASP F 195 -32.85 20.10 -36.01
N GLN F 196 -32.04 20.34 -34.97
CA GLN F 196 -30.86 19.54 -34.74
C GLN F 196 -31.18 18.07 -34.52
N GLY F 197 -30.34 17.23 -35.11
CA GLY F 197 -30.52 15.80 -35.01
C GLY F 197 -30.04 15.10 -36.27
N TRP F 198 -30.50 13.86 -36.41
CA TRP F 198 -30.21 12.92 -37.50
C TRP F 198 -31.33 12.92 -38.53
N TYR F 199 -31.02 12.91 -39.81
CA TYR F 199 -32.02 12.76 -40.87
C TYR F 199 -31.65 11.59 -41.76
N CYS F 200 -32.58 10.68 -41.97
CA CYS F 200 -32.33 9.56 -42.85
C CYS F 200 -33.42 9.50 -43.92
N LYS F 201 -32.97 9.51 -45.17
CA LYS F 201 -33.84 9.55 -46.34
C LYS F 201 -34.60 8.24 -46.49
N ASN F 202 -35.93 8.29 -46.69
CA ASN F 202 -36.72 7.08 -46.80
C ASN F 202 -37.76 7.22 -47.90
N ALA F 203 -38.44 6.11 -48.18
CA ALA F 203 -39.50 6.12 -49.17
C ALA F 203 -40.70 6.88 -48.62
N GLY F 204 -41.06 7.97 -49.31
CA GLY F 204 -42.23 8.76 -49.00
C GLY F 204 -42.05 9.74 -47.87
N SER F 205 -40.88 9.75 -47.24
CA SER F 205 -40.58 10.67 -46.16
C SER F 205 -39.09 10.63 -45.86
N THR F 206 -38.67 11.52 -44.95
CA THR F 206 -37.33 11.51 -44.37
C THR F 206 -37.52 11.43 -42.86
N VAL F 207 -36.78 10.55 -42.19
CA VAL F 207 -36.93 10.33 -40.74
C VAL F 207 -35.93 11.16 -39.95
N TYR F 208 -36.41 11.79 -38.91
CA TYR F 208 -35.68 12.73 -38.08
C TYR F 208 -35.56 12.15 -36.69
N TYR F 209 -34.35 12.06 -36.21
CA TYR F 209 -34.08 11.57 -34.87
C TYR F 209 -33.55 12.71 -34.04
N PRO F 210 -34.31 13.20 -33.06
CA PRO F 210 -33.97 14.48 -32.43
C PRO F 210 -32.67 14.48 -31.66
N ASN F 211 -32.29 13.38 -31.00
CA ASN F 211 -31.04 13.33 -30.25
C ASN F 211 -29.99 12.47 -30.92
N GLU F 212 -28.70 12.85 -30.70
CA GLU F 212 -27.57 12.13 -31.30
C GLU F 212 -27.44 10.73 -30.72
N LYS F 213 -27.83 10.54 -29.46
CA LYS F 213 -27.77 9.21 -28.87
C LYS F 213 -28.80 8.28 -29.50
N ASP F 214 -29.76 8.83 -30.24
CA ASP F 214 -30.85 8.06 -30.81
C ASP F 214 -30.38 7.22 -31.98
N CYS F 215 -29.19 7.49 -32.49
CA CYS F 215 -28.62 6.72 -33.60
C CYS F 215 -27.18 6.40 -33.25
N GLU F 216 -26.75 5.19 -33.62
CA GLU F 216 -25.42 4.69 -33.34
C GLU F 216 -24.62 4.65 -34.65
N THR F 217 -23.37 5.08 -34.58
CA THR F 217 -22.49 5.18 -35.74
C THR F 217 -21.52 4.01 -35.82
N ARG F 218 -21.54 3.29 -36.96
CA ARG F 218 -20.58 2.24 -37.28
C ARG F 218 -20.07 2.38 -38.72
N GLY F 219 -18.89 3.02 -38.87
CA GLY F 219 -18.37 3.31 -40.19
C GLY F 219 -19.26 4.34 -40.81
N ASP F 220 -19.55 4.17 -42.09
CA ASP F 220 -20.46 5.10 -42.72
C ASP F 220 -21.91 4.83 -42.34
N HIS F 221 -22.21 3.66 -41.72
CA HIS F 221 -23.59 3.26 -41.39
C HIS F 221 -24.10 3.80 -40.05
N VAL F 222 -25.37 4.15 -40.06
CA VAL F 222 -26.03 4.71 -38.91
C VAL F 222 -27.18 3.79 -38.57
N PHE F 223 -27.12 3.16 -37.41
CA PHE F 223 -28.16 2.26 -36.97
C PHE F 223 -29.08 3.09 -36.09
N CYS F 224 -30.38 2.89 -36.18
CA CYS F 224 -31.24 3.87 -35.51
C CYS F 224 -32.40 3.22 -34.81
N ASP F 225 -32.64 3.67 -33.57
CA ASP F 225 -33.75 3.15 -32.78
C ASP F 225 -35.03 3.65 -33.43
N THR F 226 -35.85 2.69 -33.85
CA THR F 226 -37.05 2.97 -34.64
C THR F 226 -38.06 3.83 -33.90
N ALA F 227 -38.25 3.58 -32.60
CA ALA F 227 -39.24 4.34 -31.81
C ALA F 227 -38.93 5.84 -31.78
N ALA F 228 -37.64 6.21 -31.72
CA ALA F 228 -37.22 7.61 -31.66
C ALA F 228 -37.53 8.39 -32.94
N GLY F 229 -37.61 7.70 -34.07
CA GLY F 229 -37.78 8.37 -35.36
C GLY F 229 -39.07 9.16 -35.47
N ILE F 230 -38.98 10.35 -36.07
CA ILE F 230 -40.12 11.19 -36.38
C ILE F 230 -40.14 11.45 -37.88
N ASN F 231 -41.23 11.08 -38.56
CA ASN F 231 -41.32 11.26 -40.01
C ASN F 231 -41.64 12.71 -40.31
N VAL F 232 -40.79 13.37 -41.11
CA VAL F 232 -41.01 14.77 -41.42
C VAL F 232 -41.09 14.94 -42.91
N ALA F 233 -41.72 16.03 -43.35
CA ALA F 233 -41.85 16.25 -44.78
C ALA F 233 -40.46 16.41 -45.41
N GLU F 234 -40.34 15.95 -46.67
CA GLU F 234 -39.07 16.00 -47.38
C GLU F 234 -38.55 17.41 -47.57
N GLN F 235 -39.45 18.38 -47.74
CA GLN F 235 -38.99 19.74 -47.96
C GLN F 235 -38.20 20.30 -46.79
N SER F 236 -38.19 19.64 -45.63
CA SER F 236 -37.46 20.23 -44.52
C SER F 236 -35.98 20.30 -44.86
N ARG F 237 -35.56 19.47 -45.84
CA ARG F 237 -34.19 19.52 -46.38
C ARG F 237 -33.78 20.95 -46.79
N GLU F 238 -34.70 21.71 -47.37
CA GLU F 238 -34.45 23.09 -47.79
C GLU F 238 -33.97 23.98 -46.67
N CYS F 239 -34.14 23.58 -45.40
CA CYS F 239 -33.65 24.44 -44.34
C CYS F 239 -32.13 24.53 -44.36
N ASN F 240 -31.47 23.61 -45.08
CA ASN F 240 -30.02 23.56 -45.19
C ASN F 240 -29.49 24.23 -46.45
N ILE F 241 -30.33 24.93 -47.23
CA ILE F 241 -29.86 25.79 -48.33
C ILE F 241 -30.17 27.25 -48.01
N ASN F 242 -31.43 27.56 -47.78
CA ASN F 242 -31.83 28.89 -47.36
C ASN F 242 -32.70 28.56 -46.15
N ILE F 243 -32.25 28.97 -44.96
CA ILE F 243 -33.03 28.76 -43.74
C ILE F 243 -34.26 29.63 -43.81
N SER F 244 -34.13 30.79 -44.42
CA SER F 244 -35.19 31.78 -44.48
C SER F 244 -36.08 31.40 -45.66
N THR F 245 -36.19 30.10 -45.91
CA THR F 245 -37.08 29.57 -46.94
C THR F 245 -38.54 29.66 -46.56
N THR F 246 -39.35 30.03 -47.54
CA THR F 246 -40.78 30.18 -47.40
C THR F 246 -41.55 28.89 -47.69
N ASN F 247 -40.87 27.89 -48.27
CA ASN F 247 -41.49 26.61 -48.61
C ASN F 247 -41.82 25.71 -47.41
N TYR F 248 -41.02 25.74 -46.35
CA TYR F 248 -41.19 24.93 -45.15
C TYR F 248 -41.15 25.68 -43.83
N PRO F 249 -42.01 25.32 -42.85
CA PRO F 249 -41.92 25.99 -41.54
C PRO F 249 -40.67 25.62 -40.74
N CYS F 250 -39.50 26.15 -41.16
CA CYS F 250 -38.20 25.82 -40.56
C CYS F 250 -38.21 26.17 -39.05
N LYS F 251 -37.91 25.17 -38.24
CA LYS F 251 -37.96 25.20 -36.76
C LYS F 251 -36.79 26.00 -36.20
N VAL F 252 -37.06 27.23 -35.75
CA VAL F 252 -36.05 28.14 -35.21
C VAL F 252 -36.61 28.94 -34.05
N SER F 253 -35.84 28.99 -32.95
CA SER F 253 -36.21 29.67 -31.71
C SER F 253 -35.45 30.98 -31.55
N THR F 254 -36.10 31.96 -30.91
CA THR F 254 -35.50 33.27 -30.69
C THR F 254 -35.26 33.51 -29.21
N GLY F 255 -34.22 34.26 -28.89
CA GLY F 255 -33.92 34.56 -27.51
C GLY F 255 -33.46 36.00 -27.39
N ARG F 256 -33.46 36.48 -26.16
CA ARG F 256 -33.06 37.86 -25.95
C ARG F 256 -31.70 37.96 -25.28
N HIS F 257 -31.09 36.82 -24.91
CA HIS F 257 -29.85 36.84 -24.15
C HIS F 257 -28.74 36.06 -24.82
N PRO F 258 -27.49 36.53 -24.73
CA PRO F 258 -26.39 35.82 -25.39
C PRO F 258 -25.97 34.57 -24.63
N ILE F 259 -25.68 33.50 -25.37
CA ILE F 259 -25.27 32.24 -24.78
C ILE F 259 -24.00 31.77 -25.45
N SER F 260 -22.91 31.74 -24.69
CA SER F 260 -21.62 31.31 -25.22
C SER F 260 -21.46 29.82 -24.93
N MET F 261 -21.17 29.02 -25.97
CA MET F 261 -21.19 27.56 -25.82
C MET F 261 -20.41 26.88 -26.93
N VAL F 262 -20.21 25.56 -26.76
CA VAL F 262 -19.56 24.68 -27.73
C VAL F 262 -20.48 23.54 -28.14
N ALA F 263 -20.66 23.36 -29.45
CA ALA F 263 -21.42 22.25 -30.01
C ALA F 263 -20.52 21.38 -30.87
N LEU F 264 -20.40 20.09 -30.55
CA LEU F 264 -19.46 19.25 -31.28
C LEU F 264 -20.07 18.66 -32.56
N SER F 265 -19.29 18.68 -33.68
CA SER F 265 -19.68 18.05 -34.94
C SER F 265 -18.91 16.76 -35.10
N PRO F 266 -19.35 15.91 -36.03
CA PRO F 266 -18.53 14.76 -36.46
C PRO F 266 -17.13 15.14 -36.92
N LEU F 267 -17.01 16.11 -37.82
CA LEU F 267 -15.72 16.46 -38.39
C LEU F 267 -15.09 17.73 -37.84
N GLY F 268 -15.72 18.40 -36.86
CA GLY F 268 -15.22 19.65 -36.27
C GLY F 268 -16.02 20.04 -35.04
N ALA F 269 -16.25 21.34 -34.84
CA ALA F 269 -17.01 21.90 -33.70
C ALA F 269 -17.44 23.35 -34.00
N LEU F 270 -18.62 23.73 -33.51
CA LEU F 270 -19.13 25.11 -33.56
C LEU F 270 -18.96 25.83 -32.22
N VAL F 271 -18.38 27.02 -32.25
CA VAL F 271 -18.20 27.81 -31.04
C VAL F 271 -19.01 29.11 -31.14
N ALA F 272 -19.66 29.51 -30.05
CA ALA F 272 -20.42 30.76 -29.95
C ALA F 272 -19.84 31.61 -28.81
N CYS F 273 -19.14 32.71 -29.16
CA CYS F 273 -18.52 33.64 -28.21
C CYS F 273 -19.19 34.99 -28.11
N TYR F 274 -19.66 35.33 -26.94
CA TYR F 274 -20.31 36.61 -26.75
C TYR F 274 -19.91 37.23 -25.43
N LYS F 275 -19.95 38.56 -25.41
CA LYS F 275 -19.75 39.34 -24.18
C LYS F 275 -18.39 39.00 -23.55
N GLY F 276 -18.37 38.86 -22.23
CA GLY F 276 -17.16 38.61 -21.46
C GLY F 276 -16.81 37.14 -21.39
N VAL F 277 -16.38 36.55 -22.49
CA VAL F 277 -15.84 35.20 -22.46
C VAL F 277 -14.63 35.18 -23.38
N SER F 278 -13.63 34.39 -22.98
CA SER F 278 -12.38 34.23 -23.71
C SER F 278 -12.31 32.86 -24.35
N CYS F 279 -12.83 32.77 -25.56
CA CYS F 279 -12.89 31.53 -26.32
C CYS F 279 -11.67 31.35 -27.22
N SER F 280 -11.01 30.20 -27.12
CA SER F 280 -9.85 29.98 -27.97
C SER F 280 -9.84 28.55 -28.46
N ILE F 281 -9.07 28.30 -29.51
CA ILE F 281 -8.89 26.93 -29.94
C ILE F 281 -7.45 26.62 -29.58
N GLY F 282 -7.22 25.41 -29.06
CA GLY F 282 -5.90 25.01 -28.64
C GLY F 282 -5.47 23.69 -29.24
N SER F 283 -4.27 23.36 -28.87
CA SER F 283 -3.68 22.10 -29.30
C SER F 283 -3.17 21.35 -28.07
N ASN F 284 -2.69 20.15 -28.27
CA ASN F 284 -2.00 19.48 -27.17
C ASN F 284 -0.52 19.88 -27.29
N ARG F 285 0.26 19.82 -26.20
CA ARG F 285 1.69 20.18 -25.97
C ARG F 285 1.67 21.65 -25.66
N VAL F 286 1.28 22.44 -26.64
CA VAL F 286 1.16 23.92 -26.67
C VAL F 286 -0.24 24.23 -26.21
N GLY F 287 -0.45 25.17 -25.32
CA GLY F 287 -1.83 25.37 -24.86
C GLY F 287 -2.79 25.93 -25.87
N ILE F 288 -2.62 27.16 -26.26
CA ILE F 288 -3.60 27.84 -27.11
C ILE F 288 -2.94 28.35 -28.35
N ILE F 289 -3.60 28.19 -29.49
CA ILE F 289 -3.03 28.59 -30.76
C ILE F 289 -3.84 29.69 -31.44
N LYS F 290 -5.09 29.96 -31.06
CA LYS F 290 -5.79 31.05 -31.73
C LYS F 290 -6.99 31.46 -30.88
N GLN F 291 -7.13 32.77 -30.66
CA GLN F 291 -8.31 33.31 -29.99
C GLN F 291 -9.43 33.49 -30.99
N LEU F 292 -10.62 33.09 -30.60
CA LEU F 292 -11.72 33.17 -31.51
C LEU F 292 -12.39 34.54 -31.49
N PRO F 293 -12.93 34.96 -32.64
CA PRO F 293 -13.76 36.17 -32.68
C PRO F 293 -15.05 36.01 -31.91
N LYS F 294 -15.59 37.12 -31.45
CA LYS F 294 -16.93 37.15 -30.90
C LYS F 294 -17.89 36.85 -32.04
N GLY F 295 -18.84 35.97 -31.81
CA GLY F 295 -19.75 35.57 -32.85
C GLY F 295 -19.71 34.07 -32.98
N CYS F 296 -20.20 33.57 -34.10
CA CYS F 296 -20.21 32.14 -34.39
C CYS F 296 -19.03 31.71 -35.28
N SER F 297 -18.20 30.79 -34.78
CA SER F 297 -17.06 30.25 -35.53
C SER F 297 -17.24 28.76 -35.72
N TYR F 298 -16.77 28.24 -36.85
CA TYR F 298 -16.71 26.81 -37.16
C TYR F 298 -15.26 26.38 -37.32
N ILE F 299 -14.87 25.33 -36.59
CA ILE F 299 -13.51 24.82 -36.62
C ILE F 299 -13.49 23.32 -36.91
N THR F 300 -12.41 22.84 -37.50
CA THR F 300 -12.25 21.47 -37.96
C THR F 300 -11.53 20.63 -36.90
N ASN F 301 -11.75 19.32 -36.94
CA ASN F 301 -10.93 18.45 -36.11
C ASN F 301 -9.46 18.55 -36.46
N GLN F 302 -9.15 19.02 -37.66
CA GLN F 302 -7.79 19.17 -38.13
C GLN F 302 -7.26 20.60 -38.01
N ASP F 303 -8.10 21.51 -37.57
CA ASP F 303 -7.74 22.90 -37.34
C ASP F 303 -7.20 23.11 -35.93
N ALA F 304 -7.73 22.37 -34.94
CA ALA F 304 -7.31 22.47 -33.54
C ALA F 304 -7.67 21.16 -32.84
N ASP F 305 -7.38 21.08 -31.53
CA ASP F 305 -7.67 19.88 -30.76
C ASP F 305 -8.55 20.22 -29.59
N THR F 306 -8.83 21.49 -29.42
CA THR F 306 -9.45 21.94 -28.20
C THR F 306 -10.22 23.22 -28.46
N VAL F 307 -11.38 23.34 -27.86
CA VAL F 307 -12.05 24.61 -27.73
C VAL F 307 -12.17 24.92 -26.25
N THR F 308 -11.75 26.12 -25.89
CA THR F 308 -11.75 26.65 -24.53
C THR F 308 -12.74 27.80 -24.41
N ILE F 309 -13.58 27.71 -23.39
CA ILE F 309 -14.52 28.75 -22.99
C ILE F 309 -14.13 29.15 -21.57
N ASP F 310 -13.56 30.33 -21.44
CA ASP F 310 -12.96 30.77 -20.19
C ASP F 310 -11.88 29.82 -19.69
N ASN F 311 -12.10 29.17 -18.57
CA ASN F 311 -11.08 28.26 -18.08
C ASN F 311 -11.46 26.81 -18.29
N THR F 312 -12.59 26.57 -18.97
CA THR F 312 -13.08 25.23 -19.26
C THR F 312 -12.60 24.81 -20.63
N VAL F 313 -11.89 23.68 -20.68
CA VAL F 313 -11.27 23.15 -21.89
C VAL F 313 -12.05 21.97 -22.43
N TYR F 314 -12.54 22.09 -23.66
CA TYR F 314 -13.32 21.09 -24.35
C TYR F 314 -12.48 20.40 -25.41
N GLN F 315 -12.53 19.06 -25.44
CA GLN F 315 -11.79 18.25 -26.40
C GLN F 315 -12.59 17.97 -27.64
N LEU F 316 -11.94 18.09 -28.78
CA LEU F 316 -12.58 17.88 -30.05
C LEU F 316 -12.54 16.43 -30.44
N SER F 317 -11.53 15.69 -29.99
CA SER F 317 -11.45 14.28 -30.35
C SER F 317 -11.16 13.47 -29.10
N LYS F 318 -11.18 12.15 -29.28
CA LYS F 318 -10.75 11.29 -28.20
C LYS F 318 -9.25 11.40 -28.02
N VAL F 319 -8.87 11.46 -26.77
CA VAL F 319 -7.49 11.57 -26.31
C VAL F 319 -6.90 10.19 -26.03
N GLU F 320 -5.84 9.84 -26.77
CA GLU F 320 -5.19 8.52 -26.70
C GLU F 320 -4.34 8.39 -25.43
N GLY F 321 -4.63 7.39 -24.60
CA GLY F 321 -3.93 7.20 -23.35
C GLY F 321 -2.94 6.07 -23.44
N GLU F 322 -2.68 5.40 -22.30
CA GLU F 322 -1.69 4.33 -22.38
C GLU F 322 -2.06 3.21 -23.34
N GLN F 323 -1.19 2.24 -23.45
CA GLN F 323 -1.47 1.11 -24.33
C GLN F 323 -0.81 -0.04 -23.60
N HIS F 324 -1.59 -0.93 -23.00
CA HIS F 324 -1.05 -1.99 -22.18
C HIS F 324 -1.05 -3.33 -22.90
N VAL F 325 -0.12 -4.17 -22.49
CA VAL F 325 -0.09 -5.54 -22.97
C VAL F 325 0.32 -6.44 -21.84
N ILE F 326 -0.51 -7.44 -21.56
CA ILE F 326 -0.33 -8.29 -20.40
C ILE F 326 -0.49 -9.73 -20.85
N LYS F 327 0.40 -10.62 -20.38
CA LYS F 327 0.35 -12.04 -20.70
C LYS F 327 0.34 -12.87 -19.43
N GLY F 328 -0.51 -13.89 -19.40
CA GLY F 328 -0.63 -14.67 -18.19
C GLY F 328 0.58 -15.52 -17.90
N ARG F 329 0.66 -15.91 -16.63
CA ARG F 329 1.71 -16.79 -16.17
C ARG F 329 1.60 -18.14 -16.88
N PRO F 330 2.72 -18.76 -17.23
CA PRO F 330 2.68 -20.04 -17.92
C PRO F 330 2.20 -21.16 -17.00
N VAL F 331 1.40 -22.05 -17.56
CA VAL F 331 0.85 -23.20 -16.85
C VAL F 331 1.73 -24.40 -17.18
N SER F 332 2.23 -25.05 -16.14
CA SER F 332 3.20 -26.14 -16.32
C SER F 332 2.65 -27.45 -15.77
N SER F 333 3.26 -28.56 -16.23
CA SER F 333 2.81 -29.88 -15.81
C SER F 333 3.47 -30.36 -14.53
N SER F 334 2.68 -31.06 -13.72
CA SER F 334 3.21 -31.58 -12.48
C SER F 334 3.36 -33.09 -12.52
N PHE F 335 3.36 -33.67 -13.73
CA PHE F 335 3.35 -35.12 -13.87
C PHE F 335 4.78 -35.61 -13.69
N ASP F 336 5.07 -36.38 -12.65
CA ASP F 336 6.43 -36.87 -12.43
C ASP F 336 6.28 -38.34 -12.03
N PRO F 337 6.09 -39.24 -13.02
CA PRO F 337 5.74 -40.64 -12.70
C PRO F 337 6.83 -41.46 -12.06
N ILE F 338 6.44 -42.68 -11.69
CA ILE F 338 7.26 -43.57 -10.89
C ILE F 338 7.63 -44.76 -11.75
N ARG F 339 8.89 -45.19 -11.67
CA ARG F 339 9.34 -46.40 -12.34
C ARG F 339 9.69 -47.46 -11.31
N PHE F 340 9.54 -48.71 -11.71
CA PHE F 340 9.96 -49.77 -10.82
C PHE F 340 11.21 -50.40 -11.42
N PRO F 341 12.29 -50.59 -10.64
CA PRO F 341 13.52 -51.17 -11.23
C PRO F 341 13.35 -52.67 -11.46
N GLU F 342 12.61 -53.05 -12.50
CA GLU F 342 12.20 -54.45 -12.57
C GLU F 342 13.30 -55.38 -13.08
N ASP F 343 14.19 -54.91 -13.95
CA ASP F 343 15.20 -55.82 -14.49
C ASP F 343 16.14 -56.37 -13.42
N GLN F 344 16.78 -55.49 -12.62
CA GLN F 344 17.71 -55.96 -11.57
C GLN F 344 16.98 -56.83 -10.54
N PHE F 345 15.74 -56.48 -10.21
CA PHE F 345 14.99 -57.23 -9.21
C PHE F 345 14.72 -58.62 -9.77
N ASN F 346 14.32 -58.64 -11.04
CA ASN F 346 14.05 -59.89 -11.74
C ASN F 346 15.33 -60.72 -11.81
N VAL F 347 16.50 -60.03 -11.82
CA VAL F 347 17.80 -60.72 -11.81
C VAL F 347 18.00 -61.43 -10.48
N ALA F 348 17.54 -60.81 -9.39
CA ALA F 348 17.65 -61.46 -8.09
C ALA F 348 16.73 -62.67 -8.01
N LEU F 349 15.55 -62.58 -8.63
CA LEU F 349 14.64 -63.73 -8.57
C LEU F 349 15.14 -64.88 -9.48
N ASP F 350 15.67 -64.56 -10.65
CA ASP F 350 16.27 -65.60 -11.49
C ASP F 350 17.39 -66.30 -10.74
N GLN F 351 18.19 -65.52 -10.00
CA GLN F 351 19.25 -66.05 -9.15
C GLN F 351 18.71 -67.00 -8.08
N VAL F 352 17.63 -66.59 -7.39
CA VAL F 352 17.09 -67.43 -6.33
C VAL F 352 16.55 -68.75 -6.88
N PHE F 353 15.75 -68.67 -7.95
CA PHE F 353 15.19 -69.91 -8.51
C PHE F 353 16.28 -70.82 -9.05
N GLU F 354 17.42 -70.25 -9.44
CA GLU F 354 18.46 -71.15 -9.91
C GLU F 354 19.18 -71.84 -8.79
N SER F 355 19.53 -71.08 -7.76
CA SER F 355 20.15 -71.68 -6.61
C SER F 355 19.28 -72.70 -5.87
N ILE F 356 17.97 -72.52 -5.88
CA ILE F 356 17.05 -73.53 -5.33
C ILE F 356 17.09 -74.82 -6.15
N GLU F 357 17.06 -74.69 -7.49
CA GLU F 357 17.03 -75.91 -8.30
C GLU F 357 18.39 -76.60 -8.16
N ASN F 358 19.45 -75.82 -7.99
CA ASN F 358 20.79 -76.34 -7.74
C ASN F 358 20.80 -77.07 -6.40
N SER F 359 20.10 -76.52 -5.39
CA SER F 359 20.00 -77.21 -4.10
C SER F 359 19.34 -78.58 -4.27
N GLN F 360 18.23 -78.65 -5.01
CA GLN F 360 17.62 -79.97 -5.19
C GLN F 360 18.59 -80.92 -5.89
N ALA F 361 19.31 -80.41 -6.91
CA ALA F 361 20.23 -81.28 -7.67
C ALA F 361 21.46 -81.71 -6.89
N LEU F 362 21.94 -80.88 -5.95
CA LEU F 362 23.11 -81.31 -5.18
C LEU F 362 22.69 -82.36 -4.16
N VAL F 363 21.49 -82.23 -3.56
CA VAL F 363 21.06 -83.29 -2.66
C VAL F 363 20.59 -84.53 -3.41
N ASP F 364 20.37 -84.40 -4.73
CA ASP F 364 20.09 -85.58 -5.54
C ASP F 364 21.38 -86.37 -5.79
N GLN F 365 22.48 -85.67 -6.06
CA GLN F 365 23.78 -86.31 -6.20
C GLN F 365 24.16 -86.98 -4.88
N SER F 366 23.89 -86.29 -3.75
CA SER F 366 24.25 -86.80 -2.41
C SER F 366 23.51 -88.10 -2.11
N ASN F 367 22.20 -88.14 -2.42
CA ASN F 367 21.45 -89.37 -2.17
C ASN F 367 21.84 -90.46 -3.14
N LYS F 368 22.39 -90.11 -4.30
CA LYS F 368 22.98 -91.10 -5.21
C LYS F 368 24.43 -91.47 -4.87
N ILE F 369 25.11 -90.72 -3.99
CA ILE F 369 26.46 -91.08 -3.58
C ILE F 369 26.40 -92.24 -2.60
N LEU F 370 25.44 -92.22 -1.68
CA LEU F 370 25.33 -93.38 -0.77
C LEU F 370 24.77 -94.61 -1.45
N LEU G 1 31.18 41.78 -7.03
CA LEU G 1 30.20 42.72 -6.47
C LEU G 1 30.61 44.19 -6.67
N LYS G 2 29.66 45.12 -6.60
CA LYS G 2 29.97 46.55 -6.74
C LYS G 2 29.19 47.32 -5.69
N GLU G 3 29.89 47.99 -4.78
CA GLU G 3 29.16 48.67 -3.70
C GLU G 3 29.41 50.16 -3.75
N SER G 4 28.33 50.89 -4.00
CA SER G 4 28.35 52.33 -4.25
C SER G 4 27.77 53.08 -3.05
N TYR G 5 28.46 54.15 -2.63
CA TYR G 5 28.04 54.97 -1.50
C TYR G 5 27.23 56.15 -2.00
N LEU G 6 26.02 56.28 -1.50
CA LEU G 6 25.13 57.34 -1.93
C LEU G 6 25.16 58.41 -0.85
N GLU G 7 25.99 59.42 -1.07
CA GLU G 7 26.28 60.40 -0.02
C GLU G 7 25.06 61.30 0.21
N GLU G 8 24.14 61.33 -0.76
CA GLU G 8 23.02 62.25 -0.68
C GLU G 8 22.00 61.76 0.34
N SER G 9 21.91 60.43 0.50
CA SER G 9 20.93 59.78 1.37
C SER G 9 21.61 59.02 2.48
N CYS G 10 22.91 59.16 2.67
CA CYS G 10 23.57 58.36 3.69
C CYS G 10 23.23 56.88 3.50
N SER G 11 23.26 56.41 2.26
CA SER G 11 22.84 55.02 2.03
C SER G 11 23.88 54.30 1.15
N THR G 12 23.79 52.98 1.06
CA THR G 12 24.71 52.22 0.20
C THR G 12 23.92 51.23 -0.61
N ILE G 13 24.25 51.12 -1.89
CA ILE G 13 23.76 50.05 -2.72
C ILE G 13 24.87 49.09 -3.08
N THR G 14 24.58 47.79 -2.94
CA THR G 14 25.52 46.75 -3.29
C THR G 14 24.86 45.91 -4.36
N GLU G 15 25.35 46.02 -5.59
CA GLU G 15 24.75 45.37 -6.74
C GLU G 15 25.74 44.35 -7.30
N GLY G 16 25.23 43.52 -8.20
CA GLY G 16 26.07 42.50 -8.81
C GLY G 16 25.69 41.10 -8.38
N TYR G 17 24.68 40.97 -7.52
CA TYR G 17 24.12 39.72 -7.05
C TYR G 17 23.21 39.10 -8.10
N LEU G 18 22.97 37.81 -7.92
CA LEU G 18 22.12 37.03 -8.80
C LEU G 18 21.01 36.38 -7.98
N SER G 19 19.82 36.34 -8.55
CA SER G 19 18.61 35.95 -7.84
C SER G 19 18.42 34.44 -7.78
N VAL G 20 17.85 33.97 -6.68
CA VAL G 20 17.35 32.59 -6.60
C VAL G 20 15.99 32.59 -5.90
N LEU G 21 14.95 32.45 -6.69
CA LEU G 21 13.60 32.66 -6.22
C LEU G 21 12.79 31.36 -6.30
N ARG G 22 12.11 31.03 -5.19
CA ARG G 22 11.28 29.83 -5.13
C ARG G 22 9.94 30.10 -5.82
N THR G 23 9.55 29.23 -6.73
CA THR G 23 8.30 29.47 -7.42
C THR G 23 7.24 28.43 -7.12
N GLY G 24 7.60 27.32 -6.49
CA GLY G 24 6.65 26.28 -6.15
C GLY G 24 7.32 25.26 -5.27
N TRP G 25 6.61 24.16 -4.99
CA TRP G 25 7.15 23.05 -4.23
C TRP G 25 7.09 21.73 -4.99
N TYR G 26 8.16 20.95 -4.93
CA TYR G 26 8.20 19.61 -5.51
C TYR G 26 8.47 18.55 -4.43
N THR G 27 7.62 17.50 -4.35
CA THR G 27 7.66 16.50 -3.28
C THR G 27 7.84 15.07 -3.78
N ASN G 28 8.73 14.29 -3.13
CA ASN G 28 8.89 12.84 -3.34
C ASN G 28 8.45 12.07 -2.10
N VAL G 29 7.93 10.85 -2.29
CA VAL G 29 7.53 9.98 -1.20
C VAL G 29 8.45 8.78 -1.09
N PHE G 30 8.91 8.49 0.13
CA PHE G 30 9.77 7.34 0.42
C PHE G 30 9.05 6.35 1.35
N THR G 31 9.31 5.05 1.13
CA THR G 31 8.83 4.04 2.06
C THR G 31 10.06 3.23 2.47
N LEU G 32 10.52 3.35 3.70
CA LEU G 32 11.69 2.57 4.08
C LEU G 32 11.30 1.38 4.96
N GLU G 33 11.74 0.17 4.60
CA GLU G 33 11.42 -0.99 5.42
C GLU G 33 12.71 -1.61 5.97
N VAL G 34 12.62 -2.17 7.16
CA VAL G 34 13.75 -2.88 7.74
C VAL G 34 13.81 -4.27 7.13
N GLY G 35 15.02 -4.73 6.79
CA GLY G 35 15.16 -6.06 6.26
C GLY G 35 14.81 -7.12 7.29
N ASP G 36 14.46 -8.32 6.80
CA ASP G 36 14.12 -9.40 7.72
C ASP G 36 15.36 -9.86 8.45
N VAL G 37 15.14 -10.26 9.71
CA VAL G 37 16.17 -10.84 10.54
C VAL G 37 15.68 -12.18 11.10
N GLU G 38 16.53 -13.18 10.93
CA GLU G 38 16.32 -14.57 11.26
C GLU G 38 16.23 -14.75 12.77
N ASN G 39 15.44 -15.74 13.22
CA ASN G 39 15.32 -15.98 14.66
C ASN G 39 16.56 -16.69 15.24
N LEU G 40 17.18 -16.09 16.27
CA LEU G 40 18.36 -16.62 16.96
C LEU G 40 17.94 -17.53 18.12
N THR G 41 17.85 -18.84 17.88
CA THR G 41 17.27 -19.71 18.89
C THR G 41 18.31 -20.37 19.79
N CYS G 42 19.56 -19.95 19.71
CA CYS G 42 20.63 -20.53 20.50
C CYS G 42 20.92 -19.83 21.83
N THR G 43 20.12 -18.86 22.25
CA THR G 43 20.11 -18.51 23.66
C THR G 43 18.65 -18.24 23.95
N ASP G 44 18.02 -19.18 24.62
CA ASP G 44 16.74 -18.93 25.24
C ASP G 44 16.85 -17.69 26.13
N GLY G 45 15.85 -16.81 26.03
CA GLY G 45 15.78 -15.68 26.91
C GLY G 45 16.58 -14.48 26.41
N PRO G 46 17.58 -14.06 27.15
CA PRO G 46 18.27 -12.82 26.76
C PRO G 46 19.00 -12.84 25.42
N SER G 47 18.34 -12.54 24.29
CA SER G 47 19.13 -12.48 23.06
C SER G 47 19.54 -11.04 22.84
N LEU G 48 20.73 -10.82 22.25
CA LEU G 48 21.15 -9.43 22.05
C LEU G 48 20.44 -8.73 20.88
N ILE G 49 20.13 -9.49 19.83
CA ILE G 49 19.46 -8.88 18.71
C ILE G 49 17.97 -8.85 18.97
N LYS G 50 17.45 -9.77 19.76
CA LYS G 50 16.05 -9.67 20.11
C LYS G 50 15.84 -8.38 20.89
N THR G 51 16.81 -8.00 21.72
CA THR G 51 16.66 -6.74 22.44
C THR G 51 16.82 -5.53 21.53
N GLU G 52 17.58 -5.69 20.42
CA GLU G 52 17.72 -4.56 19.51
C GLU G 52 16.48 -4.37 18.65
N LEU G 53 15.80 -5.45 18.31
CA LEU G 53 14.55 -5.32 17.57
C LEU G 53 13.45 -4.84 18.49
N ASP G 54 13.39 -5.38 19.71
CA ASP G 54 12.34 -4.95 20.62
C ASP G 54 12.52 -3.47 21.00
N LEU G 55 13.73 -2.94 20.80
CA LEU G 55 13.99 -1.53 20.99
C LEU G 55 13.56 -0.72 19.76
N THR G 56 13.94 -1.18 18.56
CA THR G 56 13.57 -0.40 17.38
C THR G 56 12.09 -0.55 17.03
N LYS G 57 11.47 -1.64 17.43
CA LYS G 57 10.03 -1.75 17.24
C LYS G 57 9.35 -0.72 18.12
N SER G 58 9.91 -0.49 19.32
CA SER G 58 9.30 0.49 20.22
C SER G 58 9.54 1.89 19.70
N ALA G 59 10.70 2.09 19.08
CA ALA G 59 10.94 3.39 18.48
C ALA G 59 9.90 3.64 17.41
N LEU G 60 9.51 2.58 16.69
CA LEU G 60 8.53 2.81 15.64
C LEU G 60 7.14 3.00 16.21
N ARG G 61 6.81 2.29 17.29
CA ARG G 61 5.49 2.44 17.91
C ARG G 61 5.29 3.85 18.42
N GLU G 62 6.36 4.46 18.93
CA GLU G 62 6.29 5.81 19.46
C GLU G 62 6.28 6.83 18.32
N LEU G 63 7.13 6.60 17.31
CA LEU G 63 7.21 7.49 16.16
C LEU G 63 5.90 7.52 15.39
N LYS G 64 5.09 6.49 15.51
CA LYS G 64 3.76 6.52 14.90
C LYS G 64 2.91 7.62 15.50
N THR G 65 3.11 7.93 16.78
CA THR G 65 2.25 8.93 17.40
C THR G 65 2.45 10.33 16.84
N VAL G 66 3.51 10.60 16.09
CA VAL G 66 3.74 11.94 15.56
C VAL G 66 3.64 11.96 14.04
N SER G 67 3.14 10.88 13.46
CA SER G 67 2.95 10.74 12.01
C SER G 67 1.94 11.71 11.47
N ALA G 68 2.07 12.08 10.20
CA ALA G 68 1.21 13.13 9.66
C ALA G 68 -0.22 12.64 9.57
N ASP G 69 -0.44 11.44 9.07
CA ASP G 69 -1.80 10.91 9.05
C ASP G 69 -1.91 10.12 10.35
N GLN G 70 -3.03 10.24 11.04
CA GLN G 70 -3.14 9.57 12.33
C GLN G 70 -3.19 8.03 12.21
N SER H 21 65.80 -81.73 39.57
CA SER H 21 66.08 -80.78 38.49
C SER H 21 65.99 -79.30 38.97
N GLU H 22 66.40 -78.36 38.12
CA GLU H 22 66.38 -76.91 38.36
C GLU H 22 65.01 -76.25 38.30
N VAL H 23 63.98 -76.92 37.77
CA VAL H 23 62.68 -76.27 37.66
C VAL H 23 62.02 -76.09 39.02
N ASN H 24 62.84 -76.36 40.04
CA ASN H 24 62.45 -76.24 41.46
C ASN H 24 61.76 -74.89 41.65
N ALA H 25 62.46 -73.81 41.32
CA ALA H 25 61.88 -72.46 41.51
C ALA H 25 61.91 -71.66 40.21
N ILE H 26 61.16 -72.11 39.21
CA ILE H 26 61.07 -71.25 37.99
C ILE H 26 59.62 -70.80 37.92
N LYS H 27 58.72 -71.63 38.45
CA LYS H 27 57.29 -71.23 38.42
C LYS H 27 57.18 -69.97 39.26
N GLY H 28 57.97 -69.86 40.33
CA GLY H 28 57.99 -68.64 41.16
C GLY H 28 58.20 -67.41 40.30
N ALA H 29 59.19 -67.47 39.40
CA ALA H 29 59.40 -66.37 38.43
C ALA H 29 58.06 -66.09 37.75
N LEU H 30 57.41 -67.11 37.19
CA LEU H 30 56.11 -66.82 36.56
C LEU H 30 55.12 -66.23 37.56
N LYS H 31 55.14 -66.68 38.82
CA LYS H 31 54.21 -66.10 39.79
C LYS H 31 54.44 -64.61 39.94
N THR H 32 55.71 -64.18 39.93
CA THR H 32 55.98 -62.75 39.94
C THR H 32 55.77 -62.12 38.56
N THR H 33 55.91 -62.90 37.48
CA THR H 33 55.80 -62.35 36.14
C THR H 33 54.37 -62.00 35.77
N ASN H 34 53.43 -62.95 35.86
CA ASN H 34 52.09 -62.56 35.45
C ASN H 34 51.45 -61.57 36.41
N GLU H 35 51.99 -61.42 37.63
CA GLU H 35 51.60 -60.32 38.51
C GLU H 35 52.21 -58.98 38.07
N ALA H 36 53.42 -58.99 37.48
CA ALA H 36 53.98 -57.76 36.93
C ALA H 36 53.15 -57.33 35.73
N VAL H 37 52.68 -58.33 34.97
CA VAL H 37 51.77 -58.04 33.84
C VAL H 37 50.48 -57.45 34.41
N SER H 38 49.97 -58.02 35.49
CA SER H 38 48.76 -57.48 36.12
C SER H 38 49.00 -56.06 36.65
N THR H 39 50.20 -55.79 37.17
CA THR H 39 50.42 -54.45 37.71
C THR H 39 50.44 -53.45 36.55
N LEU H 40 51.24 -53.72 35.51
CA LEU H 40 51.25 -52.85 34.35
C LEU H 40 49.89 -52.72 33.68
N GLY H 41 49.10 -53.81 33.60
CA GLY H 41 47.78 -53.70 33.00
C GLY H 41 46.82 -52.80 33.77
N ASN H 42 46.76 -52.97 35.10
CA ASN H 42 45.93 -52.12 35.96
C ASN H 42 46.47 -50.68 36.04
N GLY H 43 47.72 -50.52 35.65
CA GLY H 43 48.32 -49.20 35.51
C GLY H 43 47.72 -48.62 34.23
N VAL H 44 47.64 -49.44 33.18
CA VAL H 44 47.02 -49.04 31.91
C VAL H 44 45.56 -48.65 32.21
N ARG H 45 44.93 -49.39 33.12
CA ARG H 45 43.56 -49.10 33.53
C ARG H 45 43.45 -47.68 34.07
N VAL H 46 44.33 -47.30 35.02
CA VAL H 46 44.31 -45.90 35.51
C VAL H 46 44.70 -44.91 34.39
N LEU H 47 45.57 -45.31 33.43
CA LEU H 47 45.91 -44.41 32.32
C LEU H 47 44.63 -44.17 31.54
N ALA H 48 43.85 -45.23 31.41
CA ALA H 48 42.56 -45.19 30.76
C ALA H 48 41.63 -44.28 31.56
N THR H 49 41.66 -44.35 32.91
CA THR H 49 40.83 -43.43 33.71
C THR H 49 41.18 -41.96 33.48
N ALA H 50 42.47 -41.66 33.26
CA ALA H 50 42.84 -40.27 32.94
C ALA H 50 42.25 -39.88 31.59
N VAL H 51 42.41 -40.77 30.61
CA VAL H 51 41.85 -40.59 29.27
C VAL H 51 40.33 -40.56 29.32
N ARG H 52 39.81 -41.28 30.28
CA ARG H 52 38.35 -41.34 30.47
C ARG H 52 37.84 -39.97 30.86
N GLU H 53 38.36 -39.38 31.94
CA GLU H 53 37.78 -38.06 32.28
C GLU H 53 38.20 -36.95 31.32
N LEU H 54 39.39 -37.05 30.71
CA LEU H 54 39.86 -36.01 29.80
C LEU H 54 39.07 -35.97 28.48
N LYS H 55 38.75 -37.13 27.90
CA LYS H 55 37.95 -37.07 26.68
C LYS H 55 36.57 -36.50 26.96
N GLU H 56 36.02 -36.75 28.15
CA GLU H 56 34.70 -36.20 28.45
C GLU H 56 34.77 -34.78 29.03
N PHE H 57 35.94 -34.30 29.42
CA PHE H 57 36.10 -32.87 29.68
C PHE H 57 36.14 -32.07 28.38
N VAL H 58 36.88 -32.56 27.37
CA VAL H 58 36.91 -31.83 26.10
C VAL H 58 35.55 -31.94 25.42
N SER H 59 35.00 -33.15 25.33
CA SER H 59 33.72 -33.36 24.66
C SER H 59 32.60 -32.60 25.36
N LYS H 60 32.55 -32.64 26.70
CA LYS H 60 31.40 -32.03 27.37
C LYS H 60 31.66 -30.60 27.86
N ASN H 61 32.49 -30.39 28.90
CA ASN H 61 32.55 -29.06 29.51
C ASN H 61 33.14 -28.01 28.55
N LEU H 62 34.07 -28.43 27.69
CA LEU H 62 34.86 -27.55 26.85
C LEU H 62 34.20 -27.29 25.50
N THR H 63 33.73 -28.34 24.83
CA THR H 63 33.02 -28.14 23.58
C THR H 63 31.75 -27.34 23.81
N SER H 64 31.11 -27.51 24.98
CA SER H 64 29.90 -26.75 25.27
C SER H 64 30.22 -25.29 25.62
N ALA H 65 31.30 -25.03 26.37
CA ALA H 65 31.69 -23.63 26.57
C ALA H 65 32.03 -22.95 25.24
N ILE H 66 32.60 -23.71 24.29
CA ILE H 66 32.92 -23.14 22.98
C ILE H 66 31.65 -22.89 22.18
N ASN H 67 30.74 -23.86 22.07
CA ASN H 67 29.51 -23.60 21.33
C ASN H 67 28.68 -22.46 21.92
N LYS H 68 28.72 -22.25 23.23
CA LYS H 68 28.01 -21.10 23.77
C LYS H 68 28.69 -19.82 23.27
N ASN H 69 30.03 -19.75 23.37
CA ASN H 69 30.71 -18.57 22.84
C ASN H 69 30.49 -18.42 21.35
N LYS H 70 30.28 -19.52 20.64
CA LYS H 70 30.02 -19.43 19.20
C LYS H 70 28.65 -18.79 19.01
N CYS H 71 27.76 -19.04 19.96
CA CYS H 71 26.42 -18.47 19.91
C CYS H 71 26.46 -16.98 20.22
N ASP H 72 27.19 -16.59 21.26
CA ASP H 72 27.36 -15.17 21.56
C ASP H 72 28.01 -14.40 20.42
N ILE H 73 29.11 -14.92 19.84
CA ILE H 73 29.72 -14.24 18.70
C ILE H 73 28.67 -14.05 17.61
N ALA H 74 27.91 -15.12 17.30
CA ALA H 74 26.90 -14.97 16.24
C ALA H 74 25.78 -14.00 16.64
N ASP H 75 25.45 -13.93 17.93
CA ASP H 75 24.46 -12.96 18.42
C ASP H 75 24.94 -11.53 18.16
N LEU H 76 26.16 -11.24 18.59
CA LEU H 76 26.69 -9.90 18.44
C LEU H 76 26.89 -9.56 16.97
N LYS H 77 27.34 -10.53 16.16
CA LYS H 77 27.47 -10.33 14.72
C LYS H 77 26.14 -9.96 14.10
N MET H 78 25.06 -10.60 14.56
CA MET H 78 23.76 -10.26 14.02
C MET H 78 23.37 -8.84 14.41
N ALA H 79 23.63 -8.48 15.66
CA ALA H 79 23.32 -7.13 16.15
C ALA H 79 24.06 -6.06 15.34
N VAL H 80 25.37 -6.23 15.19
CA VAL H 80 26.16 -5.24 14.45
C VAL H 80 25.75 -5.18 12.98
N SER H 81 25.58 -6.33 12.33
CA SER H 81 25.12 -6.28 10.95
C SER H 81 23.75 -5.63 10.86
N PHE H 82 22.89 -5.81 11.86
CA PHE H 82 21.56 -5.21 11.80
C PHE H 82 21.71 -3.71 11.73
N SER H 83 22.57 -3.18 12.60
CA SER H 83 22.81 -1.74 12.60
C SER H 83 23.45 -1.30 11.29
N GLN H 84 24.17 -2.21 10.61
CA GLN H 84 24.81 -1.85 9.33
C GLN H 84 23.83 -1.90 8.15
N PHE H 85 23.17 -3.02 7.95
CA PHE H 85 22.30 -3.19 6.80
C PHE H 85 21.08 -2.31 6.89
N ASN H 86 20.81 -1.74 8.05
CA ASN H 86 19.62 -0.92 8.19
C ASN H 86 19.99 0.46 8.72
N ARG H 87 21.18 0.97 8.38
CA ARG H 87 21.55 2.31 8.87
C ARG H 87 20.52 3.33 8.43
N ARG H 88 20.23 3.40 7.13
CA ARG H 88 19.38 4.49 6.65
C ARG H 88 18.07 4.50 7.41
N PHE H 89 17.40 3.34 7.48
CA PHE H 89 16.15 3.25 8.19
C PHE H 89 16.31 3.80 9.61
N LEU H 90 17.38 3.38 10.29
CA LEU H 90 17.54 3.79 11.68
C LEU H 90 17.88 5.26 11.82
N ASN H 91 18.68 5.81 10.92
CA ASN H 91 18.98 7.24 10.99
C ASN H 91 17.74 8.08 10.69
N VAL H 92 16.97 7.71 9.67
CA VAL H 92 15.77 8.48 9.36
C VAL H 92 14.77 8.37 10.53
N VAL H 93 14.66 7.19 11.13
CA VAL H 93 13.78 7.06 12.29
C VAL H 93 14.28 7.96 13.40
N ARG H 94 15.60 8.04 13.56
CA ARG H 94 16.19 8.88 14.61
C ARG H 94 15.81 10.35 14.37
N GLN H 95 15.96 10.82 13.14
CA GLN H 95 15.71 12.22 12.84
C GLN H 95 14.23 12.58 13.00
N PHE H 96 13.32 11.78 12.45
CA PHE H 96 11.90 12.07 12.67
C PHE H 96 11.51 11.94 14.13
N SER H 97 12.32 11.24 14.94
CA SER H 97 11.99 11.13 16.34
C SER H 97 12.46 12.37 17.08
N ASP H 98 13.61 12.90 16.66
CA ASP H 98 14.18 14.05 17.36
C ASP H 98 13.38 15.33 17.10
N ASN H 99 12.70 15.43 15.96
CA ASN H 99 11.91 16.63 15.69
C ASN H 99 10.41 16.36 15.64
N ALA H 100 10.00 15.14 16.00
CA ALA H 100 8.59 14.74 16.10
C ALA H 100 7.83 14.96 14.80
N GLY H 101 8.29 14.31 13.77
CA GLY H 101 7.55 14.22 12.54
C GLY H 101 7.98 15.12 11.42
N ILE H 102 8.84 16.11 11.66
CA ILE H 102 9.22 17.08 10.63
C ILE H 102 10.74 17.26 10.71
N THR H 103 11.37 17.66 9.59
CA THR H 103 12.83 17.87 9.60
C THR H 103 13.20 19.25 9.07
N PRO H 104 14.01 20.01 9.78
CA PRO H 104 14.45 21.33 9.28
C PRO H 104 15.02 21.30 7.86
N ALA H 105 15.62 20.19 7.46
CA ALA H 105 16.27 20.04 6.16
C ALA H 105 16.00 18.66 5.58
N ILE H 106 16.32 18.50 4.30
CA ILE H 106 16.31 17.22 3.59
C ILE H 106 17.68 16.56 3.80
N SER H 107 17.77 15.77 4.87
CA SER H 107 19.01 15.13 5.32
C SER H 107 19.56 14.19 4.25
N LEU H 108 20.82 13.82 4.43
CA LEU H 108 21.41 12.92 3.45
C LEU H 108 20.68 11.59 3.50
N ASP H 109 20.13 11.26 4.69
CA ASP H 109 19.39 10.01 4.93
C ASP H 109 17.98 10.12 4.40
N LEU H 110 17.40 11.32 4.46
CA LEU H 110 16.03 11.48 4.01
C LEU H 110 15.96 11.28 2.52
N MET H 111 16.99 11.72 1.81
CA MET H 111 17.03 11.59 0.35
C MET H 111 18.48 11.68 -0.09
N THR H 112 18.98 10.62 -0.71
CA THR H 112 20.37 10.51 -1.11
C THR H 112 20.70 11.45 -2.27
N ASP H 113 22.00 11.66 -2.53
CA ASP H 113 22.36 12.61 -3.58
C ASP H 113 21.85 12.15 -4.93
N ALA H 114 21.93 10.86 -5.19
CA ALA H 114 21.40 10.31 -6.44
C ALA H 114 19.92 10.63 -6.59
N GLU H 115 19.15 10.38 -5.52
CA GLU H 115 17.71 10.58 -5.54
C GLU H 115 17.39 12.06 -5.70
N LEU H 116 18.17 12.92 -5.04
CA LEU H 116 17.95 14.37 -5.13
C LEU H 116 18.16 14.86 -6.55
N ALA H 117 19.26 14.41 -7.15
CA ALA H 117 19.54 14.84 -8.52
C ALA H 117 18.47 14.33 -9.48
N ARG H 118 17.93 13.13 -9.22
CA ARG H 118 16.89 12.63 -10.12
C ARG H 118 15.57 13.39 -9.94
N ALA H 119 15.24 13.79 -8.70
CA ALA H 119 14.01 14.54 -8.48
C ALA H 119 14.15 15.92 -9.14
N VAL H 120 15.29 16.55 -8.93
CA VAL H 120 15.53 17.88 -9.52
C VAL H 120 15.55 17.77 -11.05
N SER H 121 16.08 16.68 -11.60
CA SER H 121 16.06 16.61 -13.07
C SER H 121 14.64 16.43 -13.58
N TYR H 122 13.73 16.05 -12.71
CA TYR H 122 12.33 15.79 -13.12
C TYR H 122 11.42 16.93 -12.70
N MET H 123 11.98 18.04 -12.28
CA MET H 123 11.14 19.13 -11.82
C MET H 123 10.52 19.87 -13.02
N PRO H 124 9.35 20.46 -12.86
CA PRO H 124 8.79 21.17 -14.03
C PRO H 124 9.36 22.55 -14.33
N THR H 125 10.63 22.63 -14.71
CA THR H 125 11.18 23.92 -15.14
C THR H 125 12.31 23.67 -16.15
N SER H 126 12.89 24.77 -16.60
CA SER H 126 13.87 24.81 -17.65
C SER H 126 15.25 24.33 -17.16
N ALA H 127 16.09 23.99 -18.15
CA ALA H 127 17.39 23.38 -17.89
C ALA H 127 18.29 24.27 -17.04
N GLY H 128 18.24 25.59 -17.23
CA GLY H 128 19.15 26.39 -16.42
C GLY H 128 18.76 26.47 -14.96
N GLN H 129 17.47 26.40 -14.67
CA GLN H 129 17.12 26.49 -13.25
C GLN H 129 17.40 25.15 -12.61
N ILE H 130 17.16 24.08 -13.38
CA ILE H 130 17.52 22.75 -12.94
C ILE H 130 19.03 22.64 -12.72
N LYS H 131 19.83 23.18 -13.65
CA LYS H 131 21.27 23.11 -13.50
C LYS H 131 21.66 23.79 -12.20
N LEU H 132 21.09 24.97 -11.94
CA LEU H 132 21.46 25.72 -10.74
C LEU H 132 21.12 24.95 -9.47
N MET H 133 19.97 24.25 -9.46
CA MET H 133 19.61 23.49 -8.28
C MET H 133 20.63 22.38 -8.07
N LEU H 134 21.02 21.72 -9.15
CA LEU H 134 22.05 20.69 -9.07
C LEU H 134 23.35 21.24 -8.50
N GLU H 135 23.66 22.51 -8.80
CA GLU H 135 24.89 23.10 -8.29
C GLU H 135 24.80 23.49 -6.82
N ASN H 136 23.61 23.85 -6.32
CA ASN H 136 23.40 24.27 -4.93
C ASN H 136 22.58 23.26 -4.14
N ARG H 137 22.75 21.99 -4.44
CA ARG H 137 21.87 21.01 -3.85
C ARG H 137 21.92 21.04 -2.32
N ALA H 138 23.00 21.55 -1.73
CA ALA H 138 23.02 21.78 -0.28
C ALA H 138 21.92 22.73 0.13
N MET H 139 21.86 23.85 -0.62
CA MET H 139 20.87 24.94 -0.39
C MET H 139 19.46 24.38 -0.59
N VAL H 140 19.24 23.60 -1.66
CA VAL H 140 17.90 23.05 -1.87
C VAL H 140 17.51 22.19 -0.67
N ARG H 141 18.47 21.42 -0.15
CA ARG H 141 18.17 20.59 1.00
C ARG H 141 17.79 21.44 2.20
N ARG H 142 18.50 22.55 2.43
CA ARG H 142 18.19 23.30 3.65
C ARG H 142 16.92 24.11 3.50
N LYS H 143 16.66 24.65 2.32
CA LYS H 143 15.44 25.39 2.13
C LYS H 143 14.22 24.48 2.03
N GLY H 144 14.45 23.17 1.89
CA GLY H 144 13.38 22.18 1.88
C GLY H 144 13.19 21.50 3.24
N PHE H 145 12.40 20.42 3.24
CA PHE H 145 12.24 19.69 4.51
C PHE H 145 11.58 18.32 4.33
N GLY H 146 11.48 17.59 5.43
CA GLY H 146 10.90 16.25 5.40
C GLY H 146 9.80 16.12 6.42
N ILE H 147 8.75 15.36 6.06
CA ILE H 147 7.55 15.13 6.85
C ILE H 147 7.33 13.63 7.05
N LEU H 148 7.23 13.18 8.27
CA LEU H 148 6.87 11.78 8.53
C LEU H 148 5.38 11.55 8.27
N ILE H 149 4.99 10.77 7.24
CA ILE H 149 3.56 10.56 7.01
C ILE H 149 3.00 9.50 7.94
N GLY H 150 3.67 8.33 8.06
CA GLY H 150 3.18 7.29 8.95
C GLY H 150 4.10 6.09 9.07
N VAL H 151 3.99 5.41 10.20
CA VAL H 151 4.65 4.14 10.46
C VAL H 151 3.67 2.99 10.36
N TYR H 152 3.76 2.15 9.37
CA TYR H 152 2.84 1.03 9.31
C TYR H 152 3.62 -0.26 9.53
N GLY H 153 3.39 -0.90 10.66
CA GLY H 153 4.16 -2.09 11.02
C GLY H 153 5.63 -1.82 11.18
N SER H 154 6.45 -2.26 10.24
CA SER H 154 7.90 -2.06 10.29
C SER H 154 8.42 -1.12 9.21
N SER H 155 7.54 -0.48 8.46
CA SER H 155 7.91 0.43 7.39
C SER H 155 7.66 1.85 7.86
N VAL H 156 8.58 2.75 7.50
CA VAL H 156 8.45 4.17 7.76
C VAL H 156 8.12 4.81 6.43
N ILE H 157 7.01 5.55 6.36
CA ILE H 157 6.64 6.24 5.13
C ILE H 157 6.73 7.74 5.35
N TYR H 158 7.52 8.43 4.52
CA TYR H 158 7.66 9.87 4.69
C TYR H 158 7.72 10.58 3.35
N MET H 159 7.55 11.89 3.40
CA MET H 159 7.56 12.75 2.22
C MET H 159 8.64 13.80 2.42
N VAL H 160 9.47 13.98 1.42
CA VAL H 160 10.39 15.11 1.36
C VAL H 160 9.85 16.16 0.41
N GLN H 161 10.02 17.42 0.78
CA GLN H 161 9.54 18.57 0.03
C GLN H 161 10.72 19.46 -0.39
N LEU H 162 10.91 19.57 -1.71
CA LEU H 162 11.99 20.25 -2.38
C LEU H 162 11.51 21.58 -2.93
N PRO H 163 12.32 22.62 -2.81
CA PRO H 163 12.01 23.92 -3.42
C PRO H 163 12.08 23.87 -4.94
N ILE H 164 11.19 24.57 -5.63
CA ILE H 164 11.38 24.72 -7.08
C ILE H 164 11.84 26.15 -7.35
N PHE H 165 13.13 26.27 -7.69
CA PHE H 165 13.79 27.54 -7.98
C PHE H 165 13.60 27.87 -9.46
N GLY H 166 12.49 28.56 -9.75
CA GLY H 166 12.11 28.91 -11.11
C GLY H 166 12.66 30.19 -11.68
N VAL H 167 12.93 31.17 -10.82
CA VAL H 167 13.54 32.46 -11.20
C VAL H 167 14.99 32.49 -10.77
N ILE H 168 15.90 32.62 -11.75
CA ILE H 168 17.33 32.67 -11.49
C ILE H 168 18.00 33.75 -12.32
N ASP H 169 19.14 34.20 -11.80
CA ASP H 169 20.10 35.11 -12.44
C ASP H 169 19.43 36.41 -12.87
N THR H 170 18.49 36.88 -12.06
CA THR H 170 18.07 38.18 -12.51
C THR H 170 18.71 39.22 -11.60
N PRO H 171 19.02 40.41 -12.07
CA PRO H 171 19.77 41.36 -11.21
C PRO H 171 19.13 41.54 -9.84
N CYS H 172 19.99 41.55 -8.82
CA CYS H 172 19.53 41.61 -7.44
C CYS H 172 20.59 42.42 -6.67
N TRP H 173 20.16 43.17 -5.65
CA TRP H 173 21.03 44.05 -4.84
C TRP H 173 20.43 44.29 -3.45
N ILE H 174 21.26 44.84 -2.56
CA ILE H 174 20.90 45.18 -1.17
C ILE H 174 21.25 46.64 -0.84
N ILE H 175 20.34 47.32 -0.16
CA ILE H 175 20.49 48.72 0.20
C ILE H 175 20.55 48.84 1.71
N LYS H 176 21.53 49.61 2.19
CA LYS H 176 21.74 49.88 3.61
C LYS H 176 21.75 51.40 3.78
N ALA H 177 21.27 51.86 4.95
CA ALA H 177 21.17 53.28 5.23
C ALA H 177 21.33 53.55 6.71
N ALA H 178 21.79 54.75 7.01
CA ALA H 178 21.95 55.33 8.34
C ALA H 178 21.26 56.69 8.44
N PRO H 179 21.08 57.20 9.66
CA PRO H 179 20.49 58.55 9.83
C PRO H 179 21.36 59.66 9.25
N SER H 180 20.78 60.45 8.35
CA SER H 180 21.51 61.61 7.82
C SER H 180 21.05 62.88 8.52
N CYS H 181 21.75 63.27 9.58
CA CYS H 181 21.36 64.42 10.37
C CYS H 181 22.09 65.68 9.88
N SER H 182 21.33 66.78 9.75
CA SER H 182 21.80 68.10 9.36
C SER H 182 21.62 69.04 10.55
N GLU H 183 22.52 70.00 10.71
CA GLU H 183 22.43 70.85 11.89
C GLU H 183 22.45 72.34 11.57
N LYS H 184 21.48 73.06 12.12
CA LYS H 184 21.46 74.52 12.09
C LYS H 184 21.02 74.99 13.47
N ASP H 185 21.77 75.92 14.06
CA ASP H 185 21.39 76.65 15.29
C ASP H 185 21.56 75.86 16.58
N GLY H 186 22.39 74.80 16.61
CA GLY H 186 22.26 73.90 17.75
C GLY H 186 21.04 73.01 17.67
N ASN H 187 20.34 73.02 16.52
CA ASN H 187 19.16 72.22 16.27
C ASN H 187 19.40 71.22 15.13
N TYR H 188 18.82 70.03 15.28
CA TYR H 188 19.10 68.88 14.43
C TYR H 188 17.87 68.54 13.58
N ALA H 189 18.08 68.31 12.29
CA ALA H 189 17.08 67.77 11.36
C ALA H 189 17.57 66.44 10.77
N CYS H 190 16.92 65.31 11.07
CA CYS H 190 17.49 64.01 10.68
C CYS H 190 16.56 63.33 9.68
N LEU H 191 17.04 63.11 8.47
CA LEU H 191 16.29 62.33 7.49
C LEU H 191 16.83 60.89 7.50
N LEU H 192 15.96 59.88 7.32
CA LEU H 192 16.40 58.47 7.31
C LEU H 192 15.66 57.56 6.33
N ARG H 193 16.40 56.92 5.40
CA ARG H 193 15.74 55.95 4.53
C ARG H 193 15.14 54.78 5.28
N GLU H 194 13.96 54.35 4.82
CA GLU H 194 13.25 53.19 5.31
C GLU H 194 13.11 52.15 4.21
N ASP H 195 13.87 52.30 3.12
CA ASP H 195 13.93 51.40 1.98
C ASP H 195 14.74 50.15 2.26
N GLN H 196 15.43 50.10 3.39
CA GLN H 196 16.55 49.20 3.62
C GLN H 196 16.21 47.73 3.47
N GLY H 197 17.09 47.01 2.80
CA GLY H 197 16.83 45.60 2.60
C GLY H 197 17.31 45.10 1.25
N TRP H 198 16.75 43.96 0.85
CA TRP H 198 17.06 43.26 -0.39
C TRP H 198 16.06 43.62 -1.46
N TYR H 199 16.55 43.86 -2.66
CA TYR H 199 15.73 44.05 -3.84
C TYR H 199 16.16 43.10 -4.95
N CYS H 200 15.22 42.35 -5.51
CA CYS H 200 15.46 41.47 -6.64
C CYS H 200 14.52 41.80 -7.78
N LYS H 201 15.05 42.26 -8.91
CA LYS H 201 14.15 42.58 -10.02
C LYS H 201 13.63 41.30 -10.65
N ASN H 202 12.32 41.23 -10.78
CA ASN H 202 11.57 40.12 -11.32
C ASN H 202 10.91 40.66 -12.60
N ALA H 203 10.36 39.76 -13.39
CA ALA H 203 9.65 40.18 -14.59
C ALA H 203 8.36 40.86 -14.16
N GLY H 204 8.18 42.15 -14.52
CA GLY H 204 6.91 42.79 -14.20
C GLY H 204 6.78 43.29 -12.79
N SER H 205 7.82 43.13 -11.96
CA SER H 205 7.78 43.56 -10.58
C SER H 205 9.21 43.60 -9.99
N THR H 206 9.31 44.16 -8.79
CA THR H 206 10.54 44.08 -8.02
C THR H 206 10.23 43.44 -6.68
N VAL H 207 11.03 42.48 -6.25
CA VAL H 207 10.75 41.86 -4.97
C VAL H 207 11.60 42.55 -3.91
N TYR H 208 10.99 42.88 -2.79
CA TYR H 208 11.65 43.60 -1.70
C TYR H 208 11.58 42.75 -0.46
N TYR H 209 12.73 42.45 0.11
CA TYR H 209 12.80 41.70 1.36
C TYR H 209 13.35 42.62 2.44
N PRO H 210 12.53 43.10 3.39
CA PRO H 210 12.96 44.18 4.31
C PRO H 210 14.09 43.87 5.30
N ASN H 211 14.23 42.65 5.79
CA ASN H 211 15.31 42.31 6.71
C ASN H 211 16.40 41.53 5.99
N GLU H 212 17.66 41.74 6.41
CA GLU H 212 18.81 41.11 5.73
C GLU H 212 18.77 39.60 5.90
N LYS H 213 18.18 39.15 7.03
CA LYS H 213 18.01 37.75 7.39
C LYS H 213 17.00 37.06 6.48
N ASP H 214 16.21 37.82 5.74
CA ASP H 214 15.19 37.23 4.88
C ASP H 214 15.78 36.58 3.63
N CYS H 215 17.06 36.84 3.31
CA CYS H 215 17.72 36.29 2.14
C CYS H 215 19.08 35.73 2.50
N GLU H 216 19.42 34.58 1.92
CA GLU H 216 20.67 33.91 2.27
C GLU H 216 21.62 33.99 1.05
N THR H 217 22.87 34.36 1.28
CA THR H 217 23.85 34.59 0.22
C THR H 217 24.78 33.39 0.10
N ARG H 218 24.86 32.80 -1.08
CA ARG H 218 25.84 31.74 -1.34
C ARG H 218 26.55 32.07 -2.66
N GLY H 219 27.73 32.67 -2.47
CA GLY H 219 28.49 33.20 -3.57
C GLY H 219 27.78 34.40 -4.14
N ASP H 220 27.77 34.53 -5.46
CA ASP H 220 27.08 35.70 -5.96
C ASP H 220 25.59 35.50 -5.97
N HIS H 221 25.10 34.26 -5.80
CA HIS H 221 23.66 34.05 -5.86
C HIS H 221 23.08 34.28 -4.46
N VAL H 222 21.90 34.89 -4.40
CA VAL H 222 21.25 35.19 -3.11
C VAL H 222 19.87 34.52 -3.14
N PHE H 223 19.66 33.57 -2.23
CA PHE H 223 18.47 32.73 -2.11
C PHE H 223 17.47 33.36 -1.13
N CYS H 224 16.41 33.97 -1.63
CA CYS H 224 15.55 34.78 -0.78
C CYS H 224 14.27 34.06 -0.40
N ASP H 225 13.90 34.17 0.90
CA ASP H 225 12.70 33.49 1.36
C ASP H 225 11.56 34.16 0.66
N THR H 226 10.85 33.36 -0.12
CA THR H 226 9.79 33.82 -1.01
C THR H 226 8.63 34.44 -0.27
N ALA H 227 8.22 33.85 0.86
CA ALA H 227 7.09 34.37 1.61
C ALA H 227 7.36 35.80 2.07
N ALA H 228 8.63 36.09 2.40
CA ALA H 228 9.07 37.41 2.90
C ALA H 228 8.93 38.50 1.84
N GLY H 229 8.96 38.10 0.58
CA GLY H 229 8.98 39.05 -0.52
C GLY H 229 7.74 39.95 -0.53
N ILE H 230 7.98 41.22 -0.82
CA ILE H 230 6.94 42.21 -1.04
C ILE H 230 7.11 42.76 -2.43
N ASN H 231 6.07 42.73 -3.24
CA ASN H 231 6.20 43.28 -4.59
C ASN H 231 6.10 44.80 -4.55
N VAL H 232 7.13 45.45 -5.11
CA VAL H 232 7.23 46.91 -5.21
C VAL H 232 7.41 47.28 -6.68
N ALA H 233 6.99 48.51 -6.99
CA ALA H 233 7.11 49.01 -8.35
C ALA H 233 8.57 49.12 -8.78
N GLU H 234 8.83 48.89 -10.09
CA GLU H 234 10.21 48.97 -10.57
C GLU H 234 10.78 50.36 -10.33
N GLN H 235 9.91 51.37 -10.39
CA GLN H 235 10.33 52.75 -10.27
C GLN H 235 10.97 53.00 -8.93
N SER H 236 10.86 52.07 -7.98
CA SER H 236 11.44 52.33 -6.69
C SER H 236 12.96 52.41 -6.80
N ARG H 237 13.55 51.80 -7.85
CA ARG H 237 14.97 52.00 -8.16
C ARG H 237 15.35 53.46 -8.09
N GLU H 238 14.42 54.35 -8.48
CA GLU H 238 14.72 55.75 -8.58
C GLU H 238 15.13 56.37 -7.26
N CYS H 239 14.82 55.71 -6.13
CA CYS H 239 15.23 56.33 -4.87
C CYS H 239 16.75 56.32 -4.74
N ASN H 240 17.42 55.48 -5.52
CA ASN H 240 18.86 55.33 -5.48
C ASN H 240 19.53 56.14 -6.56
N ILE H 241 18.79 56.99 -7.26
CA ILE H 241 19.35 57.94 -8.21
C ILE H 241 19.15 59.34 -7.68
N ASN H 242 17.91 59.74 -7.49
CA ASN H 242 17.64 61.02 -6.88
C ASN H 242 16.67 60.62 -5.79
N ILE H 243 17.05 60.80 -4.52
CA ILE H 243 16.11 60.43 -3.46
C ILE H 243 14.92 61.39 -3.52
N SER H 244 15.16 62.64 -3.91
CA SER H 244 14.08 63.62 -3.96
C SER H 244 13.38 63.59 -5.30
N THR H 245 13.33 62.41 -5.93
CA THR H 245 12.64 62.16 -7.18
C THR H 245 11.13 62.18 -6.95
N THR H 246 10.39 62.79 -7.86
CA THR H 246 8.95 62.91 -7.69
C THR H 246 8.14 61.72 -8.22
N ASN H 247 8.77 60.82 -8.97
CA ASN H 247 8.07 59.67 -9.50
C ASN H 247 7.75 58.60 -8.45
N TYR H 248 8.56 58.46 -7.41
CA TYR H 248 8.20 57.46 -6.41
C TYR H 248 8.19 58.01 -4.99
N PRO H 249 7.21 57.61 -4.16
CA PRO H 249 7.20 58.06 -2.76
C PRO H 249 8.27 57.40 -1.91
N CYS H 250 9.52 57.83 -2.05
CA CYS H 250 10.64 57.18 -1.36
C CYS H 250 10.41 57.17 0.15
N LYS H 251 10.42 55.97 0.72
CA LYS H 251 10.11 55.82 2.13
C LYS H 251 11.27 56.24 3.02
N VAL H 252 11.15 57.44 3.60
CA VAL H 252 12.18 58.06 4.44
C VAL H 252 11.47 58.83 5.56
N SER H 253 11.95 58.66 6.80
CA SER H 253 11.39 59.22 8.03
C SER H 253 12.16 60.43 8.55
N THR H 254 11.45 61.36 9.22
CA THR H 254 12.11 62.56 9.75
C THR H 254 12.16 62.55 11.27
N GLY H 255 13.25 63.11 11.80
CA GLY H 255 13.48 63.21 13.23
C GLY H 255 14.10 64.53 13.63
N ARG H 256 13.99 64.82 14.91
CA ARG H 256 14.50 66.07 15.47
C ARG H 256 15.70 65.85 16.40
N HIS H 257 16.11 64.60 16.63
CA HIS H 257 17.22 64.30 17.54
C HIS H 257 18.31 63.49 16.85
N PRO H 258 19.56 63.71 17.25
CA PRO H 258 20.70 63.05 16.59
C PRO H 258 20.80 61.59 16.99
N ILE H 259 21.14 60.75 16.03
CA ILE H 259 21.27 59.32 16.29
C ILE H 259 22.60 58.86 15.77
N SER H 260 23.50 58.47 16.66
CA SER H 260 24.83 58.01 16.26
C SER H 260 24.81 56.48 16.21
N MET H 261 25.26 55.93 15.08
CA MET H 261 25.14 54.49 14.88
C MET H 261 26.10 54.00 13.81
N VAL H 262 26.20 52.67 13.71
CA VAL H 262 26.95 51.94 12.70
C VAL H 262 26.05 50.99 11.94
N ALA H 263 26.04 51.09 10.61
CA ALA H 263 25.26 50.19 9.76
C ALA H 263 26.22 49.40 8.88
N LEU H 264 26.24 48.07 8.99
CA LEU H 264 27.24 47.28 8.27
C LEU H 264 26.80 47.05 6.85
N SER H 265 27.67 47.24 5.95
CA SER H 265 27.42 47.00 4.55
C SER H 265 28.06 45.68 4.15
N PRO H 266 27.68 45.09 3.01
CA PRO H 266 28.41 43.91 2.57
C PRO H 266 29.90 44.15 2.50
N LEU H 267 30.29 45.20 1.80
CA LEU H 267 31.69 45.49 1.55
C LEU H 267 32.22 46.61 2.42
N GLY H 268 31.40 47.16 3.32
CA GLY H 268 31.85 48.26 4.15
C GLY H 268 30.90 48.61 5.27
N ALA H 269 30.78 49.90 5.61
CA ALA H 269 29.92 50.36 6.70
C ALA H 269 29.59 51.85 6.60
N LEU H 270 28.38 52.22 6.96
CA LEU H 270 27.99 53.61 7.07
C LEU H 270 28.05 54.02 8.54
N VAL H 271 28.75 55.11 8.86
CA VAL H 271 28.81 55.56 10.25
C VAL H 271 28.17 56.94 10.35
N ALA H 272 27.38 57.14 11.41
CA ALA H 272 26.74 58.41 11.73
C ALA H 272 27.21 58.89 13.10
N CYS H 273 28.07 59.93 13.11
CA CYS H 273 28.62 60.55 14.32
C CYS H 273 28.04 61.92 14.56
N TYR H 274 27.35 62.10 15.66
CA TYR H 274 26.82 63.44 15.89
C TYR H 274 27.02 63.77 17.36
N LYS H 275 27.16 65.07 17.60
CA LYS H 275 27.21 65.70 18.91
C LYS H 275 28.35 64.98 19.64
N GLY H 276 28.16 64.62 20.90
CA GLY H 276 29.21 64.08 21.73
C GLY H 276 29.55 62.59 21.72
N VAL H 277 30.10 62.12 20.59
CA VAL H 277 30.67 60.78 20.50
C VAL H 277 31.94 60.93 19.70
N SER H 278 32.95 60.15 20.05
CA SER H 278 34.26 60.10 19.39
C SER H 278 34.37 58.80 18.62
N CYS H 279 33.97 58.86 17.38
CA CYS H 279 33.95 57.76 16.44
C CYS H 279 35.26 57.66 15.71
N SER H 280 35.82 56.46 15.65
CA SER H 280 37.10 56.25 15.01
C SER H 280 37.07 55.00 14.20
N ILE H 281 38.01 54.93 13.27
CA ILE H 281 38.16 53.77 12.44
C ILE H 281 39.45 53.14 12.91
N GLY H 282 39.40 51.83 13.13
CA GLY H 282 40.53 51.09 13.65
C GLY H 282 40.91 49.84 12.89
N SER H 283 42.01 49.24 13.36
CA SER H 283 42.50 48.00 12.80
C SER H 283 42.57 47.02 13.95
N ASN H 284 42.70 45.75 13.60
CA ASN H 284 42.88 44.69 14.58
C ASN H 284 44.31 44.65 15.14
N ARG H 285 45.29 44.87 14.25
CA ARG H 285 46.69 44.75 14.61
C ARG H 285 47.27 46.03 15.18
N VAL H 286 47.17 47.13 14.44
CA VAL H 286 47.78 48.40 14.80
C VAL H 286 46.88 49.25 15.70
N GLY H 287 45.58 49.26 15.49
CA GLY H 287 44.71 50.13 16.27
C GLY H 287 44.08 51.27 15.51
N ILE H 288 43.62 52.27 16.27
CA ILE H 288 43.00 53.46 15.71
C ILE H 288 43.72 53.85 14.44
N ILE H 289 42.94 54.20 13.41
CA ILE H 289 43.50 54.61 12.14
C ILE H 289 43.03 56.00 11.83
N LYS H 290 41.85 56.38 12.32
CA LYS H 290 41.42 57.70 11.90
C LYS H 290 40.22 58.10 12.72
N GLN H 291 40.15 59.33 13.19
CA GLN H 291 38.89 59.68 13.82
C GLN H 291 37.90 60.09 12.78
N LEU H 292 36.71 59.64 12.95
CA LEU H 292 35.79 59.96 11.90
C LEU H 292 35.23 61.36 12.12
N PRO H 293 35.03 62.09 11.04
CA PRO H 293 34.49 63.44 11.15
C PRO H 293 32.99 63.37 11.38
N LYS H 294 32.47 64.44 11.95
CA LYS H 294 31.11 64.37 12.44
C LYS H 294 30.20 64.21 11.24
N GLY H 295 29.22 63.34 11.32
CA GLY H 295 28.39 63.19 10.15
C GLY H 295 28.34 61.77 9.63
N CYS H 296 27.88 61.62 8.39
CA CYS H 296 27.79 60.30 7.77
C CYS H 296 29.03 60.08 6.91
N SER H 297 29.81 59.05 7.25
CA SER H 297 31.04 58.62 6.57
C SER H 297 30.79 57.22 6.05
N TYR H 298 31.39 56.88 4.92
CA TYR H 298 31.32 55.53 4.35
C TYR H 298 32.72 54.90 4.34
N ILE H 299 32.82 53.67 4.86
CA ILE H 299 34.09 52.95 4.96
C ILE H 299 34.07 51.59 4.29
N THR H 300 35.28 51.15 3.85
CA THR H 300 35.58 49.94 3.10
C THR H 300 36.01 48.80 4.03
N ASN H 301 35.79 47.56 3.59
CA ASN H 301 36.37 46.43 4.31
C ASN H 301 37.90 46.47 4.31
N GLN H 302 38.48 47.17 3.34
CA GLN H 302 39.92 47.31 3.11
C GLN H 302 40.48 48.63 3.61
N ASP H 303 39.64 49.50 4.10
CA ASP H 303 40.10 50.72 4.71
C ASP H 303 40.35 50.50 6.19
N ALA H 304 39.55 49.64 6.81
CA ALA H 304 39.70 49.34 8.23
C ALA H 304 39.08 48.00 8.54
N ASP H 305 39.20 47.61 9.81
CA ASP H 305 38.63 46.36 10.27
C ASP H 305 37.73 46.59 11.49
N THR H 306 37.63 47.83 11.99
CA THR H 306 36.91 48.14 13.22
C THR H 306 36.33 49.55 13.13
N VAL H 307 35.08 49.72 13.54
CA VAL H 307 34.52 51.05 13.78
C VAL H 307 34.17 51.16 15.26
N THR H 308 34.64 52.23 15.90
CA THR H 308 34.39 52.49 17.32
C THR H 308 33.53 53.73 17.57
N ILE H 309 32.48 53.54 18.37
CA ILE H 309 31.62 54.62 18.83
C ILE H 309 31.72 54.66 20.35
N ASP H 310 32.35 55.72 20.86
CA ASP H 310 32.71 55.83 22.26
C ASP H 310 33.59 54.64 22.57
N ASN H 311 33.10 53.73 23.38
CA ASN H 311 33.82 52.50 23.71
C ASN H 311 33.23 51.25 23.09
N THR H 312 32.23 51.37 22.21
CA THR H 312 31.64 50.18 21.60
C THR H 312 32.35 49.94 20.25
N VAL H 313 33.02 48.78 20.13
CA VAL H 313 33.79 48.42 18.93
C VAL H 313 33.09 47.36 18.10
N TYR H 314 32.86 47.71 16.83
CA TYR H 314 32.18 46.91 15.83
C TYR H 314 33.22 46.32 14.89
N GLN H 315 33.10 45.02 14.62
CA GLN H 315 34.01 44.34 13.72
C GLN H 315 33.37 44.46 12.37
N LEU H 316 34.18 44.83 11.41
CA LEU H 316 33.63 45.10 10.10
C LEU H 316 33.51 43.84 9.28
N SER H 317 34.42 42.88 9.50
CA SER H 317 34.48 41.60 8.82
C SER H 317 34.63 40.50 9.88
N LYS H 318 34.55 39.25 9.42
CA LYS H 318 34.77 38.12 10.30
C LYS H 318 36.25 38.10 10.67
N VAL H 319 36.50 37.85 11.94
CA VAL H 319 37.86 37.78 12.49
C VAL H 319 38.38 36.33 12.47
N GLU H 320 39.44 36.08 11.69
CA GLU H 320 40.01 34.74 11.49
C GLU H 320 40.87 34.29 12.67
N GLY H 321 40.51 33.17 13.27
CA GLY H 321 41.18 32.70 14.47
C GLY H 321 42.09 31.51 14.32
N GLU H 322 42.18 30.70 15.39
CA GLU H 322 42.97 29.49 15.44
C GLU H 322 42.50 28.45 14.41
N GLN H 323 43.25 27.35 14.32
CA GLN H 323 43.02 26.32 13.30
C GLN H 323 43.42 24.93 13.81
N HIS H 324 42.45 24.05 14.09
CA HIS H 324 42.83 22.79 14.74
C HIS H 324 42.86 21.64 13.71
N VAL H 325 43.68 20.61 14.04
CA VAL H 325 43.75 19.36 13.28
C VAL H 325 43.83 18.18 14.26
N ILE H 326 42.92 17.22 14.10
CA ILE H 326 42.70 16.08 14.98
C ILE H 326 42.63 14.79 14.17
N LYS H 327 43.31 13.74 14.61
CA LYS H 327 43.25 12.44 13.96
C LYS H 327 42.98 11.41 15.05
N GLY H 328 42.10 10.46 14.73
CA GLY H 328 41.71 9.46 15.69
C GLY H 328 42.82 8.50 16.03
N ARG H 329 42.63 7.84 17.17
CA ARG H 329 43.57 6.81 17.57
C ARG H 329 43.54 5.65 16.58
N PRO H 330 44.69 5.03 16.34
CA PRO H 330 44.75 3.92 15.37
C PRO H 330 44.02 2.70 15.90
N VAL H 331 43.36 1.99 14.98
CA VAL H 331 42.69 0.73 15.31
C VAL H 331 43.60 -0.41 14.84
N SER H 332 43.87 -1.35 15.74
CA SER H 332 44.76 -2.48 15.48
C SER H 332 44.01 -3.79 15.70
N SER H 333 44.53 -4.88 15.15
CA SER H 333 43.93 -6.20 15.36
C SER H 333 44.57 -6.94 16.50
N SER H 334 43.73 -7.69 17.24
CA SER H 334 44.22 -8.43 18.39
C SER H 334 44.06 -9.94 18.15
N PHE H 335 44.07 -10.32 16.88
CA PHE H 335 43.84 -11.69 16.47
C PHE H 335 45.13 -12.47 16.71
N ASP H 336 45.05 -13.49 17.55
CA ASP H 336 46.21 -14.31 17.90
C ASP H 336 45.86 -15.79 17.84
N PRO H 337 46.05 -16.41 16.67
CA PRO H 337 45.58 -17.76 16.44
C PRO H 337 46.34 -18.77 17.31
N ILE H 338 45.88 -20.01 17.27
CA ILE H 338 46.39 -21.05 18.13
C ILE H 338 46.93 -22.21 17.29
N ARG H 339 48.00 -22.83 17.79
CA ARG H 339 48.67 -23.95 17.13
C ARG H 339 48.90 -25.06 18.17
N PHE H 340 49.22 -26.26 17.67
CA PHE H 340 49.65 -27.35 18.53
C PHE H 340 50.87 -28.04 17.92
N PRO H 341 51.97 -28.22 18.70
CA PRO H 341 53.18 -28.86 18.14
C PRO H 341 52.94 -30.35 17.93
N GLU H 342 52.29 -30.68 16.81
CA GLU H 342 51.73 -32.02 16.62
C GLU H 342 52.80 -33.05 16.27
N ASP H 343 53.93 -32.65 15.67
CA ASP H 343 54.94 -33.61 15.25
C ASP H 343 55.48 -34.43 16.43
N GLN H 344 55.91 -33.78 17.52
CA GLN H 344 56.51 -34.51 18.66
C GLN H 344 55.53 -35.51 19.27
N PHE H 345 54.24 -35.15 19.30
CA PHE H 345 53.21 -36.05 19.81
C PHE H 345 53.04 -37.22 18.85
N ASN H 346 52.90 -36.89 17.58
CA ASN H 346 52.65 -37.89 16.58
C ASN H 346 53.83 -38.87 16.55
N VAL H 347 55.02 -38.39 16.95
CA VAL H 347 56.21 -39.23 17.06
C VAL H 347 56.05 -40.22 18.20
N ALA H 348 55.46 -39.76 19.32
CA ALA H 348 55.27 -40.68 20.44
C ALA H 348 54.26 -41.77 20.08
N LEU H 349 53.26 -41.40 19.26
CA LEU H 349 52.27 -42.40 18.86
C LEU H 349 52.81 -43.40 17.84
N ASP H 350 53.58 -42.97 16.83
CA ASP H 350 54.17 -43.97 15.94
C ASP H 350 55.07 -44.94 16.70
N GLN H 351 55.86 -44.43 17.66
CA GLN H 351 56.68 -45.30 18.50
C GLN H 351 55.84 -46.33 19.27
N VAL H 352 54.73 -45.87 19.89
CA VAL H 352 53.87 -46.77 20.66
C VAL H 352 53.22 -47.82 19.76
N PHE H 353 52.65 -47.40 18.62
CA PHE H 353 51.99 -48.35 17.73
C PHE H 353 52.95 -49.40 17.20
N GLU H 354 54.23 -49.06 17.06
CA GLU H 354 55.17 -50.08 16.58
C GLU H 354 55.56 -51.03 17.72
N SER H 355 55.82 -50.46 18.91
CA SER H 355 56.19 -51.22 20.10
C SER H 355 55.09 -52.17 20.61
N ILE H 356 53.82 -51.82 20.40
CA ILE H 356 52.75 -52.72 20.82
C ILE H 356 52.81 -54.03 20.03
N GLU H 357 52.95 -53.93 18.70
CA GLU H 357 52.99 -55.15 17.88
C GLU H 357 54.31 -55.87 18.06
N ASN H 358 55.39 -55.14 18.33
CA ASN H 358 56.64 -55.82 18.61
C ASN H 358 56.51 -56.67 19.88
N SER H 359 55.93 -56.13 20.94
CA SER H 359 55.73 -56.92 22.16
C SER H 359 54.82 -58.13 21.93
N GLN H 360 53.67 -57.94 21.27
CA GLN H 360 52.78 -59.07 21.03
C GLN H 360 53.53 -60.11 20.17
N ALA H 361 54.37 -59.63 19.25
CA ALA H 361 55.15 -60.48 18.36
C ALA H 361 56.21 -61.23 19.15
N LEU H 362 56.70 -60.63 20.24
CA LEU H 362 57.73 -61.26 21.05
C LEU H 362 57.09 -62.43 21.80
N VAL H 363 55.81 -62.27 22.19
CA VAL H 363 55.02 -63.32 22.84
C VAL H 363 54.56 -64.36 21.81
N ASP H 364 54.74 -64.07 20.53
CA ASP H 364 54.44 -65.07 19.51
C ASP H 364 55.50 -66.15 19.42
N GLN H 365 56.78 -65.81 19.55
CA GLN H 365 57.76 -66.89 19.62
C GLN H 365 57.53 -67.74 20.87
N SER H 366 57.15 -67.11 21.97
CA SER H 366 56.93 -67.85 23.23
C SER H 366 55.80 -68.87 23.04
N ASN H 367 54.65 -68.43 22.55
CA ASN H 367 53.53 -69.37 22.41
C ASN H 367 53.74 -70.37 21.27
N LYS H 368 54.67 -70.11 20.34
CA LYS H 368 55.00 -71.09 19.30
C LYS H 368 56.17 -72.01 19.65
N ILE H 369 57.07 -71.57 20.55
CA ILE H 369 58.15 -72.43 21.05
C ILE H 369 57.58 -73.65 21.74
N LEU H 370 56.46 -73.48 22.46
CA LEU H 370 55.80 -74.61 23.13
C LEU H 370 55.14 -75.52 22.10
N ASN H 371 55.78 -76.67 21.86
CA ASN H 371 55.31 -77.72 20.96
C ASN H 371 56.18 -78.96 21.14
N LEU I 1 -13.74 23.68 3.04
CA LEU I 1 -13.38 25.09 3.18
C LEU I 1 -14.14 25.89 2.15
N LYS I 2 -14.27 27.20 2.37
CA LYS I 2 -14.98 28.02 1.41
C LYS I 2 -14.20 29.29 1.20
N GLU I 3 -13.78 29.52 -0.04
CA GLU I 3 -12.94 30.66 -0.34
C GLU I 3 -13.65 31.59 -1.31
N SER I 4 -13.91 32.81 -0.88
CA SER I 4 -14.69 33.79 -1.64
C SER I 4 -13.78 34.87 -2.21
N TYR I 5 -13.98 35.22 -3.49
CA TYR I 5 -13.18 36.26 -4.17
C TYR I 5 -13.91 37.58 -4.06
N LEU I 6 -13.25 38.59 -3.52
CA LEU I 6 -13.84 39.92 -3.31
C LEU I 6 -13.34 40.87 -4.41
N GLU I 7 -14.16 41.03 -5.46
CA GLU I 7 -13.75 41.69 -6.70
C GLU I 7 -13.57 43.16 -6.46
N GLU I 8 -14.14 43.68 -5.40
CA GLU I 8 -14.12 45.11 -5.16
C GLU I 8 -12.80 45.53 -4.58
N SER I 9 -12.13 44.63 -3.83
CA SER I 9 -10.89 44.93 -3.12
C SER I 9 -9.76 44.06 -3.63
N CYS I 10 -9.94 43.35 -4.74
CA CYS I 10 -8.92 42.47 -5.25
C CYS I 10 -8.39 41.56 -4.17
N SER I 11 -9.30 41.00 -3.37
CA SER I 11 -8.80 40.19 -2.28
C SER I 11 -9.54 38.86 -2.23
N THR I 12 -9.01 37.92 -1.44
CA THR I 12 -9.65 36.62 -1.28
C THR I 12 -9.71 36.38 0.21
N ILE I 13 -10.87 35.92 0.68
CA ILE I 13 -11.00 35.43 2.03
C ILE I 13 -11.22 33.93 1.95
N THR I 14 -10.50 33.19 2.77
CA THR I 14 -10.59 31.73 2.80
C THR I 14 -11.05 31.33 4.18
N GLU I 15 -12.30 30.84 4.30
CA GLU I 15 -12.92 30.56 5.59
C GLU I 15 -13.16 29.07 5.83
N GLY I 16 -13.46 28.77 7.09
CA GLY I 16 -13.70 27.40 7.50
C GLY I 16 -12.61 26.86 8.38
N TYR I 17 -11.61 27.68 8.68
CA TYR I 17 -10.56 27.24 9.57
C TYR I 17 -11.04 27.25 11.00
N LEU I 18 -10.35 26.50 11.84
CA LEU I 18 -10.68 26.42 13.26
C LEU I 18 -9.44 26.80 14.07
N SER I 19 -9.67 27.54 15.13
CA SER I 19 -8.59 28.16 15.86
C SER I 19 -7.94 27.19 16.84
N VAL I 20 -6.63 27.33 17.01
CA VAL I 20 -5.90 26.68 18.08
C VAL I 20 -4.93 27.70 18.67
N LEU I 21 -5.28 28.25 19.84
CA LEU I 21 -4.58 29.39 20.42
C LEU I 21 -3.92 29.00 21.73
N ARG I 22 -2.66 29.36 21.88
CA ARG I 22 -1.92 29.02 23.08
C ARG I 22 -2.23 29.98 24.21
N THR I 23 -2.58 29.47 25.39
CA THR I 23 -2.88 30.36 26.50
C THR I 23 -1.89 30.26 27.66
N GLY I 24 -1.01 29.26 27.66
CA GLY I 24 -0.03 29.14 28.73
C GLY I 24 1.01 28.09 28.41
N TRP I 25 1.85 27.81 29.41
CA TRP I 25 2.86 26.76 29.35
C TRP I 25 2.70 25.78 30.51
N TYR I 26 2.80 24.47 30.25
CA TYR I 26 2.76 23.43 31.29
C TYR I 26 4.09 22.69 31.21
N THR I 27 4.79 22.56 32.34
CA THR I 27 6.17 22.05 32.35
C THR I 27 6.42 20.84 33.24
N ASN I 28 7.15 19.86 32.71
CA ASN I 28 7.66 18.73 33.50
C ASN I 28 9.19 18.75 33.63
N VAL I 29 9.68 18.26 34.77
CA VAL I 29 11.11 18.08 35.04
C VAL I 29 11.41 16.59 35.09
N PHE I 30 12.46 16.17 34.40
CA PHE I 30 12.89 14.79 34.35
C PHE I 30 14.28 14.62 34.96
N THR I 31 14.54 13.49 35.61
CA THR I 31 15.91 13.19 36.02
C THR I 31 16.27 11.81 35.47
N LEU I 32 17.18 11.72 34.50
CA LEU I 32 17.57 10.43 33.93
C LEU I 32 18.95 9.98 34.45
N GLU I 33 19.05 8.77 34.98
CA GLU I 33 20.33 8.27 35.48
C GLU I 33 20.79 7.05 34.70
N VAL I 34 22.10 6.91 34.58
CA VAL I 34 22.75 5.77 33.93
C VAL I 34 22.76 4.56 34.85
N GLY I 35 22.48 3.40 34.30
CA GLY I 35 22.50 2.21 35.12
C GLY I 35 23.90 1.88 35.62
N ASP I 36 23.95 1.12 36.70
CA ASP I 36 25.23 0.72 37.27
C ASP I 36 25.90 -0.30 36.34
N VAL I 37 27.22 -0.23 36.24
CA VAL I 37 28.00 -1.23 35.50
C VAL I 37 29.15 -1.76 36.35
N GLU I 38 29.24 -3.10 36.41
CA GLU I 38 30.25 -3.82 37.20
C GLU I 38 31.66 -3.64 36.65
N ASN I 39 32.65 -3.69 37.53
CA ASN I 39 34.03 -3.56 37.03
C ASN I 39 34.34 -4.89 36.38
N LEU I 40 34.72 -4.84 35.11
CA LEU I 40 35.03 -6.04 34.34
C LEU I 40 36.51 -6.37 34.55
N THR I 41 36.81 -7.24 35.50
CA THR I 41 38.18 -7.46 35.93
C THR I 41 38.84 -8.62 35.20
N CYS I 42 38.24 -9.11 34.12
CA CYS I 42 38.81 -10.21 33.35
C CYS I 42 39.72 -9.73 32.22
N THR I 43 39.45 -8.54 31.68
CA THR I 43 40.24 -8.06 30.56
C THR I 43 41.66 -7.76 31.02
N ASP I 44 42.50 -7.28 30.10
CA ASP I 44 43.71 -6.60 30.51
C ASP I 44 43.82 -5.25 29.82
N GLY I 45 44.08 -4.19 30.60
CA GLY I 45 44.38 -2.93 29.98
C GLY I 45 43.10 -2.23 29.59
N PRO I 46 43.05 -2.04 28.27
CA PRO I 46 41.97 -1.33 27.55
C PRO I 46 40.63 -2.04 27.64
N SER I 47 39.75 -1.77 28.59
CA SER I 47 38.52 -2.52 28.49
C SER I 47 37.52 -1.74 27.62
N LEU I 48 36.68 -2.51 26.90
CA LEU I 48 35.70 -1.91 26.00
C LEU I 48 34.51 -1.29 26.75
N ILE I 49 34.12 -1.86 27.88
CA ILE I 49 33.03 -1.20 28.55
C ILE I 49 33.61 -0.06 29.35
N LYS I 50 34.86 -0.19 29.83
CA LYS I 50 35.48 0.96 30.47
C LYS I 50 35.69 2.08 29.46
N THR I 51 36.02 1.75 28.22
CA THR I 51 36.18 2.82 27.24
C THR I 51 34.84 3.42 26.85
N GLU I 52 33.75 2.66 26.95
CA GLU I 52 32.47 3.25 26.61
C GLU I 52 31.94 4.13 27.71
N LEU I 53 32.27 3.79 28.91
CA LEU I 53 31.82 4.64 30.01
C LEU I 53 32.73 5.86 30.06
N ASP I 54 34.05 5.68 29.91
CA ASP I 54 34.90 6.86 30.00
C ASP I 54 34.53 7.83 28.89
N LEU I 55 33.89 7.31 27.85
CA LEU I 55 33.40 8.17 26.80
C LEU I 55 32.11 8.86 27.22
N THR I 56 31.14 8.11 27.79
CA THR I 56 29.91 8.82 28.15
C THR I 56 30.04 9.64 29.44
N LYS I 57 30.96 9.30 30.35
CA LYS I 57 31.22 10.16 31.51
C LYS I 57 31.90 11.44 31.03
N SER I 58 32.76 11.34 30.01
CA SER I 58 33.36 12.57 29.53
C SER I 58 32.33 13.38 28.75
N ALA I 59 31.43 12.69 28.05
CA ALA I 59 30.36 13.39 27.34
C ALA I 59 29.49 14.17 28.31
N LEU I 60 29.26 13.61 29.51
CA LEU I 60 28.42 14.30 30.49
C LEU I 60 29.20 15.42 31.14
N ARG I 61 30.52 15.22 31.31
CA ARG I 61 31.38 16.25 31.86
C ARG I 61 31.38 17.45 30.94
N GLU I 62 31.31 17.19 29.62
CA GLU I 62 31.27 18.25 28.61
C GLU I 62 29.87 18.84 28.54
N LEU I 63 28.85 18.00 28.64
CA LEU I 63 27.48 18.48 28.62
C LEU I 63 27.17 19.42 29.77
N LYS I 64 27.82 19.25 30.92
CA LYS I 64 27.52 20.16 32.03
C LYS I 64 27.76 21.61 31.63
N THR I 65 28.74 21.87 30.75
CA THR I 65 29.09 23.27 30.52
C THR I 65 27.93 24.04 29.91
N VAL I 66 26.89 23.36 29.42
CA VAL I 66 25.82 24.10 28.79
C VAL I 66 24.53 23.99 29.60
N SER I 67 24.63 23.48 30.83
CA SER I 67 23.51 23.37 31.74
C SER I 67 23.01 24.75 32.20
N ALA I 68 21.71 24.83 32.48
CA ALA I 68 21.14 26.09 32.91
C ALA I 68 21.59 26.40 34.36
N ASP I 69 22.37 25.48 34.92
CA ASP I 69 22.96 25.49 36.27
C ASP I 69 24.34 26.15 36.20
N GLN I 70 24.34 27.45 36.48
CA GLN I 70 25.53 28.29 36.41
C GLN I 70 26.57 27.92 37.48
N SER J 21 62.00 -83.97 28.27
CA SER J 21 62.67 -82.95 29.08
C SER J 21 62.90 -81.64 28.35
N GLU J 22 61.99 -81.23 27.44
CA GLU J 22 62.17 -79.95 26.76
C GLU J 22 61.85 -78.75 27.64
N VAL J 23 62.20 -78.81 28.93
CA VAL J 23 61.91 -77.71 29.84
C VAL J 23 62.81 -76.50 29.53
N ASN J 24 64.00 -76.73 28.97
CA ASN J 24 64.90 -75.61 28.66
C ASN J 24 64.26 -74.63 27.68
N ALA J 25 63.54 -75.14 26.68
CA ALA J 25 62.93 -74.21 25.72
C ALA J 25 61.82 -73.43 26.41
N ILE J 26 60.93 -74.15 27.08
CA ILE J 26 59.85 -73.50 27.88
C ILE J 26 60.54 -72.62 28.93
N LYS J 27 61.87 -72.62 28.98
CA LYS J 27 62.62 -71.77 29.93
C LYS J 27 63.04 -70.48 29.23
N GLY J 28 62.63 -70.32 27.96
CA GLY J 28 62.96 -69.11 27.21
C GLY J 28 61.70 -68.38 26.84
N ALA J 29 60.64 -69.13 26.58
CA ALA J 29 59.34 -68.54 26.25
C ALA J 29 58.97 -67.57 27.37
N LEU J 30 58.93 -68.10 28.59
CA LEU J 30 58.59 -67.30 29.79
C LEU J 30 59.64 -66.21 29.97
N LYS J 31 60.82 -66.37 29.39
CA LYS J 31 61.76 -65.25 29.41
C LYS J 31 61.48 -64.27 28.27
N THR J 32 61.38 -64.78 27.04
CA THR J 32 60.95 -63.94 25.91
C THR J 32 59.62 -63.27 26.19
N THR J 33 58.67 -64.01 26.77
CA THR J 33 57.40 -63.42 27.22
C THR J 33 57.64 -62.17 28.09
N ASN J 34 58.52 -62.33 29.08
CA ASN J 34 58.82 -61.23 30.01
C ASN J 34 59.38 -60.07 29.18
N GLU J 35 60.08 -60.36 28.09
CA GLU J 35 60.62 -59.31 27.23
C GLU J 35 59.49 -58.59 26.51
N ALA J 36 58.43 -59.33 26.20
CA ALA J 36 57.24 -58.74 25.60
C ALA J 36 56.51 -57.84 26.58
N VAL J 37 56.48 -58.24 27.85
CA VAL J 37 55.85 -57.41 28.86
C VAL J 37 56.63 -56.09 28.98
N SER J 38 57.96 -56.17 29.03
CA SER J 38 58.78 -54.95 29.08
C SER J 38 58.63 -54.10 27.81
N THR J 39 58.49 -54.74 26.64
CA THR J 39 58.39 -53.97 25.40
C THR J 39 57.09 -53.20 25.40
N LEU J 40 56.01 -53.93 25.67
CA LEU J 40 54.72 -53.29 25.76
C LEU J 40 54.72 -52.21 26.85
N GLY J 41 55.46 -52.43 27.94
CA GLY J 41 55.54 -51.40 28.98
C GLY J 41 56.18 -50.10 28.53
N ASN J 42 57.31 -50.17 27.81
CA ASN J 42 57.92 -48.94 27.31
C ASN J 42 57.03 -48.29 26.26
N GLY J 43 56.12 -49.06 25.68
CA GLY J 43 55.11 -48.57 24.75
C GLY J 43 54.03 -47.85 25.53
N VAL J 44 53.53 -48.46 26.61
CA VAL J 44 52.52 -47.80 27.44
C VAL J 44 53.12 -46.51 28.01
N ARG J 45 54.40 -46.57 28.38
CA ARG J 45 55.10 -45.42 28.92
C ARG J 45 55.11 -44.26 27.92
N VAL J 46 55.48 -44.52 26.67
CA VAL J 46 55.46 -43.46 25.65
C VAL J 46 54.01 -42.98 25.40
N LEU J 47 53.02 -43.89 25.52
CA LEU J 47 51.63 -43.48 25.32
C LEU J 47 51.22 -42.51 26.41
N ALA J 48 51.67 -42.78 27.63
CA ALA J 48 51.38 -41.93 28.76
C ALA J 48 52.03 -40.56 28.56
N THR J 49 53.28 -40.54 28.06
CA THR J 49 53.90 -39.25 27.80
C THR J 49 53.11 -38.43 26.78
N ALA J 50 52.51 -39.12 25.80
CA ALA J 50 51.66 -38.43 24.83
C ALA J 50 50.38 -37.89 25.46
N VAL J 51 49.68 -38.70 26.25
CA VAL J 51 48.46 -38.24 26.91
C VAL J 51 48.72 -37.11 27.91
N ARG J 52 49.86 -37.13 28.61
CA ARG J 52 50.19 -36.01 29.50
C ARG J 52 50.42 -34.72 28.71
N GLU J 53 51.14 -34.79 27.60
CA GLU J 53 51.37 -33.56 26.83
C GLU J 53 50.07 -33.07 26.20
N LEU J 54 49.15 -33.99 25.88
CA LEU J 54 47.85 -33.60 25.32
C LEU J 54 46.98 -32.90 26.36
N LYS J 55 46.98 -33.41 27.60
CA LYS J 55 46.22 -32.74 28.65
C LYS J 55 46.81 -31.37 28.98
N GLU J 56 48.14 -31.23 28.97
CA GLU J 56 48.68 -29.92 29.32
C GLU J 56 48.54 -28.92 28.19
N PHE J 57 48.26 -29.38 26.97
CA PHE J 57 47.81 -28.43 25.96
C PHE J 57 46.31 -28.10 26.05
N VAL J 58 45.44 -29.09 26.24
CA VAL J 58 44.02 -28.76 26.34
C VAL J 58 43.71 -27.99 27.62
N SER J 59 44.17 -28.49 28.78
CA SER J 59 43.90 -27.85 30.06
C SER J 59 44.49 -26.44 30.15
N LYS J 60 45.74 -26.26 29.71
CA LYS J 60 46.41 -24.98 29.92
C LYS J 60 46.27 -24.05 28.72
N ASN J 61 46.94 -24.35 27.61
CA ASN J 61 46.99 -23.35 26.53
C ASN J 61 45.60 -23.13 25.93
N LEU J 62 44.74 -24.16 25.93
CA LEU J 62 43.45 -24.15 25.25
C LEU J 62 42.32 -23.64 26.12
N THR J 63 42.18 -24.13 27.36
CA THR J 63 41.15 -23.57 28.23
C THR J 63 41.43 -22.10 28.52
N SER J 64 42.70 -21.70 28.52
CA SER J 64 43.00 -20.29 28.72
C SER J 64 42.74 -19.47 27.45
N ALA J 65 43.00 -20.02 26.26
CA ALA J 65 42.61 -19.29 25.07
C ALA J 65 41.09 -19.15 24.97
N ILE J 66 40.34 -20.14 25.45
CA ILE J 66 38.88 -20.03 25.43
C ILE J 66 38.43 -19.00 26.46
N ASN J 67 38.95 -19.07 27.70
CA ASN J 67 38.57 -18.05 28.69
C ASN J 67 38.94 -16.63 28.24
N LYS J 68 40.01 -16.49 27.43
CA LYS J 68 40.32 -15.17 26.88
C LYS J 68 39.19 -14.74 25.94
N ASN J 69 38.79 -15.64 25.03
CA ASN J 69 37.67 -15.30 24.16
C ASN J 69 36.35 -15.12 24.93
N LYS J 70 36.20 -15.81 26.07
CA LYS J 70 35.00 -15.66 26.88
C LYS J 70 34.97 -14.28 27.51
N CYS J 71 36.14 -13.76 27.83
CA CYS J 71 36.26 -12.44 28.44
C CYS J 71 35.99 -11.36 27.43
N ASP J 72 36.57 -11.48 26.25
CA ASP J 72 36.27 -10.50 25.21
C ASP J 72 34.78 -10.51 24.86
N ILE J 73 34.19 -11.70 24.71
CA ILE J 73 32.75 -11.79 24.44
C ILE J 73 31.94 -11.06 25.50
N ALA J 74 32.24 -11.32 26.78
CA ALA J 74 31.48 -10.66 27.84
C ALA J 74 31.70 -9.16 27.87
N ASP J 75 32.91 -8.71 27.50
CA ASP J 75 33.19 -7.28 27.40
C ASP J 75 32.31 -6.62 26.34
N LEU J 76 32.30 -7.21 25.15
CA LEU J 76 31.56 -6.64 24.04
C LEU J 76 30.05 -6.72 24.32
N LYS J 77 29.61 -7.83 24.90
CA LYS J 77 28.23 -7.98 25.33
C LYS J 77 27.85 -6.90 26.34
N MET J 78 28.78 -6.54 27.23
CA MET J 78 28.50 -5.50 28.20
C MET J 78 28.31 -4.17 27.52
N ALA J 79 29.18 -3.86 26.55
CA ALA J 79 29.07 -2.59 25.83
C ALA J 79 27.73 -2.44 25.13
N VAL J 80 27.33 -3.45 24.38
CA VAL J 80 26.04 -3.33 23.69
C VAL J 80 24.90 -3.28 24.69
N SER J 81 24.92 -4.10 25.75
CA SER J 81 23.86 -4.01 26.75
C SER J 81 23.83 -2.61 27.34
N PHE J 82 24.99 -1.97 27.49
CA PHE J 82 25.04 -0.62 28.05
C PHE J 82 24.24 0.31 27.15
N SER J 83 24.51 0.23 25.85
CA SER J 83 23.79 1.07 24.89
C SER J 83 22.31 0.74 24.81
N GLN J 84 21.94 -0.50 25.11
CA GLN J 84 20.55 -0.89 25.03
C GLN J 84 19.77 -0.40 26.24
N PHE J 85 20.24 -0.78 27.44
CA PHE J 85 19.51 -0.46 28.64
C PHE J 85 19.52 1.03 28.94
N ASN J 86 20.39 1.80 28.28
CA ASN J 86 20.48 3.22 28.55
C ASN J 86 20.30 4.05 27.29
N ARG J 87 19.47 3.55 26.37
CA ARG J 87 19.21 4.30 25.14
C ARG J 87 18.69 5.68 25.46
N ARG J 88 17.63 5.76 26.24
CA ARG J 88 16.99 7.05 26.43
C ARG J 88 17.99 8.08 26.95
N PHE J 89 18.70 7.74 28.03
CA PHE J 89 19.69 8.64 28.60
C PHE J 89 20.70 9.09 27.54
N LEU J 90 21.19 8.14 26.74
CA LEU J 90 22.22 8.49 25.77
C LEU J 90 21.66 9.33 24.63
N ASN J 91 20.42 9.05 24.23
CA ASN J 91 19.81 9.86 23.17
C ASN J 91 19.59 11.28 23.67
N VAL J 92 19.11 11.43 24.89
CA VAL J 92 18.86 12.79 25.39
C VAL J 92 20.19 13.54 25.47
N VAL J 93 21.25 12.86 25.87
CA VAL J 93 22.54 13.56 25.90
C VAL J 93 22.94 13.95 24.48
N ARG J 94 22.66 13.10 23.48
CA ARG J 94 23.00 13.42 22.09
C ARG J 94 22.28 14.66 21.60
N GLN J 95 20.97 14.74 21.88
CA GLN J 95 20.15 15.84 21.38
C GLN J 95 20.58 17.15 22.01
N PHE J 96 20.76 17.12 23.35
CA PHE J 96 21.24 18.29 24.08
C PHE J 96 22.66 18.68 23.68
N SER J 97 23.42 17.75 23.13
CA SER J 97 24.76 18.10 22.68
C SER J 97 24.64 18.74 21.32
N ASP J 98 23.69 18.29 20.52
CA ASP J 98 23.60 18.86 19.20
C ASP J 98 23.07 20.28 19.29
N ASN J 99 22.28 20.59 20.31
CA ASN J 99 21.76 21.95 20.38
C ASN J 99 22.28 22.78 21.57
N ALA J 100 23.23 22.27 22.35
CA ALA J 100 23.85 23.04 23.44
C ALA J 100 22.83 23.60 24.44
N GLY J 101 22.06 22.71 25.08
CA GLY J 101 21.23 23.09 26.22
C GLY J 101 19.74 23.29 25.97
N ILE J 102 19.28 23.36 24.71
CA ILE J 102 17.90 23.65 24.35
C ILE J 102 17.50 22.66 23.25
N THR J 103 16.21 22.37 23.10
CA THR J 103 15.74 21.46 22.01
C THR J 103 14.64 22.17 21.24
N PRO J 104 14.75 22.27 19.91
CA PRO J 104 13.65 22.84 19.08
C PRO J 104 12.27 22.20 19.28
N ALA J 105 12.21 20.92 19.65
CA ALA J 105 10.96 20.20 19.82
C ALA J 105 11.12 19.31 21.04
N ILE J 106 10.00 18.78 21.50
CA ILE J 106 9.99 17.80 22.59
C ILE J 106 10.12 16.41 21.97
N SER J 107 11.36 15.94 21.82
CA SER J 107 11.58 14.66 21.14
C SER J 107 10.91 13.47 21.84
N LEU J 108 10.84 12.38 21.07
CA LEU J 108 10.23 11.16 21.57
C LEU J 108 11.07 10.64 22.73
N ASP J 109 12.38 10.94 22.69
CA ASP J 109 13.32 10.51 23.72
C ASP J 109 13.21 11.38 24.93
N LEU J 110 12.92 12.67 24.73
CA LEU J 110 12.82 13.60 25.86
C LEU J 110 11.60 13.29 26.72
N MET J 111 10.50 12.87 26.08
CA MET J 111 9.24 12.57 26.77
C MET J 111 8.43 11.62 25.89
N THR J 112 8.13 10.43 26.42
CA THR J 112 7.46 9.36 25.68
C THR J 112 5.99 9.72 25.41
N ASP J 113 5.33 8.96 24.50
CA ASP J 113 3.96 9.32 24.17
C ASP J 113 3.09 9.15 25.41
N ALA J 114 3.36 8.11 26.20
CA ALA J 114 2.64 7.92 27.45
C ALA J 114 2.80 9.13 28.34
N GLU J 115 4.05 9.60 28.49
CA GLU J 115 4.30 10.75 29.36
C GLU J 115 3.63 11.98 28.79
N LEU J 116 3.63 12.14 27.47
CA LEU J 116 2.97 13.31 26.90
C LEU J 116 1.48 13.29 27.19
N ALA J 117 0.86 12.15 26.97
CA ALA J 117 -0.56 12.14 27.25
C ALA J 117 -0.81 12.36 28.74
N ARG J 118 0.09 11.89 29.61
CA ARG J 118 -0.19 12.09 31.01
C ARG J 118 -0.04 13.54 31.39
N ALA J 119 0.93 14.23 30.80
CA ALA J 119 1.11 15.65 31.11
C ALA J 119 -0.09 16.43 30.59
N VAL J 120 -0.51 16.14 29.36
CA VAL J 120 -1.62 16.86 28.77
C VAL J 120 -2.87 16.63 29.57
N SER J 121 -3.01 15.45 30.15
CA SER J 121 -4.22 15.22 30.91
C SER J 121 -4.29 16.10 32.15
N TYR J 122 -3.21 16.20 32.93
CA TYR J 122 -3.24 17.10 34.08
C TYR J 122 -3.17 18.58 33.70
N MET J 123 -3.55 18.91 32.59
CA MET J 123 -3.34 20.31 32.29
C MET J 123 -4.60 21.11 32.57
N PRO J 124 -4.46 22.42 32.92
CA PRO J 124 -5.62 23.29 33.26
C PRO J 124 -6.51 23.84 32.15
N THR J 125 -7.25 22.96 31.48
CA THR J 125 -8.27 23.33 30.49
C THR J 125 -9.38 22.30 30.43
N SER J 126 -10.34 22.58 29.57
CA SER J 126 -11.54 21.79 29.43
C SER J 126 -11.21 20.52 28.66
N ALA J 127 -12.10 19.52 28.79
CA ALA J 127 -11.84 18.21 28.23
C ALA J 127 -11.65 18.27 26.72
N GLY J 128 -12.40 19.15 26.03
CA GLY J 128 -12.29 19.18 24.59
C GLY J 128 -10.96 19.74 24.12
N GLN J 129 -10.37 20.64 24.91
CA GLN J 129 -9.08 21.19 24.51
C GLN J 129 -7.95 20.21 24.78
N ILE J 130 -8.05 19.47 25.88
CA ILE J 130 -7.11 18.38 26.12
C ILE J 130 -7.23 17.33 25.03
N LYS J 131 -8.47 17.00 24.67
CA LYS J 131 -8.71 16.03 23.62
C LYS J 131 -8.01 16.47 22.34
N LEU J 132 -8.18 17.76 21.99
CA LEU J 132 -7.63 18.27 20.75
C LEU J 132 -6.11 18.18 20.74
N MET J 133 -5.46 18.45 21.88
CA MET J 133 -4.01 18.33 21.92
C MET J 133 -3.62 16.88 21.73
N LEU J 134 -4.35 15.99 22.39
CA LEU J 134 -4.09 14.56 22.25
C LEU J 134 -4.22 14.12 20.81
N GLU J 135 -5.11 14.75 20.05
CA GLU J 135 -5.25 14.35 18.66
C GLU J 135 -4.09 14.91 17.84
N ASN J 136 -3.52 16.03 18.24
CA ASN J 136 -2.41 16.69 17.54
C ASN J 136 -1.06 16.65 18.26
N ARG J 137 -0.75 15.53 18.96
CA ARG J 137 0.44 15.51 19.82
C ARG J 137 1.70 15.83 19.07
N ALA J 138 1.71 15.66 17.76
CA ALA J 138 2.84 16.14 17.00
C ALA J 138 3.01 17.65 17.23
N MET J 139 1.91 18.41 17.08
CA MET J 139 1.98 19.86 17.28
C MET J 139 2.36 20.23 18.70
N VAL J 140 1.78 19.57 19.72
CA VAL J 140 2.19 19.90 21.08
C VAL J 140 3.70 19.74 21.25
N ARG J 141 4.26 18.67 20.71
CA ARG J 141 5.70 18.48 20.82
C ARG J 141 6.48 19.54 20.06
N ARG J 142 6.03 19.91 18.87
CA ARG J 142 6.89 20.81 18.10
C ARG J 142 6.83 22.23 18.62
N LYS J 143 5.66 22.66 19.05
CA LYS J 143 5.54 24.00 19.59
C LYS J 143 6.11 24.12 21.01
N GLY J 144 6.43 23.01 21.69
CA GLY J 144 7.06 23.05 22.98
C GLY J 144 8.56 22.91 22.83
N PHE J 145 9.27 22.70 23.95
CA PHE J 145 10.72 22.48 23.83
C PHE J 145 11.34 21.95 25.11
N GLY J 146 12.63 21.66 25.06
CA GLY J 146 13.33 21.11 26.22
C GLY J 146 14.56 21.91 26.57
N ILE J 147 14.81 22.05 27.86
CA ILE J 147 15.92 22.84 28.39
C ILE J 147 16.75 21.98 29.33
N LEU J 148 18.03 21.83 29.06
CA LEU J 148 18.90 21.12 29.98
C LEU J 148 19.14 21.97 31.23
N ILE J 149 18.65 21.52 32.40
CA ILE J 149 18.85 22.25 33.67
C ILE J 149 20.25 21.96 34.21
N GLY J 150 20.63 20.68 34.28
CA GLY J 150 21.97 20.38 34.77
C GLY J 150 22.35 18.91 34.70
N VAL J 151 23.66 18.69 34.62
CA VAL J 151 24.29 17.38 34.71
C VAL J 151 24.98 17.16 36.06
N TYR J 152 24.44 16.28 36.89
CA TYR J 152 25.06 15.97 38.18
C TYR J 152 25.58 14.53 38.20
N GLY J 153 26.89 14.33 38.19
CA GLY J 153 27.42 12.97 38.15
C GLY J 153 27.07 12.13 36.93
N SER J 154 26.16 11.18 37.15
CA SER J 154 25.69 10.30 36.10
C SER J 154 24.21 10.59 35.79
N SER J 155 23.65 11.62 36.41
CA SER J 155 22.25 11.97 36.21
C SER J 155 22.15 13.24 35.36
N VAL J 156 21.20 13.26 34.43
CA VAL J 156 20.85 14.45 33.63
C VAL J 156 19.49 15.02 34.06
N ILE J 157 19.43 16.29 34.42
CA ILE J 157 18.17 16.95 34.79
C ILE J 157 17.78 18.01 33.77
N TYR J 158 16.58 17.89 33.23
CA TYR J 158 16.09 18.80 32.20
C TYR J 158 14.61 19.09 32.42
N MET J 159 14.11 20.09 31.71
CA MET J 159 12.72 20.54 31.76
C MET J 159 12.13 20.50 30.36
N VAL J 160 10.94 19.92 30.20
CA VAL J 160 10.15 20.07 28.97
C VAL J 160 9.03 21.09 29.15
N GLN J 161 8.78 21.88 28.11
CA GLN J 161 7.76 22.93 28.13
C GLN J 161 6.72 22.66 27.05
N LEU J 162 5.52 22.40 27.47
CA LEU J 162 4.43 22.07 26.59
C LEU J 162 3.47 23.25 26.46
N PRO J 163 2.96 23.51 25.28
CA PRO J 163 1.93 24.52 25.08
C PRO J 163 0.59 24.16 25.67
N ILE J 164 -0.12 25.14 26.20
CA ILE J 164 -1.53 24.95 26.57
C ILE J 164 -2.37 25.65 25.50
N PHE J 165 -3.02 24.83 24.66
CA PHE J 165 -3.88 25.28 23.57
C PHE J 165 -5.21 25.42 24.27
N GLY J 166 -5.43 26.58 24.88
CA GLY J 166 -6.64 26.69 25.64
C GLY J 166 -7.91 27.11 24.95
N VAL J 167 -7.76 27.88 23.90
CA VAL J 167 -8.87 28.34 23.06
C VAL J 167 -8.81 27.55 21.75
N ILE J 168 -9.87 26.80 21.43
CA ILE J 168 -9.89 26.01 20.20
C ILE J 168 -11.23 26.15 19.47
N ASP J 169 -11.18 25.87 18.18
CA ASP J 169 -12.35 25.79 17.29
C ASP J 169 -13.15 27.10 17.18
N THR J 170 -12.48 28.22 17.21
CA THR J 170 -13.30 29.37 16.92
C THR J 170 -12.98 29.86 15.51
N PRO J 171 -13.96 30.45 14.79
CA PRO J 171 -13.75 30.79 13.37
C PRO J 171 -12.49 31.55 13.06
N CYS J 172 -11.85 31.15 11.94
CA CYS J 172 -10.56 31.63 11.44
C CYS J 172 -10.55 31.69 9.92
N TRP J 173 -9.81 32.66 9.38
CA TRP J 173 -9.72 32.83 7.94
C TRP J 173 -8.44 33.57 7.59
N ILE J 174 -8.06 33.51 6.32
CA ILE J 174 -6.84 34.18 5.88
C ILE J 174 -7.18 35.03 4.67
N ILE J 175 -6.64 36.24 4.64
CA ILE J 175 -6.88 37.23 3.62
C ILE J 175 -5.67 37.26 2.72
N LYS J 176 -5.91 37.28 1.41
CA LYS J 176 -4.86 37.51 0.43
C LYS J 176 -5.35 38.61 -0.51
N ALA J 177 -4.40 39.42 -1.00
CA ALA J 177 -4.77 40.52 -1.87
C ALA J 177 -3.63 40.84 -2.83
N ALA J 178 -3.99 41.43 -3.96
CA ALA J 178 -3.06 41.92 -4.95
C ALA J 178 -3.39 43.38 -5.28
N PRO J 179 -2.47 44.09 -5.93
CA PRO J 179 -2.74 45.48 -6.32
C PRO J 179 -3.87 45.58 -7.33
N SER J 180 -4.91 46.35 -7.00
CA SER J 180 -6.00 46.59 -7.95
C SER J 180 -5.80 47.98 -8.55
N CYS J 181 -5.10 48.02 -9.69
CA CYS J 181 -4.74 49.27 -10.34
C CYS J 181 -5.77 49.64 -11.41
N SER J 182 -6.13 50.92 -11.44
CA SER J 182 -7.06 51.55 -12.37
C SER J 182 -6.26 52.50 -13.25
N GLU J 183 -6.68 52.64 -14.50
CA GLU J 183 -5.96 53.42 -15.50
C GLU J 183 -6.84 54.48 -16.15
N LYS J 184 -6.33 55.71 -16.19
CA LYS J 184 -6.95 56.81 -16.93
C LYS J 184 -5.89 57.56 -17.72
N ASP J 185 -5.92 57.40 -19.06
CA ASP J 185 -5.16 58.22 -19.99
C ASP J 185 -3.65 58.08 -19.81
N GLY J 186 -3.20 56.92 -19.33
CA GLY J 186 -1.79 56.76 -19.02
C GLY J 186 -1.41 57.05 -17.58
N ASN J 187 -2.37 57.23 -16.68
CA ASN J 187 -2.07 57.46 -15.27
C ASN J 187 -2.65 56.30 -14.47
N TYR J 188 -1.91 55.88 -13.46
CA TYR J 188 -2.23 54.68 -12.73
C TYR J 188 -2.66 55.07 -11.32
N ALA J 189 -3.76 54.49 -10.86
CA ALA J 189 -4.24 54.59 -9.49
C ALA J 189 -4.26 53.21 -8.86
N CYS J 190 -3.44 52.93 -7.85
CA CYS J 190 -3.36 51.55 -7.38
C CYS J 190 -3.82 51.48 -5.94
N LEU J 191 -4.90 50.77 -5.71
CA LEU J 191 -5.31 50.51 -4.35
C LEU J 191 -4.84 49.11 -3.96
N LEU J 192 -4.43 48.93 -2.71
CA LEU J 192 -3.99 47.60 -2.24
C LEU J 192 -4.37 47.35 -0.79
N ARG J 193 -5.14 46.29 -0.51
CA ARG J 193 -5.43 45.98 0.90
C ARG J 193 -4.14 45.67 1.64
N GLU J 194 -4.08 46.11 2.90
CA GLU J 194 -2.91 45.82 3.75
C GLU J 194 -3.30 44.93 4.91
N ASP J 195 -4.47 44.30 4.83
CA ASP J 195 -4.99 43.37 5.82
C ASP J 195 -4.37 41.99 5.71
N GLN J 196 -3.59 41.71 4.67
CA GLN J 196 -3.35 40.31 4.34
C GLN J 196 -2.76 39.53 5.50
N GLY J 197 -3.28 38.32 5.72
CA GLY J 197 -2.80 37.50 6.81
C GLY J 197 -3.88 36.64 7.45
N TRP J 198 -3.59 36.19 8.66
CA TRP J 198 -4.48 35.31 9.38
C TRP J 198 -5.35 36.12 10.35
N TYR J 199 -6.64 35.80 10.43
CA TYR J 199 -7.51 36.37 11.45
C TYR J 199 -8.18 35.22 12.18
N CYS J 200 -8.07 35.21 13.48
CA CYS J 200 -8.76 34.18 14.24
C CYS J 200 -9.62 34.92 15.27
N LYS J 201 -10.81 34.44 15.60
CA LYS J 201 -11.72 35.26 16.40
C LYS J 201 -11.72 34.84 17.86
N ASN J 202 -11.54 35.82 18.77
CA ASN J 202 -11.40 35.57 20.21
C ASN J 202 -12.50 36.33 20.96
N ALA J 203 -12.63 36.05 22.26
CA ALA J 203 -13.64 36.72 23.06
C ALA J 203 -13.30 38.19 23.23
N GLY J 204 -14.23 39.05 22.75
CA GLY J 204 -14.10 40.48 22.90
C GLY J 204 -13.19 41.12 21.88
N SER J 205 -12.59 40.33 20.97
CA SER J 205 -11.67 40.87 19.98
C SER J 205 -11.43 39.84 18.87
N THR J 206 -10.72 40.28 17.85
CA THR J 206 -10.24 39.41 16.78
C THR J 206 -8.72 39.48 16.74
N VAL J 207 -8.05 38.36 16.65
CA VAL J 207 -6.60 38.35 16.61
C VAL J 207 -6.17 38.32 15.16
N TYR J 208 -5.18 39.14 14.83
CA TYR J 208 -4.69 39.36 13.50
C TYR J 208 -3.22 38.97 13.45
N TYR J 209 -2.86 38.07 12.53
CA TYR J 209 -1.49 37.61 12.30
C TYR J 209 -1.00 38.08 10.92
N PRO J 210 -0.10 39.05 10.87
CA PRO J 210 0.18 39.70 9.58
C PRO J 210 0.80 38.83 8.50
N ASN J 211 1.64 37.86 8.86
CA ASN J 211 2.28 36.97 7.89
C ASN J 211 1.68 35.58 7.88
N GLU J 212 1.67 34.96 6.69
CA GLU J 212 1.04 33.64 6.60
C GLU J 212 1.85 32.63 7.40
N LYS J 213 3.17 32.87 7.48
CA LYS J 213 4.07 31.99 8.21
C LYS J 213 3.82 32.01 9.69
N ASP J 214 3.06 33.00 10.19
CA ASP J 214 2.81 33.10 11.63
C ASP J 214 1.83 32.01 12.08
N CYS J 215 1.13 31.34 11.16
CA CYS J 215 0.19 30.29 11.54
C CYS J 215 0.38 29.04 10.68
N GLU J 216 0.34 27.89 11.34
CA GLU J 216 0.62 26.62 10.67
C GLU J 216 -0.67 25.82 10.56
N THR J 217 -0.94 25.26 9.39
CA THR J 217 -2.19 24.56 9.03
C THR J 217 -2.07 23.03 9.11
N ARG J 218 -2.92 22.40 9.93
CA ARG J 218 -3.05 20.94 10.04
C ARG J 218 -4.53 20.61 9.95
N GLY J 219 -4.96 20.27 8.73
CA GLY J 219 -6.38 20.11 8.49
C GLY J 219 -6.99 21.50 8.55
N ASP J 220 -8.14 21.58 9.17
CA ASP J 220 -8.82 22.86 9.32
C ASP J 220 -8.22 23.68 10.46
N HIS J 221 -7.35 23.08 11.27
CA HIS J 221 -6.81 23.81 12.40
C HIS J 221 -5.60 24.67 12.04
N VAL J 222 -5.54 25.83 12.69
CA VAL J 222 -4.51 26.84 12.50
C VAL J 222 -3.81 27.03 13.82
N PHE J 223 -2.55 26.67 13.88
CA PHE J 223 -1.72 26.78 15.08
C PHE J 223 -0.94 28.09 15.04
N CYS J 224 -1.39 29.06 15.81
CA CYS J 224 -0.84 30.40 15.69
C CYS J 224 0.10 30.76 16.83
N ASP J 225 1.27 31.33 16.47
CA ASP J 225 2.30 31.75 17.43
C ASP J 225 1.73 32.91 18.17
N THR J 226 1.69 32.79 19.49
CA THR J 226 0.99 33.79 20.28
C THR J 226 1.61 35.19 20.12
N ALA J 227 2.94 35.29 20.07
CA ALA J 227 3.62 36.60 20.00
C ALA J 227 3.21 37.40 18.77
N ALA J 228 2.97 36.71 17.65
CA ALA J 228 2.63 37.40 16.42
C ALA J 228 1.28 38.10 16.47
N GLY J 229 0.37 37.62 17.33
CA GLY J 229 -1.01 38.13 17.34
C GLY J 229 -1.12 39.60 17.68
N ILE J 230 -1.99 40.28 16.92
CA ILE J 230 -2.37 41.67 17.18
C ILE J 230 -3.88 41.67 17.35
N ASN J 231 -4.36 42.21 18.48
CA ASN J 231 -5.80 42.28 18.74
C ASN J 231 -6.44 43.42 17.96
N VAL J 232 -7.46 43.10 17.18
CA VAL J 232 -8.16 44.08 16.39
C VAL J 232 -9.63 44.10 16.75
N ALA J 233 -10.24 45.25 16.48
CA ALA J 233 -11.65 45.44 16.73
C ALA J 233 -12.46 44.50 15.85
N GLU J 234 -13.60 44.03 16.36
CA GLU J 234 -14.35 43.09 15.53
C GLU J 234 -14.76 43.72 14.21
N GLN J 235 -15.01 45.03 14.18
CA GLN J 235 -15.47 45.64 12.92
C GLN J 235 -14.50 45.51 11.76
N SER J 236 -13.25 45.11 11.97
CA SER J 236 -12.41 45.04 10.78
C SER J 236 -12.94 43.96 9.85
N ARG J 237 -13.78 43.05 10.37
CA ARG J 237 -14.52 42.07 9.57
C ARG J 237 -15.22 42.73 8.40
N GLU J 238 -15.84 43.89 8.66
CA GLU J 238 -16.55 44.65 7.64
C GLU J 238 -15.70 44.95 6.39
N CYS J 239 -14.38 44.80 6.48
CA CYS J 239 -13.58 45.08 5.30
C CYS J 239 -13.85 44.04 4.21
N ASN J 240 -14.47 42.93 4.57
CA ASN J 240 -14.76 41.87 3.64
C ASN J 240 -16.17 41.95 3.06
N ILE J 241 -16.91 43.02 3.33
CA ILE J 241 -18.21 43.29 2.72
C ILE J 241 -18.13 44.54 1.84
N ASN J 242 -17.78 45.66 2.43
CA ASN J 242 -17.54 46.93 1.76
C ASN J 242 -16.16 47.30 2.28
N ILE J 243 -15.15 47.36 1.40
CA ILE J 243 -13.81 47.74 1.87
C ILE J 243 -13.78 49.22 2.29
N SER J 244 -14.54 50.07 1.61
CA SER J 244 -14.57 51.51 1.85
C SER J 244 -15.60 51.90 2.91
N THR J 245 -15.79 51.01 3.88
CA THR J 245 -16.68 51.24 5.01
C THR J 245 -16.08 52.27 5.95
N THR J 246 -16.93 53.16 6.43
CA THR J 246 -16.50 54.23 7.33
C THR J 246 -16.54 53.77 8.78
N ASN J 247 -17.12 52.59 9.06
CA ASN J 247 -17.19 52.05 10.41
C ASN J 247 -15.82 51.57 10.90
N TYR J 248 -14.95 51.11 9.99
CA TYR J 248 -13.60 50.73 10.36
C TYR J 248 -12.64 51.43 9.41
N PRO J 249 -11.53 51.97 9.90
CA PRO J 249 -10.58 52.57 8.97
C PRO J 249 -9.82 51.52 8.17
N CYS J 250 -10.47 50.90 7.18
CA CYS J 250 -9.86 49.75 6.47
C CYS J 250 -8.50 50.12 5.87
N LYS J 251 -7.50 49.34 6.25
CA LYS J 251 -6.11 49.58 5.86
C LYS J 251 -5.85 49.18 4.41
N VAL J 252 -5.71 50.22 3.55
CA VAL J 252 -5.50 50.07 2.11
C VAL J 252 -4.55 51.18 1.69
N SER J 253 -3.52 50.81 0.92
CA SER J 253 -2.49 51.74 0.49
C SER J 253 -2.71 52.17 -0.95
N THR J 254 -2.33 53.40 -1.26
CA THR J 254 -2.47 53.83 -2.64
C THR J 254 -1.09 54.06 -3.25
N GLY J 255 -1.00 53.78 -4.54
CA GLY J 255 0.22 53.92 -5.30
C GLY J 255 -0.11 54.49 -6.66
N ARG J 256 0.91 55.00 -7.36
CA ARG J 256 0.65 55.59 -8.65
C ARG J 256 1.21 54.77 -9.80
N HIS J 257 1.89 53.64 -9.54
CA HIS J 257 2.51 52.83 -10.58
C HIS J 257 2.03 51.38 -10.53
N PRO J 258 1.93 50.72 -11.70
CA PRO J 258 1.39 49.35 -11.76
C PRO J 258 2.37 48.31 -11.24
N ILE J 259 1.83 47.34 -10.54
CA ILE J 259 2.58 46.24 -9.98
C ILE J 259 1.89 44.96 -10.40
N SER J 260 2.54 44.18 -11.26
CA SER J 260 2.00 42.92 -11.75
C SER J 260 2.55 41.80 -10.89
N MET J 261 1.68 40.96 -10.37
CA MET J 261 2.15 39.96 -9.43
C MET J 261 1.13 38.85 -9.31
N VAL J 262 1.56 37.78 -8.65
CA VAL J 262 0.76 36.62 -8.29
C VAL J 262 0.84 36.42 -6.79
N ALA J 263 -0.31 36.33 -6.15
CA ALA J 263 -0.37 36.08 -4.72
C ALA J 263 -1.09 34.75 -4.57
N LEU J 264 -0.43 33.76 -3.97
CA LEU J 264 -1.02 32.43 -3.94
C LEU J 264 -2.01 32.38 -2.79
N SER J 265 -3.22 31.86 -3.07
CA SER J 265 -4.24 31.69 -2.05
C SER J 265 -4.29 30.22 -1.64
N PRO J 266 -4.92 29.89 -0.51
CA PRO J 266 -5.08 28.46 -0.18
C PRO J 266 -5.73 27.63 -1.28
N LEU J 267 -6.87 28.06 -1.80
CA LEU J 267 -7.59 27.26 -2.78
C LEU J 267 -7.38 27.76 -4.21
N GLY J 268 -6.56 28.77 -4.39
CA GLY J 268 -6.32 29.33 -5.71
C GLY J 268 -5.18 30.31 -5.67
N ALA J 269 -5.32 31.37 -6.46
CA ALA J 269 -4.32 32.42 -6.60
C ALA J 269 -4.99 33.66 -7.18
N LEU J 270 -4.52 34.81 -6.71
CA LEU J 270 -4.91 36.11 -7.21
C LEU J 270 -3.83 36.62 -8.15
N VAL J 271 -4.19 37.02 -9.37
CA VAL J 271 -3.23 37.56 -10.30
C VAL J 271 -3.60 38.99 -10.67
N ALA J 272 -2.58 39.87 -10.70
CA ALA J 272 -2.70 41.28 -11.08
C ALA J 272 -1.77 41.44 -12.28
N CYS J 273 -2.37 41.56 -13.47
CA CYS J 273 -1.68 41.71 -14.76
C CYS J 273 -1.83 43.10 -15.35
N TYR J 274 -0.72 43.83 -15.53
CA TYR J 274 -0.82 45.18 -16.09
C TYR J 274 0.29 45.52 -17.10
N LYS J 275 -0.03 46.43 -18.02
CA LYS J 275 0.95 47.04 -18.96
C LYS J 275 1.65 45.93 -19.76
N GLY J 276 2.97 46.02 -19.94
CA GLY J 276 3.67 45.08 -20.80
C GLY J 276 4.12 43.77 -20.19
N VAL J 277 3.17 42.91 -19.84
CA VAL J 277 3.44 41.54 -19.41
C VAL J 277 2.38 40.61 -19.98
N SER J 278 2.78 39.36 -20.27
CA SER J 278 1.89 38.33 -20.77
C SER J 278 1.62 37.31 -19.67
N CYS J 279 0.57 37.55 -18.85
CA CYS J 279 0.22 36.64 -17.76
C CYS J 279 -0.78 35.62 -18.27
N SER J 280 -0.50 34.34 -18.04
CA SER J 280 -1.39 33.31 -18.55
C SER J 280 -1.61 32.20 -17.54
N ILE J 281 -2.74 31.52 -17.77
CA ILE J 281 -3.22 30.40 -16.97
C ILE J 281 -3.10 29.12 -17.77
N GLY J 282 -2.66 28.05 -17.11
CA GLY J 282 -2.56 26.76 -17.78
C GLY J 282 -2.17 25.66 -16.83
N SER J 283 -2.22 24.42 -17.31
CA SER J 283 -1.85 23.41 -16.36
C SER J 283 -0.69 22.61 -16.92
N ASN J 284 -0.08 21.82 -16.03
CA ASN J 284 1.02 20.92 -16.39
C ASN J 284 0.62 19.66 -17.13
N ARG J 285 -0.31 19.79 -18.06
CA ARG J 285 -0.89 18.67 -18.78
C ARG J 285 -1.41 19.29 -20.06
N VAL J 286 -2.23 20.32 -19.94
CA VAL J 286 -2.86 20.89 -21.13
C VAL J 286 -1.96 21.93 -21.79
N GLY J 287 -1.33 22.76 -20.99
CA GLY J 287 -0.55 23.89 -21.46
C GLY J 287 -1.25 25.20 -21.13
N ILE J 288 -0.96 26.22 -21.94
CA ILE J 288 -1.60 27.53 -21.81
C ILE J 288 -3.12 27.35 -21.93
N ILE J 289 -3.88 28.03 -21.09
CA ILE J 289 -5.31 27.85 -21.22
C ILE J 289 -6.00 29.14 -21.53
N LYS J 290 -5.40 30.23 -21.07
CA LYS J 290 -6.11 31.47 -21.32
C LYS J 290 -5.18 32.59 -20.96
N GLN J 291 -5.17 33.64 -21.77
CA GLN J 291 -4.43 34.83 -21.41
C GLN J 291 -5.30 35.63 -20.45
N LEU J 292 -4.66 36.13 -19.39
CA LEU J 292 -5.41 36.86 -18.38
C LEU J 292 -5.61 38.29 -18.82
N PRO J 293 -6.81 38.83 -18.67
CA PRO J 293 -7.01 40.26 -18.97
C PRO J 293 -6.23 41.10 -17.99
N LYS J 294 -5.85 42.27 -18.44
CA LYS J 294 -5.16 43.22 -17.59
C LYS J 294 -6.14 43.55 -16.47
N GLY J 295 -5.65 43.61 -15.23
CA GLY J 295 -6.53 43.87 -14.12
C GLY J 295 -6.35 42.72 -13.16
N CYS J 296 -7.28 42.55 -12.23
CA CYS J 296 -7.21 41.46 -11.26
C CYS J 296 -8.08 40.28 -11.68
N SER J 297 -7.48 39.12 -11.89
CA SER J 297 -8.21 37.90 -12.23
C SER J 297 -7.91 36.96 -11.06
N TYR J 298 -8.88 36.15 -10.66
CA TYR J 298 -8.76 35.11 -9.64
C TYR J 298 -8.99 33.73 -10.21
N ILE J 299 -8.05 32.79 -9.95
CA ILE J 299 -8.17 31.42 -10.46
C ILE J 299 -8.06 30.37 -9.34
N THR J 300 -8.66 29.21 -9.60
CA THR J 300 -8.78 28.12 -8.65
C THR J 300 -7.69 27.07 -8.76
N ASN J 301 -7.42 26.36 -7.66
CA ASN J 301 -6.52 25.21 -7.75
C ASN J 301 -7.05 24.17 -8.74
N GLN J 302 -8.34 24.24 -9.01
CA GLN J 302 -9.02 23.30 -9.88
C GLN J 302 -9.21 23.86 -11.27
N ASP J 303 -8.84 25.12 -11.48
CA ASP J 303 -8.87 25.68 -12.82
C ASP J 303 -7.54 25.51 -13.52
N ALA J 304 -6.42 25.58 -12.81
CA ALA J 304 -5.10 25.44 -13.41
C ALA J 304 -4.09 25.04 -12.34
N ASP J 305 -2.83 24.89 -12.78
CA ASP J 305 -1.71 24.57 -11.91
C ASP J 305 -0.62 25.60 -12.10
N THR J 306 -0.85 26.56 -12.99
CA THR J 306 0.18 27.49 -13.38
C THR J 306 -0.36 28.86 -13.69
N VAL J 307 0.32 29.86 -13.13
CA VAL J 307 0.19 31.25 -13.53
C VAL J 307 1.55 31.64 -14.05
N THR J 308 1.60 32.19 -15.25
CA THR J 308 2.85 32.61 -15.89
C THR J 308 2.88 34.11 -16.04
N ILE J 309 3.96 34.74 -15.59
CA ILE J 309 4.18 36.17 -15.83
C ILE J 309 5.47 36.27 -16.64
N ASP J 310 5.30 36.67 -17.91
CA ASP J 310 6.40 36.64 -18.86
C ASP J 310 6.89 35.20 -18.90
N ASN J 311 8.09 34.94 -18.38
CA ASN J 311 8.61 33.58 -18.35
C ASN J 311 8.67 32.94 -16.97
N THR J 312 8.19 33.59 -15.92
CA THR J 312 8.24 32.98 -14.60
C THR J 312 6.90 32.27 -14.36
N VAL J 313 6.96 30.96 -14.16
CA VAL J 313 5.76 30.13 -13.97
C VAL J 313 5.63 29.79 -12.51
N TYR J 314 4.47 30.13 -11.96
CA TYR J 314 4.18 29.93 -10.56
C TYR J 314 3.25 28.73 -10.45
N GLN J 315 3.56 27.84 -9.52
CA GLN J 315 2.79 26.64 -9.26
C GLN J 315 1.75 26.86 -8.17
N LEU J 316 0.51 26.41 -8.41
CA LEU J 316 -0.51 26.68 -7.41
C LEU J 316 -0.52 25.65 -6.30
N SER J 317 -0.13 24.42 -6.60
CA SER J 317 -0.10 23.32 -5.64
C SER J 317 1.26 22.66 -5.69
N LYS J 318 1.50 21.75 -4.75
CA LYS J 318 2.72 20.95 -4.75
C LYS J 318 2.66 19.97 -5.92
N VAL J 319 3.77 19.80 -6.61
CA VAL J 319 3.90 18.91 -7.76
C VAL J 319 4.31 17.52 -7.26
N GLU J 320 3.43 16.53 -7.44
CA GLU J 320 3.69 15.18 -6.90
C GLU J 320 4.69 14.46 -7.80
N GLY J 321 5.81 14.06 -7.18
CA GLY J 321 6.96 13.47 -7.87
C GLY J 321 7.18 12.00 -7.68
N GLU J 322 8.44 11.54 -7.73
CA GLU J 322 8.68 10.11 -7.61
C GLU J 322 8.21 9.54 -6.28
N GLN J 323 8.27 8.22 -6.20
CA GLN J 323 7.72 7.49 -5.06
C GLN J 323 8.60 6.27 -4.90
N HIS J 324 9.43 6.27 -3.86
CA HIS J 324 10.44 5.25 -3.66
C HIS J 324 10.00 4.23 -2.61
N VAL J 325 10.56 3.02 -2.72
CA VAL J 325 10.42 1.95 -1.72
C VAL J 325 11.76 1.24 -1.58
N ILE J 326 12.24 1.16 -0.36
CA ILE J 326 13.56 0.64 -0.02
C ILE J 326 13.45 -0.37 1.13
N LYS J 327 14.13 -1.51 0.99
CA LYS J 327 14.18 -2.53 2.02
C LYS J 327 15.63 -2.92 2.23
N GLY J 328 16.01 -3.09 3.50
CA GLY J 328 17.38 -3.42 3.86
C GLY J 328 17.82 -4.81 3.46
N ARG J 329 19.13 -4.99 3.40
CA ARG J 329 19.68 -6.31 3.12
C ARG J 329 19.30 -7.23 4.28
N PRO J 330 19.00 -8.50 4.02
CA PRO J 330 18.62 -9.39 5.12
C PRO J 330 19.82 -9.68 6.01
N VAL J 331 19.57 -9.71 7.32
CA VAL J 331 20.60 -10.10 8.29
C VAL J 331 20.29 -11.54 8.68
N SER J 332 21.31 -12.40 8.62
CA SER J 332 21.19 -13.83 8.85
C SER J 332 22.08 -14.27 10.01
N SER J 333 21.80 -15.47 10.51
CA SER J 333 22.58 -16.03 11.60
C SER J 333 23.73 -16.91 11.11
N SER J 334 24.84 -16.84 11.85
CA SER J 334 26.07 -17.55 11.54
C SER J 334 26.43 -18.60 12.59
N PHE J 335 25.43 -19.13 13.27
CA PHE J 335 25.63 -20.08 14.35
C PHE J 335 25.92 -21.45 13.75
N ASP J 336 27.11 -21.99 14.00
CA ASP J 336 27.46 -23.30 13.46
C ASP J 336 28.15 -24.14 14.51
N PRO J 337 27.39 -24.90 15.30
CA PRO J 337 27.95 -25.58 16.46
C PRO J 337 28.90 -26.69 16.00
N ILE J 338 29.70 -27.18 16.94
CA ILE J 338 30.48 -28.40 16.72
C ILE J 338 30.10 -29.39 17.82
N ARG J 339 29.65 -30.57 17.41
CA ARG J 339 29.27 -31.63 18.33
C ARG J 339 30.40 -32.66 18.42
N PHE J 340 30.66 -33.16 19.67
CA PHE J 340 31.77 -34.09 19.90
C PHE J 340 31.28 -35.53 19.75
N PRO J 341 31.96 -36.34 18.93
CA PRO J 341 31.51 -37.72 18.68
C PRO J 341 31.68 -38.73 19.82
N GLU J 342 30.76 -38.78 20.80
CA GLU J 342 31.08 -39.54 22.00
C GLU J 342 30.94 -41.07 21.77
N ASP J 343 30.03 -41.51 20.89
CA ASP J 343 29.81 -42.94 20.69
C ASP J 343 31.07 -43.66 20.17
N GLN J 344 31.66 -43.14 19.09
CA GLN J 344 32.82 -43.80 18.46
C GLN J 344 34.01 -43.88 19.43
N PHE J 345 34.16 -42.87 20.26
CA PHE J 345 35.27 -42.97 21.23
C PHE J 345 34.85 -44.02 22.25
N ASN J 346 33.73 -43.78 22.91
CA ASN J 346 33.29 -44.58 24.05
C ASN J 346 33.28 -46.08 23.71
N VAL J 347 33.11 -46.47 22.43
CA VAL J 347 33.21 -47.89 22.11
C VAL J 347 34.65 -48.38 22.26
N ALA J 348 35.63 -47.55 21.87
CA ALA J 348 37.03 -47.96 22.03
C ALA J 348 37.39 -48.05 23.51
N LEU J 349 36.77 -47.21 24.33
CA LEU J 349 37.09 -47.31 25.78
C LEU J 349 36.32 -48.45 26.41
N ASP J 350 35.10 -48.74 25.98
CA ASP J 350 34.48 -49.96 26.48
C ASP J 350 35.41 -51.12 26.16
N GLN J 351 36.03 -51.08 24.98
CA GLN J 351 37.06 -52.06 24.61
C GLN J 351 38.23 -52.08 25.60
N VAL J 352 38.77 -50.91 25.98
CA VAL J 352 39.91 -50.91 26.90
C VAL J 352 39.54 -51.47 28.28
N PHE J 353 38.43 -51.02 28.88
CA PHE J 353 38.05 -51.55 30.21
C PHE J 353 37.72 -53.06 30.16
N GLU J 354 37.21 -53.56 29.02
CA GLU J 354 36.96 -54.99 28.90
C GLU J 354 38.27 -55.73 28.66
N SER J 355 39.16 -55.15 27.82
CA SER J 355 40.46 -55.77 27.56
C SER J 355 41.32 -55.86 28.81
N ILE J 356 41.19 -54.85 29.68
CA ILE J 356 41.87 -54.85 30.98
C ILE J 356 41.32 -55.93 31.90
N GLU J 357 39.98 -56.04 32.00
CA GLU J 357 39.43 -57.02 32.94
C GLU J 357 39.63 -58.44 32.42
N ASN J 358 39.61 -58.64 31.10
CA ASN J 358 39.92 -59.96 30.55
C ASN J 358 41.37 -60.34 30.81
N SER J 359 42.32 -59.42 30.58
CA SER J 359 43.71 -59.77 30.86
C SER J 359 43.93 -60.10 32.33
N GLN J 360 43.38 -59.28 33.26
CA GLN J 360 43.56 -59.57 34.69
C GLN J 360 42.95 -60.91 35.08
N ALA J 361 41.78 -61.24 34.51
CA ALA J 361 41.13 -62.49 34.86
C ALA J 361 41.91 -63.66 34.27
N LEU J 362 42.54 -63.44 33.12
CA LEU J 362 43.25 -64.54 32.49
C LEU J 362 44.52 -64.85 33.27
N VAL J 363 45.18 -63.81 33.83
CA VAL J 363 46.36 -64.10 34.65
C VAL J 363 45.99 -64.62 36.04
N ASP J 364 44.73 -64.45 36.46
CA ASP J 364 44.32 -65.08 37.71
C ASP J 364 44.00 -66.55 37.49
N GLN J 365 43.37 -66.88 36.34
CA GLN J 365 43.23 -68.30 36.00
C GLN J 365 44.61 -68.92 35.84
N SER J 366 45.56 -68.18 35.24
CA SER J 366 46.91 -68.73 35.09
C SER J 366 47.53 -69.08 36.45
N ASN J 367 47.38 -68.21 37.46
CA ASN J 367 47.94 -68.55 38.77
C ASN J 367 47.18 -69.67 39.49
N LYS J 368 45.86 -69.80 39.29
CA LYS J 368 45.16 -70.93 39.92
C LYS J 368 45.25 -72.23 39.13
N ILE J 369 45.60 -72.15 37.84
CA ILE J 369 45.78 -73.31 36.94
C ILE J 369 47.18 -73.88 37.13
N LEU J 370 48.10 -72.96 37.45
CA LEU J 370 49.54 -73.23 37.68
C LEU J 370 49.69 -74.19 38.84
N ASN J 371 48.96 -73.97 39.93
CA ASN J 371 49.00 -74.92 41.03
C ASN J 371 48.16 -76.15 40.67
N SER J 372 48.42 -77.28 41.35
CA SER J 372 47.61 -78.47 41.11
C SER J 372 46.23 -78.29 41.72
N LEU K 1 14.55 42.68 39.49
CA LEU K 1 14.00 43.49 38.40
C LEU K 1 12.94 44.35 39.01
N LYS K 2 12.59 45.43 38.34
CA LYS K 2 11.61 46.36 38.87
C LYS K 2 10.61 46.70 37.78
N GLU K 3 9.34 46.40 38.03
CA GLU K 3 8.34 46.60 37.00
C GLU K 3 7.36 47.65 37.49
N SER K 4 7.29 48.74 36.73
CA SER K 4 6.51 49.91 37.07
C SER K 4 5.29 49.95 36.15
N TYR K 5 4.11 50.22 36.70
CA TYR K 5 2.91 50.29 35.86
C TYR K 5 2.73 51.76 35.48
N LEU K 6 2.66 52.04 34.20
CA LEU K 6 2.54 53.42 33.75
C LEU K 6 1.07 53.61 33.42
N GLU K 7 0.33 54.13 34.40
CA GLU K 7 -1.12 54.14 34.31
C GLU K 7 -1.62 55.14 33.28
N GLU K 8 -0.78 56.11 32.92
CA GLU K 8 -1.21 57.18 32.05
C GLU K 8 -1.26 56.71 30.60
N SER K 9 -0.41 55.74 30.25
CA SER K 9 -0.25 55.23 28.91
C SER K 9 -0.63 53.76 28.79
N CYS K 10 -1.25 53.20 29.83
CA CYS K 10 -1.62 51.79 29.86
C CYS K 10 -0.44 50.90 29.49
N SER K 11 0.73 51.20 30.05
CA SER K 11 1.93 50.46 29.69
C SER K 11 2.70 50.00 30.93
N THR K 12 3.68 49.16 30.71
CA THR K 12 4.53 48.67 31.80
C THR K 12 5.96 48.81 31.34
N ILE K 13 6.82 49.33 32.20
CA ILE K 13 8.25 49.28 31.98
C ILE K 13 8.84 48.33 33.00
N THR K 14 9.67 47.45 32.52
CA THR K 14 10.34 46.47 33.36
C THR K 14 11.83 46.71 33.25
N GLU K 15 12.44 47.18 34.34
CA GLU K 15 13.83 47.57 34.29
C GLU K 15 14.69 46.65 35.12
N GLY K 16 16.01 46.78 34.89
CA GLY K 16 17.01 46.01 35.59
C GLY K 16 17.75 45.00 34.75
N TYR K 17 17.44 44.90 33.47
CA TYR K 17 18.16 43.98 32.61
C TYR K 17 19.52 44.51 32.27
N LEU K 18 20.41 43.59 31.87
CA LEU K 18 21.78 43.92 31.53
C LEU K 18 22.00 43.45 30.11
N SER K 19 22.67 44.26 29.32
CA SER K 19 22.75 44.06 27.88
C SER K 19 23.84 43.07 27.51
N VAL K 20 23.57 42.29 26.46
CA VAL K 20 24.60 41.50 25.81
C VAL K 20 24.45 41.55 24.30
N LEU K 21 25.27 42.35 23.63
CA LEU K 21 25.11 42.67 22.22
C LEU K 21 26.27 42.13 21.41
N ARG K 22 25.95 41.48 20.29
CA ARG K 22 26.97 40.92 19.41
C ARG K 22 27.56 42.03 18.58
N THR K 23 28.88 42.10 18.57
CA THR K 23 29.53 43.14 17.80
C THR K 23 30.34 42.60 16.64
N GLY K 24 30.56 41.29 16.56
CA GLY K 24 31.31 40.77 15.44
C GLY K 24 31.32 39.26 15.37
N TRP K 25 32.10 38.73 14.43
CA TRP K 25 32.28 37.29 14.29
C TRP K 25 33.73 36.85 14.42
N TYR K 26 33.97 35.80 15.19
CA TYR K 26 35.27 35.16 15.33
C TYR K 26 35.17 33.72 14.87
N THR K 27 36.07 33.28 13.97
CA THR K 27 35.94 31.96 13.36
C THR K 27 37.19 31.11 13.56
N ASN K 28 36.98 29.85 13.91
CA ASN K 28 38.02 28.81 13.92
C ASN K 28 37.72 27.79 12.84
N VAL K 29 38.77 27.21 12.27
CA VAL K 29 38.62 26.12 11.30
C VAL K 29 39.15 24.83 11.92
N PHE K 30 38.37 23.74 11.80
CA PHE K 30 38.76 22.44 12.32
C PHE K 30 38.96 21.49 11.16
N THR K 31 39.93 20.60 11.27
CA THR K 31 40.06 19.51 10.31
C THR K 31 40.12 18.17 11.04
N LEU K 32 39.09 17.34 10.86
CA LEU K 32 39.04 16.02 11.51
C LEU K 32 39.41 14.91 10.55
N GLU K 33 40.34 14.04 10.98
CA GLU K 33 40.78 12.90 10.17
C GLU K 33 40.39 11.62 10.93
N VAL K 34 40.05 10.57 10.18
CA VAL K 34 39.74 9.25 10.75
C VAL K 34 41.02 8.49 11.05
N GLY K 35 41.07 7.81 12.19
CA GLY K 35 42.23 7.05 12.53
C GLY K 35 42.44 5.89 11.56
N ASP K 36 43.70 5.43 11.49
CA ASP K 36 44.01 4.33 10.60
C ASP K 36 43.38 3.06 11.14
N VAL K 37 42.91 2.19 10.24
CA VAL K 37 42.43 0.87 10.62
C VAL K 37 43.10 -0.22 9.78
N GLU K 38 43.63 -1.23 10.46
CA GLU K 38 44.37 -2.34 9.87
C GLU K 38 43.45 -3.25 9.06
N ASN K 39 44.01 -3.88 8.02
CA ASN K 39 43.22 -4.80 7.21
C ASN K 39 43.07 -6.09 8.01
N LEU K 40 41.82 -6.49 8.24
CA LEU K 40 41.55 -7.73 8.96
C LEU K 40 41.42 -8.89 7.97
N THR K 41 42.50 -9.62 7.70
CA THR K 41 42.43 -10.61 6.62
C THR K 41 42.13 -12.00 7.15
N CYS K 42 41.75 -12.14 8.41
CA CYS K 42 41.48 -13.44 9.01
C CYS K 42 40.05 -13.91 8.90
N THR K 43 39.16 -13.24 8.22
CA THR K 43 37.82 -13.79 8.13
C THR K 43 37.42 -13.95 6.68
N ASP K 44 36.85 -15.12 6.38
CA ASP K 44 35.99 -15.31 5.22
C ASP K 44 34.80 -14.36 5.33
N GLY K 45 34.48 -13.71 4.22
CA GLY K 45 33.32 -12.89 4.16
C GLY K 45 33.64 -11.48 4.64
N PRO K 46 32.82 -10.55 4.23
CA PRO K 46 33.10 -9.14 4.49
C PRO K 46 33.11 -8.74 5.96
N SER K 47 34.30 -8.67 6.53
CA SER K 47 34.58 -8.29 7.94
C SER K 47 33.68 -7.16 8.41
N LEU K 48 33.24 -7.23 9.66
CA LEU K 48 32.29 -6.22 10.09
C LEU K 48 32.88 -4.82 10.05
N ILE K 49 34.17 -4.69 10.26
CA ILE K 49 34.71 -3.34 10.22
C ILE K 49 34.97 -2.89 8.78
N LYS K 50 35.23 -3.81 7.86
CA LYS K 50 35.32 -3.36 6.47
C LYS K 50 33.95 -2.84 6.03
N THR K 51 32.89 -3.45 6.53
CA THR K 51 31.55 -2.95 6.18
C THR K 51 31.26 -1.63 6.85
N GLU K 52 31.89 -1.38 7.98
CA GLU K 52 31.70 -0.11 8.66
C GLU K 52 32.50 0.96 7.92
N LEU K 53 33.61 0.58 7.30
CA LEU K 53 34.38 1.54 6.51
C LEU K 53 33.65 1.83 5.21
N ASP K 54 33.12 0.82 4.53
CA ASP K 54 32.42 1.15 3.30
C ASP K 54 31.18 2.00 3.62
N LEU K 55 30.76 1.95 4.88
CA LEU K 55 29.66 2.76 5.39
C LEU K 55 30.11 4.18 5.67
N THR K 56 31.26 4.34 6.33
CA THR K 56 31.72 5.69 6.64
C THR K 56 32.30 6.37 5.41
N LYS K 57 32.81 5.60 4.44
CA LYS K 57 33.20 6.20 3.17
C LYS K 57 31.97 6.62 2.39
N SER K 58 30.86 5.87 2.48
CA SER K 58 29.70 6.29 1.71
C SER K 58 29.05 7.50 2.36
N ALA K 59 29.10 7.55 3.70
CA ALA K 59 28.60 8.71 4.40
C ALA K 59 29.45 9.94 4.04
N LEU K 60 30.77 9.76 3.85
CA LEU K 60 31.62 10.89 3.52
C LEU K 60 31.47 11.31 2.07
N ARG K 61 31.26 10.35 1.17
CA ARG K 61 31.05 10.69 -0.23
C ARG K 61 29.78 11.52 -0.38
N GLU K 62 28.77 11.20 0.45
CA GLU K 62 27.49 11.90 0.41
C GLU K 62 27.60 13.25 1.11
N LEU K 63 28.31 13.29 2.24
CA LEU K 63 28.53 14.53 2.97
C LEU K 63 29.33 15.55 2.16
N LYS K 64 30.18 15.10 1.23
CA LYS K 64 30.88 16.05 0.37
C LYS K 64 29.90 16.91 -0.41
N THR K 65 28.84 16.32 -0.95
CA THR K 65 27.96 17.04 -1.86
C THR K 65 27.34 18.29 -1.24
N VAL K 66 27.43 18.46 0.07
CA VAL K 66 26.79 19.61 0.73
C VAL K 66 27.86 20.53 1.31
N SER K 67 29.08 20.33 0.86
CA SER K 67 30.20 21.14 1.27
C SER K 67 29.97 22.57 0.80
N ALA K 68 30.58 23.52 1.52
CA ALA K 68 30.36 24.94 1.27
C ALA K 68 30.91 25.32 -0.10
N ASP K 69 32.09 24.80 -0.42
CA ASP K 69 32.72 25.02 -1.71
C ASP K 69 32.25 23.89 -2.62
N GLN K 70 31.98 24.22 -3.88
CA GLN K 70 31.41 23.21 -4.79
C GLN K 70 32.38 22.08 -5.04
N SER L 21 56.42 -83.88 37.20
CA SER L 21 55.07 -84.42 37.23
C SER L 21 53.98 -83.33 36.92
N GLU L 22 54.19 -82.01 37.11
CA GLU L 22 53.13 -81.07 36.71
C GLU L 22 53.68 -79.91 35.88
N VAL L 23 54.85 -80.02 35.26
CA VAL L 23 55.33 -78.86 34.51
C VAL L 23 54.50 -78.68 33.24
N ASN L 24 53.60 -79.62 32.94
CA ASN L 24 52.59 -79.33 31.93
C ASN L 24 51.45 -78.45 32.47
N ALA L 25 51.24 -78.43 33.80
CA ALA L 25 50.44 -77.34 34.39
C ALA L 25 51.06 -75.99 34.03
N ILE L 26 52.38 -75.87 34.14
CA ILE L 26 53.07 -74.65 33.75
C ILE L 26 52.89 -74.39 32.26
N LYS L 27 52.97 -75.45 31.44
CA LYS L 27 52.71 -75.30 30.00
C LYS L 27 51.32 -74.72 29.71
N GLY L 28 50.34 -75.01 30.57
CA GLY L 28 49.04 -74.35 30.46
C GLY L 28 49.02 -72.93 30.99
N ALA L 29 49.65 -72.74 32.15
CA ALA L 29 49.71 -71.44 32.81
C ALA L 29 50.38 -70.38 31.93
N LEU L 30 51.56 -70.69 31.36
CA LEU L 30 52.23 -69.72 30.49
C LEU L 30 51.42 -69.39 29.26
N LYS L 31 50.72 -70.37 28.67
CA LYS L 31 49.89 -70.05 27.51
C LYS L 31 48.81 -69.04 27.91
N THR L 32 48.16 -69.30 29.05
CA THR L 32 47.23 -68.34 29.67
C THR L 32 47.86 -66.96 29.81
N THR L 33 49.09 -66.92 30.33
CA THR L 33 49.73 -65.63 30.61
C THR L 33 50.07 -64.86 29.34
N ASN L 34 50.80 -65.45 28.37
CA ASN L 34 51.09 -64.63 27.19
C ASN L 34 49.83 -64.36 26.36
N GLU L 35 48.73 -65.08 26.59
CA GLU L 35 47.47 -64.67 25.97
C GLU L 35 46.89 -63.45 26.69
N ALA L 36 47.09 -63.36 28.01
CA ALA L 36 46.65 -62.18 28.75
C ALA L 36 47.48 -60.95 28.38
N VAL L 37 48.79 -61.13 28.18
CA VAL L 37 49.61 -60.00 27.73
C VAL L 37 49.18 -59.56 26.34
N SER L 38 48.95 -60.50 25.41
CA SER L 38 48.46 -60.03 24.10
C SER L 38 47.11 -59.33 24.19
N THR L 39 46.20 -59.78 25.07
CA THR L 39 44.90 -59.12 25.13
C THR L 39 45.07 -57.71 25.68
N LEU L 40 45.76 -57.61 26.83
CA LEU L 40 46.03 -56.30 27.43
C LEU L 40 46.81 -55.38 26.49
N GLY L 41 47.78 -55.92 25.73
CA GLY L 41 48.51 -55.07 24.80
C GLY L 41 47.69 -54.51 23.66
N ASN L 42 46.90 -55.38 23.03
CA ASN L 42 46.03 -54.93 21.95
C ASN L 42 44.93 -54.02 22.48
N GLY L 43 44.73 -54.05 23.78
CA GLY L 43 43.85 -53.17 24.53
C GLY L 43 44.59 -51.82 24.61
N VAL L 44 45.88 -51.82 24.94
CA VAL L 44 46.61 -50.54 24.99
C VAL L 44 46.58 -49.90 23.60
N ARG L 45 46.75 -50.70 22.55
CA ARG L 45 46.70 -50.24 21.16
C ARG L 45 45.33 -49.60 20.87
N VAL L 46 44.24 -50.25 21.31
CA VAL L 46 42.89 -49.69 21.14
C VAL L 46 42.81 -48.35 21.87
N LEU L 47 43.50 -48.23 23.01
CA LEU L 47 43.52 -46.96 23.74
C LEU L 47 44.24 -45.90 22.92
N ALA L 48 45.34 -46.32 22.27
CA ALA L 48 46.14 -45.43 21.44
C ALA L 48 45.36 -44.95 20.22
N THR L 49 44.64 -45.86 19.54
CA THR L 49 43.81 -45.40 18.41
C THR L 49 42.72 -44.43 18.88
N ALA L 50 42.16 -44.59 20.10
CA ALA L 50 41.20 -43.57 20.54
C ALA L 50 41.88 -42.20 20.80
N VAL L 51 43.01 -42.21 21.50
CA VAL L 51 43.77 -40.98 21.79
C VAL L 51 44.36 -40.28 20.55
N ARG L 52 44.73 -41.00 19.49
CA ARG L 52 45.22 -40.28 18.31
C ARG L 52 44.12 -39.39 17.70
N GLU L 53 42.91 -39.91 17.56
CA GLU L 53 41.82 -39.08 17.04
C GLU L 53 41.40 -38.03 18.04
N LEU L 54 41.59 -38.28 19.35
CA LEU L 54 41.23 -37.21 20.29
C LEU L 54 42.20 -36.06 20.12
N LYS L 55 43.49 -36.36 19.94
CA LYS L 55 44.44 -35.29 19.66
C LYS L 55 44.14 -34.64 18.31
N GLU L 56 43.61 -35.39 17.35
CA GLU L 56 43.27 -34.81 16.06
C GLU L 56 42.05 -33.89 16.16
N PHE L 57 40.97 -34.38 16.78
CA PHE L 57 39.76 -33.59 17.00
C PHE L 57 40.08 -32.32 17.77
N VAL L 58 40.90 -32.43 18.81
CA VAL L 58 41.28 -31.25 19.57
C VAL L 58 42.20 -30.34 18.75
N SER L 59 43.27 -30.89 18.18
CA SER L 59 44.23 -30.08 17.42
C SER L 59 43.59 -29.42 16.20
N LYS L 60 42.83 -30.19 15.42
CA LYS L 60 42.30 -29.64 14.18
C LYS L 60 40.85 -29.18 14.33
N ASN L 61 39.89 -30.10 14.50
CA ASN L 61 38.49 -29.70 14.40
C ASN L 61 38.11 -28.71 15.49
N LEU L 62 38.69 -28.83 16.67
CA LEU L 62 38.24 -27.89 17.72
C LEU L 62 39.03 -26.60 17.63
N THR L 63 40.34 -26.69 17.59
CA THR L 63 41.12 -25.45 17.47
C THR L 63 40.75 -24.67 16.21
N SER L 64 40.22 -25.34 15.20
CA SER L 64 39.59 -24.62 14.10
C SER L 64 38.51 -23.66 14.62
N ALA L 65 37.56 -24.19 15.39
CA ALA L 65 36.47 -23.37 15.91
C ALA L 65 36.97 -22.29 16.86
N ILE L 66 38.03 -22.57 17.61
CA ILE L 66 38.52 -21.51 18.49
C ILE L 66 39.17 -20.39 17.69
N ASN L 67 40.09 -20.70 16.77
CA ASN L 67 40.67 -19.61 15.99
C ASN L 67 39.64 -18.85 15.16
N LYS L 68 38.57 -19.50 14.69
CA LYS L 68 37.56 -18.73 13.98
C LYS L 68 36.88 -17.76 14.95
N ASN L 69 36.47 -18.26 16.13
CA ASN L 69 35.88 -17.36 17.13
C ASN L 69 36.85 -16.29 17.61
N LYS L 70 38.15 -16.58 17.61
CA LYS L 70 39.13 -15.57 18.01
C LYS L 70 39.18 -14.47 16.96
N CYS L 71 38.95 -14.85 15.72
CA CYS L 71 38.95 -13.89 14.63
C CYS L 71 37.70 -13.05 14.68
N ASP L 72 36.57 -13.69 14.92
CA ASP L 72 35.32 -12.94 15.06
C ASP L 72 35.37 -11.97 16.24
N ILE L 73 35.87 -12.42 17.41
CA ILE L 73 35.99 -11.50 18.55
C ILE L 73 36.85 -10.29 18.18
N ALA L 74 38.02 -10.51 17.55
CA ALA L 74 38.85 -9.36 17.21
C ALA L 74 38.20 -8.47 16.15
N ASP L 75 37.40 -9.04 15.25
CA ASP L 75 36.65 -8.25 14.28
C ASP L 75 35.66 -7.35 15.01
N LEU L 76 34.89 -7.93 15.91
CA LEU L 76 33.88 -7.17 16.60
C LEU L 76 34.55 -6.10 17.48
N LYS L 77 35.67 -6.46 18.11
CA LYS L 77 36.46 -5.49 18.87
C LYS L 77 36.93 -4.35 17.99
N MET L 78 37.33 -4.63 16.76
CA MET L 78 37.74 -3.54 15.88
C MET L 78 36.57 -2.66 15.52
N ALA L 79 35.40 -3.25 15.25
CA ALA L 79 34.23 -2.42 14.92
C ALA L 79 33.91 -1.46 16.07
N VAL L 80 33.81 -1.98 17.28
CA VAL L 80 33.50 -1.12 18.41
C VAL L 80 34.64 -0.12 18.66
N SER L 81 35.90 -0.56 18.57
CA SER L 81 37.02 0.37 18.72
C SER L 81 36.98 1.48 17.66
N PHE L 82 36.55 1.14 16.45
CA PHE L 82 36.46 2.13 15.39
C PHE L 82 35.45 3.18 15.83
N SER L 83 34.29 2.70 16.29
CA SER L 83 33.24 3.59 16.76
C SER L 83 33.64 4.37 18.01
N GLN L 84 34.53 3.84 18.84
CA GLN L 84 34.95 4.54 20.04
C GLN L 84 35.99 5.60 19.73
N PHE L 85 37.08 5.20 19.06
CA PHE L 85 38.23 6.02 18.79
C PHE L 85 37.93 7.16 17.82
N ASN L 86 36.79 7.11 17.13
CA ASN L 86 36.47 8.14 16.16
C ASN L 86 35.12 8.78 16.46
N ARG L 87 34.76 8.88 17.75
CA ARG L 87 33.47 9.48 18.09
C ARG L 87 33.36 10.88 17.53
N ARG L 88 34.32 11.74 17.80
CA ARG L 88 34.13 13.12 17.40
C ARG L 88 33.92 13.18 15.89
N PHE L 89 34.80 12.55 15.12
CA PHE L 89 34.67 12.54 13.66
C PHE L 89 33.29 12.05 13.21
N LEU L 90 32.83 10.94 13.78
CA LEU L 90 31.58 10.34 13.34
C LEU L 90 30.37 11.15 13.76
N ASN L 91 30.42 11.76 14.96
CA ASN L 91 29.32 12.59 15.43
C ASN L 91 29.22 13.85 14.57
N VAL L 92 30.36 14.46 14.25
CA VAL L 92 30.36 15.67 13.44
C VAL L 92 29.80 15.34 12.07
N VAL L 93 30.14 14.16 11.54
CA VAL L 93 29.60 13.73 10.26
C VAL L 93 28.09 13.57 10.35
N ARG L 94 27.61 13.03 11.47
CA ARG L 94 26.17 12.86 11.63
C ARG L 94 25.44 14.19 11.63
N GLN L 95 25.96 15.15 12.39
CA GLN L 95 25.26 16.43 12.55
C GLN L 95 25.24 17.18 11.21
N PHE L 96 26.38 17.26 10.52
CA PHE L 96 26.38 17.88 9.20
C PHE L 96 25.54 17.09 8.19
N SER L 97 25.29 15.82 8.45
CA SER L 97 24.46 15.08 7.51
C SER L 97 23.00 15.35 7.80
N ASP L 98 22.66 15.53 9.06
CA ASP L 98 21.26 15.70 9.38
C ASP L 98 20.75 17.09 8.94
N ASN L 99 21.65 18.08 8.87
CA ASN L 99 21.25 19.42 8.46
C ASN L 99 21.84 19.87 7.12
N ALA L 100 22.52 18.99 6.40
CA ALA L 100 23.05 19.30 5.07
C ALA L 100 23.95 20.53 5.10
N GLY L 101 25.02 20.46 5.91
CA GLY L 101 26.08 21.45 5.84
C GLY L 101 26.08 22.50 6.91
N ILE L 102 25.02 22.62 7.72
CA ILE L 102 24.87 23.71 8.67
C ILE L 102 24.46 23.18 10.03
N THR L 103 24.81 23.89 11.10
CA THR L 103 24.39 23.44 12.42
C THR L 103 23.72 24.63 13.08
N PRO L 104 22.51 24.46 13.60
CA PRO L 104 21.85 25.54 14.32
C PRO L 104 22.69 26.12 15.43
N ALA L 105 23.54 25.28 16.03
CA ALA L 105 24.35 25.65 17.19
C ALA L 105 25.73 25.08 17.01
N ILE L 106 26.64 25.52 17.86
CA ILE L 106 28.00 24.99 17.93
C ILE L 106 27.99 23.80 18.88
N SER L 107 27.74 22.62 18.33
CA SER L 107 27.61 21.44 19.16
C SER L 107 28.89 21.16 19.91
N LEU L 108 28.75 20.28 20.92
CA LEU L 108 29.88 19.89 21.74
C LEU L 108 30.89 19.14 20.90
N ASP L 109 30.43 18.48 19.84
CA ASP L 109 31.36 17.72 19.03
C ASP L 109 32.15 18.63 18.09
N LEU L 110 31.51 19.70 17.61
CA LEU L 110 32.19 20.60 16.69
C LEU L 110 33.31 21.34 17.40
N MET L 111 33.10 21.70 18.66
CA MET L 111 34.12 22.44 19.40
C MET L 111 33.91 22.22 20.87
N THR L 112 34.91 21.61 21.50
CA THR L 112 34.87 21.19 22.88
C THR L 112 34.90 22.39 23.80
N ASP L 113 34.58 22.16 25.09
CA ASP L 113 34.51 23.27 26.03
C ASP L 113 35.86 23.94 26.16
N ALA L 114 36.92 23.13 26.18
CA ALA L 114 38.28 23.66 26.23
C ALA L 114 38.54 24.55 25.02
N GLU L 115 38.21 24.06 23.83
CA GLU L 115 38.46 24.82 22.61
C GLU L 115 37.61 26.07 22.61
N LEU L 116 36.37 25.98 23.10
CA LEU L 116 35.54 27.16 23.10
C LEU L 116 36.16 28.22 24.00
N ALA L 117 36.59 27.81 25.20
CA ALA L 117 37.20 28.78 26.10
C ALA L 117 38.49 29.35 25.54
N ARG L 118 39.25 28.54 24.78
CA ARG L 118 40.51 29.10 24.24
C ARG L 118 40.20 30.08 23.12
N ALA L 119 39.18 29.79 22.33
CA ALA L 119 38.84 30.71 21.27
C ALA L 119 38.27 31.99 21.86
N VAL L 120 37.33 31.85 22.80
CA VAL L 120 36.68 33.03 23.37
C VAL L 120 37.66 33.92 24.13
N SER L 121 38.61 33.34 24.86
CA SER L 121 39.60 34.20 25.53
C SER L 121 40.56 34.82 24.52
N TYR L 122 40.61 34.27 23.30
CA TYR L 122 41.41 34.81 22.21
C TYR L 122 40.68 35.91 21.46
N MET L 123 39.46 36.19 21.85
CA MET L 123 38.60 36.99 21.02
C MET L 123 39.06 38.44 21.11
N PRO L 124 38.87 39.23 20.07
CA PRO L 124 39.34 40.64 20.12
C PRO L 124 38.43 41.59 20.89
N THR L 125 38.33 41.37 22.20
CA THR L 125 37.58 42.27 23.05
C THR L 125 38.19 42.27 24.45
N SER L 126 37.57 43.06 25.33
CA SER L 126 37.99 43.36 26.69
C SER L 126 37.72 42.20 27.65
N ALA L 127 38.41 42.26 28.80
CA ALA L 127 38.38 41.20 29.80
C ALA L 127 36.96 40.96 30.33
N GLY L 128 36.16 42.03 30.46
CA GLY L 128 34.81 41.85 30.99
C GLY L 128 33.87 41.17 30.01
N GLN L 129 34.10 41.37 28.70
CA GLN L 129 33.27 40.68 27.71
C GLN L 129 33.74 39.25 27.62
N ILE L 130 35.03 39.05 27.78
CA ILE L 130 35.50 37.68 27.84
C ILE L 130 34.89 36.97 29.03
N LYS L 131 34.84 37.64 30.19
CA LYS L 131 34.24 37.00 31.35
C LYS L 131 32.79 36.63 31.10
N LEU L 132 31.99 37.58 30.57
CA LEU L 132 30.58 37.28 30.42
C LEU L 132 30.35 36.14 29.44
N MET L 133 31.11 36.13 28.35
CA MET L 133 30.99 35.07 27.35
C MET L 133 31.45 33.75 27.93
N LEU L 134 32.56 33.77 28.66
CA LEU L 134 33.09 32.59 29.31
C LEU L 134 32.06 32.02 30.27
N GLU L 135 31.28 32.90 30.89
CA GLU L 135 30.27 32.49 31.82
C GLU L 135 29.02 31.93 31.14
N ASN L 136 28.72 32.38 29.94
CA ASN L 136 27.54 31.98 29.17
C ASN L 136 27.85 31.13 27.96
N ARG L 137 28.80 30.21 28.14
CA ARG L 137 29.29 29.44 27.02
C ARG L 137 28.12 28.73 26.32
N ALA L 138 27.04 28.49 27.05
CA ALA L 138 25.84 27.98 26.44
C ALA L 138 25.30 28.92 25.36
N MET L 139 25.12 30.19 25.72
CA MET L 139 24.59 31.16 24.75
C MET L 139 25.53 31.36 23.58
N VAL L 140 26.82 31.45 23.86
CA VAL L 140 27.74 31.58 22.76
C VAL L 140 27.54 30.44 21.77
N ARG L 141 27.36 29.23 22.30
CA ARG L 141 27.19 28.10 21.41
C ARG L 141 25.93 28.20 20.59
N ARG L 142 24.86 28.62 21.19
CA ARG L 142 23.65 28.57 20.39
C ARG L 142 23.58 29.70 19.37
N LYS L 143 24.10 30.86 19.74
CA LYS L 143 24.11 32.02 18.87
C LYS L 143 25.15 31.95 17.75
N GLY L 144 26.09 30.99 17.80
CA GLY L 144 27.04 30.77 16.75
C GLY L 144 26.57 29.64 15.84
N PHE L 145 27.46 29.14 14.99
CA PHE L 145 27.05 27.98 14.18
C PHE L 145 28.23 27.34 13.46
N GLY L 146 27.96 26.25 12.76
CA GLY L 146 29.00 25.51 12.06
C GLY L 146 28.67 25.34 10.59
N ILE L 147 29.70 25.43 9.75
CA ILE L 147 29.59 25.34 8.30
C ILE L 147 30.52 24.26 7.78
N LEU L 148 29.99 23.30 7.05
CA LEU L 148 30.81 22.28 6.41
C LEU L 148 31.54 22.89 5.21
N ILE L 149 32.88 22.98 5.28
CA ILE L 149 33.70 23.55 4.20
C ILE L 149 33.91 22.53 3.06
N GLY L 150 34.35 21.30 3.38
CA GLY L 150 34.55 20.26 2.36
C GLY L 150 34.95 18.93 3.00
N VAL L 151 34.67 17.81 2.32
CA VAL L 151 35.17 16.49 2.71
C VAL L 151 36.26 16.10 1.73
N TYR L 152 37.52 16.07 2.18
CA TYR L 152 38.60 15.72 1.28
C TYR L 152 39.17 14.37 1.72
N GLY L 153 38.96 13.34 0.91
CA GLY L 153 39.38 11.99 1.26
C GLY L 153 38.73 11.40 2.47
N SER L 154 39.49 11.32 3.55
CA SER L 154 38.94 10.80 4.79
C SER L 154 38.84 11.89 5.84
N SER L 155 39.08 13.14 5.45
CA SER L 155 39.01 14.26 6.36
C SER L 155 37.75 15.08 6.07
N VAL L 156 37.06 15.51 7.12
CA VAL L 156 35.95 16.45 7.00
C VAL L 156 36.46 17.78 7.54
N ILE L 157 36.36 18.83 6.73
CA ILE L 157 36.81 20.17 7.12
C ILE L 157 35.63 21.13 7.27
N TYR L 158 35.53 21.79 8.44
CA TYR L 158 34.46 22.72 8.78
C TYR L 158 34.97 23.94 9.57
N MET L 159 34.08 24.94 9.65
CA MET L 159 34.31 26.22 10.33
C MET L 159 33.27 26.44 11.40
N VAL L 160 33.70 26.84 12.60
CA VAL L 160 32.78 27.33 13.62
C VAL L 160 32.81 28.85 13.66
N GLN L 161 31.65 29.46 13.84
CA GLN L 161 31.50 30.90 13.86
C GLN L 161 30.97 31.34 15.22
N LEU L 162 31.80 32.09 15.97
CA LEU L 162 31.34 32.45 17.30
C LEU L 162 30.87 33.90 17.35
N PRO L 163 29.79 34.15 18.09
CA PRO L 163 29.34 35.53 18.31
C PRO L 163 30.34 36.26 19.18
N ILE L 164 30.55 37.54 18.90
CA ILE L 164 31.37 38.40 19.75
C ILE L 164 30.45 39.32 20.53
N PHE L 165 30.34 39.04 21.84
CA PHE L 165 29.48 39.83 22.71
C PHE L 165 30.38 40.97 23.21
N GLY L 166 30.42 42.05 22.43
CA GLY L 166 31.29 43.18 22.71
C GLY L 166 30.74 44.24 23.65
N VAL L 167 29.42 44.38 23.67
CA VAL L 167 28.71 45.32 24.55
C VAL L 167 28.05 44.55 25.69
N ILE L 168 28.42 44.86 26.94
CA ILE L 168 27.82 44.14 28.03
C ILE L 168 27.43 45.08 29.17
N ASP L 169 26.45 44.58 29.95
CA ASP L 169 25.95 45.10 31.22
C ASP L 169 25.43 46.53 31.12
N THR L 170 24.74 46.86 29.95
CA THR L 170 24.13 48.19 29.90
C THR L 170 22.62 48.13 30.11
N PRO L 171 22.06 49.19 30.70
CA PRO L 171 20.62 49.16 31.05
C PRO L 171 19.67 48.76 29.92
N CYS L 172 18.71 47.90 30.26
CA CYS L 172 17.75 47.33 29.32
C CYS L 172 16.43 47.20 30.07
N TRP L 173 15.36 47.34 29.30
CA TRP L 173 13.99 47.31 29.77
C TRP L 173 13.10 46.91 28.60
N ILE L 174 11.88 46.48 28.94
CA ILE L 174 10.87 46.06 27.98
C ILE L 174 9.56 46.77 28.28
N ILE L 175 8.85 47.12 27.23
CA ILE L 175 7.61 47.88 27.33
C ILE L 175 6.48 47.08 26.69
N LYS L 176 5.33 47.00 27.40
CA LYS L 176 4.13 46.26 26.99
C LYS L 176 2.96 47.23 27.16
N ALA L 177 1.95 47.13 26.32
CA ALA L 177 0.86 48.10 26.44
C ALA L 177 -0.47 47.51 26.02
N ALA L 178 -1.55 48.08 26.53
CA ALA L 178 -2.87 47.68 26.09
C ALA L 178 -3.66 48.89 25.63
N PRO L 179 -4.76 48.69 24.89
CA PRO L 179 -5.60 49.82 24.46
C PRO L 179 -6.23 50.54 25.63
N SER L 180 -5.98 51.85 25.70
CA SER L 180 -6.57 52.73 26.72
C SER L 180 -7.75 53.49 26.11
N CYS L 181 -8.93 52.93 26.28
CA CYS L 181 -10.16 53.46 25.71
C CYS L 181 -10.85 54.37 26.74
N SER L 182 -11.32 55.52 26.26
CA SER L 182 -12.08 56.53 27.00
C SER L 182 -13.47 56.57 26.38
N GLU L 183 -14.49 56.86 27.19
CA GLU L 183 -15.90 56.81 26.77
C GLU L 183 -16.61 58.13 26.99
N LYS L 184 -17.33 58.56 25.94
CA LYS L 184 -18.21 59.70 26.02
C LYS L 184 -19.54 59.35 25.37
N ASP L 185 -20.57 59.27 26.22
CA ASP L 185 -21.96 58.99 25.83
C ASP L 185 -22.03 57.70 25.03
N GLY L 186 -21.24 56.71 25.46
CA GLY L 186 -21.24 55.42 24.78
C GLY L 186 -20.44 55.37 23.50
N ASN L 187 -19.65 56.40 23.20
CA ASN L 187 -18.83 56.38 21.99
C ASN L 187 -17.37 56.41 22.45
N TYR L 188 -16.49 55.68 21.72
CA TYR L 188 -15.14 55.35 22.22
C TYR L 188 -13.95 56.01 21.50
N ALA L 189 -12.99 56.53 22.28
CA ALA L 189 -11.68 57.00 21.79
C ALA L 189 -10.52 56.18 22.41
N CYS L 190 -9.79 55.39 21.60
CA CYS L 190 -8.81 54.42 22.12
C CYS L 190 -7.38 54.75 21.69
N LEU L 191 -6.50 55.03 22.65
CA LEU L 191 -5.07 55.24 22.36
C LEU L 191 -4.30 53.94 22.66
N LEU L 192 -3.25 53.63 21.88
CA LEU L 192 -2.43 52.43 22.12
C LEU L 192 -0.96 52.63 21.81
N ARG L 193 -0.05 52.44 22.78
CA ARG L 193 1.37 52.56 22.46
C ARG L 193 1.81 51.54 21.40
N GLU L 194 2.71 51.98 20.51
CA GLU L 194 3.33 51.15 19.48
C GLU L 194 4.84 51.06 19.68
N ASP L 195 5.27 51.46 20.86
CA ASP L 195 6.64 51.44 21.32
C ASP L 195 7.05 50.02 21.70
N GLN L 196 6.09 49.12 21.75
CA GLN L 196 6.20 47.88 22.50
C GLN L 196 7.38 47.02 22.07
N GLY L 197 8.12 46.50 23.05
CA GLY L 197 9.29 45.70 22.75
C GLY L 197 10.44 45.88 23.75
N TRP L 198 11.63 45.51 23.32
CA TRP L 198 12.87 45.58 24.07
C TRP L 198 13.67 46.84 23.77
N TYR L 199 14.20 47.47 24.80
CA TYR L 199 15.13 48.58 24.68
C TYR L 199 16.40 48.31 25.48
N CYS L 200 17.57 48.43 24.83
CA CYS L 200 18.85 48.33 25.50
C CYS L 200 19.68 49.60 25.22
N LYS L 201 20.44 50.07 26.22
CA LYS L 201 21.07 51.39 26.20
C LYS L 201 22.45 51.29 25.57
N ASN L 202 22.63 51.83 24.35
CA ASN L 202 23.92 51.73 23.70
C ASN L 202 24.59 53.11 23.62
N ALA L 203 25.87 53.12 23.24
CA ALA L 203 26.59 54.38 23.09
C ALA L 203 26.10 55.18 21.90
N GLY L 204 25.58 56.39 22.17
CA GLY L 204 25.17 57.29 21.11
C GLY L 204 23.81 57.00 20.51
N SER L 205 23.13 55.97 20.99
CA SER L 205 21.82 55.56 20.51
C SER L 205 21.23 54.58 21.51
N THR L 206 19.95 54.24 21.31
CA THR L 206 19.32 53.18 22.07
C THR L 206 18.83 52.13 21.09
N VAL L 207 19.10 50.87 21.35
CA VAL L 207 18.65 49.88 20.38
C VAL L 207 17.31 49.36 20.85
N TYR L 208 16.39 49.27 19.89
CA TYR L 208 15.01 48.90 20.08
C TYR L 208 14.72 47.64 19.28
N TYR L 209 14.25 46.63 19.95
CA TYR L 209 13.89 45.39 19.30
C TYR L 209 12.38 45.22 19.40
N PRO L 210 11.63 45.38 18.30
CA PRO L 210 10.16 45.48 18.38
C PRO L 210 9.41 44.23 18.89
N ASN L 211 9.91 43.02 18.66
CA ASN L 211 9.24 41.83 19.17
C ASN L 211 9.93 41.24 20.38
N GLU L 212 9.13 40.67 21.27
CA GLU L 212 9.70 40.14 22.52
C GLU L 212 10.60 38.97 22.21
N LYS L 213 10.31 38.27 21.11
CA LYS L 213 11.10 37.12 20.69
C LYS L 213 12.50 37.53 20.26
N ASP L 214 12.72 38.83 20.01
CA ASP L 214 13.99 39.34 19.50
C ASP L 214 15.11 39.34 20.56
N CYS L 215 14.80 39.16 21.85
CA CYS L 215 15.82 39.15 22.92
C CYS L 215 15.57 37.96 23.85
N GLU L 216 16.66 37.29 24.27
CA GLU L 216 16.56 36.09 25.08
C GLU L 216 17.06 36.36 26.50
N THR L 217 16.32 35.89 27.48
CA THR L 217 16.59 36.16 28.89
C THR L 217 17.31 34.99 29.51
N ARG L 218 18.50 35.25 30.05
CA ARG L 218 19.28 34.30 30.83
C ARG L 218 19.71 35.07 32.07
N GLY L 219 18.93 34.90 33.14
CA GLY L 219 19.15 35.71 34.34
C GLY L 219 18.74 37.12 34.01
N ASP L 220 19.53 38.09 34.46
CA ASP L 220 19.16 39.45 34.12
C ASP L 220 19.61 39.82 32.72
N HIS L 221 20.45 38.98 32.10
CA HIS L 221 20.98 39.36 30.81
C HIS L 221 20.06 39.02 29.67
N VAL L 222 20.08 39.91 28.68
CA VAL L 222 19.23 39.79 27.50
C VAL L 222 20.13 39.72 26.28
N PHE L 223 20.14 38.58 25.60
CA PHE L 223 20.97 38.32 24.42
C PHE L 223 20.10 38.71 23.25
N CYS L 224 20.36 39.87 22.65
CA CYS L 224 19.42 40.41 21.66
C CYS L 224 19.97 40.18 20.26
N ASP L 225 19.09 39.73 19.36
CA ASP L 225 19.46 39.41 17.97
C ASP L 225 19.75 40.73 17.29
N THR L 226 20.96 40.86 16.78
CA THR L 226 21.37 42.14 16.23
C THR L 226 20.54 42.57 15.02
N ALA L 227 20.23 41.64 14.11
CA ALA L 227 19.51 42.04 12.90
C ALA L 227 18.15 42.65 13.22
N ALA L 228 17.49 42.16 14.26
CA ALA L 228 16.17 42.70 14.58
C ALA L 228 16.27 44.14 15.06
N GLY L 229 17.45 44.51 15.58
CA GLY L 229 17.65 45.80 16.22
C GLY L 229 17.43 46.99 15.31
N ILE L 230 16.77 48.01 15.87
CA ILE L 230 16.57 49.34 15.28
C ILE L 230 17.14 50.42 16.21
N ASN L 231 17.99 51.28 15.66
CA ASN L 231 18.54 52.36 16.45
C ASN L 231 17.50 53.49 16.58
N VAL L 232 17.22 53.88 17.83
CA VAL L 232 16.28 54.93 18.16
C VAL L 232 17.01 56.05 18.91
N ALA L 233 16.43 57.23 18.81
CA ALA L 233 16.97 58.38 19.51
C ALA L 233 16.87 58.13 21.02
N GLU L 234 17.85 58.63 21.79
CA GLU L 234 17.83 58.40 23.23
C GLU L 234 16.57 58.98 23.87
N GLN L 235 16.07 60.08 23.30
CA GLN L 235 14.90 60.77 23.86
C GLN L 235 13.68 59.87 23.90
N SER L 236 13.74 58.70 23.28
CA SER L 236 12.58 57.84 23.29
C SER L 236 12.29 57.38 24.72
N ARG L 237 13.31 57.40 25.59
CA ARG L 237 13.03 57.14 27.00
C ARG L 237 12.05 58.15 27.55
N GLU L 238 12.02 59.35 26.98
CA GLU L 238 11.12 60.39 27.44
C GLU L 238 9.66 59.97 27.36
N CYS L 239 9.36 58.94 26.55
CA CYS L 239 7.99 58.49 26.43
C CYS L 239 7.48 57.82 27.71
N ASN L 240 8.37 57.45 28.63
CA ASN L 240 7.99 56.77 29.85
C ASN L 240 7.82 57.69 31.06
N ILE L 241 7.87 58.99 30.88
CA ILE L 241 7.56 59.94 31.94
C ILE L 241 6.31 60.68 31.61
N ASN L 242 6.31 61.36 30.49
CA ASN L 242 5.15 62.06 29.99
C ASN L 242 4.94 61.58 28.56
N ILE L 243 3.81 60.90 28.32
CA ILE L 243 3.49 60.46 26.98
C ILE L 243 3.17 61.70 26.15
N SER L 244 2.64 62.76 26.79
CA SER L 244 2.25 63.94 26.03
C SER L 244 3.42 64.92 25.83
N THR L 245 4.64 64.39 25.73
CA THR L 245 5.83 65.20 25.46
C THR L 245 5.89 65.64 24.00
N THR L 246 6.22 66.92 23.79
CA THR L 246 6.32 67.46 22.43
C THR L 246 7.73 67.27 21.90
N ASN L 247 8.67 66.89 22.78
CA ASN L 247 10.05 66.68 22.38
C ASN L 247 10.23 65.42 21.55
N TYR L 248 9.42 64.38 21.78
CA TYR L 248 9.53 63.23 20.90
C TYR L 248 8.14 62.82 20.40
N PRO L 249 8.01 62.48 19.11
CA PRO L 249 6.73 61.99 18.59
C PRO L 249 6.42 60.57 19.03
N CYS L 250 5.99 60.38 20.28
CA CYS L 250 5.79 59.05 20.85
C CYS L 250 4.82 58.28 19.95
N LYS L 251 5.27 57.11 19.50
CA LYS L 251 4.54 56.27 18.56
C LYS L 251 3.38 55.60 19.27
N VAL L 252 2.18 56.10 19.01
CA VAL L 252 0.95 55.62 19.64
C VAL L 252 -0.13 55.71 18.58
N SER L 253 -0.90 54.65 18.44
CA SER L 253 -1.91 54.56 17.41
C SER L 253 -3.28 54.86 18.01
N THR L 254 -4.17 55.42 17.18
CA THR L 254 -5.51 55.76 17.64
C THR L 254 -6.51 54.84 16.98
N GLY L 255 -7.55 54.56 17.73
CA GLY L 255 -8.62 53.70 17.28
C GLY L 255 -9.94 54.25 17.76
N ARG L 256 -10.98 53.77 17.11
CA ARG L 256 -12.35 54.18 17.37
C ARG L 256 -13.12 53.06 18.03
N HIS L 257 -12.52 51.89 18.19
CA HIS L 257 -13.27 50.76 18.73
C HIS L 257 -12.62 50.12 19.94
N PRO L 258 -13.45 49.62 20.86
CA PRO L 258 -12.93 49.02 22.09
C PRO L 258 -12.35 47.64 21.82
N ILE L 259 -11.21 47.36 22.44
CA ILE L 259 -10.53 46.09 22.30
C ILE L 259 -10.18 45.55 23.67
N SER L 260 -10.80 44.45 24.05
CA SER L 260 -10.51 43.89 25.37
C SER L 260 -9.46 42.78 25.19
N MET L 261 -8.38 42.83 25.97
CA MET L 261 -7.28 41.90 25.73
C MET L 261 -6.42 41.81 26.98
N VAL L 262 -5.49 40.84 26.93
CA VAL L 262 -4.47 40.59 27.96
C VAL L 262 -3.05 40.66 27.38
N ALA L 263 -2.19 41.48 28.01
CA ALA L 263 -0.78 41.66 27.65
C ALA L 263 0.12 41.21 28.79
N LEU L 264 0.99 40.23 28.54
CA LEU L 264 1.84 39.66 29.59
C LEU L 264 3.14 40.43 29.82
N SER L 265 3.47 40.73 31.07
CA SER L 265 4.72 41.40 31.47
C SER L 265 5.66 40.41 32.07
N PRO L 266 6.92 40.78 32.20
CA PRO L 266 7.83 39.90 32.94
C PRO L 266 7.25 39.53 34.31
N LEU L 267 6.84 40.53 35.10
CA LEU L 267 6.38 40.33 36.46
C LEU L 267 4.88 40.38 36.63
N GLY L 268 4.09 40.54 35.57
CA GLY L 268 2.65 40.62 35.75
C GLY L 268 1.87 40.58 34.47
N ALA L 269 0.80 41.35 34.41
CA ALA L 269 -0.03 41.38 33.21
C ALA L 269 -0.86 42.64 33.21
N LEU L 270 -1.05 43.20 32.02
CA LEU L 270 -1.93 44.33 31.73
C LEU L 270 -3.24 43.82 31.14
N VAL L 271 -4.37 44.22 31.70
CA VAL L 271 -5.66 43.83 31.14
C VAL L 271 -6.45 45.06 30.72
N ALA L 272 -7.09 45.01 29.54
CA ALA L 272 -7.95 46.08 29.04
C ALA L 272 -9.31 45.43 28.88
N CYS L 273 -10.23 45.77 29.76
CA CYS L 273 -11.59 45.26 29.80
C CYS L 273 -12.60 46.30 29.37
N TYR L 274 -13.30 46.06 28.28
CA TYR L 274 -14.27 47.08 27.88
C TYR L 274 -15.58 46.51 27.38
N LYS L 275 -16.60 47.33 27.54
CA LYS L 275 -17.95 47.11 27.00
C LYS L 275 -18.42 45.76 27.53
N GLY L 276 -19.05 44.94 26.70
CA GLY L 276 -19.64 43.70 27.17
C GLY L 276 -18.70 42.53 27.24
N VAL L 277 -17.73 42.62 28.15
CA VAL L 277 -16.85 41.50 28.46
C VAL L 277 -16.67 41.45 29.97
N SER L 278 -16.54 40.25 30.49
CA SER L 278 -16.35 40.00 31.91
C SER L 278 -14.93 39.54 32.26
N CYS L 279 -14.05 40.49 32.56
CA CYS L 279 -12.69 40.18 32.91
C CYS L 279 -12.52 40.00 34.42
N SER L 280 -11.88 38.91 34.81
CA SER L 280 -11.64 38.58 36.20
C SER L 280 -10.25 38.02 36.38
N ILE L 281 -9.73 38.06 37.59
CA ILE L 281 -8.44 37.43 37.83
C ILE L 281 -8.79 36.24 38.70
N GLY L 282 -8.25 35.11 38.30
CA GLY L 282 -8.47 33.81 38.89
C GLY L 282 -7.21 33.04 39.23
N SER L 283 -7.45 31.85 39.73
CA SER L 283 -6.43 30.90 40.11
C SER L 283 -6.70 29.68 39.26
N ASN L 284 -5.79 28.74 39.28
CA ASN L 284 -6.09 27.49 38.61
C ASN L 284 -7.13 26.75 39.42
N ARG L 285 -7.09 26.90 40.74
CA ARG L 285 -8.00 26.13 41.59
C ARG L 285 -9.33 26.87 41.70
N VAL L 286 -9.31 28.09 42.16
CA VAL L 286 -10.57 28.83 42.32
C VAL L 286 -10.78 29.59 41.01
N GLY L 287 -12.03 29.74 40.60
CA GLY L 287 -12.33 30.32 39.30
C GLY L 287 -12.13 31.83 39.25
N ILE L 288 -12.72 32.52 40.20
CA ILE L 288 -12.63 33.96 40.30
C ILE L 288 -12.20 34.29 41.72
N ILE L 289 -11.28 35.24 41.81
CA ILE L 289 -10.76 35.71 43.08
C ILE L 289 -11.16 37.18 43.03
N LYS L 290 -11.28 37.76 41.83
CA LYS L 290 -11.65 39.18 41.85
C LYS L 290 -12.03 39.63 40.47
N GLN L 291 -13.11 40.38 40.37
CA GLN L 291 -13.45 41.01 39.10
C GLN L 291 -12.73 42.33 38.91
N LEU L 292 -12.21 42.52 37.71
CA LEU L 292 -11.44 43.68 37.30
C LEU L 292 -12.41 44.79 36.90
N PRO L 293 -12.19 46.02 37.31
CA PRO L 293 -13.07 47.10 36.84
C PRO L 293 -12.92 47.24 35.34
N LYS L 294 -13.86 47.96 34.75
CA LYS L 294 -13.83 48.17 33.31
C LYS L 294 -12.70 49.16 33.07
N GLY L 295 -11.88 48.95 32.04
CA GLY L 295 -10.77 49.87 31.87
C GLY L 295 -9.45 49.15 31.83
N CYS L 296 -8.35 49.87 32.01
CA CYS L 296 -6.99 49.32 32.01
C CYS L 296 -6.54 49.05 33.45
N SER L 297 -6.28 47.76 33.76
CA SER L 297 -5.84 47.29 35.08
C SER L 297 -4.47 46.65 34.95
N TYR L 298 -3.61 46.79 35.97
CA TYR L 298 -2.30 46.12 36.04
C TYR L 298 -2.21 45.20 37.25
N ILE L 299 -1.87 43.92 37.05
CA ILE L 299 -1.75 43.02 38.19
C ILE L 299 -0.43 42.28 38.17
N THR L 300 0.04 41.85 39.34
CA THR L 300 1.32 41.16 39.49
C THR L 300 1.06 39.67 39.45
N ASN L 301 2.10 38.93 39.10
CA ASN L 301 2.09 37.47 39.13
C ASN L 301 1.77 36.92 40.53
N GLN L 302 1.93 37.72 41.58
CA GLN L 302 1.66 37.33 42.98
C GLN L 302 0.30 37.81 43.47
N ASP L 303 -0.42 38.52 42.60
CA ASP L 303 -1.78 38.95 42.86
C ASP L 303 -2.77 37.89 42.43
N ALA L 304 -2.47 37.15 41.36
CA ALA L 304 -3.34 36.07 40.86
C ALA L 304 -2.47 35.13 40.04
N ASP L 305 -3.06 34.05 39.50
CA ASP L 305 -2.24 33.19 38.68
C ASP L 305 -2.86 32.96 37.32
N THR L 306 -4.04 33.51 37.08
CA THR L 306 -4.85 33.29 35.89
C THR L 306 -5.65 34.57 35.62
N VAL L 307 -5.74 34.99 34.37
CA VAL L 307 -6.70 36.03 33.99
C VAL L 307 -7.71 35.44 33.05
N THR L 308 -9.00 35.63 33.33
CA THR L 308 -10.08 35.10 32.50
C THR L 308 -10.83 36.24 31.82
N ILE L 309 -10.98 36.13 30.50
CA ILE L 309 -11.77 37.06 29.69
C ILE L 309 -12.89 36.25 29.04
N ASP L 310 -14.14 36.50 29.47
CA ASP L 310 -15.28 35.68 29.08
C ASP L 310 -15.02 34.23 29.49
N ASN L 311 -14.82 33.34 28.53
CA ASN L 311 -14.52 31.96 28.85
C ASN L 311 -13.08 31.56 28.52
N THR L 312 -12.25 32.49 28.05
CA THR L 312 -10.86 32.19 27.71
C THR L 312 -9.96 32.51 28.91
N VAL L 313 -9.24 31.50 29.39
CA VAL L 313 -8.38 31.61 30.55
C VAL L 313 -6.94 31.66 30.13
N TYR L 314 -6.26 32.75 30.56
CA TYR L 314 -4.85 33.05 30.26
C TYR L 314 -4.02 32.74 31.48
N GLN L 315 -2.91 32.05 31.31
CA GLN L 315 -2.06 31.74 32.43
C GLN L 315 -1.01 32.80 32.59
N LEU L 316 -0.86 33.26 33.81
CA LEU L 316 0.07 34.35 34.06
C LEU L 316 1.47 33.82 34.28
N SER L 317 1.58 32.61 34.79
CA SER L 317 2.88 32.00 35.04
C SER L 317 2.87 30.62 34.41
N LYS L 318 4.04 30.00 34.42
CA LYS L 318 4.19 28.63 33.95
C LYS L 318 3.53 27.67 34.92
N VAL L 319 2.81 26.67 34.40
CA VAL L 319 2.19 25.71 35.29
C VAL L 319 3.13 24.52 35.51
N GLU L 320 3.62 24.39 36.73
CA GLU L 320 4.59 23.37 37.05
C GLU L 320 3.84 22.07 37.20
N GLY L 321 4.20 21.07 36.41
CA GLY L 321 3.47 19.82 36.38
C GLY L 321 4.26 18.76 37.10
N GLU L 322 4.12 17.51 36.67
CA GLU L 322 4.79 16.39 37.30
C GLU L 322 6.31 16.51 37.23
N GLN L 323 6.98 15.56 37.88
CA GLN L 323 8.45 15.55 38.06
C GLN L 323 8.88 14.09 38.09
N HIS L 324 9.55 13.61 37.05
CA HIS L 324 9.86 12.19 36.92
C HIS L 324 11.31 11.88 37.31
N VAL L 325 11.56 10.62 37.72
CA VAL L 325 12.93 10.12 37.93
C VAL L 325 13.00 8.69 37.40
N ILE L 326 13.94 8.44 36.50
CA ILE L 326 14.08 7.19 35.77
C ILE L 326 15.52 6.69 35.78
N LYS L 327 15.72 5.41 36.05
CA LYS L 327 17.05 4.82 36.01
C LYS L 327 17.05 3.57 35.14
N GLY L 328 18.09 3.44 34.34
CA GLY L 328 18.18 2.33 33.42
C GLY L 328 18.41 1.00 34.12
N ARG L 329 18.11 -0.06 33.38
CA ARG L 329 18.40 -1.38 33.90
C ARG L 329 19.90 -1.58 34.07
N PRO L 330 20.31 -2.28 35.12
CA PRO L 330 21.75 -2.51 35.36
C PRO L 330 22.39 -3.48 34.38
N VAL L 331 23.64 -3.20 34.01
CA VAL L 331 24.41 -4.07 33.13
C VAL L 331 25.36 -4.93 33.94
N SER L 332 25.34 -6.25 33.69
CA SER L 332 26.13 -7.25 34.39
C SER L 332 27.05 -7.98 33.41
N SER L 333 28.05 -8.65 33.98
CA SER L 333 28.99 -9.44 33.22
C SER L 333 28.57 -10.90 33.16
N SER L 334 28.87 -11.52 32.03
CA SER L 334 28.51 -12.91 31.79
C SER L 334 29.74 -13.77 31.71
N PHE L 335 30.80 -13.31 32.39
CA PHE L 335 32.10 -13.96 32.34
C PHE L 335 32.06 -15.18 33.25
N ASP L 336 32.23 -16.38 32.68
CA ASP L 336 32.22 -17.59 33.48
C ASP L 336 33.33 -18.51 32.99
N PRO L 337 34.53 -18.37 33.55
CA PRO L 337 35.68 -19.08 32.99
C PRO L 337 35.53 -20.58 33.20
N ILE L 338 36.15 -21.35 32.32
CA ILE L 338 36.25 -22.80 32.48
C ILE L 338 37.54 -23.11 33.23
N ARG L 339 37.53 -24.20 34.00
CA ARG L 339 38.72 -24.67 34.68
C ARG L 339 38.74 -26.20 34.67
N PHE L 340 39.95 -26.76 34.71
CA PHE L 340 40.15 -28.20 34.64
C PHE L 340 40.62 -28.75 35.99
N PRO L 341 39.95 -29.82 36.50
CA PRO L 341 40.32 -30.38 37.82
C PRO L 341 41.67 -31.09 37.79
N GLU L 342 42.75 -30.32 37.93
CA GLU L 342 44.10 -30.78 37.62
C GLU L 342 44.72 -31.73 38.63
N ASP L 343 44.33 -31.60 39.90
CA ASP L 343 44.95 -32.41 40.93
C ASP L 343 44.72 -33.90 40.72
N GLN L 344 43.44 -34.26 40.57
CA GLN L 344 42.98 -35.63 40.45
C GLN L 344 43.58 -36.35 39.25
N PHE L 345 43.70 -35.65 38.13
CA PHE L 345 44.28 -36.24 36.94
C PHE L 345 45.81 -36.41 37.04
N ASN L 346 46.53 -35.33 37.41
CA ASN L 346 47.98 -35.39 37.36
C ASN L 346 48.61 -36.42 38.32
N VAL L 347 48.01 -36.68 39.51
CA VAL L 347 48.55 -37.72 40.40
C VAL L 347 48.28 -39.14 39.87
N ALA L 348 47.13 -39.35 39.26
CA ALA L 348 46.78 -40.66 38.72
C ALA L 348 47.78 -40.97 37.64
N LEU L 349 48.25 -39.92 36.95
CA LEU L 349 49.29 -40.15 35.93
C LEU L 349 50.63 -40.50 36.60
N ASP L 350 50.93 -39.84 37.74
CA ASP L 350 52.15 -40.25 38.48
C ASP L 350 52.13 -41.73 38.81
N GLN L 351 50.96 -42.21 39.23
CA GLN L 351 50.72 -43.63 39.51
C GLN L 351 50.99 -44.50 38.29
N VAL L 352 50.54 -44.09 37.09
CA VAL L 352 50.81 -44.92 35.92
C VAL L 352 52.32 -45.02 35.68
N PHE L 353 53.04 -43.88 35.73
CA PHE L 353 54.50 -44.01 35.51
C PHE L 353 55.16 -44.89 36.57
N GLU L 354 54.57 -44.94 37.77
CA GLU L 354 55.15 -45.83 38.77
C GLU L 354 54.78 -47.27 38.41
N SER L 355 53.56 -47.51 37.93
CA SER L 355 53.17 -48.86 37.54
C SER L 355 54.01 -49.39 36.38
N ILE L 356 54.44 -48.52 35.46
CA ILE L 356 55.33 -48.95 34.38
C ILE L 356 56.69 -49.35 34.95
N GLU L 357 57.27 -48.51 35.85
CA GLU L 357 58.60 -48.86 36.34
C GLU L 357 58.55 -50.05 37.27
N ASN L 358 57.47 -50.19 38.02
CA ASN L 358 57.25 -51.34 38.89
C ASN L 358 57.06 -52.62 38.09
N SER L 359 56.25 -52.60 37.03
CA SER L 359 56.09 -53.81 36.24
C SER L 359 57.40 -54.25 35.61
N GLN L 360 58.13 -53.33 34.95
CA GLN L 360 59.39 -53.73 34.37
C GLN L 360 60.38 -54.19 35.44
N ALA L 361 60.26 -53.57 36.61
CA ALA L 361 61.14 -53.86 37.76
C ALA L 361 60.91 -55.29 38.25
N LEU L 362 59.68 -55.76 38.15
CA LEU L 362 59.42 -57.14 38.62
C LEU L 362 60.03 -58.11 37.62
N VAL L 363 59.64 -58.00 36.36
CA VAL L 363 60.18 -58.91 35.32
C VAL L 363 61.69 -58.76 35.36
N ASP L 364 62.16 -57.63 35.85
CA ASP L 364 63.60 -57.42 36.01
C ASP L 364 64.12 -58.30 37.15
N GLN L 365 63.30 -58.45 38.20
CA GLN L 365 63.55 -59.42 39.28
C GLN L 365 63.49 -60.87 38.76
N SER L 366 62.53 -61.13 37.87
CA SER L 366 62.29 -62.48 37.33
C SER L 366 63.44 -63.12 36.58
N ASN L 367 64.07 -62.38 35.65
CA ASN L 367 65.13 -63.02 34.86
C ASN L 367 66.46 -63.21 35.62
N LYS L 368 66.72 -62.37 36.62
CA LYS L 368 67.98 -62.51 37.41
C LYS L 368 67.85 -63.73 38.31
N ILE L 369 66.66 -63.96 38.90
CA ILE L 369 66.40 -65.15 39.77
C ILE L 369 66.28 -66.40 38.90
N LEU L 370 66.11 -66.21 37.60
CA LEU L 370 66.15 -67.30 36.64
C LEU L 370 67.56 -67.57 36.10
N ASN L 371 68.52 -67.75 37.03
CA ASN L 371 69.82 -68.39 36.83
C ASN L 371 70.57 -68.58 38.16
C1 NAG M . -2.55 -21.00 7.27
C2 NAG M . -1.72 -19.69 7.18
C3 NAG M . -1.68 -19.00 8.57
C4 NAG M . -3.11 -18.80 9.07
C5 NAG M . -3.83 -20.15 9.14
C6 NAG M . -5.24 -20.01 9.71
C7 NAG M . 0.40 -19.14 5.99
C8 NAG M . -0.23 -17.83 5.54
N2 NAG M . -0.37 -19.98 6.72
O3 NAG M . -1.03 -17.74 8.47
O4 NAG M . -3.13 -18.13 10.32
O5 NAG M . -3.91 -20.70 7.81
O6 NAG M . -6.05 -21.18 9.62
O7 NAG M . 1.54 -19.43 5.68
C1 NAG N . 13.13 -43.25 -4.38
C2 NAG N . 14.16 -43.05 -3.25
C3 NAG N . 15.34 -42.22 -3.77
C4 NAG N . 15.97 -42.93 -4.97
C5 NAG N . 14.90 -43.15 -6.05
C6 NAG N . 15.37 -43.97 -7.23
C7 NAG N . 13.12 -41.16 -1.99
C8 NAG N . 12.55 -40.75 -0.66
N2 NAG N . 13.56 -42.43 -2.07
O3 NAG N . 16.33 -42.06 -2.77
O4 NAG N . 17.05 -42.13 -5.45
O5 NAG N . 13.76 -43.86 -5.52
O6 NAG N . 14.25 -44.64 -7.80
O7 NAG N . 13.18 -40.38 -2.93
C1 NAG O . -67.27 18.20 -33.75
C2 NAG O . -68.78 17.78 -33.86
C3 NAG O . -69.55 18.74 -34.77
C4 NAG O . -69.35 20.19 -34.33
C5 NAG O . -67.86 20.54 -34.30
C6 NAG O . -67.61 21.96 -33.83
C7 NAG O . -69.53 15.44 -33.58
C8 NAG O . -69.61 14.09 -34.22
N2 NAG O . -68.94 16.40 -34.31
O3 NAG O . -70.93 18.43 -34.73
O4 NAG O . -70.02 21.10 -35.20
O5 NAG O . -67.17 19.65 -33.39
O6 NAG O . -68.42 22.90 -34.52
O7 NAG O . -69.98 15.65 -32.45
C1 NAG P . 0.29 -32.86 -28.24
C2 NAG P . 0.17 -32.03 -29.52
C3 NAG P . -0.67 -32.77 -30.55
C4 NAG P . -0.02 -34.11 -30.86
C5 NAG P . 0.12 -34.95 -29.59
C6 NAG P . 0.79 -36.30 -29.84
C7 NAG P . 0.39 -29.62 -29.08
C8 NAG P . -0.33 -28.33 -28.83
N2 NAG P . -0.38 -30.71 -29.26
O3 NAG P . -0.78 -31.98 -31.73
O4 NAG P . -0.76 -34.82 -31.85
O5 NAG P . 0.84 -34.23 -28.58
O6 NAG P . 2.00 -36.56 -29.13
O7 NAG P . 1.63 -29.69 -29.12
C1 NAG Q . -42.17 40.98 -9.42
C2 NAG Q . -42.56 41.50 -10.86
C3 NAG Q . -43.97 42.10 -10.91
C4 NAG Q . -44.31 42.97 -9.70
C5 NAG Q . -43.92 42.33 -8.37
C6 NAG Q . -45.11 42.14 -7.45
C7 NAG Q . -41.50 42.76 -12.71
C8 NAG Q . -40.37 43.69 -13.09
N2 NAG Q . -41.56 42.41 -11.42
O3 NAG Q . -44.95 41.09 -11.05
O4 NAG Q . -43.73 44.27 -9.83
O5 NAG Q . -43.32 41.03 -8.54
O6 NAG Q . -44.74 41.86 -6.11
O7 NAG Q . -42.31 42.36 -13.54
C1 NAG R . -2.95 -56.87 -13.58
C2 NAG R . -4.39 -57.28 -13.77
C3 NAG R . -4.51 -58.29 -14.92
C4 NAG R . -3.94 -57.67 -16.20
C5 NAG R . -2.50 -57.21 -15.97
C6 NAG R . -1.93 -56.44 -17.14
C7 NAG R . -5.68 -57.13 -11.69
C8 NAG R . -6.15 -57.85 -10.47
N2 NAG R . -4.93 -57.84 -12.54
O3 NAG R . -5.86 -58.66 -15.09
O4 NAG R . -3.96 -58.59 -17.31
O5 NAG R . -2.43 -56.33 -14.83
O6 NAG R . -1.06 -55.39 -16.70
O7 NAG R . -5.95 -55.96 -11.90
C1 NAG S . -27.67 -42.20 -6.74
C2 NAG S . -29.19 -42.04 -6.91
C3 NAG S . -29.88 -41.98 -5.54
C4 NAG S . -29.49 -43.17 -4.69
C5 NAG S . -27.98 -43.24 -4.55
C6 NAG S . -27.51 -44.44 -3.76
C7 NAG S . -30.07 -40.91 -8.92
C8 NAG S . -30.35 -39.59 -9.57
N2 NAG S . -29.52 -40.87 -7.70
O3 NAG S . -31.29 -41.92 -5.72
O4 NAG S . -30.08 -43.09 -3.38
O5 NAG S . -27.39 -43.33 -5.86
O6 NAG S . -28.36 -44.66 -2.65
O7 NAG S . -30.32 -41.98 -9.49
C1 NAG T . -4.76 -50.97 8.04
C2 NAG T . -5.10 -50.15 9.27
C3 NAG T . -5.71 -51.04 10.36
C4 NAG T . -6.95 -51.73 9.80
C5 NAG T . -6.62 -52.51 8.53
C6 NAG T . -7.84 -53.08 7.85
C7 NAG T . -2.79 -49.68 10.19
C8 NAG T . -2.45 -51.15 10.19
N2 NAG T . -4.03 -49.32 9.77
O3 NAG T . -6.07 -50.29 11.51
O4 NAG T . -7.50 -52.60 10.78
O5 NAG T . -5.95 -51.67 7.57
O6 NAG T . -7.55 -54.10 6.90
O7 NAG T . -1.98 -48.84 10.58
C1 NAG U . -33.70 33.22 -49.32
C2 NAG U . -33.36 34.14 -50.48
C3 NAG U . -34.09 35.49 -50.28
C4 NAG U . -35.60 35.28 -50.25
C5 NAG U . -36.02 34.22 -49.22
C6 NAG U . -37.45 33.73 -49.44
C7 NAG U . -31.30 34.03 -51.79
C8 NAG U . -29.83 34.28 -51.81
N2 NAG U . -31.93 34.33 -50.65
O3 NAG U . -33.76 36.37 -51.34
O4 NAG U . -36.28 36.49 -49.97
O5 NAG U . -35.18 33.04 -49.24
O6 NAG U . -37.57 32.80 -50.50
O7 NAG U . -31.89 33.57 -52.76
C1 NAG V . 12.04 -16.66 18.08
C2 NAG V . 10.57 -16.77 18.53
C3 NAG V . 10.43 -17.05 20.06
C4 NAG V . 11.56 -16.44 20.93
C5 NAG V . 12.82 -16.16 20.14
C6 NAG V . 14.11 -16.27 20.96
C7 NAG V . 9.59 -15.22 16.90
C8 NAG V . 8.85 -13.92 16.71
N2 NAG V . 9.85 -15.56 18.16
O3 NAG V . 10.26 -18.44 20.33
O4 NAG V . 11.11 -15.21 21.52
O5 NAG V . 12.89 -17.11 19.08
O6 NAG V . 14.81 -15.04 21.04
O7 NAG V . 9.90 -15.93 15.95
C1 NAG W . 31.63 -30.08 34.00
C2 NAG W . 31.88 -29.63 35.43
C3 NAG W . 31.13 -30.55 36.39
C4 NAG W . 29.63 -30.51 36.08
C5 NAG W . 29.39 -30.91 34.63
C6 NAG W . 27.94 -30.79 34.22
C7 NAG W . 34.08 -28.54 35.68
C8 NAG W . 35.52 -28.74 36.03
N2 NAG W . 33.31 -29.63 35.74
O3 NAG W . 31.35 -30.15 37.74
O4 NAG W . 28.89 -31.36 36.95
O5 NAG W . 30.16 -30.09 33.73
O6 NAG W . 27.09 -31.20 35.28
O7 NAG W . 33.64 -27.45 35.35
C1 NAG X . 15.65 65.60 -7.93
C2 NAG X . 16.45 66.66 -8.69
C3 NAG X . 15.82 68.03 -8.46
C4 NAG X . 14.37 68.03 -8.95
C5 NAG X . 13.57 66.90 -8.28
C6 NAG X . 12.20 66.68 -8.91
C7 NAG X . 18.82 66.12 -9.08
C8 NAG X . 20.22 66.24 -8.55
N2 NAG X . 17.86 66.66 -8.32
O3 NAG X . 16.56 69.04 -9.13
O4 NAG X . 13.83 69.33 -8.72
O5 NAG X . 14.25 65.64 -8.36
O6 NAG X . 11.98 65.34 -9.31
O7 NAG X . 18.57 65.56 -10.15
C1 NAG Y . 38.38 -1.45 38.70
C2 NAG Y . 38.45 -0.42 39.85
C3 NAG Y . 39.89 0.09 40.08
C4 NAG Y . 40.90 -1.04 40.14
C5 NAG Y . 40.76 -1.96 38.93
C6 NAG Y . 41.68 -3.17 39.01
C7 NAG Y . 36.21 0.64 39.76
C8 NAG Y . 35.47 1.90 39.43
N2 NAG Y . 37.55 0.70 39.59
O3 NAG Y . 39.95 0.80 41.32
O4 NAG Y . 42.23 -0.50 40.17
O5 NAG Y . 39.42 -2.46 38.86
O6 NAG Y . 41.74 -3.72 40.31
O7 NAG Y . 35.63 -0.38 40.15
C1 NAG Z . 51.72 -22.73 25.91
C2 NAG Z . 52.72 -22.29 24.81
C3 NAG Z . 54.13 -22.03 25.41
C4 NAG Z . 54.07 -21.17 26.67
C5 NAG Z . 53.06 -21.78 27.66
C6 NAG Z . 52.93 -20.99 28.94
C7 NAG Z . 52.01 -23.24 22.65
C8 NAG Z . 52.23 -24.34 21.67
N2 NAG Z . 52.80 -23.26 23.74
O3 NAG Z . 54.98 -21.45 24.43
O4 NAG Z . 55.33 -21.04 27.29
O5 NAG Z . 51.77 -21.82 27.03
O6 NAG Z . 51.59 -20.94 29.40
O7 NAG Z . 51.18 -22.35 22.46
C1 NAG AA . -19.92 51.38 0.79
C2 NAG AA . -21.35 51.78 0.42
C3 NAG AA . -21.44 53.30 0.33
C4 NAG AA . -21.32 53.90 1.72
C5 NAG AA . -20.09 53.36 2.47
C6 NAG AA . -20.43 52.61 3.76
C7 NAG AA . -22.46 50.01 -0.89
C8 NAG AA . -22.84 49.54 -2.26
N2 NAG AA . -21.79 51.17 -0.82
O3 NAG AA . -22.67 53.70 -0.26
O4 NAG AA . -21.24 55.32 1.63
O5 NAG AA . -19.28 52.47 1.65
O6 NAG AA . -21.39 53.28 4.58
O7 NAG AA . -22.72 49.37 0.12
C1 NAG BA . 42.72 -5.97 2.33
C2 NAG BA . 43.20 -5.12 1.11
C3 NAG BA . 42.49 -5.57 -0.17
C4 NAG BA . 42.70 -7.06 -0.41
C5 NAG BA . 42.07 -7.79 0.77
C6 NAG BA . 42.11 -9.30 0.60
C7 NAG BA . 44.02 -2.82 1.29
C8 NAG BA . 43.64 -1.39 1.51
N2 NAG BA . 43.01 -3.70 1.34
O3 NAG BA . 42.97 -4.80 -1.28
O4 NAG BA . 42.13 -7.51 -1.63
O5 NAG BA . 42.77 -7.44 1.98
O6 NAG BA . 41.23 -9.73 -0.44
O7 NAG BA . 45.17 -3.16 1.07
C1 NAG CA . 36.67 -32.75 11.29
C2 NAG CA . 35.28 -33.09 10.70
C3 NAG CA . 35.47 -33.72 9.31
C4 NAG CA . 36.20 -32.73 8.41
C5 NAG CA . 37.55 -32.36 9.04
C6 NAG CA . 38.27 -31.27 8.25
C7 NAG CA . 34.07 -33.75 12.78
C8 NAG CA . 33.36 -34.86 13.49
N2 NAG CA . 34.57 -34.04 11.57
O3 NAG CA . 34.18 -34.01 8.76
O4 NAG CA . 36.43 -33.31 7.11
O5 NAG CA . 37.34 -31.84 10.36
O6 NAG CA . 39.40 -30.76 8.96
O7 NAG CA . 34.21 -32.64 13.30
C1 NAG DA . 3.42 66.72 29.46
C2 NAG DA . 2.39 67.40 30.37
C3 NAG DA . 1.57 68.42 29.56
C4 NAG DA . 2.47 69.40 28.79
C5 NAG DA . 3.54 68.67 27.97
C6 NAG DA . 4.57 69.62 27.35
C7 NAG DA . 1.36 66.27 32.29
C8 NAG DA . 0.46 65.16 32.74
N2 NAG DA . 1.54 66.40 30.98
O3 NAG DA . 0.72 69.17 30.42
O4 NAG DA . 1.69 70.23 27.94
O5 NAG DA . 4.26 67.75 28.80
O6 NAG DA . 5.91 69.21 27.58
O7 NAG DA . 1.92 67.01 33.09
#